data_6N1P
#
_entry.id   6N1P
#
_cell.length_a   1
_cell.length_b   1
_cell.length_c   1
_cell.angle_alpha   90
_cell.angle_beta   90
_cell.angle_gamma   90
#
_symmetry.space_group_name_H-M   'P 1'
#
loop_
_entity.id
_entity.type
_entity.pdbx_description
1 polymer 'DNA gyrase subunit A'
2 polymer 'DNA (44-MER)'
3 polymer 'DNA (44-MER)'
#
loop_
_entity_poly.entity_id
_entity_poly.type
_entity_poly.pdbx_seq_one_letter_code
_entity_poly.pdbx_strand_id
1 'polypeptide(L)'
;MHHHHHHSSGVDLGTENLYFQSIAMQDKNLVNVNLTKEMKASFIDYAMSVIVARALPDVRDGLKPVHRRILYGMNELGVT
PDKPHKKSARITGDVMGKYHPHGDSSIYEAMVRMAQWWSYRYMLVDGHGNFGSMDGDSAAAQRYTEARMSKIALEMLRDI
NKNTVDFVDNYDANEREPLVLPARFPNLLVNGATGIAVGMATNIPPHNLGETIDAVKLVMDNPEVTTKDLMEVLPGPDFP
TGALVMGKSGIHKAYETGKGSIVLRSRTEIETTKTGRERIVVTEFPYMVNKTKVHEHIVRLVQEKRIEGITAVRDESNRE
GVRFVIEVKRDASANVILNNLFKMTQMQTNFGFNMLAIQNGIPKILSLRQILDAYIEHQKEVVVRRTRFDKEKAEARAHI
LEGLLIALDHIDEVIRIIRASETDAEAQAELMSKFKLSERQSQAILDMRLRRLTGLERDKIQSEYDDLLALIADLADILA
KPERVSQIIKDELDEVKRKFSDKRRTELMVG
;
A,B,C,D,E,F,G,H
2 'polydeoxyribonucleotide'
;(DG)(DA)(DG)(DA)(DA)(DG)(DA)(DA)(DT)(DC)(DA)(DT)(DA)(DA)(DT)(DG)(DG)(DG)(DG)(DA)
(DA)(DG)(DG)(DC)(DC)(DA)(DT)(DC)(DC)(DA)(DG)(DC)(DC)(DT)(DC)(DG)(DC)(DG)(DT)(DC)
(DG)(DC)(DG)(DA)
;
I
3 'polydeoxyribonucleotide'
;(DT)(DC)(DG)(DC)(DG)(DA)(DC)(DG)(DC)(DG)(DA)(DG)(DG)(DC)(DT)(DG)(DG)(DA)(DT)(DG)
(DG)(DC)(DC)(DT)(DT)(DC)(DC)(DC)(DC)(DA)(DT)(DT)(DA)(DT)(DG)(DA)(DT)(DT)(DC)(DT)
(DT)(DC)(DT)(DC)
;
J
#
# COMPACT_ATOMS: atom_id res chain seq x y z
N LEU A 35 51.17 4.01 -23.97
CA LEU A 35 50.25 5.11 -24.27
C LEU A 35 49.80 5.05 -25.72
N THR A 36 50.51 5.78 -26.59
CA THR A 36 50.21 5.73 -28.03
C THR A 36 50.48 4.36 -28.61
N LYS A 37 51.44 3.62 -28.05
CA LYS A 37 51.61 2.21 -28.42
C LYS A 37 50.43 1.38 -27.97
N GLU A 38 49.88 1.67 -26.79
CA GLU A 38 48.68 0.98 -26.35
C GLU A 38 47.47 1.38 -27.17
N MET A 39 47.43 2.64 -27.63
CA MET A 39 46.38 3.06 -28.54
C MET A 39 46.51 2.33 -29.89
N LYS A 40 47.73 2.11 -30.35
CA LYS A 40 47.95 1.32 -31.55
C LYS A 40 47.56 -0.14 -31.33
N ALA A 41 47.78 -0.66 -30.12
CA ALA A 41 47.35 -2.01 -29.80
C ALA A 41 45.83 -2.12 -29.82
N SER A 42 45.15 -1.12 -29.28
CA SER A 42 43.69 -1.08 -29.34
C SER A 42 43.19 -0.96 -30.78
N PHE A 43 43.88 -0.14 -31.58
CA PHE A 43 43.56 0.01 -32.99
C PHE A 43 43.68 -1.32 -33.73
N ILE A 44 44.80 -2.02 -33.53
CA ILE A 44 45.07 -3.30 -34.18
C ILE A 44 44.05 -4.35 -33.74
N ASP A 45 43.84 -4.48 -32.44
CA ASP A 45 42.99 -5.53 -31.92
C ASP A 45 41.53 -5.28 -32.26
N TYR A 46 41.10 -4.01 -32.22
CA TYR A 46 39.71 -3.71 -32.53
C TYR A 46 39.44 -3.82 -34.03
N ALA A 47 40.43 -3.47 -34.85
CA ALA A 47 40.30 -3.65 -36.29
C ALA A 47 40.21 -5.12 -36.65
N MET A 48 41.04 -5.95 -36.00
CA MET A 48 40.93 -7.40 -36.15
C MET A 48 39.56 -7.89 -35.71
N SER A 49 39.01 -7.32 -34.63
CA SER A 49 37.70 -7.73 -34.15
C SER A 49 36.63 -7.44 -35.19
N VAL A 50 36.65 -6.25 -35.77
CA VAL A 50 35.62 -5.87 -36.74
C VAL A 50 35.77 -6.66 -38.03
N ILE A 51 37.00 -6.84 -38.50
CA ILE A 51 37.22 -7.54 -39.77
C ILE A 51 36.89 -9.02 -39.65
N VAL A 52 37.40 -9.68 -38.60
CA VAL A 52 37.06 -11.08 -38.39
C VAL A 52 35.58 -11.24 -38.02
N ALA A 53 34.95 -10.19 -37.49
CA ALA A 53 33.52 -10.25 -37.20
C ALA A 53 32.70 -10.28 -38.48
N ARG A 54 32.77 -9.21 -39.27
CA ARG A 54 31.77 -9.03 -40.33
C ARG A 54 32.36 -8.88 -41.73
N ALA A 55 33.67 -8.96 -41.89
CA ALA A 55 34.27 -9.04 -43.22
C ALA A 55 34.46 -10.51 -43.60
N LEU A 56 35.33 -10.77 -44.57
CA LEU A 56 35.49 -12.08 -45.21
C LEU A 56 35.81 -13.18 -44.21
N PRO A 57 35.23 -14.36 -44.38
CA PRO A 57 35.51 -15.47 -43.45
C PRO A 57 36.82 -16.16 -43.72
N ASP A 58 37.03 -17.27 -43.03
CA ASP A 58 38.26 -18.03 -43.17
C ASP A 58 38.32 -18.72 -44.52
N VAL A 59 39.55 -18.97 -44.98
CA VAL A 59 39.79 -19.87 -46.10
C VAL A 59 39.26 -21.26 -45.78
N ARG A 60 39.41 -21.68 -44.53
CA ARG A 60 39.11 -23.06 -44.13
C ARG A 60 37.64 -23.41 -44.31
N ASP A 61 36.75 -22.44 -44.20
CA ASP A 61 35.33 -22.72 -44.40
C ASP A 61 34.70 -21.89 -45.51
N GLY A 62 35.10 -20.63 -45.65
CA GLY A 62 34.33 -19.73 -46.49
C GLY A 62 32.99 -19.40 -45.93
N LEU A 63 32.82 -19.56 -44.62
CA LEU A 63 31.52 -19.47 -43.97
C LEU A 63 31.65 -18.43 -42.88
N LYS A 64 30.86 -17.37 -42.97
CA LYS A 64 30.97 -16.28 -42.02
C LYS A 64 30.45 -16.72 -40.65
N PRO A 65 31.04 -16.21 -39.55
CA PRO A 65 30.74 -16.77 -38.23
C PRO A 65 29.31 -16.58 -37.78
N VAL A 66 28.62 -15.56 -38.29
CA VAL A 66 27.18 -15.46 -38.12
C VAL A 66 26.49 -16.68 -38.72
N HIS A 67 26.77 -16.95 -40.00
CA HIS A 67 26.18 -18.10 -40.68
C HIS A 67 26.67 -19.41 -40.09
N ARG A 68 27.92 -19.44 -39.64
CA ARG A 68 28.47 -20.59 -38.95
C ARG A 68 27.67 -20.91 -37.71
N ARG A 69 27.34 -19.89 -36.92
CA ARG A 69 26.59 -20.14 -35.71
C ARG A 69 25.12 -20.41 -36.00
N ILE A 70 24.60 -19.87 -37.11
CA ILE A 70 23.28 -20.24 -37.59
C ILE A 70 23.20 -21.74 -37.84
N LEU A 71 24.16 -22.26 -38.59
CA LEU A 71 24.13 -23.68 -38.93
C LEU A 71 24.47 -24.56 -37.73
N TYR A 72 25.34 -24.09 -36.85
CA TYR A 72 25.69 -24.86 -35.66
C TYR A 72 24.51 -24.96 -34.69
N GLY A 73 23.81 -23.85 -34.48
CA GLY A 73 22.64 -23.89 -33.64
C GLY A 73 21.46 -24.59 -34.28
N MET A 74 21.39 -24.59 -35.60
CA MET A 74 20.31 -25.33 -36.24
C MET A 74 20.59 -26.83 -36.28
N ASN A 75 21.85 -27.22 -36.33
CA ASN A 75 22.20 -28.62 -36.12
C ASN A 75 21.91 -29.01 -34.69
N GLU A 76 22.18 -28.10 -33.76
CA GLU A 76 21.91 -28.38 -32.36
C GLU A 76 20.47 -28.11 -31.97
N LEU A 77 19.63 -27.68 -32.91
CA LEU A 77 18.20 -27.90 -32.76
C LEU A 77 17.90 -29.38 -32.75
N GLY A 78 18.61 -30.14 -33.58
CA GLY A 78 18.50 -31.57 -33.60
C GLY A 78 17.34 -32.08 -34.43
N VAL A 79 16.37 -31.21 -34.68
CA VAL A 79 15.15 -31.61 -35.35
C VAL A 79 15.46 -31.74 -36.84
N THR A 80 15.16 -32.92 -37.38
CA THR A 80 15.57 -33.26 -38.74
C THR A 80 14.80 -32.43 -39.76
N PRO A 81 15.37 -32.23 -40.95
CA PRO A 81 14.57 -31.67 -42.06
C PRO A 81 13.48 -32.59 -42.54
N ASP A 82 13.51 -33.87 -42.14
CA ASP A 82 12.41 -34.77 -42.45
C ASP A 82 11.13 -34.33 -41.78
N LYS A 83 11.21 -33.90 -40.53
CA LYS A 83 10.07 -33.30 -39.85
C LYS A 83 9.80 -31.92 -40.47
N PRO A 84 8.54 -31.47 -40.50
CA PRO A 84 8.21 -30.26 -41.27
C PRO A 84 8.77 -28.99 -40.64
N HIS A 85 9.45 -28.20 -41.47
CA HIS A 85 10.32 -27.14 -41.01
C HIS A 85 9.56 -25.98 -40.35
N LYS A 86 10.14 -25.43 -39.28
CA LYS A 86 9.40 -24.68 -38.27
C LYS A 86 9.26 -23.20 -38.60
N LYS A 87 8.32 -22.58 -37.89
CA LYS A 87 7.91 -21.18 -38.05
C LYS A 87 8.07 -20.53 -36.67
N SER A 88 9.27 -20.06 -36.36
CA SER A 88 9.52 -19.56 -35.03
C SER A 88 10.73 -18.65 -35.05
N ALA A 89 10.72 -17.68 -34.15
CA ALA A 89 11.91 -16.92 -33.82
C ALA A 89 12.60 -17.48 -32.59
N ARG A 90 12.19 -18.67 -32.14
CA ARG A 90 12.81 -19.29 -30.96
C ARG A 90 14.24 -19.70 -31.27
N ILE A 91 14.47 -20.12 -32.52
CA ILE A 91 15.80 -20.45 -33.00
C ILE A 91 16.72 -19.24 -32.90
N THR A 92 16.28 -18.12 -33.44
CA THR A 92 17.05 -16.89 -33.41
C THR A 92 17.16 -16.34 -31.99
N GLY A 93 16.19 -16.64 -31.13
CA GLY A 93 16.32 -16.29 -29.73
C GLY A 93 17.42 -17.05 -29.04
N ASP A 94 17.56 -18.33 -29.37
CA ASP A 94 18.70 -19.09 -28.86
C ASP A 94 20.00 -18.62 -29.48
N VAL A 95 19.96 -18.13 -30.71
CA VAL A 95 21.14 -17.54 -31.35
C VAL A 95 21.57 -16.29 -30.60
N MET A 96 20.62 -15.42 -30.27
CA MET A 96 20.97 -14.19 -29.58
C MET A 96 21.31 -14.46 -28.12
N GLY A 97 20.81 -15.56 -27.56
CA GLY A 97 21.31 -16.01 -26.28
C GLY A 97 22.72 -16.54 -26.37
N LYS A 98 23.09 -17.07 -27.53
CA LYS A 98 24.47 -17.50 -27.73
C LYS A 98 25.40 -16.31 -27.91
N TYR A 99 24.95 -15.25 -28.56
CA TYR A 99 25.80 -14.09 -28.78
C TYR A 99 24.95 -12.82 -28.92
N HIS A 100 25.44 -11.72 -28.35
CA HIS A 100 24.76 -10.43 -28.47
C HIS A 100 25.38 -9.62 -29.60
N PRO A 101 24.67 -9.44 -30.72
CA PRO A 101 25.19 -8.56 -31.80
C PRO A 101 24.81 -7.11 -31.58
N HIS A 102 25.03 -6.29 -32.60
CA HIS A 102 24.38 -4.98 -32.70
C HIS A 102 23.09 -5.05 -33.52
N GLY A 103 22.37 -6.15 -33.35
CA GLY A 103 21.05 -6.36 -33.90
C GLY A 103 20.82 -7.77 -34.36
N ASP A 104 19.76 -8.39 -33.84
CA ASP A 104 19.32 -9.70 -34.29
C ASP A 104 18.45 -9.62 -35.52
N SER A 105 17.97 -8.42 -35.86
CA SER A 105 17.40 -8.19 -37.17
C SER A 105 18.44 -8.44 -38.25
N SER A 106 19.72 -8.14 -37.98
CA SER A 106 20.78 -8.52 -38.89
C SER A 106 20.96 -10.04 -38.95
N ILE A 107 20.70 -10.74 -37.86
CA ILE A 107 20.73 -12.20 -37.89
C ILE A 107 19.61 -12.73 -38.77
N TYR A 108 18.44 -12.09 -38.69
CA TYR A 108 17.36 -12.48 -39.57
C TYR A 108 17.64 -12.10 -41.02
N GLU A 109 18.36 -11.00 -41.24
CA GLU A 109 18.85 -10.65 -42.56
C GLU A 109 19.80 -11.72 -43.09
N ALA A 110 20.62 -12.29 -42.20
CA ALA A 110 21.50 -13.38 -42.60
C ALA A 110 20.72 -14.63 -42.98
N MET A 111 19.66 -14.91 -42.22
CA MET A 111 18.75 -16.00 -42.55
C MET A 111 18.15 -15.81 -43.94
N VAL A 112 17.64 -14.61 -44.19
CA VAL A 112 16.94 -14.34 -45.45
C VAL A 112 17.91 -14.31 -46.61
N ARG A 113 19.11 -13.75 -46.40
CA ARG A 113 20.08 -13.73 -47.49
C ARG A 113 20.65 -15.12 -47.76
N MET A 114 20.55 -16.03 -46.81
CA MET A 114 20.84 -17.41 -47.13
C MET A 114 19.62 -18.15 -47.67
N ALA A 115 18.46 -17.51 -47.68
CA ALA A 115 17.32 -18.03 -48.42
C ALA A 115 17.22 -17.46 -49.83
N GLN A 116 18.06 -16.49 -50.15
CA GLN A 116 18.09 -15.88 -51.49
C GLN A 116 18.74 -16.84 -52.45
N TRP A 117 17.95 -17.77 -53.01
CA TRP A 117 18.50 -18.70 -53.99
C TRP A 117 18.90 -17.97 -55.26
N TRP A 118 18.17 -16.91 -55.59
CA TRP A 118 18.48 -16.08 -56.75
C TRP A 118 19.77 -15.28 -56.56
N SER A 119 20.26 -15.17 -55.33
CA SER A 119 21.51 -14.48 -55.07
C SER A 119 22.61 -15.44 -54.61
N TYR A 120 22.38 -16.21 -53.55
CA TYR A 120 23.35 -17.17 -53.06
C TYR A 120 22.88 -18.58 -53.42
N ARG A 121 23.79 -19.37 -53.99
CA ARG A 121 23.34 -20.54 -54.71
C ARG A 121 23.01 -21.70 -53.79
N TYR A 122 22.89 -22.85 -54.42
CA TYR A 122 22.18 -23.99 -53.86
C TYR A 122 22.97 -24.65 -52.74
N MET A 123 22.33 -24.86 -51.59
CA MET A 123 21.18 -24.13 -51.02
C MET A 123 21.45 -24.21 -49.53
N LEU A 124 20.96 -23.25 -48.74
CA LEU A 124 21.17 -23.31 -47.30
C LEU A 124 19.91 -23.18 -46.47
N VAL A 125 18.75 -22.97 -47.06
CA VAL A 125 17.51 -22.81 -46.32
C VAL A 125 16.47 -23.77 -46.85
N ASP A 126 15.97 -24.65 -45.98
CA ASP A 126 14.69 -25.32 -46.22
C ASP A 126 13.61 -24.45 -45.59
N GLY A 127 12.98 -23.60 -46.41
CA GLY A 127 12.02 -22.64 -45.92
C GLY A 127 10.76 -22.59 -46.77
N HIS A 128 9.79 -21.84 -46.28
CA HIS A 128 8.45 -21.76 -46.86
C HIS A 128 7.93 -20.32 -47.01
N GLY A 129 8.34 -19.42 -46.12
CA GLY A 129 7.73 -18.12 -46.02
C GLY A 129 8.11 -17.16 -47.14
N ASN A 130 7.78 -15.88 -46.93
CA ASN A 130 8.07 -14.86 -47.93
C ASN A 130 9.56 -14.55 -47.94
N PHE A 131 10.16 -14.64 -49.13
CA PHE A 131 11.53 -14.17 -49.30
C PHE A 131 11.74 -13.40 -50.60
N GLY A 132 10.80 -13.45 -51.55
CA GLY A 132 10.88 -12.59 -52.71
C GLY A 132 11.79 -13.16 -53.80
N SER A 133 12.38 -12.25 -54.56
CA SER A 133 13.36 -12.58 -55.60
C SER A 133 14.30 -11.40 -55.69
N MET A 134 15.04 -11.31 -56.80
CA MET A 134 15.86 -10.12 -57.07
C MET A 134 14.98 -9.06 -57.70
N ASP A 135 14.10 -8.51 -56.86
CA ASP A 135 13.00 -7.66 -57.30
C ASP A 135 12.88 -6.36 -56.53
N GLY A 136 13.36 -6.30 -55.29
CA GLY A 136 13.04 -5.18 -54.42
C GLY A 136 11.93 -5.57 -53.47
N ASP A 137 12.05 -6.76 -52.89
CA ASP A 137 11.00 -7.36 -52.07
C ASP A 137 11.36 -7.20 -50.60
N SER A 138 10.37 -6.83 -49.80
CA SER A 138 10.55 -6.58 -48.37
C SER A 138 9.60 -7.49 -47.59
N ALA A 139 10.13 -8.59 -47.07
CA ALA A 139 9.33 -9.54 -46.29
C ALA A 139 9.49 -9.19 -44.82
N ALA A 140 8.59 -8.34 -44.32
CA ALA A 140 8.64 -7.93 -42.92
C ALA A 140 8.15 -9.02 -41.97
N ALA A 141 7.54 -10.07 -42.48
CA ALA A 141 7.08 -11.17 -41.64
C ALA A 141 8.26 -11.99 -41.16
N GLN A 142 8.78 -11.68 -39.96
CA GLN A 142 10.07 -12.22 -39.56
C GLN A 142 9.97 -13.68 -39.11
N ARG A 143 9.28 -13.93 -37.99
CA ARG A 143 9.17 -15.29 -37.50
C ARG A 143 8.14 -16.10 -38.27
N TYR A 144 7.37 -15.44 -39.11
CA TYR A 144 6.26 -16.06 -39.81
C TYR A 144 6.74 -16.94 -40.95
N THR A 145 7.99 -16.79 -41.38
CA THR A 145 8.55 -17.71 -42.35
C THR A 145 8.87 -19.03 -41.68
N GLU A 146 8.94 -20.08 -42.50
CA GLU A 146 9.34 -21.39 -42.03
C GLU A 146 10.70 -21.73 -42.60
N ALA A 147 11.51 -22.42 -41.78
CA ALA A 147 12.78 -22.98 -42.20
C ALA A 147 13.20 -24.02 -41.17
N ARG A 148 14.14 -24.86 -41.59
CA ARG A 148 14.93 -25.72 -40.71
C ARG A 148 16.18 -26.12 -41.51
N MET A 149 16.85 -27.19 -41.06
CA MET A 149 18.05 -27.75 -41.67
C MET A 149 17.83 -28.07 -43.13
N SER A 150 18.92 -28.00 -43.90
CA SER A 150 18.88 -28.28 -45.32
C SER A 150 19.64 -29.57 -45.61
N LYS A 151 19.44 -30.07 -46.83
CA LYS A 151 19.98 -31.37 -47.20
C LYS A 151 21.50 -31.35 -47.27
N ILE A 152 22.06 -30.28 -47.81
CA ILE A 152 23.50 -30.19 -47.94
C ILE A 152 24.14 -29.97 -46.58
N ALA A 153 23.42 -29.32 -45.67
CA ALA A 153 23.93 -29.06 -44.34
C ALA A 153 24.12 -30.34 -43.54
N LEU A 154 23.29 -31.36 -43.82
CA LEU A 154 23.28 -32.62 -43.08
C LEU A 154 24.63 -33.32 -43.17
N GLU A 155 25.05 -33.67 -44.37
CA GLU A 155 26.38 -34.24 -44.54
C GLU A 155 27.47 -33.19 -44.48
N MET A 156 27.12 -31.92 -44.68
CA MET A 156 28.11 -30.85 -44.66
C MET A 156 28.70 -30.66 -43.27
N LEU A 157 27.90 -30.86 -42.23
CA LEU A 157 28.42 -30.64 -40.89
C LEU A 157 28.26 -31.85 -39.97
N ARG A 158 28.70 -33.02 -40.42
CA ARG A 158 28.77 -34.18 -39.56
C ARG A 158 30.02 -34.12 -38.67
N ASP A 159 30.29 -35.24 -37.99
CA ASP A 159 31.55 -35.54 -37.30
C ASP A 159 31.82 -34.60 -36.12
N ILE A 160 30.79 -33.94 -35.60
CA ILE A 160 30.92 -33.19 -34.35
C ILE A 160 31.20 -34.12 -33.19
N ASN A 161 30.69 -35.34 -33.26
CA ASN A 161 30.84 -36.34 -32.20
C ASN A 161 32.17 -37.05 -32.25
N LYS A 162 33.13 -36.52 -33.01
CA LYS A 162 34.39 -37.20 -33.25
C LYS A 162 35.57 -36.32 -32.88
N ASN A 163 35.32 -35.25 -32.10
CA ASN A 163 36.33 -34.34 -31.54
C ASN A 163 37.19 -33.70 -32.61
N THR A 164 36.61 -33.47 -33.78
CA THR A 164 37.38 -33.06 -34.93
C THR A 164 37.80 -31.61 -34.84
N VAL A 165 36.92 -30.74 -34.35
CA VAL A 165 37.12 -29.31 -34.40
C VAL A 165 37.24 -28.80 -32.96
N ASP A 166 38.13 -27.83 -32.76
CA ASP A 166 38.28 -27.23 -31.45
C ASP A 166 37.10 -26.32 -31.13
N PHE A 167 37.06 -25.85 -29.88
CA PHE A 167 35.95 -25.04 -29.39
C PHE A 167 36.47 -23.93 -28.49
N VAL A 168 35.67 -22.89 -28.36
CA VAL A 168 35.91 -21.82 -27.41
C VAL A 168 34.61 -21.56 -26.65
N ASP A 169 34.77 -21.06 -25.43
CA ASP A 169 33.63 -20.69 -24.60
C ASP A 169 33.12 -19.31 -25.01
N ASN A 170 31.81 -19.11 -24.87
CA ASN A 170 31.19 -17.83 -25.15
C ASN A 170 31.54 -16.82 -24.05
N TYR A 171 31.05 -15.59 -24.24
CA TYR A 171 31.13 -14.61 -23.18
C TYR A 171 30.17 -14.95 -22.05
N ASP A 172 29.15 -15.76 -22.32
CA ASP A 172 28.16 -16.15 -21.32
C ASP A 172 28.64 -17.29 -20.43
N ALA A 173 29.82 -17.87 -20.72
CA ALA A 173 30.52 -18.84 -19.86
C ALA A 173 29.71 -20.10 -19.58
N ASN A 174 28.81 -20.44 -20.47
CA ASN A 174 27.89 -21.54 -20.25
C ASN A 174 27.90 -22.58 -21.37
N GLU A 175 28.06 -22.16 -22.61
CA GLU A 175 28.10 -23.07 -23.75
C GLU A 175 29.27 -22.71 -24.66
N ARG A 176 29.65 -23.66 -25.50
CA ARG A 176 30.81 -23.54 -26.35
C ARG A 176 30.39 -23.34 -27.80
N GLU A 177 31.38 -23.08 -28.64
CA GLU A 177 31.14 -22.85 -30.07
C GLU A 177 32.42 -23.13 -30.83
N PRO A 178 32.32 -23.61 -32.08
CA PRO A 178 33.53 -23.83 -32.86
C PRO A 178 33.87 -22.64 -33.73
N LEU A 179 35.16 -22.36 -33.89
CA LEU A 179 35.56 -21.21 -34.69
C LEU A 179 35.57 -21.55 -36.17
N VAL A 180 35.82 -22.81 -36.52
CA VAL A 180 35.76 -23.27 -37.89
C VAL A 180 34.84 -24.48 -37.96
N LEU A 181 34.75 -25.09 -39.14
CA LEU A 181 33.81 -26.16 -39.39
C LEU A 181 34.47 -27.28 -40.16
N PRO A 182 33.92 -28.49 -40.11
CA PRO A 182 34.31 -29.53 -41.06
C PRO A 182 33.53 -29.37 -42.35
N ALA A 183 34.17 -29.79 -43.45
CA ALA A 183 33.62 -29.52 -44.76
C ALA A 183 33.53 -30.79 -45.57
N ARG A 184 32.63 -30.76 -46.55
CA ARG A 184 32.53 -31.81 -47.55
C ARG A 184 32.66 -31.26 -48.96
N PHE A 185 33.00 -29.98 -49.09
CA PHE A 185 33.34 -29.27 -50.31
C PHE A 185 33.85 -27.89 -49.97
N PRO A 186 34.69 -27.31 -50.80
CA PRO A 186 34.99 -25.88 -50.67
C PRO A 186 33.86 -24.99 -51.17
N ASN A 187 32.93 -24.66 -50.26
CA ASN A 187 31.86 -23.69 -50.51
C ASN A 187 32.40 -22.29 -50.85
N LEU A 188 33.68 -22.01 -50.55
CA LEU A 188 34.44 -20.92 -51.14
C LEU A 188 34.16 -20.73 -52.62
N LEU A 189 34.19 -21.82 -53.35
CA LEU A 189 33.95 -21.78 -54.78
C LEU A 189 32.48 -21.93 -55.11
N VAL A 190 31.71 -22.56 -54.24
CA VAL A 190 30.31 -22.84 -54.54
C VAL A 190 29.49 -21.56 -54.42
N ASN A 191 29.68 -20.82 -53.34
CA ASN A 191 29.06 -19.52 -53.16
C ASN A 191 30.17 -18.49 -53.04
N GLY A 192 30.02 -17.37 -53.76
CA GLY A 192 31.04 -16.35 -53.81
C GLY A 192 31.00 -15.42 -52.60
N ALA A 193 31.61 -14.25 -52.78
CA ALA A 193 31.69 -13.25 -51.73
C ALA A 193 31.31 -11.89 -52.28
N THR A 194 30.54 -11.15 -51.49
CA THR A 194 30.20 -9.74 -51.75
C THR A 194 30.52 -8.99 -50.47
N GLY A 195 31.78 -8.58 -50.32
CA GLY A 195 32.23 -7.96 -49.10
C GLY A 195 31.93 -6.48 -49.01
N ILE A 196 32.41 -5.87 -47.94
CA ILE A 196 32.32 -4.43 -47.74
C ILE A 196 33.73 -3.87 -47.57
N ALA A 197 33.85 -2.57 -47.75
CA ALA A 197 35.16 -1.92 -47.82
C ALA A 197 35.58 -1.42 -46.45
N VAL A 198 35.89 -2.37 -45.56
CA VAL A 198 36.53 -1.99 -44.31
C VAL A 198 37.97 -1.58 -44.56
N GLY A 199 38.65 -2.27 -45.46
CA GLY A 199 39.80 -1.72 -46.15
C GLY A 199 39.51 -1.72 -47.63
N MET A 200 38.77 -2.75 -48.07
CA MET A 200 38.36 -2.98 -49.45
C MET A 200 37.39 -4.15 -49.44
N ALA A 201 36.42 -4.12 -50.34
CA ALA A 201 35.44 -5.19 -50.47
C ALA A 201 36.02 -6.34 -51.27
N THR A 202 35.20 -7.36 -51.57
CA THR A 202 35.68 -8.53 -52.28
C THR A 202 34.55 -9.18 -53.06
N ASN A 203 34.75 -9.34 -54.37
CA ASN A 203 33.90 -10.16 -55.22
C ASN A 203 34.53 -11.52 -55.43
N ILE A 204 33.77 -12.57 -55.14
CA ILE A 204 34.18 -13.94 -55.46
C ILE A 204 33.03 -14.63 -56.18
N PRO A 205 33.24 -15.18 -57.36
CA PRO A 205 32.14 -15.72 -58.14
C PRO A 205 31.82 -17.14 -57.73
N PRO A 206 30.58 -17.57 -57.96
CA PRO A 206 30.23 -18.97 -57.66
C PRO A 206 30.70 -19.90 -58.77
N HIS A 207 30.63 -21.20 -58.50
CA HIS A 207 31.08 -22.22 -59.44
C HIS A 207 30.11 -23.39 -59.39
N ASN A 208 30.52 -24.51 -59.98
CA ASN A 208 29.69 -25.71 -60.11
C ASN A 208 30.20 -26.80 -59.16
N LEU A 209 29.25 -27.62 -58.71
CA LEU A 209 29.47 -28.76 -57.82
C LEU A 209 30.44 -29.78 -58.41
N GLY A 210 30.05 -30.42 -59.51
CA GLY A 210 30.84 -31.50 -60.06
C GLY A 210 32.13 -31.02 -60.69
N GLU A 211 32.14 -29.78 -61.18
CA GLU A 211 33.38 -29.19 -61.67
C GLU A 211 34.38 -29.01 -60.54
N THR A 212 33.89 -28.62 -59.36
CA THR A 212 34.76 -28.52 -58.20
C THR A 212 35.24 -29.89 -57.76
N ILE A 213 34.37 -30.91 -57.87
CA ILE A 213 34.76 -32.27 -57.55
C ILE A 213 35.88 -32.74 -58.48
N ASP A 214 35.75 -32.43 -59.77
CA ASP A 214 36.77 -32.82 -60.74
C ASP A 214 38.07 -32.06 -60.50
N ALA A 215 37.96 -30.81 -60.04
CA ALA A 215 39.16 -30.05 -59.69
C ALA A 215 39.86 -30.68 -58.49
N VAL A 216 39.08 -31.13 -57.50
CA VAL A 216 39.63 -31.82 -56.34
C VAL A 216 40.34 -33.09 -56.76
N LYS A 217 39.71 -33.87 -57.62
CA LYS A 217 40.31 -35.09 -58.14
C LYS A 217 41.57 -34.80 -58.94
N LEU A 218 41.58 -33.70 -59.68
CA LEU A 218 42.71 -33.33 -60.50
C LEU A 218 43.91 -32.96 -59.64
N VAL A 219 43.70 -32.12 -58.62
CA VAL A 219 44.81 -31.72 -57.76
C VAL A 219 45.24 -32.88 -56.88
N MET A 220 44.31 -33.78 -56.55
CA MET A 220 44.65 -34.99 -55.82
C MET A 220 45.57 -35.89 -56.63
N ASP A 221 45.22 -36.12 -57.89
CA ASP A 221 46.01 -37.01 -58.72
C ASP A 221 47.31 -36.36 -59.17
N ASN A 222 47.35 -35.03 -59.26
CA ASN A 222 48.54 -34.38 -59.75
C ASN A 222 48.88 -33.16 -58.91
N PRO A 223 50.08 -33.11 -58.32
CA PRO A 223 50.54 -31.89 -57.65
C PRO A 223 51.25 -30.95 -58.61
N GLU A 224 51.05 -31.19 -59.91
CA GLU A 224 51.80 -30.57 -60.98
C GLU A 224 50.87 -30.01 -62.05
N VAL A 225 49.66 -29.64 -61.64
CA VAL A 225 48.66 -29.12 -62.58
C VAL A 225 49.04 -27.72 -63.03
N THR A 226 48.37 -27.27 -64.10
CA THR A 226 48.57 -25.94 -64.63
C THR A 226 47.27 -25.14 -64.55
N THR A 227 47.29 -23.94 -65.12
CA THR A 227 46.10 -23.12 -65.17
C THR A 227 45.19 -23.53 -66.31
N LYS A 228 45.75 -24.11 -67.38
CA LYS A 228 44.93 -24.70 -68.43
C LYS A 228 44.17 -25.91 -67.91
N ASP A 229 44.77 -26.63 -66.97
CA ASP A 229 44.08 -27.71 -66.27
C ASP A 229 42.88 -27.17 -65.51
N LEU A 230 43.04 -25.98 -64.92
CA LEU A 230 41.93 -25.31 -64.25
C LEU A 230 40.89 -24.85 -65.26
N MET A 231 41.33 -24.45 -66.45
CA MET A 231 40.38 -24.11 -67.51
C MET A 231 39.58 -25.32 -67.95
N GLU A 232 40.18 -26.51 -67.86
CA GLU A 232 39.45 -27.73 -68.21
C GLU A 232 38.41 -28.07 -67.17
N VAL A 233 38.85 -28.32 -65.93
CA VAL A 233 37.91 -28.77 -64.90
C VAL A 233 37.01 -27.64 -64.43
N LEU A 234 37.37 -26.39 -64.71
CA LEU A 234 36.46 -25.27 -64.52
C LEU A 234 36.41 -24.51 -65.83
N PRO A 235 35.40 -24.76 -66.67
CA PRO A 235 35.23 -23.94 -67.86
C PRO A 235 34.87 -22.50 -67.56
N GLY A 236 34.25 -22.22 -66.41
CA GLY A 236 33.96 -20.86 -66.02
C GLY A 236 33.06 -20.75 -64.81
N PRO A 237 33.10 -19.58 -64.15
CA PRO A 237 32.24 -19.37 -62.98
C PRO A 237 30.80 -19.19 -63.42
N ASP A 238 29.89 -19.67 -62.59
CA ASP A 238 28.49 -19.67 -62.98
C ASP A 238 27.65 -18.99 -61.92
N PHE A 239 26.35 -18.95 -62.17
CA PHE A 239 25.39 -18.12 -61.48
C PHE A 239 24.12 -18.92 -61.26
N PRO A 240 23.29 -18.55 -60.28
CA PRO A 240 21.97 -19.18 -60.18
C PRO A 240 20.98 -18.61 -61.17
N THR A 241 21.38 -17.58 -61.91
CA THR A 241 20.53 -16.88 -62.86
C THR A 241 21.03 -17.00 -64.29
N GLY A 242 22.30 -16.71 -64.53
CA GLY A 242 22.85 -16.81 -65.88
C GLY A 242 23.19 -15.45 -66.46
N ALA A 243 24.26 -15.41 -67.25
CA ALA A 243 24.73 -14.21 -67.93
C ALA A 243 25.59 -14.64 -69.11
N LEU A 244 26.33 -13.69 -69.68
CA LEU A 244 27.31 -14.00 -70.71
C LEU A 244 28.62 -13.34 -70.31
N VAL A 245 29.71 -14.11 -70.38
CA VAL A 245 31.06 -13.64 -70.09
C VAL A 245 31.87 -13.87 -71.36
N MET A 246 32.10 -12.81 -72.12
CA MET A 246 32.72 -12.95 -73.43
C MET A 246 34.24 -13.05 -73.33
N GLY A 247 34.84 -12.44 -72.31
CA GLY A 247 36.28 -12.36 -72.23
C GLY A 247 36.95 -13.66 -71.81
N LYS A 248 38.24 -13.76 -72.12
CA LYS A 248 39.05 -14.92 -71.80
C LYS A 248 40.25 -14.58 -70.92
N SER A 249 41.02 -13.56 -71.29
CA SER A 249 42.21 -13.21 -70.54
C SER A 249 41.87 -12.52 -69.23
N GLY A 250 40.70 -11.90 -69.13
CA GLY A 250 40.24 -11.41 -67.84
C GLY A 250 39.98 -12.56 -66.87
N ILE A 251 39.42 -13.65 -67.38
CA ILE A 251 39.25 -14.87 -66.60
C ILE A 251 40.61 -15.45 -66.23
N HIS A 252 41.57 -15.39 -67.16
CA HIS A 252 42.93 -15.87 -66.94
C HIS A 252 43.61 -15.10 -65.80
N LYS A 253 43.58 -13.77 -65.87
CA LYS A 253 44.12 -12.94 -64.80
C LYS A 253 43.32 -13.05 -63.52
N ALA A 254 42.04 -13.41 -63.61
CA ALA A 254 41.24 -13.62 -62.41
C ALA A 254 41.73 -14.85 -61.65
N TYR A 255 41.89 -15.97 -62.35
CA TYR A 255 42.33 -17.17 -61.66
C TYR A 255 43.82 -17.18 -61.37
N GLU A 256 44.62 -16.29 -61.96
CA GLU A 256 46.02 -16.23 -61.59
C GLU A 256 46.33 -15.09 -60.62
N THR A 257 46.06 -13.85 -61.01
CA THR A 257 46.42 -12.71 -60.19
C THR A 257 45.44 -12.47 -59.06
N GLY A 258 44.20 -12.94 -59.21
CA GLY A 258 43.16 -12.58 -58.29
C GLY A 258 42.52 -11.24 -58.54
N LYS A 259 42.91 -10.54 -59.59
CA LYS A 259 42.34 -9.24 -59.94
C LYS A 259 41.92 -9.24 -61.40
N GLY A 260 40.85 -8.52 -61.68
CA GLY A 260 40.34 -8.39 -63.03
C GLY A 260 38.84 -8.21 -63.02
N SER A 261 38.34 -7.65 -64.12
CA SER A 261 36.91 -7.47 -64.33
C SER A 261 36.47 -8.26 -65.55
N ILE A 262 35.20 -8.64 -65.55
CA ILE A 262 34.63 -9.43 -66.63
C ILE A 262 33.42 -8.73 -67.19
N VAL A 263 32.88 -9.29 -68.26
CA VAL A 263 31.61 -8.86 -68.80
C VAL A 263 30.52 -9.75 -68.20
N LEU A 264 29.50 -9.12 -67.63
CA LEU A 264 28.23 -9.80 -67.38
C LEU A 264 27.23 -9.25 -68.38
N ARG A 265 26.66 -10.12 -69.20
CA ARG A 265 25.77 -9.69 -70.27
C ARG A 265 24.43 -10.39 -70.16
N SER A 266 23.36 -9.64 -70.42
CA SER A 266 22.03 -10.20 -70.56
C SER A 266 21.94 -11.09 -71.79
N ARG A 267 21.02 -12.05 -71.74
CA ARG A 267 20.73 -12.87 -72.90
C ARG A 267 19.98 -12.05 -73.95
N THR A 268 20.32 -12.25 -75.21
CA THR A 268 19.70 -11.53 -76.31
C THR A 268 19.18 -12.54 -77.33
N GLU A 269 17.90 -12.43 -77.67
CA GLU A 269 17.29 -13.26 -78.70
C GLU A 269 16.54 -12.36 -79.68
N ILE A 270 16.96 -12.37 -80.94
CA ILE A 270 16.36 -11.53 -81.97
C ILE A 270 15.36 -12.40 -82.74
N GLU A 271 14.08 -12.11 -82.58
CA GLU A 271 13.04 -12.83 -83.31
C GLU A 271 12.19 -11.86 -84.12
N THR A 272 11.29 -12.42 -84.92
CA THR A 272 10.59 -11.70 -85.96
C THR A 272 9.13 -11.47 -85.54
N THR A 273 8.76 -10.20 -85.41
CA THR A 273 7.36 -9.85 -85.27
C THR A 273 6.64 -10.07 -86.59
N LYS A 274 5.38 -10.52 -86.51
CA LYS A 274 4.54 -10.74 -87.69
C LYS A 274 4.31 -9.49 -88.53
N THR A 275 4.50 -8.30 -87.95
CA THR A 275 4.41 -7.05 -88.69
C THR A 275 5.78 -6.43 -88.97
N GLY A 276 6.87 -7.17 -88.75
CA GLY A 276 8.20 -6.68 -89.09
C GLY A 276 8.86 -5.79 -88.05
N ARG A 277 9.07 -6.30 -86.84
CA ARG A 277 9.81 -5.62 -85.80
C ARG A 277 10.84 -6.58 -85.22
N GLU A 278 12.07 -6.10 -85.04
CA GLU A 278 13.16 -6.92 -84.51
C GLU A 278 12.95 -7.10 -83.02
N ARG A 279 12.15 -8.10 -82.65
CA ARG A 279 11.77 -8.32 -81.26
C ARG A 279 12.95 -8.87 -80.47
N ILE A 280 13.20 -8.28 -79.29
CA ILE A 280 14.31 -8.67 -78.42
C ILE A 280 13.73 -9.40 -77.22
N VAL A 281 14.18 -10.64 -77.01
CA VAL A 281 13.82 -11.45 -75.85
C VAL A 281 15.05 -11.54 -74.96
N VAL A 282 14.87 -11.27 -73.67
CA VAL A 282 15.94 -11.28 -72.69
C VAL A 282 15.53 -12.19 -71.54
N THR A 283 16.38 -13.15 -71.21
CA THR A 283 16.19 -14.01 -70.06
C THR A 283 17.26 -13.82 -69.00
N GLU A 284 18.54 -13.89 -69.39
CA GLU A 284 19.65 -13.70 -68.48
C GLU A 284 19.88 -12.22 -68.23
N PHE A 285 20.68 -11.92 -67.21
CA PHE A 285 20.99 -10.56 -66.80
C PHE A 285 22.37 -10.55 -66.16
N PRO A 286 22.99 -9.37 -66.05
CA PRO A 286 24.10 -9.23 -65.10
C PRO A 286 23.63 -9.45 -63.67
N TYR A 287 24.57 -9.83 -62.83
CA TYR A 287 24.24 -10.25 -61.47
C TYR A 287 24.06 -9.03 -60.57
N MET A 288 23.21 -9.20 -59.56
CA MET A 288 22.78 -8.13 -58.64
C MET A 288 22.16 -6.96 -59.38
N VAL A 289 21.33 -7.25 -60.38
CA VAL A 289 20.72 -6.23 -61.23
C VAL A 289 19.21 -6.49 -61.21
N ASN A 290 18.48 -5.67 -60.45
CA ASN A 290 17.03 -5.72 -60.49
C ASN A 290 16.52 -5.22 -61.83
N LYS A 291 15.36 -5.76 -62.24
CA LYS A 291 14.76 -5.33 -63.49
C LYS A 291 14.14 -3.94 -63.39
N THR A 292 13.75 -3.55 -62.18
CA THR A 292 12.81 -2.44 -61.99
C THR A 292 13.45 -1.09 -62.32
N LYS A 293 14.51 -0.75 -61.59
CA LYS A 293 15.14 0.55 -61.78
C LYS A 293 15.84 0.64 -63.14
N VAL A 294 16.31 -0.49 -63.65
CA VAL A 294 16.86 -0.54 -65.01
C VAL A 294 15.79 -0.18 -66.02
N HIS A 295 14.59 -0.76 -65.87
CA HIS A 295 13.48 -0.44 -66.75
C HIS A 295 13.08 1.03 -66.63
N GLU A 296 13.14 1.57 -65.41
CA GLU A 296 12.81 2.98 -65.20
C GLU A 296 13.81 3.90 -65.89
N HIS A 297 15.10 3.58 -65.81
CA HIS A 297 16.09 4.38 -66.52
C HIS A 297 16.00 4.20 -68.03
N ILE A 298 15.54 3.04 -68.50
CA ILE A 298 15.27 2.88 -69.92
C ILE A 298 14.12 3.79 -70.35
N VAL A 299 13.08 3.89 -69.51
CA VAL A 299 11.97 4.81 -69.76
C VAL A 299 12.47 6.26 -69.78
N ARG A 300 13.37 6.60 -68.85
CA ARG A 300 13.98 7.93 -68.84
C ARG A 300 14.77 8.22 -70.10
N LEU A 301 15.61 7.27 -70.53
CA LEU A 301 16.46 7.49 -71.70
C LEU A 301 15.64 7.57 -72.98
N VAL A 302 14.52 6.85 -73.04
CA VAL A 302 13.53 7.06 -74.11
C VAL A 302 12.97 8.47 -74.03
N GLN A 303 12.66 8.95 -72.83
CA GLN A 303 11.93 10.20 -72.65
C GLN A 303 12.88 11.37 -72.37
N GLU A 304 14.04 11.39 -73.02
CA GLU A 304 14.97 12.51 -72.97
C GLU A 304 15.46 12.85 -74.37
N LYS A 305 14.51 12.99 -75.30
CA LYS A 305 14.74 13.33 -76.72
C LYS A 305 15.68 12.32 -77.39
N ARG A 306 15.24 11.06 -77.36
CA ARG A 306 15.94 9.94 -77.98
C ARG A 306 14.86 9.09 -78.65
N ILE A 307 15.18 7.82 -78.92
CA ILE A 307 14.26 6.94 -79.65
C ILE A 307 13.01 6.71 -78.82
N GLU A 308 11.91 7.32 -79.26
CA GLU A 308 10.67 7.35 -78.50
C GLU A 308 9.61 6.41 -79.06
N GLY A 309 9.77 5.96 -80.30
CA GLY A 309 8.84 5.04 -80.91
C GLY A 309 8.91 3.63 -80.38
N ILE A 310 9.86 3.35 -79.49
CA ILE A 310 9.91 2.05 -78.81
C ILE A 310 9.05 2.20 -77.56
N THR A 311 7.73 2.19 -77.77
CA THR A 311 6.77 2.06 -76.68
C THR A 311 6.30 0.62 -76.57
N ALA A 312 7.26 -0.29 -76.51
CA ALA A 312 6.98 -1.73 -76.51
C ALA A 312 7.92 -2.37 -75.50
N VAL A 313 7.43 -2.56 -74.28
CA VAL A 313 8.19 -3.17 -73.20
C VAL A 313 7.31 -4.20 -72.51
N ARG A 314 7.35 -5.43 -73.02
CA ARG A 314 6.54 -6.52 -72.50
C ARG A 314 7.44 -7.34 -71.58
N ASP A 315 7.51 -6.92 -70.33
CA ASP A 315 8.45 -7.47 -69.35
C ASP A 315 7.63 -7.96 -68.16
N GLU A 316 7.11 -9.18 -68.28
CA GLU A 316 6.20 -9.74 -67.28
C GLU A 316 6.22 -11.25 -67.43
N SER A 317 5.28 -11.92 -66.72
CA SER A 317 5.09 -13.38 -66.72
C SER A 317 6.36 -14.12 -66.31
N ASN A 318 7.10 -13.53 -65.38
CA ASN A 318 8.41 -14.04 -65.00
C ASN A 318 8.33 -15.03 -63.85
N ARG A 319 7.19 -15.70 -63.70
CA ARG A 319 6.99 -16.74 -62.71
C ARG A 319 7.17 -18.13 -63.30
N GLU A 320 7.30 -18.21 -64.62
CA GLU A 320 7.76 -19.40 -65.32
C GLU A 320 9.23 -19.33 -65.67
N GLY A 321 9.84 -18.16 -65.59
CA GLY A 321 11.20 -17.95 -66.03
C GLY A 321 11.51 -16.46 -66.07
N VAL A 322 12.08 -15.98 -67.18
CA VAL A 322 12.25 -14.55 -67.42
C VAL A 322 11.80 -14.26 -68.83
N ARG A 323 10.76 -13.45 -68.97
CA ARG A 323 10.32 -12.96 -70.28
C ARG A 323 10.49 -11.45 -70.26
N PHE A 324 11.69 -10.99 -70.63
CA PHE A 324 11.99 -9.57 -70.66
C PHE A 324 12.05 -9.18 -72.14
N VAL A 325 10.91 -8.84 -72.70
CA VAL A 325 10.78 -8.70 -74.15
C VAL A 325 10.45 -7.25 -74.48
N ILE A 326 11.25 -6.68 -75.40
CA ILE A 326 10.90 -5.41 -76.00
C ILE A 326 10.75 -5.65 -77.50
N GLU A 327 10.14 -4.68 -78.17
CA GLU A 327 10.03 -4.70 -79.62
C GLU A 327 10.51 -3.37 -80.17
N VAL A 328 11.58 -3.43 -80.95
CA VAL A 328 12.16 -2.23 -81.55
C VAL A 328 11.22 -1.69 -82.62
N LYS A 329 11.07 -0.36 -82.64
CA LYS A 329 10.20 0.33 -83.58
C LYS A 329 10.68 0.14 -85.02
N ARG A 330 9.80 0.49 -85.94
CA ARG A 330 10.12 0.42 -87.36
C ARG A 330 11.13 1.50 -87.72
N ASP A 331 11.93 1.22 -88.77
CA ASP A 331 13.05 2.05 -89.22
C ASP A 331 14.07 2.27 -88.10
N ALA A 332 14.40 1.18 -87.40
CA ALA A 332 15.40 1.17 -86.36
C ALA A 332 15.88 -0.26 -86.16
N SER A 333 17.20 -0.44 -86.09
CA SER A 333 17.75 -1.77 -85.85
C SER A 333 17.80 -2.04 -84.35
N ALA A 334 17.74 -3.33 -84.01
CA ALA A 334 17.75 -3.70 -82.60
C ALA A 334 19.13 -3.53 -81.99
N ASN A 335 20.18 -3.80 -82.77
CA ASN A 335 21.53 -3.93 -82.24
C ASN A 335 22.10 -2.60 -81.77
N VAL A 336 21.68 -1.49 -82.39
CA VAL A 336 22.11 -0.17 -81.95
C VAL A 336 21.54 0.15 -80.58
N ILE A 337 20.26 -0.16 -80.36
CA ILE A 337 19.64 0.01 -79.04
C ILE A 337 20.24 -0.95 -78.03
N LEU A 338 20.65 -2.14 -78.49
CA LEU A 338 21.34 -3.09 -77.62
C LEU A 338 22.68 -2.54 -77.14
N ASN A 339 23.47 -1.99 -78.06
CA ASN A 339 24.74 -1.38 -77.68
C ASN A 339 24.55 -0.13 -76.83
N ASN A 340 23.45 0.60 -77.04
CA ASN A 340 23.18 1.77 -76.21
C ASN A 340 22.80 1.36 -74.78
N LEU A 341 22.04 0.28 -74.63
CA LEU A 341 21.73 -0.22 -73.30
C LEU A 341 22.91 -0.94 -72.67
N PHE A 342 23.87 -1.39 -73.48
CA PHE A 342 25.13 -1.87 -72.94
C PHE A 342 25.98 -0.69 -72.45
N LYS A 343 25.90 0.44 -73.15
CA LYS A 343 26.45 1.70 -72.65
C LYS A 343 25.71 2.20 -71.41
N MET A 344 24.46 1.79 -71.21
CA MET A 344 23.74 2.04 -69.97
C MET A 344 24.21 1.15 -68.82
N THR A 345 25.12 0.21 -69.08
CA THR A 345 25.87 -0.58 -68.08
C THR A 345 24.95 -1.46 -67.22
N GLN A 346 23.78 -1.81 -67.73
CA GLN A 346 22.86 -2.67 -67.00
C GLN A 346 22.55 -3.95 -67.72
N MET A 347 22.65 -4.00 -69.04
CA MET A 347 22.59 -5.24 -69.78
C MET A 347 23.95 -5.78 -70.13
N GLN A 348 25.01 -5.00 -69.89
CA GLN A 348 26.39 -5.44 -70.01
C GLN A 348 27.20 -4.64 -69.01
N THR A 349 27.88 -5.33 -68.09
CA THR A 349 28.46 -4.66 -66.94
C THR A 349 29.85 -5.21 -66.67
N ASN A 350 30.80 -4.29 -66.43
CA ASN A 350 32.14 -4.66 -66.00
C ASN A 350 32.09 -5.08 -64.54
N PHE A 351 32.00 -6.38 -64.30
CA PHE A 351 31.93 -6.93 -62.96
C PHE A 351 33.35 -7.24 -62.49
N GLY A 352 33.85 -6.46 -61.54
CA GLY A 352 35.19 -6.66 -61.06
C GLY A 352 35.30 -7.80 -60.07
N PHE A 353 36.54 -8.10 -59.69
CA PHE A 353 36.83 -9.10 -58.68
C PHE A 353 38.00 -8.65 -57.84
N ASN A 354 37.83 -8.64 -56.53
CA ASN A 354 38.95 -8.36 -55.64
C ASN A 354 39.62 -9.64 -55.15
N MET A 355 38.80 -10.62 -54.75
CA MET A 355 39.22 -12.00 -54.48
C MET A 355 40.29 -12.06 -53.39
N LEU A 356 39.90 -11.63 -52.21
CA LEU A 356 40.78 -11.64 -51.05
C LEU A 356 40.29 -12.68 -50.07
N ALA A 357 41.11 -12.95 -49.05
CA ALA A 357 40.75 -13.97 -48.09
C ALA A 357 41.37 -13.68 -46.74
N ILE A 358 40.93 -14.43 -45.74
CA ILE A 358 41.42 -14.35 -44.38
C ILE A 358 41.87 -15.74 -43.94
N GLN A 359 43.12 -15.84 -43.49
CA GLN A 359 43.64 -17.05 -42.87
C GLN A 359 44.86 -16.67 -42.05
N ASN A 360 45.02 -17.35 -40.92
CA ASN A 360 46.12 -17.15 -39.97
C ASN A 360 46.16 -15.71 -39.46
N GLY A 361 44.99 -15.08 -39.36
CA GLY A 361 44.90 -13.70 -38.97
C GLY A 361 45.28 -12.69 -40.02
N ILE A 362 45.67 -13.12 -41.23
CA ILE A 362 46.04 -12.14 -42.25
C ILE A 362 45.10 -12.25 -43.44
N PRO A 363 44.90 -11.15 -44.17
CA PRO A 363 44.28 -11.24 -45.48
C PRO A 363 45.29 -11.73 -46.50
N LYS A 364 44.78 -12.06 -47.68
CA LYS A 364 45.63 -12.66 -48.71
C LYS A 364 44.99 -12.46 -50.07
N ILE A 365 45.82 -12.04 -51.04
CA ILE A 365 45.43 -12.07 -52.43
C ILE A 365 45.41 -13.51 -52.91
N LEU A 366 44.37 -13.88 -53.64
CA LEU A 366 44.07 -15.28 -53.90
C LEU A 366 44.54 -15.76 -55.26
N SER A 367 44.90 -17.03 -55.30
CA SER A 367 45.00 -17.81 -56.52
C SER A 367 44.63 -19.24 -56.15
N LEU A 368 44.61 -20.12 -57.15
CA LEU A 368 44.40 -21.51 -56.81
C LEU A 368 45.71 -22.16 -56.43
N ARG A 369 45.62 -23.45 -56.09
CA ARG A 369 46.52 -24.24 -55.23
C ARG A 369 46.62 -23.69 -53.82
N GLN A 370 45.74 -22.77 -53.44
CA GLN A 370 45.71 -22.18 -52.12
C GLN A 370 44.42 -22.56 -51.42
N ILE A 371 43.29 -22.20 -52.04
CA ILE A 371 42.00 -22.83 -51.78
C ILE A 371 42.14 -24.34 -51.80
N LEU A 372 42.81 -24.84 -52.83
CA LEU A 372 42.87 -26.26 -53.11
C LEU A 372 43.64 -27.00 -52.04
N ASP A 373 44.91 -26.62 -51.84
CA ASP A 373 45.75 -27.28 -50.83
C ASP A 373 45.25 -27.04 -49.42
N ALA A 374 44.63 -25.87 -49.19
CA ALA A 374 44.08 -25.58 -47.86
C ALA A 374 42.93 -26.53 -47.54
N TYR A 375 42.00 -26.70 -48.48
CA TYR A 375 40.89 -27.62 -48.29
C TYR A 375 41.40 -29.06 -48.17
N ILE A 376 42.43 -29.41 -48.94
CA ILE A 376 42.99 -30.76 -48.90
C ILE A 376 43.57 -31.07 -47.53
N GLU A 377 44.41 -30.17 -47.02
CA GLU A 377 45.05 -30.44 -45.74
C GLU A 377 44.07 -30.31 -44.57
N HIS A 378 43.02 -29.50 -44.74
CA HIS A 378 41.97 -29.45 -43.75
C HIS A 378 41.22 -30.78 -43.67
N GLN A 379 40.87 -31.34 -44.83
CA GLN A 379 40.22 -32.64 -44.82
C GLN A 379 41.16 -33.73 -44.33
N LYS A 380 42.47 -33.58 -44.56
CA LYS A 380 43.46 -34.48 -43.98
C LYS A 380 43.41 -34.45 -42.46
N GLU A 381 43.39 -33.25 -41.90
CA GLU A 381 43.24 -33.06 -40.45
C GLU A 381 41.98 -33.75 -39.93
N VAL A 382 40.86 -33.53 -40.62
CA VAL A 382 39.57 -34.06 -40.19
C VAL A 382 39.58 -35.58 -40.19
N VAL A 383 40.06 -36.17 -41.28
CA VAL A 383 40.03 -37.62 -41.42
C VAL A 383 40.99 -38.28 -40.43
N VAL A 384 42.20 -37.73 -40.27
CA VAL A 384 43.19 -38.35 -39.40
C VAL A 384 42.76 -38.22 -37.93
N ARG A 385 42.17 -37.09 -37.55
CA ARG A 385 41.72 -36.94 -36.18
C ARG A 385 40.50 -37.82 -35.90
N ARG A 386 39.64 -37.99 -36.92
CA ARG A 386 38.56 -38.96 -36.82
C ARG A 386 39.09 -40.37 -36.64
N THR A 387 40.18 -40.69 -37.34
CA THR A 387 40.80 -42.01 -37.23
C THR A 387 41.35 -42.22 -35.83
N ARG A 388 41.97 -41.19 -35.26
CA ARG A 388 42.51 -41.28 -33.91
C ARG A 388 41.39 -41.47 -32.89
N PHE A 389 40.29 -40.75 -33.04
CA PHE A 389 39.15 -40.91 -32.13
C PHE A 389 38.51 -42.29 -32.24
N ASP A 390 38.43 -42.81 -33.46
CA ASP A 390 37.87 -44.14 -33.64
C ASP A 390 38.78 -45.20 -33.07
N LYS A 391 40.10 -44.98 -33.13
CA LYS A 391 41.03 -45.87 -32.45
C LYS A 391 40.85 -45.79 -30.94
N GLU A 392 40.54 -44.60 -30.42
CA GLU A 392 40.28 -44.44 -28.98
C GLU A 392 39.10 -45.29 -28.54
N LYS A 393 37.95 -45.13 -29.21
CA LYS A 393 36.77 -45.93 -28.91
C LYS A 393 37.03 -47.41 -29.08
N ALA A 394 37.71 -47.78 -30.18
CA ALA A 394 37.89 -49.19 -30.51
C ALA A 394 38.84 -49.86 -29.54
N GLU A 395 39.90 -49.19 -29.13
CA GLU A 395 40.84 -49.80 -28.21
C GLU A 395 40.31 -49.82 -26.79
N ALA A 396 39.47 -48.84 -26.42
CA ALA A 396 38.77 -48.92 -25.14
C ALA A 396 37.85 -50.13 -25.09
N ARG A 397 37.06 -50.33 -26.16
CA ARG A 397 36.16 -51.46 -26.18
C ARG A 397 36.92 -52.77 -26.32
N ALA A 398 38.08 -52.74 -26.97
CA ALA A 398 38.94 -53.91 -27.04
C ALA A 398 39.47 -54.29 -25.67
N HIS A 399 39.84 -53.30 -24.86
CA HIS A 399 40.26 -53.55 -23.48
C HIS A 399 39.14 -54.16 -22.66
N ILE A 400 37.91 -53.67 -22.90
CA ILE A 400 36.72 -54.25 -22.25
C ILE A 400 36.57 -55.73 -22.63
N LEU A 401 36.61 -56.03 -23.93
CA LEU A 401 36.40 -57.41 -24.34
C LEU A 401 37.58 -58.32 -24.00
N GLU A 402 38.79 -57.75 -23.85
CA GLU A 402 39.88 -58.46 -23.19
C GLU A 402 39.47 -58.95 -21.81
N GLY A 403 38.98 -58.01 -20.98
CA GLY A 403 38.49 -58.38 -19.67
C GLY A 403 37.34 -59.38 -19.71
N LEU A 404 36.47 -59.26 -20.71
CA LEU A 404 35.33 -60.16 -20.86
C LEU A 404 35.77 -61.58 -21.16
N LEU A 405 36.67 -61.75 -22.12
CA LEU A 405 37.11 -63.08 -22.51
C LEU A 405 37.96 -63.73 -21.42
N ILE A 406 38.80 -62.93 -20.74
CA ILE A 406 39.59 -63.48 -19.65
C ILE A 406 38.71 -63.86 -18.47
N ALA A 407 37.60 -63.14 -18.27
CA ALA A 407 36.60 -63.57 -17.29
C ALA A 407 35.96 -64.89 -17.70
N LEU A 408 35.54 -64.98 -18.97
CA LEU A 408 34.83 -66.17 -19.44
C LEU A 408 35.73 -67.37 -19.65
N ASP A 409 37.05 -67.22 -19.48
CA ASP A 409 37.93 -68.39 -19.44
C ASP A 409 37.60 -69.29 -18.25
N HIS A 410 37.84 -68.79 -17.04
CA HIS A 410 37.71 -69.56 -15.81
C HIS A 410 36.84 -68.78 -14.85
N ILE A 411 35.78 -69.41 -14.36
CA ILE A 411 34.70 -68.66 -13.72
C ILE A 411 34.43 -69.15 -12.30
N ASP A 412 34.27 -70.48 -12.14
CA ASP A 412 33.75 -71.02 -10.90
C ASP A 412 34.74 -70.86 -9.75
N GLU A 413 36.04 -70.88 -10.04
CA GLU A 413 37.03 -70.60 -9.00
C GLU A 413 36.92 -69.17 -8.51
N VAL A 414 36.69 -68.24 -9.44
CA VAL A 414 36.43 -66.85 -9.09
C VAL A 414 35.17 -66.74 -8.24
N ILE A 415 34.14 -67.53 -8.57
CA ILE A 415 32.89 -67.56 -7.81
C ILE A 415 33.15 -68.01 -6.37
N ARG A 416 33.91 -69.09 -6.22
CA ARG A 416 34.15 -69.65 -4.89
C ARG A 416 35.05 -68.76 -4.05
N ILE A 417 35.98 -68.03 -4.68
CA ILE A 417 36.80 -67.10 -3.90
C ILE A 417 35.99 -65.85 -3.56
N ILE A 418 35.01 -65.47 -4.40
CA ILE A 418 34.06 -64.43 -4.02
C ILE A 418 33.22 -64.86 -2.82
N ARG A 419 32.86 -66.15 -2.77
CA ARG A 419 32.18 -66.67 -1.58
C ARG A 419 33.08 -66.65 -0.35
N ALA A 420 34.40 -66.59 -0.52
CA ALA A 420 35.32 -66.35 0.57
C ALA A 420 35.57 -64.87 0.81
N SER A 421 34.68 -64.00 0.35
CA SER A 421 34.82 -62.56 0.55
C SER A 421 33.46 -61.97 0.90
N GLU A 422 33.48 -60.71 1.31
CA GLU A 422 32.25 -60.02 1.69
C GLU A 422 32.22 -58.56 1.22
N THR A 423 33.20 -58.11 0.45
CA THR A 423 33.30 -56.71 0.05
C THR A 423 33.75 -56.66 -1.40
N ASP A 424 33.20 -55.71 -2.16
CA ASP A 424 33.63 -55.52 -3.54
C ASP A 424 35.05 -55.00 -3.62
N ALA A 425 35.53 -54.31 -2.59
CA ALA A 425 36.95 -53.97 -2.52
C ALA A 425 37.80 -55.22 -2.29
N GLU A 426 37.33 -56.10 -1.40
CA GLU A 426 37.96 -57.41 -1.23
C GLU A 426 37.90 -58.21 -2.52
N ALA A 427 36.77 -58.15 -3.22
CA ALA A 427 36.64 -58.87 -4.48
C ALA A 427 37.56 -58.31 -5.54
N GLN A 428 37.78 -56.99 -5.53
CA GLN A 428 38.73 -56.37 -6.44
C GLN A 428 40.15 -56.80 -6.14
N ALA A 429 40.51 -56.86 -4.85
CA ALA A 429 41.83 -57.34 -4.48
C ALA A 429 42.01 -58.82 -4.82
N GLU A 430 40.94 -59.60 -4.67
CA GLU A 430 40.96 -61.00 -5.07
C GLU A 430 41.19 -61.15 -6.57
N LEU A 431 40.51 -60.34 -7.38
CA LEU A 431 40.70 -60.40 -8.83
C LEU A 431 42.08 -59.94 -9.24
N MET A 432 42.64 -58.95 -8.55
CA MET A 432 44.01 -58.55 -8.82
C MET A 432 45.00 -59.63 -8.44
N SER A 433 44.69 -60.42 -7.41
CA SER A 433 45.51 -61.59 -7.12
C SER A 433 45.33 -62.68 -8.16
N LYS A 434 44.12 -62.81 -8.71
CA LYS A 434 43.83 -63.88 -9.67
C LYS A 434 44.50 -63.63 -11.00
N PHE A 435 44.13 -62.53 -11.67
CA PHE A 435 44.58 -62.29 -13.02
C PHE A 435 44.84 -60.80 -13.22
N LYS A 436 45.43 -60.47 -14.36
CA LYS A 436 45.78 -59.09 -14.67
C LYS A 436 44.57 -58.40 -15.28
N LEU A 437 44.05 -57.40 -14.58
CA LEU A 437 42.86 -56.68 -15.03
C LEU A 437 43.03 -55.20 -14.77
N SER A 438 42.06 -54.43 -15.25
CA SER A 438 41.90 -53.04 -14.84
C SER A 438 40.83 -52.95 -13.77
N GLU A 439 40.78 -51.78 -13.13
CA GLU A 439 39.71 -51.49 -12.19
C GLU A 439 38.35 -51.51 -12.89
N ARG A 440 38.30 -50.86 -14.05
CA ARG A 440 37.11 -50.91 -14.90
C ARG A 440 36.82 -52.34 -15.34
N GLN A 441 37.86 -53.10 -15.68
CA GLN A 441 37.68 -54.48 -16.09
C GLN A 441 37.16 -55.34 -14.95
N SER A 442 37.73 -55.17 -13.75
CA SER A 442 37.28 -55.91 -12.59
C SER A 442 35.82 -55.60 -12.26
N GLN A 443 35.45 -54.33 -12.31
CA GLN A 443 34.08 -53.95 -11.96
C GLN A 443 33.10 -54.35 -13.05
N ALA A 444 33.54 -54.41 -14.30
CA ALA A 444 32.65 -54.89 -15.36
C ALA A 444 32.46 -56.39 -15.28
N ILE A 445 33.49 -57.12 -14.84
CA ILE A 445 33.32 -58.54 -14.59
C ILE A 445 32.43 -58.76 -13.37
N LEU A 446 32.47 -57.83 -12.40
CA LEU A 446 31.48 -57.82 -11.34
C LEU A 446 30.09 -57.53 -11.87
N ASP A 447 30.00 -56.83 -12.99
CA ASP A 447 28.71 -56.58 -13.65
C ASP A 447 28.36 -57.75 -14.55
N MET A 448 28.02 -58.87 -13.91
CA MET A 448 27.64 -60.09 -14.61
C MET A 448 26.55 -60.80 -13.81
N ARG A 449 25.32 -60.79 -14.31
CA ARG A 449 24.26 -61.61 -13.75
C ARG A 449 24.40 -63.04 -14.24
N LEU A 450 23.42 -63.90 -13.92
CA LEU A 450 23.54 -65.31 -14.26
C LEU A 450 23.34 -65.57 -15.75
N ARG A 451 22.65 -64.64 -16.44
CA ARG A 451 22.53 -64.67 -17.90
C ARG A 451 23.88 -64.67 -18.61
N ARG A 452 24.92 -64.17 -17.94
CA ARG A 452 26.28 -64.10 -18.44
C ARG A 452 27.01 -65.44 -18.33
N LEU A 453 26.35 -66.50 -17.86
CA LEU A 453 27.04 -67.74 -17.52
C LEU A 453 26.85 -68.82 -18.57
N THR A 454 26.82 -68.43 -19.84
CA THR A 454 26.71 -69.37 -20.95
C THR A 454 28.00 -69.41 -21.74
N GLY A 455 28.03 -70.29 -22.73
CA GLY A 455 29.23 -70.49 -23.52
C GLY A 455 29.13 -70.03 -24.96
N LEU A 456 27.90 -69.87 -25.45
CA LEU A 456 27.71 -69.34 -26.81
C LEU A 456 28.09 -67.87 -26.87
N GLU A 457 27.73 -67.11 -25.83
CA GLU A 457 28.06 -65.70 -25.78
C GLU A 457 29.56 -65.48 -25.59
N ARG A 458 30.26 -66.48 -25.02
CA ARG A 458 31.72 -66.45 -25.02
C ARG A 458 32.27 -66.39 -26.44
N ASP A 459 31.75 -67.26 -27.31
CA ASP A 459 32.15 -67.27 -28.71
C ASP A 459 31.73 -65.99 -29.42
N LYS A 460 30.59 -65.41 -29.02
CA LYS A 460 30.14 -64.17 -29.64
C LYS A 460 31.05 -63.00 -29.27
N ILE A 461 31.44 -62.92 -28.00
CA ILE A 461 32.37 -61.88 -27.56
C ILE A 461 33.74 -62.08 -28.19
N GLN A 462 34.17 -63.34 -28.35
CA GLN A 462 35.43 -63.62 -29.02
C GLN A 462 35.39 -63.23 -30.49
N SER A 463 34.25 -63.45 -31.14
CA SER A 463 34.10 -63.09 -32.55
C SER A 463 34.14 -61.59 -32.74
N GLU A 464 33.39 -60.85 -31.91
CA GLU A 464 33.43 -59.39 -32.04
C GLU A 464 34.77 -58.84 -31.58
N TYR A 465 35.45 -59.55 -30.68
CA TYR A 465 36.79 -59.17 -30.25
C TYR A 465 37.80 -59.28 -31.39
N ASP A 466 37.74 -60.38 -32.15
CA ASP A 466 38.62 -60.51 -33.30
C ASP A 466 38.23 -59.55 -34.41
N ASP A 467 36.92 -59.27 -34.55
CA ASP A 467 36.46 -58.24 -35.49
C ASP A 467 37.02 -56.88 -35.13
N LEU A 468 37.00 -56.54 -33.85
CA LEU A 468 37.47 -55.24 -33.40
C LEU A 468 38.98 -55.14 -33.52
N LEU A 469 39.70 -56.23 -33.25
CA LEU A 469 41.14 -56.26 -33.46
C LEU A 469 41.49 -56.09 -34.93
N ALA A 470 40.71 -56.73 -35.82
CA ALA A 470 40.92 -56.58 -37.26
C ALA A 470 40.66 -55.14 -37.70
N LEU A 471 39.63 -54.51 -37.14
CA LEU A 471 39.34 -53.13 -37.51
C LEU A 471 40.38 -52.16 -36.95
N ILE A 472 40.92 -52.44 -35.77
CA ILE A 472 42.01 -51.64 -35.20
C ILE A 472 43.26 -51.75 -36.06
N ALA A 473 43.61 -52.98 -36.48
CA ALA A 473 44.76 -53.17 -37.37
C ALA A 473 44.53 -52.52 -38.73
N ASP A 474 43.28 -52.52 -39.20
CA ASP A 474 42.94 -51.82 -40.43
C ASP A 474 43.15 -50.31 -40.30
N LEU A 475 42.71 -49.73 -39.18
CA LEU A 475 42.88 -48.30 -38.97
C LEU A 475 44.36 -47.94 -38.77
N ALA A 476 45.13 -48.82 -38.15
CA ALA A 476 46.57 -48.58 -38.01
C ALA A 476 47.27 -48.63 -39.36
N ASP A 477 46.88 -49.58 -40.21
CA ASP A 477 47.47 -49.67 -41.54
C ASP A 477 47.04 -48.51 -42.42
N ILE A 478 45.81 -48.01 -42.24
CA ILE A 478 45.36 -46.81 -42.92
C ILE A 478 46.17 -45.60 -42.46
N LEU A 479 46.48 -45.54 -41.16
CA LEU A 479 47.32 -44.46 -40.66
C LEU A 479 48.75 -44.58 -41.18
N ALA A 480 49.20 -45.79 -41.50
CA ALA A 480 50.44 -45.94 -42.26
C ALA A 480 50.17 -46.04 -43.76
N LYS A 481 49.34 -45.14 -44.29
CA LYS A 481 48.99 -45.00 -45.70
C LYS A 481 48.58 -43.58 -46.02
N PRO A 482 49.38 -42.84 -46.80
CA PRO A 482 48.97 -41.48 -47.15
C PRO A 482 47.86 -41.44 -48.19
N GLU A 483 47.90 -42.33 -49.17
CA GLU A 483 46.96 -42.30 -50.28
C GLU A 483 45.57 -42.76 -49.87
N ARG A 484 45.48 -43.58 -48.81
CA ARG A 484 44.20 -44.08 -48.33
C ARG A 484 43.29 -42.95 -47.86
N VAL A 485 43.89 -41.91 -47.31
CA VAL A 485 43.14 -40.72 -46.90
C VAL A 485 42.49 -40.08 -48.11
N SER A 486 43.25 -39.93 -49.19
CA SER A 486 42.72 -39.41 -50.44
C SER A 486 41.65 -40.32 -51.02
N GLN A 487 41.77 -41.63 -50.79
CA GLN A 487 40.75 -42.55 -51.25
C GLN A 487 39.46 -42.38 -50.47
N ILE A 488 39.56 -42.11 -49.17
CA ILE A 488 38.37 -41.81 -48.36
C ILE A 488 37.72 -40.50 -48.81
N ILE A 489 38.56 -39.54 -49.21
CA ILE A 489 38.04 -38.29 -49.77
C ILE A 489 37.31 -38.56 -51.06
N LYS A 490 37.87 -39.44 -51.91
CA LYS A 490 37.19 -39.89 -53.12
C LYS A 490 35.88 -40.58 -52.80
N ASP A 491 35.84 -41.32 -51.69
CA ASP A 491 34.62 -42.02 -51.28
C ASP A 491 33.52 -41.03 -50.96
N GLU A 492 33.83 -40.01 -50.15
CA GLU A 492 32.81 -39.02 -49.81
C GLU A 492 32.41 -38.17 -51.02
N LEU A 493 33.36 -37.89 -51.91
CA LEU A 493 33.05 -37.22 -53.17
C LEU A 493 32.09 -38.05 -54.01
N ASP A 494 32.31 -39.35 -54.07
CA ASP A 494 31.42 -40.20 -54.86
C ASP A 494 30.07 -40.36 -54.19
N GLU A 495 30.05 -40.31 -52.86
CA GLU A 495 28.79 -40.30 -52.11
C GLU A 495 27.95 -39.09 -52.51
N VAL A 496 28.52 -37.90 -52.38
CA VAL A 496 27.75 -36.69 -52.71
C VAL A 496 27.55 -36.55 -54.21
N LYS A 497 28.33 -37.25 -55.02
CA LYS A 497 28.15 -37.20 -56.46
C LYS A 497 27.02 -38.10 -56.90
N ARG A 498 26.89 -39.28 -56.30
CA ARG A 498 25.73 -40.13 -56.52
C ARG A 498 24.47 -39.46 -55.99
N LYS A 499 24.60 -38.76 -54.85
CA LYS A 499 23.44 -38.10 -54.30
C LYS A 499 23.06 -36.87 -55.11
N PHE A 500 24.02 -36.06 -55.51
CA PHE A 500 23.68 -34.81 -56.19
C PHE A 500 24.70 -34.48 -57.26
N SER A 501 24.21 -33.70 -58.23
CA SER A 501 25.04 -33.11 -59.28
C SER A 501 24.33 -31.87 -59.78
N ASP A 502 25.04 -31.05 -60.55
CA ASP A 502 24.43 -29.88 -61.15
C ASP A 502 25.20 -29.52 -62.40
N LYS A 503 24.47 -28.99 -63.38
CA LYS A 503 25.04 -28.59 -64.66
C LYS A 503 25.26 -27.09 -64.69
N ARG A 504 25.87 -26.62 -65.79
CA ARG A 504 26.11 -25.20 -65.98
C ARG A 504 24.83 -24.56 -66.53
N ARG A 505 24.00 -24.07 -65.62
CA ARG A 505 22.83 -23.30 -66.04
C ARG A 505 23.24 -21.98 -66.67
N THR A 506 24.35 -21.41 -66.22
CA THR A 506 24.85 -20.15 -66.76
C THR A 506 25.51 -20.44 -68.09
N GLU A 507 24.82 -20.13 -69.18
CA GLU A 507 25.31 -20.39 -70.53
C GLU A 507 26.29 -19.31 -70.92
N LEU A 508 27.57 -19.68 -71.03
CA LEU A 508 28.64 -18.72 -71.25
C LEU A 508 29.30 -19.00 -72.60
N MET A 509 29.26 -18.01 -73.49
CA MET A 509 30.01 -18.03 -74.72
C MET A 509 31.17 -17.05 -74.62
N VAL A 510 32.31 -17.44 -75.16
CA VAL A 510 33.53 -16.65 -75.06
C VAL A 510 34.05 -16.30 -76.45
N LEU B 30 -44.33 -31.14 -30.12
CA LEU B 30 -43.51 -30.92 -28.93
C LEU B 30 -42.88 -32.23 -28.45
N VAL B 31 -43.60 -32.94 -27.58
CA VAL B 31 -43.08 -34.16 -26.98
C VAL B 31 -43.28 -35.32 -27.94
N ASN B 32 -44.54 -35.66 -28.21
CA ASN B 32 -44.97 -36.71 -29.15
C ASN B 32 -44.37 -38.07 -28.82
N VAL B 33 -44.06 -38.31 -27.56
CA VAL B 33 -43.47 -39.58 -27.13
C VAL B 33 -44.60 -40.51 -26.75
N ASN B 34 -44.71 -41.62 -27.46
CA ASN B 34 -45.86 -42.51 -27.37
C ASN B 34 -45.61 -43.71 -26.44
N LEU B 35 -44.38 -44.19 -26.37
CA LEU B 35 -44.06 -45.36 -25.56
C LEU B 35 -44.04 -44.97 -24.09
N THR B 36 -45.02 -45.46 -23.33
CA THR B 36 -45.06 -45.21 -21.90
C THR B 36 -43.97 -45.95 -21.16
N LYS B 37 -43.47 -47.05 -21.71
CA LYS B 37 -42.45 -47.86 -21.04
C LYS B 37 -41.15 -47.10 -20.90
N GLU B 38 -40.69 -46.47 -21.98
CA GLU B 38 -39.46 -45.69 -21.91
C GLU B 38 -39.66 -44.43 -21.08
N MET B 39 -40.88 -43.89 -21.06
CA MET B 39 -41.20 -42.80 -20.15
C MET B 39 -41.03 -43.22 -18.71
N LYS B 40 -41.54 -44.41 -18.35
CA LYS B 40 -41.41 -44.92 -16.99
C LYS B 40 -39.97 -45.22 -16.64
N ALA B 41 -39.21 -45.79 -17.58
CA ALA B 41 -37.81 -46.13 -17.31
C ALA B 41 -36.95 -44.89 -17.16
N SER B 42 -37.12 -43.93 -18.07
CA SER B 42 -36.46 -42.64 -17.96
C SER B 42 -36.90 -41.89 -16.70
N PHE B 43 -38.14 -42.10 -16.26
CA PHE B 43 -38.62 -41.44 -15.05
C PHE B 43 -38.02 -42.05 -13.79
N ILE B 44 -37.83 -43.37 -13.79
CA ILE B 44 -37.15 -44.01 -12.67
C ILE B 44 -35.70 -43.59 -12.60
N ASP B 45 -35.02 -43.54 -13.76
CA ASP B 45 -33.65 -43.04 -13.80
C ASP B 45 -33.59 -41.58 -13.41
N TYR B 46 -34.62 -40.80 -13.79
CA TYR B 46 -34.75 -39.39 -13.40
C TYR B 46 -34.80 -39.24 -11.89
N ALA B 47 -35.72 -39.98 -11.26
CA ALA B 47 -35.92 -39.89 -9.81
C ALA B 47 -34.68 -40.33 -9.05
N MET B 48 -34.17 -41.53 -9.39
CA MET B 48 -33.01 -42.06 -8.68
C MET B 48 -31.76 -41.24 -8.94
N SER B 49 -31.64 -40.63 -10.12
CA SER B 49 -30.47 -39.83 -10.42
C SER B 49 -30.52 -38.49 -9.69
N VAL B 50 -31.71 -37.91 -9.55
CA VAL B 50 -31.84 -36.69 -8.75
C VAL B 50 -31.59 -37.00 -7.28
N ILE B 51 -31.96 -38.21 -6.84
CA ILE B 51 -31.58 -38.68 -5.51
C ILE B 51 -30.06 -38.72 -5.36
N VAL B 52 -29.40 -39.50 -6.23
CA VAL B 52 -27.96 -39.75 -6.16
C VAL B 52 -27.15 -38.47 -6.30
N ALA B 53 -27.66 -37.51 -7.07
CA ALA B 53 -26.93 -36.28 -7.36
C ALA B 53 -26.72 -35.44 -6.11
N ARG B 54 -27.80 -35.01 -5.46
CA ARG B 54 -27.67 -34.10 -4.34
C ARG B 54 -27.49 -34.89 -3.04
N ALA B 55 -27.52 -34.19 -1.91
CA ALA B 55 -26.97 -34.70 -0.65
C ALA B 55 -27.80 -35.85 -0.09
N LEU B 56 -27.11 -36.89 0.37
CA LEU B 56 -27.78 -38.10 0.79
C LEU B 56 -27.18 -38.62 2.08
N PRO B 57 -27.99 -39.26 2.92
CA PRO B 57 -27.45 -39.94 4.11
C PRO B 57 -26.76 -41.25 3.75
N ASP B 58 -25.48 -41.15 3.41
CA ASP B 58 -24.77 -42.30 2.90
C ASP B 58 -24.43 -43.27 4.04
N VAL B 59 -23.85 -44.40 3.65
CA VAL B 59 -23.39 -45.37 4.64
C VAL B 59 -22.15 -44.85 5.36
N ARG B 60 -21.22 -44.29 4.60
CA ARG B 60 -19.86 -44.11 5.08
C ARG B 60 -19.41 -42.67 5.19
N ASP B 61 -20.04 -41.74 4.48
CA ASP B 61 -19.68 -40.34 4.66
C ASP B 61 -20.87 -39.41 4.79
N GLY B 62 -22.07 -39.83 4.40
CA GLY B 62 -23.22 -38.94 4.40
C GLY B 62 -23.13 -37.79 3.42
N LEU B 63 -22.19 -37.81 2.49
CA LEU B 63 -21.85 -36.58 1.80
C LEU B 63 -22.57 -36.48 0.47
N LYS B 64 -22.34 -35.37 -0.18
CA LYS B 64 -22.57 -35.27 -1.60
C LYS B 64 -21.47 -36.01 -2.33
N PRO B 65 -21.73 -36.52 -3.53
CA PRO B 65 -20.65 -37.12 -4.32
C PRO B 65 -19.61 -36.09 -4.75
N VAL B 66 -20.01 -34.84 -4.85
CA VAL B 66 -19.09 -33.76 -5.22
C VAL B 66 -18.06 -33.55 -4.12
N HIS B 67 -18.46 -33.76 -2.87
CA HIS B 67 -17.54 -33.70 -1.74
C HIS B 67 -16.44 -34.75 -1.91
N ARG B 68 -16.87 -35.98 -2.21
CA ARG B 68 -15.96 -37.07 -2.52
C ARG B 68 -15.04 -36.73 -3.68
N ARG B 69 -15.56 -36.04 -4.68
CA ARG B 69 -14.76 -35.61 -5.81
C ARG B 69 -13.67 -34.64 -5.35
N ILE B 70 -14.06 -33.67 -4.52
CA ILE B 70 -13.11 -32.69 -3.97
C ILE B 70 -12.00 -33.38 -3.22
N LEU B 71 -12.38 -34.32 -2.36
CA LEU B 71 -11.41 -34.97 -1.50
C LEU B 71 -10.47 -35.86 -2.30
N TYR B 72 -11.02 -36.61 -3.26
CA TYR B 72 -10.19 -37.53 -4.00
C TYR B 72 -9.27 -36.79 -4.96
N GLY B 73 -9.73 -35.64 -5.47
CA GLY B 73 -8.86 -34.83 -6.31
C GLY B 73 -7.76 -34.15 -5.52
N MET B 74 -8.11 -33.60 -4.35
CA MET B 74 -7.10 -33.00 -3.48
C MET B 74 -6.09 -34.03 -3.01
N ASN B 75 -6.52 -35.27 -2.80
CA ASN B 75 -5.60 -36.31 -2.37
C ASN B 75 -4.68 -36.73 -3.51
N GLU B 76 -5.25 -37.12 -4.64
CA GLU B 76 -4.42 -37.66 -5.70
C GLU B 76 -3.71 -36.59 -6.51
N LEU B 77 -3.92 -35.31 -6.22
CA LEU B 77 -2.95 -34.32 -6.66
C LEU B 77 -1.87 -34.07 -5.62
N GLY B 78 -2.03 -34.61 -4.42
CA GLY B 78 -1.01 -34.47 -3.40
C GLY B 78 -0.84 -33.07 -2.85
N VAL B 79 -1.92 -32.28 -2.81
CA VAL B 79 -1.84 -30.90 -2.35
C VAL B 79 -2.01 -30.95 -0.84
N THR B 80 -0.89 -31.00 -0.14
CA THR B 80 -0.90 -31.11 1.31
C THR B 80 -1.02 -29.72 1.94
N PRO B 81 -1.47 -29.65 3.19
CA PRO B 81 -1.25 -28.42 3.98
C PRO B 81 0.20 -28.23 4.37
N ASP B 82 1.05 -29.25 4.21
CA ASP B 82 2.48 -29.12 4.40
C ASP B 82 3.06 -28.13 3.40
N LYS B 83 2.76 -28.34 2.13
CA LYS B 83 3.14 -27.43 1.08
C LYS B 83 2.33 -26.13 1.18
N PRO B 84 2.82 -25.02 0.59
CA PRO B 84 2.06 -23.75 0.69
C PRO B 84 0.76 -23.70 -0.08
N HIS B 85 0.12 -22.53 -0.05
CA HIS B 85 -1.23 -22.31 -0.57
C HIS B 85 -1.25 -22.41 -2.09
N LYS B 86 -2.45 -22.50 -2.66
CA LYS B 86 -2.55 -22.59 -4.10
C LYS B 86 -3.87 -21.97 -4.57
N LYS B 87 -3.82 -21.34 -5.75
CA LYS B 87 -5.02 -20.90 -6.45
C LYS B 87 -5.92 -22.08 -6.73
N SER B 88 -7.16 -22.01 -6.25
CA SER B 88 -8.01 -23.19 -6.15
C SER B 88 -9.07 -23.28 -7.25
N ALA B 89 -9.36 -22.19 -7.96
CA ALA B 89 -10.26 -22.29 -9.10
C ALA B 89 -9.61 -23.06 -10.24
N ARG B 90 -8.28 -22.97 -10.35
CA ARG B 90 -7.54 -23.84 -11.26
C ARG B 90 -7.73 -25.30 -10.89
N ILE B 91 -7.67 -25.61 -9.60
CA ILE B 91 -7.87 -26.97 -9.12
C ILE B 91 -9.32 -27.41 -9.37
N THR B 92 -10.24 -26.46 -9.24
CA THR B 92 -11.66 -26.70 -9.51
C THR B 92 -11.88 -27.11 -10.95
N GLY B 93 -11.29 -26.35 -11.88
CA GLY B 93 -11.36 -26.69 -13.28
C GLY B 93 -10.64 -27.99 -13.62
N ASP B 94 -9.55 -28.29 -12.92
CA ASP B 94 -8.84 -29.55 -13.12
C ASP B 94 -9.73 -30.74 -12.75
N VAL B 95 -10.39 -30.66 -11.61
CA VAL B 95 -11.26 -31.74 -11.18
C VAL B 95 -12.50 -31.83 -12.07
N MET B 96 -13.00 -30.66 -12.49
CA MET B 96 -14.14 -30.61 -13.41
C MET B 96 -13.80 -31.25 -14.75
N GLY B 97 -12.57 -31.07 -15.22
CA GLY B 97 -12.16 -31.67 -16.47
C GLY B 97 -11.80 -33.13 -16.34
N LYS B 98 -11.31 -33.55 -15.17
CA LYS B 98 -11.10 -34.97 -14.95
C LYS B 98 -12.41 -35.71 -14.75
N TYR B 99 -13.47 -35.00 -14.42
CA TYR B 99 -14.80 -35.56 -14.22
C TYR B 99 -15.76 -34.99 -15.24
N HIS B 100 -17.04 -35.21 -15.00
CA HIS B 100 -18.08 -34.87 -15.94
C HIS B 100 -18.20 -33.35 -16.14
N PRO B 101 -18.83 -32.91 -17.26
CA PRO B 101 -18.93 -31.47 -17.52
C PRO B 101 -19.99 -30.71 -16.73
N HIS B 102 -20.37 -31.21 -15.55
CA HIS B 102 -21.38 -30.67 -14.65
C HIS B 102 -21.21 -29.18 -14.31
N GLY B 103 -22.28 -28.56 -13.80
CA GLY B 103 -22.30 -27.11 -13.64
C GLY B 103 -21.49 -26.60 -12.45
N ASP B 104 -20.98 -25.38 -12.60
CA ASP B 104 -20.00 -24.82 -11.68
C ASP B 104 -20.59 -24.42 -10.34
N SER B 105 -21.91 -24.25 -10.29
CA SER B 105 -22.57 -23.57 -9.18
C SER B 105 -22.39 -24.32 -7.88
N SER B 106 -22.94 -25.53 -7.80
CA SER B 106 -22.86 -26.35 -6.59
C SER B 106 -21.42 -26.74 -6.27
N ILE B 107 -20.57 -26.81 -7.29
CA ILE B 107 -19.15 -27.07 -7.09
C ILE B 107 -18.53 -25.98 -6.23
N TYR B 108 -18.65 -24.72 -6.69
CA TYR B 108 -18.06 -23.62 -5.94
C TYR B 108 -18.78 -23.39 -4.63
N GLU B 109 -20.07 -23.73 -4.56
CA GLU B 109 -20.83 -23.69 -3.32
C GLU B 109 -20.22 -24.60 -2.26
N ALA B 110 -20.03 -25.88 -2.59
CA ALA B 110 -19.47 -26.80 -1.62
C ALA B 110 -18.02 -26.51 -1.32
N MET B 111 -17.29 -25.95 -2.31
CA MET B 111 -15.96 -25.42 -2.08
C MET B 111 -15.95 -24.40 -0.97
N VAL B 112 -16.91 -23.48 -0.99
CA VAL B 112 -17.00 -22.50 0.08
C VAL B 112 -17.43 -23.16 1.38
N ARG B 113 -18.45 -24.03 1.31
CA ARG B 113 -19.08 -24.59 2.51
C ARG B 113 -18.11 -25.43 3.33
N MET B 114 -17.28 -26.24 2.70
CA MET B 114 -16.30 -27.00 3.48
C MET B 114 -15.07 -26.17 3.83
N ALA B 115 -15.03 -24.90 3.44
CA ALA B 115 -14.06 -23.94 3.94
C ALA B 115 -14.63 -23.03 5.01
N GLN B 116 -15.95 -22.94 5.12
CA GLN B 116 -16.59 -22.15 6.17
C GLN B 116 -16.31 -22.78 7.52
N TRP B 117 -15.60 -22.04 8.38
CA TRP B 117 -15.24 -22.59 9.68
C TRP B 117 -16.44 -22.66 10.61
N TRP B 118 -17.38 -21.73 10.50
CA TRP B 118 -18.41 -21.59 11.50
C TRP B 118 -19.60 -22.50 11.24
N SER B 119 -19.84 -22.83 9.97
CA SER B 119 -21.07 -23.52 9.63
C SER B 119 -20.94 -25.02 9.90
N TYR B 120 -20.02 -25.67 9.20
CA TYR B 120 -19.68 -27.05 9.55
C TYR B 120 -18.81 -27.03 10.80
N ARG B 121 -19.09 -27.99 11.70
CA ARG B 121 -18.44 -28.02 12.99
C ARG B 121 -16.95 -28.33 12.88
N TYR B 122 -16.52 -28.98 11.80
CA TYR B 122 -15.16 -29.45 11.73
C TYR B 122 -14.50 -28.88 10.48
N MET B 123 -13.17 -28.82 10.53
CA MET B 123 -12.38 -28.10 9.54
C MET B 123 -11.95 -29.02 8.41
N LEU B 124 -12.25 -28.63 7.17
CA LEU B 124 -11.84 -29.39 6.00
C LEU B 124 -10.95 -28.59 5.06
N VAL B 125 -11.37 -27.40 4.66
CA VAL B 125 -10.67 -26.62 3.65
C VAL B 125 -10.20 -25.33 4.31
N ASP B 126 -8.93 -25.03 4.14
CA ASP B 126 -8.32 -23.85 4.76
C ASP B 126 -8.21 -22.76 3.69
N GLY B 127 -9.25 -21.95 3.57
CA GLY B 127 -9.25 -20.87 2.61
C GLY B 127 -8.34 -19.72 3.01
N HIS B 128 -8.26 -18.71 2.14
CA HIS B 128 -7.45 -17.54 2.46
C HIS B 128 -8.10 -16.22 2.11
N GLY B 129 -9.29 -16.22 1.52
CA GLY B 129 -9.81 -14.99 0.95
C GLY B 129 -11.03 -14.38 1.61
N ASN B 130 -12.02 -14.05 0.78
CA ASN B 130 -13.15 -13.22 1.16
C ASN B 130 -14.41 -14.09 1.23
N PHE B 131 -15.04 -14.12 2.38
CA PHE B 131 -16.16 -15.03 2.58
C PHE B 131 -17.40 -14.37 3.15
N GLY B 132 -17.25 -13.42 4.07
CA GLY B 132 -18.37 -12.96 4.88
C GLY B 132 -18.53 -13.82 6.11
N SER B 133 -18.73 -13.21 7.28
CA SER B 133 -18.49 -13.96 8.52
C SER B 133 -19.65 -14.87 8.88
N MET B 134 -20.79 -14.28 9.29
CA MET B 134 -22.01 -15.07 9.42
C MET B 134 -23.26 -14.26 9.15
N ASP B 135 -23.15 -13.17 8.38
CA ASP B 135 -24.27 -12.24 8.34
C ASP B 135 -24.77 -11.96 6.93
N GLY B 136 -25.01 -13.03 6.17
CA GLY B 136 -25.78 -12.91 4.94
C GLY B 136 -25.05 -12.30 3.77
N ASP B 137 -23.73 -12.25 3.81
CA ASP B 137 -22.93 -11.72 2.70
C ASP B 137 -21.95 -12.80 2.27
N SER B 138 -22.42 -13.69 1.41
CA SER B 138 -21.59 -14.77 0.88
C SER B 138 -20.67 -14.18 -0.17
N ALA B 139 -19.45 -13.83 0.23
CA ALA B 139 -18.49 -13.27 -0.71
C ALA B 139 -17.95 -14.38 -1.61
N ALA B 140 -18.09 -14.19 -2.91
CA ALA B 140 -17.83 -15.23 -3.89
C ALA B 140 -16.72 -14.84 -4.85
N ALA B 141 -15.59 -14.38 -4.30
CA ALA B 141 -14.47 -13.92 -5.12
C ALA B 141 -13.78 -15.11 -5.79
N GLN B 142 -14.26 -15.45 -6.98
CA GLN B 142 -13.74 -16.61 -7.70
C GLN B 142 -12.32 -16.40 -8.18
N ARG B 143 -11.94 -15.14 -8.40
CA ARG B 143 -10.55 -14.83 -8.75
C ARG B 143 -9.62 -15.05 -7.57
N TYR B 144 -10.12 -14.81 -6.35
CA TYR B 144 -9.29 -14.82 -5.16
C TYR B 144 -9.28 -16.19 -4.49
N THR B 145 -9.69 -17.22 -5.21
CA THR B 145 -9.92 -18.55 -4.62
C THR B 145 -8.58 -19.21 -4.38
N GLU B 146 -8.01 -18.93 -3.22
CA GLU B 146 -6.69 -19.40 -2.84
C GLU B 146 -6.80 -20.10 -1.50
N ALA B 147 -6.31 -21.34 -1.42
CA ALA B 147 -6.64 -22.18 -0.28
C ALA B 147 -5.63 -23.31 -0.11
N ARG B 148 -5.89 -24.10 0.92
CA ARG B 148 -5.32 -25.41 1.20
C ARG B 148 -6.45 -26.25 1.78
N MET B 149 -6.10 -27.36 2.40
CA MET B 149 -7.04 -28.21 3.11
C MET B 149 -6.64 -28.28 4.58
N SER B 150 -7.38 -29.11 5.35
CA SER B 150 -7.06 -29.34 6.75
C SER B 150 -6.29 -30.66 6.88
N LYS B 151 -5.85 -30.95 8.10
CA LYS B 151 -5.05 -32.14 8.36
C LYS B 151 -5.88 -33.36 8.73
N ILE B 152 -7.20 -33.29 8.54
CA ILE B 152 -8.06 -34.39 8.96
C ILE B 152 -8.31 -35.38 7.84
N ALA B 153 -7.98 -35.03 6.60
CA ALA B 153 -8.08 -36.01 5.53
C ALA B 153 -7.03 -37.11 5.67
N LEU B 154 -5.92 -36.79 6.34
CA LEU B 154 -4.92 -37.78 6.72
C LEU B 154 -5.51 -38.82 7.67
N GLU B 155 -6.52 -38.46 8.46
CA GLU B 155 -7.22 -39.51 9.16
C GLU B 155 -8.33 -40.10 8.30
N MET B 156 -8.86 -39.32 7.35
CA MET B 156 -10.02 -39.74 6.57
C MET B 156 -9.72 -40.91 5.66
N LEU B 157 -8.80 -40.72 4.72
CA LEU B 157 -8.62 -41.82 3.78
C LEU B 157 -7.20 -41.86 3.27
N ARG B 158 -6.67 -43.09 3.17
CA ARG B 158 -5.32 -43.33 2.69
C ARG B 158 -5.29 -44.46 1.68
N ASP B 159 -6.38 -44.69 0.94
CA ASP B 159 -6.45 -45.85 0.05
C ASP B 159 -5.59 -45.70 -1.18
N ILE B 160 -4.27 -45.79 -1.04
CA ILE B 160 -3.40 -45.82 -2.20
C ILE B 160 -3.26 -47.28 -2.60
N ASN B 161 -2.72 -48.08 -1.71
CA ASN B 161 -2.53 -49.51 -1.94
C ASN B 161 -3.74 -50.31 -1.50
N LYS B 162 -4.75 -49.66 -0.95
CA LYS B 162 -5.76 -50.34 -0.14
C LYS B 162 -6.89 -50.73 -1.06
N ASN B 163 -7.00 -52.03 -1.33
CA ASN B 163 -8.07 -52.54 -2.17
C ASN B 163 -9.37 -52.42 -1.42
N THR B 164 -10.07 -51.31 -1.64
CA THR B 164 -11.28 -51.01 -0.88
C THR B 164 -12.51 -50.86 -1.77
N VAL B 165 -12.48 -49.98 -2.78
CA VAL B 165 -13.69 -49.42 -3.38
C VAL B 165 -13.61 -49.56 -4.89
N ASP B 166 -14.73 -49.98 -5.50
CA ASP B 166 -14.87 -50.03 -6.95
C ASP B 166 -14.78 -48.63 -7.57
N PHE B 167 -14.49 -48.59 -8.86
CA PHE B 167 -14.32 -47.35 -9.60
C PHE B 167 -15.22 -47.35 -10.82
N VAL B 168 -15.61 -46.14 -11.23
CA VAL B 168 -16.43 -45.91 -12.41
C VAL B 168 -15.63 -45.00 -13.35
N ASP B 169 -15.77 -45.22 -14.66
CA ASP B 169 -14.91 -44.63 -15.67
C ASP B 169 -15.67 -43.64 -16.55
N ASN B 170 -15.00 -42.54 -16.94
CA ASN B 170 -15.72 -41.36 -17.40
C ASN B 170 -15.48 -40.93 -18.86
N TYR B 171 -14.26 -40.57 -19.25
CA TYR B 171 -14.05 -39.83 -20.51
C TYR B 171 -13.78 -40.85 -21.60
N ASP B 172 -14.83 -41.15 -22.38
CA ASP B 172 -14.95 -42.42 -23.14
C ASP B 172 -14.72 -43.63 -22.24
N ALA B 173 -15.16 -43.53 -20.98
CA ALA B 173 -15.05 -44.55 -19.94
C ALA B 173 -13.60 -45.01 -19.74
N ASN B 174 -12.76 -44.10 -19.24
CA ASN B 174 -11.40 -44.49 -18.92
C ASN B 174 -10.99 -44.31 -17.46
N GLU B 175 -11.21 -43.14 -16.85
CA GLU B 175 -10.50 -42.77 -15.63
C GLU B 175 -11.35 -43.05 -14.39
N ARG B 176 -10.68 -43.49 -13.32
CA ARG B 176 -11.34 -43.97 -12.11
C ARG B 176 -12.14 -42.87 -11.42
N GLU B 177 -13.17 -43.30 -10.69
CA GLU B 177 -13.82 -42.49 -9.66
C GLU B 177 -14.39 -43.45 -8.61
N PRO B 178 -14.03 -43.28 -7.34
CA PRO B 178 -14.48 -44.23 -6.31
C PRO B 178 -15.96 -44.09 -6.02
N LEU B 179 -16.57 -45.20 -5.65
CA LEU B 179 -17.98 -45.19 -5.25
C LEU B 179 -18.17 -44.45 -3.93
N VAL B 180 -17.57 -44.94 -2.85
CA VAL B 180 -17.84 -44.38 -1.53
C VAL B 180 -16.59 -43.75 -0.95
N LEU B 181 -16.74 -43.13 0.21
CA LEU B 181 -15.61 -42.65 1.01
C LEU B 181 -15.48 -43.51 2.25
N PRO B 182 -14.64 -44.53 2.23
CA PRO B 182 -14.35 -45.26 3.45
C PRO B 182 -13.51 -44.41 4.39
N ALA B 183 -13.49 -44.83 5.65
CA ALA B 183 -12.72 -44.13 6.68
C ALA B 183 -12.50 -45.08 7.84
N ARG B 184 -11.80 -44.60 8.86
CA ARG B 184 -11.72 -45.28 10.14
C ARG B 184 -12.52 -44.55 11.19
N PHE B 185 -13.41 -43.67 10.75
CA PHE B 185 -13.88 -42.55 11.56
C PHE B 185 -15.34 -42.24 11.27
N PRO B 186 -16.21 -42.24 12.27
CA PRO B 186 -17.55 -41.68 12.05
C PRO B 186 -17.59 -40.19 12.29
N ASN B 187 -16.61 -39.46 11.75
CA ASN B 187 -16.58 -38.01 11.92
C ASN B 187 -17.76 -37.36 11.23
N LEU B 188 -18.14 -37.88 10.07
CA LEU B 188 -19.12 -37.22 9.25
C LEU B 188 -20.54 -37.58 9.70
N LEU B 189 -20.65 -38.62 10.52
CA LEU B 189 -21.81 -38.75 11.40
C LEU B 189 -21.95 -37.50 12.27
N VAL B 190 -20.85 -37.02 12.81
CA VAL B 190 -20.90 -35.97 13.83
C VAL B 190 -20.89 -34.60 13.16
N ASN B 191 -20.63 -34.56 11.85
CA ASN B 191 -20.64 -33.30 11.14
C ASN B 191 -22.05 -32.75 10.96
N GLY B 192 -22.90 -33.47 10.25
CA GLY B 192 -24.22 -32.96 9.94
C GLY B 192 -24.50 -32.91 8.45
N ALA B 193 -25.78 -33.02 8.07
CA ALA B 193 -26.12 -33.19 6.66
C ALA B 193 -27.22 -32.20 6.26
N THR B 194 -27.37 -32.00 4.94
CA THR B 194 -28.20 -30.94 4.38
C THR B 194 -29.12 -31.41 3.26
N GLY B 195 -29.55 -32.67 3.26
CA GLY B 195 -30.25 -33.19 2.08
C GLY B 195 -31.76 -33.20 2.21
N ILE B 196 -32.41 -32.19 1.65
CA ILE B 196 -33.78 -31.89 2.03
C ILE B 196 -34.73 -31.94 0.85
N ALA B 197 -34.51 -31.08 -0.14
CA ALA B 197 -35.55 -30.75 -1.11
C ALA B 197 -35.65 -31.74 -2.26
N VAL B 198 -34.93 -32.86 -2.20
CA VAL B 198 -34.84 -33.75 -3.36
C VAL B 198 -36.12 -34.56 -3.49
N GLY B 199 -36.36 -35.44 -2.53
CA GLY B 199 -37.61 -36.14 -2.44
C GLY B 199 -38.26 -35.71 -1.16
N MET B 200 -38.12 -36.54 -0.15
CA MET B 200 -38.43 -36.13 1.21
C MET B 200 -37.20 -35.52 1.86
N ALA B 201 -37.41 -34.91 3.01
CA ALA B 201 -36.38 -34.15 3.70
C ALA B 201 -35.69 -34.99 4.77
N THR B 202 -34.41 -34.70 4.97
CA THR B 202 -33.65 -35.25 6.09
C THR B 202 -32.42 -34.38 6.31
N ASN B 203 -31.77 -34.57 7.45
CA ASN B 203 -30.54 -33.89 7.80
C ASN B 203 -29.73 -34.79 8.72
N ILE B 204 -28.57 -34.30 9.13
CA ILE B 204 -27.90 -34.85 10.30
C ILE B 204 -27.51 -33.69 11.21
N PRO B 205 -28.12 -33.58 12.38
CA PRO B 205 -27.66 -32.61 13.36
C PRO B 205 -26.33 -33.05 13.96
N PRO B 206 -25.50 -32.11 14.36
CA PRO B 206 -24.17 -32.46 14.87
C PRO B 206 -24.10 -32.68 16.38
N HIS B 207 -23.11 -33.48 16.78
CA HIS B 207 -22.63 -33.62 18.15
C HIS B 207 -21.20 -33.08 18.22
N ASN B 208 -20.54 -33.32 19.35
CA ASN B 208 -19.09 -33.22 19.38
C ASN B 208 -18.53 -34.65 19.35
N LEU B 209 -17.21 -34.79 19.49
CA LEU B 209 -16.52 -36.02 19.17
C LEU B 209 -16.07 -36.86 20.37
N GLY B 210 -15.79 -36.24 21.51
CA GLY B 210 -15.09 -36.96 22.57
C GLY B 210 -15.95 -38.00 23.26
N GLU B 211 -17.12 -37.58 23.72
CA GLU B 211 -18.06 -38.55 24.30
C GLU B 211 -18.65 -39.46 23.23
N THR B 212 -18.61 -39.04 21.96
CA THR B 212 -18.93 -39.95 20.87
C THR B 212 -17.93 -41.11 20.83
N ILE B 213 -16.64 -40.79 20.92
CA ILE B 213 -15.58 -41.81 21.03
C ILE B 213 -15.81 -42.69 22.25
N ASP B 214 -16.23 -42.08 23.36
CA ASP B 214 -16.47 -42.82 24.60
C ASP B 214 -17.58 -43.85 24.44
N ALA B 215 -18.75 -43.40 23.96
CA ALA B 215 -19.89 -44.30 23.82
C ALA B 215 -19.66 -45.35 22.76
N VAL B 216 -18.94 -44.99 21.69
CA VAL B 216 -18.59 -45.96 20.65
C VAL B 216 -17.71 -47.06 21.22
N LYS B 217 -16.64 -46.68 21.93
CA LYS B 217 -15.74 -47.68 22.53
C LYS B 217 -16.45 -48.52 23.58
N LEU B 218 -17.44 -47.95 24.27
CA LEU B 218 -18.24 -48.75 25.19
C LEU B 218 -19.08 -49.77 24.45
N VAL B 219 -19.61 -49.42 23.28
CA VAL B 219 -20.32 -50.42 22.48
C VAL B 219 -19.34 -51.46 21.94
N MET B 220 -18.11 -51.04 21.64
CA MET B 220 -17.08 -51.94 21.12
C MET B 220 -16.75 -53.02 22.14
N ASP B 221 -16.37 -52.60 23.34
CA ASP B 221 -16.01 -53.56 24.36
C ASP B 221 -17.22 -54.21 25.01
N ASN B 222 -18.41 -53.65 24.82
CA ASN B 222 -19.64 -54.13 25.44
C ASN B 222 -20.73 -54.15 24.39
N PRO B 223 -20.92 -55.28 23.70
CA PRO B 223 -21.87 -55.33 22.58
C PRO B 223 -23.33 -55.43 23.01
N GLU B 224 -23.64 -55.36 24.29
CA GLU B 224 -25.01 -55.58 24.78
C GLU B 224 -25.39 -54.51 25.79
N VAL B 225 -25.20 -53.25 25.43
CA VAL B 225 -25.52 -52.14 26.30
C VAL B 225 -26.88 -51.56 25.94
N THR B 226 -27.40 -50.69 26.80
CA THR B 226 -28.70 -50.05 26.58
C THR B 226 -28.52 -48.62 26.09
N THR B 227 -29.64 -48.05 25.65
CA THR B 227 -29.61 -46.73 25.03
C THR B 227 -29.36 -45.64 26.05
N LYS B 228 -30.17 -45.61 27.11
CA LYS B 228 -30.15 -44.50 28.06
C LYS B 228 -28.86 -44.48 28.87
N ASP B 229 -28.21 -45.62 29.04
CA ASP B 229 -26.92 -45.64 29.69
C ASP B 229 -25.84 -45.08 28.80
N LEU B 230 -26.07 -45.06 27.50
CA LEU B 230 -25.19 -44.34 26.60
C LEU B 230 -25.62 -42.89 26.44
N MET B 231 -26.88 -42.59 26.71
CA MET B 231 -27.30 -41.20 26.86
C MET B 231 -26.66 -40.59 28.09
N GLU B 232 -26.35 -41.42 29.08
CA GLU B 232 -25.48 -41.00 30.17
C GLU B 232 -24.08 -40.67 29.66
N VAL B 233 -23.66 -41.34 28.59
CA VAL B 233 -22.38 -40.99 27.98
C VAL B 233 -22.55 -39.86 26.97
N LEU B 234 -23.71 -39.77 26.31
CA LEU B 234 -23.88 -38.84 25.21
C LEU B 234 -24.63 -37.59 25.65
N PRO B 235 -24.02 -36.42 25.59
CA PRO B 235 -24.78 -35.19 25.82
C PRO B 235 -25.69 -34.84 24.65
N GLY B 236 -26.28 -33.65 24.71
CA GLY B 236 -27.17 -33.20 23.67
C GLY B 236 -26.48 -32.98 22.34
N PRO B 237 -27.27 -32.88 21.27
CA PRO B 237 -26.72 -32.53 19.96
C PRO B 237 -26.16 -31.13 19.96
N ASP B 238 -24.90 -31.03 19.54
CA ASP B 238 -24.10 -29.86 19.76
C ASP B 238 -24.28 -28.84 18.64
N PHE B 239 -23.73 -27.65 18.85
CA PHE B 239 -23.78 -26.57 17.88
C PHE B 239 -22.50 -25.77 18.01
N PRO B 240 -21.98 -25.22 16.91
CA PRO B 240 -20.67 -24.55 16.99
C PRO B 240 -20.73 -23.20 17.67
N THR B 241 -21.88 -22.54 17.68
CA THR B 241 -21.96 -21.24 18.34
C THR B 241 -22.05 -21.37 19.86
N GLY B 242 -22.64 -22.46 20.35
CA GLY B 242 -22.82 -22.67 21.77
C GLY B 242 -24.23 -22.33 22.22
N ALA B 243 -25.08 -23.34 22.35
CA ALA B 243 -26.51 -23.12 22.49
C ALA B 243 -27.00 -23.55 23.87
N LEU B 244 -28.00 -22.83 24.37
CA LEU B 244 -28.67 -23.20 25.60
C LEU B 244 -29.78 -24.18 25.27
N VAL B 245 -29.70 -25.38 25.84
CA VAL B 245 -30.63 -26.46 25.56
C VAL B 245 -31.48 -26.69 26.80
N MET B 246 -32.78 -26.76 26.63
CA MET B 246 -33.69 -27.11 27.72
C MET B 246 -34.58 -28.26 27.30
N GLY B 247 -34.83 -29.16 28.22
CA GLY B 247 -35.70 -30.30 27.94
C GLY B 247 -34.93 -31.52 27.48
N LYS B 248 -35.49 -32.69 27.79
CA LYS B 248 -34.88 -33.96 27.39
C LYS B 248 -35.87 -34.96 26.82
N SER B 249 -37.17 -34.63 26.75
CA SER B 249 -38.14 -35.54 26.14
C SER B 249 -37.92 -35.63 24.64
N GLY B 250 -37.64 -34.50 24.00
CA GLY B 250 -37.26 -34.52 22.60
C GLY B 250 -35.95 -35.23 22.37
N ILE B 251 -35.04 -35.17 23.34
CA ILE B 251 -33.79 -35.92 23.28
C ILE B 251 -34.08 -37.42 23.31
N HIS B 252 -35.00 -37.82 24.19
CA HIS B 252 -35.44 -39.21 24.27
C HIS B 252 -36.08 -39.68 22.97
N LYS B 253 -36.87 -38.82 22.33
CA LYS B 253 -37.51 -39.20 21.08
C LYS B 253 -36.52 -39.26 19.92
N ALA B 254 -35.62 -38.28 19.83
CA ALA B 254 -34.78 -38.13 18.66
C ALA B 254 -33.52 -38.97 18.69
N TYR B 255 -33.02 -39.34 19.88
CA TYR B 255 -31.96 -40.34 19.89
C TYR B 255 -32.48 -41.69 19.45
N GLU B 256 -33.77 -41.97 19.69
CA GLU B 256 -34.39 -43.18 19.20
C GLU B 256 -34.79 -43.05 17.74
N THR B 257 -35.70 -42.12 17.45
CA THR B 257 -36.38 -42.10 16.16
C THR B 257 -36.08 -40.88 15.30
N GLY B 258 -35.27 -39.95 15.79
CA GLY B 258 -34.76 -38.87 14.96
C GLY B 258 -35.77 -37.85 14.51
N LYS B 259 -36.94 -37.80 15.15
CA LYS B 259 -38.00 -36.88 14.76
C LYS B 259 -38.39 -36.02 15.94
N GLY B 260 -38.73 -34.77 15.66
CA GLY B 260 -39.14 -33.85 16.70
C GLY B 260 -38.33 -32.57 16.70
N SER B 261 -38.95 -31.50 17.17
CA SER B 261 -38.28 -30.24 17.39
C SER B 261 -38.03 -30.04 18.87
N ILE B 262 -36.91 -29.39 19.18
CA ILE B 262 -36.53 -29.07 20.55
C ILE B 262 -36.34 -27.57 20.64
N VAL B 263 -36.31 -27.08 21.86
CA VAL B 263 -36.24 -25.64 22.13
C VAL B 263 -34.80 -25.25 22.43
N LEU B 264 -34.40 -24.10 21.90
CA LEU B 264 -33.04 -23.60 22.05
C LEU B 264 -33.07 -22.11 22.34
N ARG B 265 -32.21 -21.69 23.26
CA ARG B 265 -32.14 -20.30 23.69
C ARG B 265 -30.70 -19.81 23.62
N SER B 266 -30.58 -18.49 23.51
CA SER B 266 -29.29 -17.83 23.46
C SER B 266 -28.80 -17.50 24.86
N ARG B 267 -27.48 -17.51 25.03
CA ARG B 267 -26.86 -17.06 26.27
C ARG B 267 -27.12 -15.58 26.44
N THR B 268 -28.02 -15.24 27.36
CA THR B 268 -28.59 -13.90 27.45
C THR B 268 -28.71 -13.53 28.91
N GLU B 269 -28.19 -12.35 29.27
CA GLU B 269 -28.03 -11.98 30.66
C GLU B 269 -28.51 -10.55 30.87
N ILE B 270 -28.88 -10.26 32.11
CA ILE B 270 -29.20 -8.91 32.57
C ILE B 270 -28.01 -8.38 33.35
N GLU B 271 -27.52 -7.21 32.97
CA GLU B 271 -26.33 -6.65 33.58
C GLU B 271 -26.60 -5.21 34.02
N THR B 272 -26.11 -4.85 35.20
CA THR B 272 -26.35 -3.54 35.78
C THR B 272 -25.16 -2.61 35.54
N THR B 273 -25.46 -1.35 35.29
CA THR B 273 -24.45 -0.35 34.99
C THR B 273 -23.87 0.24 36.26
N LYS B 274 -23.08 1.30 36.12
CA LYS B 274 -22.72 2.16 37.25
C LYS B 274 -23.88 3.03 37.69
N THR B 275 -24.90 3.15 36.85
CA THR B 275 -26.10 3.94 37.14
C THR B 275 -27.24 3.10 37.68
N GLY B 276 -27.15 1.78 37.59
CA GLY B 276 -28.26 0.92 37.95
C GLY B 276 -29.16 0.54 36.79
N ARG B 277 -28.91 1.06 35.59
CA ARG B 277 -29.65 0.65 34.41
C ARG B 277 -29.31 -0.79 34.06
N GLU B 278 -30.31 -1.51 33.54
CA GLU B 278 -30.13 -2.90 33.17
C GLU B 278 -29.89 -3.03 31.67
N ARG B 279 -29.24 -4.12 31.28
CA ARG B 279 -28.83 -4.37 29.91
C ARG B 279 -29.08 -5.84 29.57
N ILE B 280 -29.76 -6.08 28.45
CA ILE B 280 -29.85 -7.40 27.85
C ILE B 280 -28.62 -7.60 26.99
N VAL B 281 -27.79 -8.56 27.37
CA VAL B 281 -26.58 -8.87 26.63
C VAL B 281 -26.64 -10.32 26.18
N VAL B 282 -26.59 -10.52 24.87
CA VAL B 282 -26.51 -11.85 24.28
C VAL B 282 -25.06 -12.12 23.92
N THR B 283 -24.69 -13.40 23.90
CA THR B 283 -23.35 -13.77 23.43
C THR B 283 -23.40 -14.34 22.03
N GLU B 284 -24.24 -15.34 21.80
CA GLU B 284 -24.38 -15.99 20.51
C GLU B 284 -25.85 -16.26 20.25
N PHE B 285 -26.12 -17.10 19.27
CA PHE B 285 -27.46 -17.51 18.89
C PHE B 285 -27.44 -18.98 18.54
N PRO B 286 -28.59 -19.63 18.46
CA PRO B 286 -28.63 -20.98 17.90
C PRO B 286 -28.41 -21.01 16.39
N TYR B 287 -28.57 -22.19 15.81
CA TYR B 287 -28.14 -22.45 14.44
C TYR B 287 -29.07 -21.79 13.43
N MET B 288 -28.47 -21.32 12.33
CA MET B 288 -29.13 -20.61 11.23
C MET B 288 -29.83 -19.34 11.72
N VAL B 289 -29.02 -18.41 12.21
CA VAL B 289 -29.49 -17.10 12.68
C VAL B 289 -28.56 -16.04 12.10
N ASN B 290 -29.15 -14.99 11.54
CA ASN B 290 -28.41 -13.78 11.17
C ASN B 290 -28.45 -12.77 12.32
N LYS B 291 -27.34 -12.07 12.51
CA LYS B 291 -27.37 -10.87 13.34
C LYS B 291 -28.29 -9.82 12.76
N THR B 292 -28.16 -9.58 11.46
CA THR B 292 -28.65 -8.37 10.85
C THR B 292 -30.14 -8.46 10.54
N LYS B 293 -30.60 -9.63 10.10
CA LYS B 293 -32.03 -9.81 9.85
C LYS B 293 -32.83 -9.73 11.15
N VAL B 294 -32.29 -10.32 12.21
CA VAL B 294 -32.93 -10.20 13.52
C VAL B 294 -32.82 -8.77 14.03
N HIS B 295 -31.74 -8.07 13.69
CA HIS B 295 -31.59 -6.67 14.07
C HIS B 295 -32.63 -5.79 13.38
N GLU B 296 -32.87 -6.05 12.09
CA GLU B 296 -33.96 -5.40 11.38
C GLU B 296 -35.30 -5.76 11.98
N HIS B 297 -35.45 -7.00 12.44
CA HIS B 297 -36.69 -7.39 13.09
C HIS B 297 -36.86 -6.70 14.43
N ILE B 298 -35.75 -6.37 15.10
CA ILE B 298 -35.79 -5.58 16.33
C ILE B 298 -36.26 -4.17 16.02
N VAL B 299 -35.73 -3.58 14.95
CA VAL B 299 -36.14 -2.24 14.54
C VAL B 299 -37.61 -2.24 14.11
N ARG B 300 -38.08 -3.36 13.53
CA ARG B 300 -39.50 -3.58 13.31
C ARG B 300 -40.28 -3.51 14.61
N LEU B 301 -39.91 -4.37 15.58
CA LEU B 301 -40.53 -4.43 16.90
C LEU B 301 -40.56 -3.08 17.62
N VAL B 302 -39.55 -2.25 17.36
CA VAL B 302 -39.62 -0.84 17.77
C VAL B 302 -40.76 -0.14 17.05
N GLN B 303 -40.73 -0.13 15.71
CA GLN B 303 -41.77 0.59 14.98
C GLN B 303 -43.09 -0.16 14.94
N GLU B 304 -43.10 -1.47 15.22
CA GLU B 304 -44.36 -2.20 15.36
C GLU B 304 -45.09 -1.83 16.64
N LYS B 305 -44.39 -1.21 17.60
CA LYS B 305 -44.95 -0.67 18.84
C LYS B 305 -45.61 -1.76 19.69
N ARG B 306 -45.07 -2.97 19.60
CA ARG B 306 -45.59 -4.12 20.33
C ARG B 306 -44.64 -4.56 21.43
N ILE B 307 -43.60 -3.77 21.70
CA ILE B 307 -42.69 -4.03 22.81
C ILE B 307 -42.15 -2.69 23.29
N GLU B 308 -41.99 -2.55 24.60
CA GLU B 308 -41.70 -1.28 25.24
C GLU B 308 -40.36 -1.36 25.96
N GLY B 309 -39.98 -0.25 26.58
CA GLY B 309 -38.80 -0.20 27.43
C GLY B 309 -37.49 -0.07 26.71
N ILE B 310 -37.43 -0.60 25.49
CA ILE B 310 -36.17 -0.74 24.76
C ILE B 310 -35.68 0.61 24.32
N THR B 311 -34.42 0.91 24.62
CA THR B 311 -33.82 2.20 24.29
C THR B 311 -32.71 2.07 23.25
N ALA B 312 -31.70 1.26 23.54
CA ALA B 312 -30.49 1.20 22.72
C ALA B 312 -30.40 -0.17 22.07
N VAL B 313 -30.15 -0.19 20.77
CA VAL B 313 -29.94 -1.43 20.02
C VAL B 313 -28.55 -1.28 19.40
N ARG B 314 -27.52 -1.76 20.09
CA ARG B 314 -26.15 -1.43 19.70
C ARG B 314 -25.31 -2.70 19.61
N ASP B 315 -24.22 -2.58 18.86
CA ASP B 315 -23.37 -3.71 18.52
C ASP B 315 -22.03 -3.17 18.05
N GLU B 316 -20.96 -3.44 18.80
CA GLU B 316 -19.64 -2.98 18.41
C GLU B 316 -18.58 -3.96 18.91
N SER B 317 -17.35 -3.74 18.43
CA SER B 317 -16.13 -4.46 18.86
C SER B 317 -16.24 -5.96 18.67
N ASN B 318 -17.01 -6.38 17.68
CA ASN B 318 -17.50 -7.75 17.62
C ASN B 318 -16.46 -8.74 17.13
N ARG B 319 -15.31 -8.27 16.67
CA ARG B 319 -14.32 -9.15 16.07
C ARG B 319 -13.32 -9.69 17.08
N GLU B 320 -13.16 -9.03 18.23
CA GLU B 320 -12.47 -9.68 19.33
C GLU B 320 -13.37 -10.67 20.05
N GLY B 321 -14.68 -10.59 19.82
CA GLY B 321 -15.66 -11.41 20.50
C GLY B 321 -17.03 -10.83 20.28
N VAL B 322 -18.02 -11.70 20.08
CA VAL B 322 -19.34 -11.25 19.63
C VAL B 322 -20.08 -10.57 20.79
N ARG B 323 -20.49 -9.32 20.57
CA ARG B 323 -21.10 -8.51 21.62
C ARG B 323 -22.23 -7.69 21.02
N PHE B 324 -23.46 -8.18 21.15
CA PHE B 324 -24.66 -7.43 20.78
C PHE B 324 -25.45 -7.11 22.04
N VAL B 325 -25.80 -5.84 22.22
CA VAL B 325 -26.41 -5.36 23.46
C VAL B 325 -27.71 -4.64 23.14
N ILE B 326 -28.79 -5.07 23.78
CA ILE B 326 -30.03 -4.30 23.86
C ILE B 326 -30.04 -3.66 25.24
N GLU B 327 -30.45 -2.39 25.32
CA GLU B 327 -30.45 -1.69 26.59
C GLU B 327 -31.79 -1.01 26.80
N VAL B 328 -32.34 -1.17 28.00
CA VAL B 328 -33.73 -0.91 28.30
C VAL B 328 -33.79 0.02 29.51
N LYS B 329 -34.72 0.97 29.49
CA LYS B 329 -34.96 1.91 30.58
C LYS B 329 -35.40 1.19 31.86
N ARG B 330 -35.45 1.96 32.95
CA ARG B 330 -35.93 1.39 34.19
C ARG B 330 -37.45 1.27 34.19
N ASP B 331 -37.94 0.51 35.18
CA ASP B 331 -39.37 0.23 35.41
C ASP B 331 -39.99 -0.45 34.18
N ALA B 332 -39.40 -1.59 33.81
CA ALA B 332 -39.80 -2.27 32.59
C ALA B 332 -39.94 -3.78 32.67
N SER B 333 -39.49 -4.44 33.75
CA SER B 333 -39.54 -5.90 33.95
C SER B 333 -38.80 -6.63 32.82
N ALA B 334 -37.47 -6.45 32.83
CA ALA B 334 -36.62 -6.89 31.73
C ALA B 334 -36.63 -8.40 31.53
N ASN B 335 -36.83 -9.16 32.60
CA ASN B 335 -36.87 -10.61 32.44
C ASN B 335 -38.17 -11.05 31.78
N VAL B 336 -39.26 -10.31 32.00
CA VAL B 336 -40.49 -10.55 31.26
C VAL B 336 -40.28 -10.20 29.79
N ILE B 337 -39.43 -9.21 29.52
CA ILE B 337 -39.09 -8.87 28.14
C ILE B 337 -38.25 -9.97 27.51
N LEU B 338 -37.38 -10.61 28.30
CA LEU B 338 -36.64 -11.78 27.81
C LEU B 338 -37.58 -12.94 27.51
N ASN B 339 -38.62 -13.09 28.34
CA ASN B 339 -39.66 -14.07 28.07
C ASN B 339 -40.38 -13.75 26.78
N ASN B 340 -40.63 -12.46 26.53
CA ASN B 340 -41.26 -12.06 25.27
C ASN B 340 -40.35 -12.26 24.07
N LEU B 341 -39.04 -12.15 24.29
CA LEU B 341 -38.08 -12.48 23.25
C LEU B 341 -38.18 -13.95 22.87
N PHE B 342 -38.05 -14.84 23.85
CA PHE B 342 -38.07 -16.25 23.54
C PHE B 342 -39.47 -16.81 23.37
N LYS B 343 -40.51 -15.97 23.40
CA LYS B 343 -41.81 -16.38 22.87
C LYS B 343 -41.95 -16.01 21.40
N MET B 344 -41.79 -14.73 21.08
CA MET B 344 -42.20 -14.22 19.77
C MET B 344 -41.06 -14.03 18.80
N THR B 345 -39.87 -13.67 19.28
CA THR B 345 -38.78 -13.39 18.37
C THR B 345 -38.15 -14.69 17.89
N GLN B 346 -37.30 -14.57 16.88
CA GLN B 346 -36.59 -15.71 16.32
C GLN B 346 -35.35 -16.08 17.13
N MET B 347 -35.11 -15.38 18.24
CA MET B 347 -34.05 -15.78 19.15
C MET B 347 -34.33 -17.15 19.74
N GLN B 348 -35.59 -17.43 20.05
CA GLN B 348 -36.00 -18.80 20.35
C GLN B 348 -35.90 -19.64 19.10
N THR B 349 -35.38 -20.86 19.24
CA THR B 349 -35.22 -21.75 18.11
C THR B 349 -35.95 -23.07 18.36
N ASN B 350 -36.84 -23.42 17.44
CA ASN B 350 -37.49 -24.72 17.43
C ASN B 350 -36.75 -25.55 16.39
N PHE B 351 -35.70 -26.21 16.83
CA PHE B 351 -34.78 -26.92 15.95
C PHE B 351 -35.27 -28.36 15.80
N GLY B 352 -35.63 -28.74 14.58
CA GLY B 352 -36.19 -30.05 14.32
C GLY B 352 -35.18 -31.01 13.73
N PHE B 353 -35.39 -32.30 13.98
CA PHE B 353 -34.50 -33.33 13.44
C PHE B 353 -35.23 -34.15 12.40
N ASN B 354 -34.45 -34.68 11.45
CA ASN B 354 -34.95 -35.67 10.51
C ASN B 354 -33.73 -36.42 10.00
N MET B 355 -33.55 -37.66 10.45
CA MET B 355 -32.43 -38.48 10.01
C MET B 355 -33.00 -39.74 9.38
N LEU B 356 -33.34 -39.64 8.11
CA LEU B 356 -33.98 -40.73 7.36
C LEU B 356 -32.92 -41.30 6.43
N ALA B 357 -32.36 -42.45 6.82
CA ALA B 357 -31.09 -42.91 6.27
C ALA B 357 -31.25 -43.50 4.86
N ILE B 358 -30.10 -43.74 4.24
CA ILE B 358 -30.00 -44.51 3.00
C ILE B 358 -28.84 -45.48 3.14
N GLN B 359 -29.13 -46.77 3.07
CA GLN B 359 -28.08 -47.79 3.15
C GLN B 359 -28.15 -48.60 1.87
N ASN B 360 -27.13 -48.41 1.01
CA ASN B 360 -27.01 -48.99 -0.31
C ASN B 360 -28.24 -48.66 -1.16
N GLY B 361 -28.39 -47.37 -1.42
CA GLY B 361 -29.43 -46.87 -2.31
C GLY B 361 -30.82 -46.75 -1.74
N ILE B 362 -31.31 -47.80 -1.11
CA ILE B 362 -32.69 -47.80 -0.61
C ILE B 362 -32.79 -46.92 0.64
N PRO B 363 -33.86 -46.15 0.79
CA PRO B 363 -33.98 -45.29 1.96
C PRO B 363 -34.35 -46.07 3.20
N LYS B 364 -33.74 -45.70 4.33
CA LYS B 364 -33.98 -46.38 5.60
C LYS B 364 -34.08 -45.32 6.69
N ILE B 365 -33.99 -45.77 7.94
CA ILE B 365 -33.92 -44.89 9.10
C ILE B 365 -33.26 -45.68 10.23
N LEU B 366 -32.37 -45.02 10.97
CA LEU B 366 -31.50 -45.72 11.89
C LEU B 366 -31.62 -45.16 13.29
N SER B 367 -31.32 -46.01 14.28
CA SER B 367 -31.06 -45.55 15.62
C SER B 367 -29.58 -45.19 15.72
N LEU B 368 -29.17 -44.68 16.88
CA LEU B 368 -27.78 -44.31 17.05
C LEU B 368 -26.88 -45.54 17.16
N ARG B 369 -27.43 -46.67 17.61
CA ARG B 369 -26.69 -47.91 17.66
C ARG B 369 -26.33 -48.39 16.25
N GLN B 370 -27.33 -48.45 15.38
CA GLN B 370 -27.22 -49.11 14.08
C GLN B 370 -26.22 -48.42 13.17
N ILE B 371 -26.14 -47.09 13.29
CA ILE B 371 -25.10 -46.29 12.63
C ILE B 371 -23.72 -46.82 12.99
N LEU B 372 -23.47 -46.96 14.28
CA LEU B 372 -22.17 -47.38 14.72
C LEU B 372 -21.94 -48.86 14.42
N ASP B 373 -23.03 -49.65 14.32
CA ASP B 373 -22.92 -51.05 13.95
C ASP B 373 -22.41 -51.21 12.53
N ALA B 374 -23.03 -50.48 11.60
CA ALA B 374 -22.57 -50.48 10.22
C ALA B 374 -21.16 -49.92 10.13
N TYR B 375 -20.84 -48.94 10.97
CA TYR B 375 -19.46 -48.46 11.08
C TYR B 375 -18.49 -49.56 11.50
N ILE B 376 -18.89 -50.36 12.49
CA ILE B 376 -18.06 -51.45 13.00
C ILE B 376 -17.77 -52.46 11.90
N GLU B 377 -18.81 -52.91 11.20
CA GLU B 377 -18.60 -53.95 10.19
C GLU B 377 -17.88 -53.40 8.96
N HIS B 378 -18.02 -52.10 8.72
CA HIS B 378 -17.18 -51.46 7.71
C HIS B 378 -15.72 -51.48 8.11
N GLN B 379 -15.41 -51.18 9.38
CA GLN B 379 -14.02 -51.23 9.84
C GLN B 379 -13.47 -52.64 9.79
N LYS B 380 -14.34 -53.62 10.05
CA LYS B 380 -13.98 -55.03 9.89
C LYS B 380 -13.49 -55.31 8.48
N GLU B 381 -14.31 -54.95 7.49
CA GLU B 381 -13.93 -55.20 6.10
C GLU B 381 -12.71 -54.38 5.68
N VAL B 382 -12.58 -53.16 6.23
CA VAL B 382 -11.44 -52.28 5.93
C VAL B 382 -10.14 -52.92 6.37
N VAL B 383 -10.08 -53.33 7.64
CA VAL B 383 -8.82 -53.82 8.16
C VAL B 383 -8.52 -55.21 7.61
N VAL B 384 -9.56 -56.02 7.34
CA VAL B 384 -9.34 -57.34 6.73
C VAL B 384 -8.77 -57.21 5.33
N ARG B 385 -9.34 -56.32 4.51
CA ARG B 385 -8.84 -56.18 3.15
C ARG B 385 -7.47 -55.52 3.11
N ARG B 386 -7.20 -54.58 4.02
CA ARG B 386 -5.86 -54.00 4.12
C ARG B 386 -4.85 -55.05 4.53
N THR B 387 -5.24 -55.91 5.46
CA THR B 387 -4.37 -56.98 5.92
C THR B 387 -4.12 -58.01 4.83
N ARG B 388 -5.12 -58.26 3.98
CA ARG B 388 -4.93 -59.20 2.89
C ARG B 388 -4.05 -58.63 1.79
N PHE B 389 -4.12 -57.31 1.56
CA PHE B 389 -3.22 -56.69 0.60
C PHE B 389 -1.78 -56.76 1.11
N ASP B 390 -1.58 -56.47 2.40
CA ASP B 390 -0.25 -56.60 3.01
C ASP B 390 0.20 -58.05 3.02
N LYS B 391 -0.74 -58.97 3.17
CA LYS B 391 -0.46 -60.40 3.10
C LYS B 391 0.08 -60.79 1.74
N GLU B 392 -0.53 -60.27 0.69
CA GLU B 392 -0.07 -60.64 -0.65
C GLU B 392 1.24 -59.96 -0.99
N LYS B 393 1.48 -58.75 -0.47
CA LYS B 393 2.81 -58.13 -0.49
C LYS B 393 3.86 -59.07 0.07
N ALA B 394 3.62 -59.51 1.31
CA ALA B 394 4.59 -60.33 2.01
C ALA B 394 4.74 -61.69 1.37
N GLU B 395 3.67 -62.24 0.80
CA GLU B 395 3.76 -63.54 0.14
C GLU B 395 4.55 -63.46 -1.15
N ALA B 396 4.37 -62.40 -1.93
CA ALA B 396 5.13 -62.23 -3.15
C ALA B 396 6.61 -62.03 -2.86
N ARG B 397 6.92 -61.14 -1.90
CA ARG B 397 8.31 -60.94 -1.52
C ARG B 397 8.90 -62.18 -0.85
N ALA B 398 8.04 -62.97 -0.21
CA ALA B 398 8.47 -64.24 0.37
C ALA B 398 8.85 -65.23 -0.71
N HIS B 399 8.08 -65.32 -1.78
CA HIS B 399 8.45 -66.19 -2.89
C HIS B 399 9.73 -65.73 -3.56
N ILE B 400 9.92 -64.40 -3.63
CA ILE B 400 11.17 -63.82 -4.11
C ILE B 400 12.35 -64.32 -3.28
N LEU B 401 12.25 -64.19 -1.97
CA LEU B 401 13.38 -64.55 -1.13
C LEU B 401 13.51 -66.07 -0.95
N GLU B 402 12.42 -66.82 -1.14
CA GLU B 402 12.50 -68.27 -1.28
C GLU B 402 13.37 -68.65 -2.47
N GLY B 403 13.11 -68.01 -3.62
CA GLY B 403 13.94 -68.23 -4.78
C GLY B 403 15.39 -67.85 -4.55
N LEU B 404 15.61 -66.75 -3.81
CA LEU B 404 16.97 -66.32 -3.49
C LEU B 404 17.70 -67.35 -2.64
N LEU B 405 17.04 -67.86 -1.60
CA LEU B 405 17.70 -68.80 -0.70
C LEU B 405 17.90 -70.16 -1.35
N ILE B 406 16.96 -70.60 -2.17
CA ILE B 406 17.12 -71.84 -2.92
C ILE B 406 18.24 -71.71 -3.94
N ALA B 407 18.41 -70.51 -4.52
CA ALA B 407 19.59 -70.26 -5.34
C ALA B 407 20.87 -70.31 -4.51
N LEU B 408 20.79 -69.87 -3.26
CA LEU B 408 21.95 -69.97 -2.38
C LEU B 408 22.23 -71.40 -1.92
N ASP B 409 21.29 -72.31 -2.08
CA ASP B 409 21.47 -73.68 -1.58
C ASP B 409 22.56 -74.42 -2.35
N HIS B 410 22.38 -74.55 -3.66
CA HIS B 410 23.16 -75.48 -4.48
C HIS B 410 23.80 -74.73 -5.65
N ILE B 411 24.57 -73.68 -5.29
CA ILE B 411 25.00 -72.63 -6.21
C ILE B 411 25.77 -73.20 -7.40
N ASP B 412 26.80 -74.00 -7.14
CA ASP B 412 27.71 -74.42 -8.20
C ASP B 412 27.08 -75.44 -9.13
N GLU B 413 26.09 -76.20 -8.63
CA GLU B 413 25.29 -77.04 -9.51
C GLU B 413 24.54 -76.20 -10.53
N VAL B 414 23.99 -75.07 -10.10
CA VAL B 414 23.27 -74.19 -11.02
C VAL B 414 24.25 -73.46 -11.92
N ILE B 415 25.49 -73.26 -11.47
CA ILE B 415 26.54 -72.75 -12.34
C ILE B 415 26.80 -73.72 -13.48
N ARG B 416 26.90 -75.01 -13.15
CA ARG B 416 27.01 -76.04 -14.18
C ARG B 416 25.77 -76.09 -15.06
N ILE B 417 24.60 -75.82 -14.50
CA ILE B 417 23.36 -75.78 -15.26
C ILE B 417 23.41 -74.69 -16.34
N ILE B 418 23.86 -73.50 -15.96
CA ILE B 418 23.88 -72.42 -16.95
C ILE B 418 25.04 -72.61 -17.91
N ARG B 419 26.14 -73.24 -17.47
CA ARG B 419 27.20 -73.60 -18.40
C ARG B 419 26.79 -74.70 -19.38
N ALA B 420 25.78 -75.49 -19.03
CA ALA B 420 25.32 -76.57 -19.90
C ALA B 420 24.19 -76.14 -20.84
N SER B 421 23.10 -75.61 -20.29
CA SER B 421 21.84 -75.46 -21.01
C SER B 421 21.90 -74.30 -22.00
N GLU B 422 20.81 -74.14 -22.76
CA GLU B 422 20.73 -73.12 -23.79
C GLU B 422 19.66 -72.07 -23.52
N THR B 423 18.41 -72.47 -23.33
CA THR B 423 17.27 -71.57 -23.50
C THR B 423 16.58 -71.27 -22.18
N ASP B 424 15.56 -70.41 -22.27
CA ASP B 424 14.67 -70.16 -21.14
C ASP B 424 13.92 -71.43 -20.76
N ALA B 425 13.49 -72.20 -21.76
CA ALA B 425 12.70 -73.41 -21.51
C ALA B 425 13.55 -74.48 -20.84
N GLU B 426 14.78 -74.68 -21.30
CA GLU B 426 15.68 -75.67 -20.71
C GLU B 426 16.02 -75.29 -19.27
N ALA B 427 16.30 -74.01 -19.04
CA ALA B 427 16.66 -73.53 -17.72
C ALA B 427 15.49 -73.68 -16.75
N GLN B 428 14.30 -73.27 -17.17
CA GLN B 428 13.13 -73.43 -16.31
C GLN B 428 12.77 -74.88 -16.08
N ALA B 429 12.97 -75.75 -17.08
CA ALA B 429 12.70 -77.17 -16.92
C ALA B 429 13.66 -77.79 -15.90
N GLU B 430 14.94 -77.45 -15.99
CA GLU B 430 15.91 -78.05 -15.07
C GLU B 430 15.76 -77.48 -13.66
N LEU B 431 15.44 -76.18 -13.55
CA LEU B 431 15.24 -75.60 -12.22
C LEU B 431 13.95 -76.11 -11.57
N MET B 432 12.91 -76.37 -12.37
CA MET B 432 11.69 -76.92 -11.81
C MET B 432 11.87 -78.40 -11.47
N SER B 433 12.71 -79.12 -12.22
CA SER B 433 12.98 -80.50 -11.90
C SER B 433 13.83 -80.63 -10.65
N LYS B 434 14.74 -79.68 -10.44
CA LYS B 434 15.64 -79.79 -9.30
C LYS B 434 15.13 -79.12 -8.04
N PHE B 435 14.27 -78.10 -8.14
CA PHE B 435 13.90 -77.35 -6.95
C PHE B 435 12.42 -77.00 -6.85
N LYS B 436 11.59 -77.38 -7.83
CA LYS B 436 10.12 -77.31 -7.78
C LYS B 436 9.61 -75.88 -7.60
N LEU B 437 10.13 -74.98 -8.42
CA LEU B 437 9.80 -73.57 -8.32
C LEU B 437 9.11 -73.12 -9.61
N SER B 438 8.51 -71.93 -9.56
CA SER B 438 7.78 -71.41 -10.69
C SER B 438 8.72 -70.67 -11.65
N GLU B 439 8.14 -70.14 -12.72
CA GLU B 439 8.92 -69.53 -13.79
C GLU B 439 9.51 -68.20 -13.37
N ARG B 440 8.68 -67.34 -12.76
CA ARG B 440 9.14 -66.04 -12.28
C ARG B 440 10.18 -66.19 -11.20
N GLN B 441 10.01 -67.20 -10.34
CA GLN B 441 10.99 -67.51 -9.31
C GLN B 441 12.32 -67.92 -9.94
N SER B 442 12.27 -68.74 -10.98
CA SER B 442 13.48 -69.17 -11.67
C SER B 442 14.17 -68.00 -12.36
N GLN B 443 13.40 -67.08 -12.94
CA GLN B 443 14.04 -65.96 -13.62
C GLN B 443 14.62 -64.96 -12.63
N ALA B 444 13.93 -64.76 -11.50
CA ALA B 444 14.47 -63.91 -10.45
C ALA B 444 15.72 -64.52 -9.83
N ILE B 445 15.82 -65.85 -9.83
CA ILE B 445 17.11 -66.49 -9.56
C ILE B 445 18.12 -66.09 -10.61
N LEU B 446 17.74 -66.20 -11.89
CA LEU B 446 18.66 -65.91 -12.99
C LEU B 446 19.08 -64.45 -13.08
N ASP B 447 18.43 -63.56 -12.33
CA ASP B 447 18.77 -62.14 -12.34
C ASP B 447 19.67 -61.78 -11.16
N MET B 448 20.57 -62.67 -10.76
CA MET B 448 21.46 -62.43 -9.63
C MET B 448 22.87 -62.12 -10.12
N ARG B 449 23.39 -60.97 -9.72
CA ARG B 449 24.70 -60.51 -10.12
C ARG B 449 25.70 -60.82 -9.01
N LEU B 450 27.00 -60.67 -9.33
CA LEU B 450 28.07 -60.97 -8.38
C LEU B 450 28.01 -60.07 -7.15
N ARG B 451 27.60 -58.82 -7.32
CA ARG B 451 27.59 -57.84 -6.24
C ARG B 451 26.47 -58.08 -5.23
N ARG B 452 25.70 -59.15 -5.38
CA ARG B 452 24.81 -59.66 -4.35
C ARG B 452 25.19 -61.09 -4.01
N LEU B 453 26.49 -61.37 -3.89
CA LEU B 453 26.96 -62.70 -3.51
C LEU B 453 27.87 -62.68 -2.29
N THR B 454 27.92 -61.58 -1.55
CA THR B 454 28.61 -61.57 -0.28
C THR B 454 27.77 -62.32 0.75
N GLY B 455 28.43 -63.05 1.65
CA GLY B 455 27.71 -63.77 2.69
C GLY B 455 27.01 -62.84 3.66
N LEU B 456 27.51 -61.60 3.80
CA LEU B 456 26.81 -60.51 4.47
C LEU B 456 25.40 -60.37 3.92
N GLU B 457 25.28 -60.11 2.63
CA GLU B 457 23.97 -59.87 2.06
C GLU B 457 23.16 -61.14 1.92
N ARG B 458 23.81 -62.30 1.84
CA ARG B 458 23.09 -63.58 1.88
C ARG B 458 22.37 -63.74 3.21
N ASP B 459 23.06 -63.51 4.31
CA ASP B 459 22.40 -63.59 5.60
C ASP B 459 21.49 -62.39 5.87
N LYS B 460 21.68 -61.27 5.18
CA LYS B 460 20.71 -60.18 5.29
C LYS B 460 19.42 -60.54 4.57
N ILE B 461 19.53 -61.25 3.44
CA ILE B 461 18.37 -61.83 2.77
C ILE B 461 17.66 -62.81 3.70
N GLN B 462 18.44 -63.68 4.35
CA GLN B 462 17.86 -64.63 5.31
C GLN B 462 17.18 -63.92 6.48
N SER B 463 17.79 -62.83 6.95
CA SER B 463 17.26 -62.10 8.10
C SER B 463 15.96 -61.41 7.76
N GLU B 464 15.94 -60.67 6.66
CA GLU B 464 14.72 -59.99 6.23
C GLU B 464 13.65 -60.98 5.81
N TYR B 465 14.07 -62.14 5.29
CA TYR B 465 13.17 -63.26 5.01
C TYR B 465 12.44 -63.71 6.26
N ASP B 466 13.19 -63.96 7.33
CA ASP B 466 12.56 -64.38 8.57
C ASP B 466 11.77 -63.25 9.22
N ASP B 467 12.17 -61.99 8.98
CA ASP B 467 11.40 -60.84 9.43
C ASP B 467 10.02 -60.84 8.79
N LEU B 468 9.98 -61.06 7.49
CA LEU B 468 8.70 -61.11 6.80
C LEU B 468 7.91 -62.35 7.18
N LEU B 469 8.59 -63.45 7.51
CA LEU B 469 7.91 -64.61 8.07
C LEU B 469 7.23 -64.27 9.38
N ALA B 470 7.91 -63.50 10.23
CA ALA B 470 7.34 -63.06 11.50
C ALA B 470 6.16 -62.14 11.27
N LEU B 471 6.23 -61.30 10.24
CA LEU B 471 5.11 -60.42 9.93
C LEU B 471 3.91 -61.20 9.40
N ILE B 472 4.18 -62.24 8.58
CA ILE B 472 3.12 -63.12 8.10
C ILE B 472 2.45 -63.84 9.25
N ALA B 473 3.25 -64.35 10.19
CA ALA B 473 2.69 -65.03 11.35
C ALA B 473 1.89 -64.07 12.23
N ASP B 474 2.36 -62.81 12.34
CA ASP B 474 1.64 -61.81 13.10
C ASP B 474 0.30 -61.49 12.47
N LEU B 475 0.27 -61.36 11.16
CA LEU B 475 -1.00 -61.05 10.49
C LEU B 475 -1.93 -62.25 10.50
N ALA B 476 -1.39 -63.47 10.48
CA ALA B 476 -2.24 -64.65 10.66
C ALA B 476 -2.80 -64.72 12.07
N ASP B 477 -2.03 -64.26 13.07
CA ASP B 477 -2.53 -64.19 14.43
C ASP B 477 -3.61 -63.14 14.56
N ILE B 478 -3.49 -62.04 13.82
CA ILE B 478 -4.56 -61.04 13.80
C ILE B 478 -5.79 -61.62 13.07
N LEU B 479 -5.56 -62.47 12.06
CA LEU B 479 -6.66 -63.20 11.45
C LEU B 479 -7.30 -64.21 12.38
N ALA B 480 -6.57 -64.66 13.41
CA ALA B 480 -7.13 -65.64 14.33
C ALA B 480 -8.21 -65.02 15.22
N LYS B 481 -8.00 -63.79 15.71
CA LYS B 481 -8.92 -63.20 16.68
C LYS B 481 -9.39 -61.82 16.19
N PRO B 482 -10.70 -61.54 16.26
CA PRO B 482 -11.19 -60.28 15.70
C PRO B 482 -10.98 -59.07 16.58
N GLU B 483 -10.74 -59.26 17.87
CA GLU B 483 -10.78 -58.15 18.81
C GLU B 483 -9.53 -57.30 18.81
N ARG B 484 -8.44 -57.78 18.20
CA ARG B 484 -7.26 -56.96 17.99
C ARG B 484 -7.58 -55.75 17.13
N VAL B 485 -8.48 -55.93 16.16
CA VAL B 485 -8.95 -54.84 15.33
C VAL B 485 -9.62 -53.77 16.20
N SER B 486 -10.51 -54.22 17.08
CA SER B 486 -11.17 -53.33 18.03
C SER B 486 -10.17 -52.58 18.89
N GLN B 487 -9.13 -53.28 19.34
CA GLN B 487 -8.14 -52.66 20.22
C GLN B 487 -7.33 -51.60 19.49
N ILE B 488 -6.89 -51.91 18.27
CA ILE B 488 -6.10 -50.95 17.49
C ILE B 488 -6.95 -49.74 17.10
N ILE B 489 -8.24 -49.98 16.82
CA ILE B 489 -9.16 -48.89 16.54
C ILE B 489 -9.31 -47.98 17.74
N LYS B 490 -9.48 -48.57 18.93
CA LYS B 490 -9.57 -47.78 20.17
C LYS B 490 -8.30 -47.00 20.43
N ASP B 491 -7.14 -47.61 20.13
CA ASP B 491 -5.85 -46.95 20.31
C ASP B 491 -5.74 -45.71 19.44
N GLU B 492 -6.11 -45.84 18.17
CA GLU B 492 -5.94 -44.69 17.30
C GLU B 492 -7.07 -43.68 17.44
N LEU B 493 -8.23 -44.12 17.93
CA LEU B 493 -9.24 -43.18 18.41
C LEU B 493 -8.70 -42.32 19.54
N ASP B 494 -7.99 -42.95 20.48
CA ASP B 494 -7.39 -42.19 21.57
C ASP B 494 -6.28 -41.28 21.07
N GLU B 495 -5.54 -41.71 20.05
CA GLU B 495 -4.54 -40.85 19.41
C GLU B 495 -5.17 -39.62 18.79
N VAL B 496 -6.29 -39.81 18.08
CA VAL B 496 -6.99 -38.71 17.44
C VAL B 496 -7.61 -37.80 18.48
N LYS B 497 -8.15 -38.38 19.56
CA LYS B 497 -8.70 -37.56 20.63
C LYS B 497 -7.61 -36.82 21.39
N ARG B 498 -6.38 -37.35 21.39
CA ARG B 498 -5.26 -36.62 21.97
C ARG B 498 -4.89 -35.43 21.09
N LYS B 499 -4.71 -35.66 19.79
CA LYS B 499 -4.33 -34.56 18.90
C LYS B 499 -5.48 -33.59 18.64
N PHE B 500 -6.70 -33.97 18.97
CA PHE B 500 -7.91 -33.26 18.61
C PHE B 500 -8.84 -33.21 19.81
N SER B 501 -8.32 -32.70 20.92
CA SER B 501 -9.11 -32.48 22.13
C SER B 501 -10.33 -31.61 21.84
N ASP B 502 -11.48 -32.07 22.33
CA ASP B 502 -12.78 -31.53 21.96
C ASP B 502 -13.50 -31.06 23.23
N LYS B 503 -13.25 -29.82 23.62
CA LYS B 503 -14.01 -29.27 24.73
C LYS B 503 -15.42 -28.92 24.26
N ARG B 504 -16.31 -28.76 25.21
CA ARG B 504 -17.68 -28.43 24.84
C ARG B 504 -17.87 -26.93 24.71
N ARG B 505 -18.96 -26.55 24.05
CA ARG B 505 -19.31 -25.15 23.85
C ARG B 505 -20.76 -24.83 24.15
N THR B 506 -21.66 -25.80 24.14
CA THR B 506 -23.08 -25.58 24.35
C THR B 506 -23.42 -25.79 25.82
N GLU B 507 -24.72 -25.83 26.12
CA GLU B 507 -25.17 -26.04 27.49
C GLU B 507 -26.55 -26.69 27.49
N LEU B 508 -26.66 -27.78 28.25
CA LEU B 508 -27.90 -28.54 28.38
C LEU B 508 -28.55 -28.29 29.73
N MET B 509 -29.86 -28.07 29.71
CA MET B 509 -30.69 -28.03 30.91
C MET B 509 -31.96 -28.84 30.64
N VAL B 510 -32.83 -28.91 31.64
CA VAL B 510 -34.06 -29.66 31.52
C VAL B 510 -35.25 -28.72 31.41
N LEU C 35 -47.32 -29.36 -10.34
CA LEU C 35 -46.50 -29.88 -9.26
C LEU C 35 -45.85 -31.19 -9.66
N THR C 36 -46.49 -32.30 -9.32
CA THR C 36 -45.98 -33.62 -9.73
C THR C 36 -46.03 -33.79 -11.24
N LYS C 37 -46.97 -33.14 -11.91
CA LYS C 37 -46.94 -33.08 -13.37
C LYS C 37 -45.74 -32.28 -13.86
N GLU C 38 -45.40 -31.20 -13.17
CA GLU C 38 -44.21 -30.44 -13.54
C GLU C 38 -42.94 -31.22 -13.21
N MET C 39 -42.97 -32.02 -12.15
CA MET C 39 -41.86 -32.91 -11.86
C MET C 39 -41.71 -33.97 -12.94
N LYS C 40 -42.84 -34.48 -13.45
CA LYS C 40 -42.79 -35.40 -14.58
C LYS C 40 -42.27 -34.71 -15.84
N ALA C 41 -42.61 -33.44 -16.02
CA ALA C 41 -42.09 -32.68 -17.16
C ALA C 41 -40.59 -32.50 -17.06
N SER C 42 -40.09 -32.23 -15.85
CA SER C 42 -38.65 -32.13 -15.61
C SER C 42 -37.97 -33.47 -15.84
N PHE C 43 -38.62 -34.56 -15.39
CA PHE C 43 -38.12 -35.91 -15.61
C PHE C 43 -38.00 -36.22 -17.09
N ILE C 44 -39.06 -35.94 -17.85
CA ILE C 44 -39.08 -36.21 -19.29
C ILE C 44 -38.04 -35.38 -20.02
N ASP C 45 -38.01 -34.07 -19.74
CA ASP C 45 -37.13 -33.17 -20.47
C ASP C 45 -35.67 -33.42 -20.11
N TYR C 46 -35.39 -33.71 -18.84
CA TYR C 46 -34.01 -33.95 -18.45
C TYR C 46 -33.52 -35.31 -18.92
N ALA C 47 -34.41 -36.30 -18.97
CA ALA C 47 -34.05 -37.60 -19.53
C ALA C 47 -33.76 -37.49 -21.02
N MET C 48 -34.58 -36.71 -21.74
CA MET C 48 -34.29 -36.40 -23.13
C MET C 48 -32.96 -35.69 -23.30
N SER C 49 -32.63 -34.78 -22.36
CA SER C 49 -31.37 -34.07 -22.42
C SER C 49 -30.19 -35.02 -22.29
N VAL C 50 -30.26 -35.95 -21.32
CA VAL C 50 -29.14 -36.86 -21.10
C VAL C 50 -29.02 -37.86 -22.23
N ILE C 51 -30.14 -38.39 -22.71
CA ILE C 51 -30.12 -39.40 -23.76
C ILE C 51 -29.65 -38.80 -25.09
N VAL C 52 -30.22 -37.66 -25.49
CA VAL C 52 -29.77 -37.01 -26.71
C VAL C 52 -28.35 -36.45 -26.54
N ALA C 53 -27.92 -36.21 -25.31
CA ALA C 53 -26.55 -35.76 -25.07
C ALA C 53 -25.55 -36.88 -25.35
N ARG C 54 -25.62 -37.97 -24.57
CA ARG C 54 -24.51 -38.91 -24.56
C ARG C 54 -24.90 -40.34 -24.90
N ALA C 55 -26.16 -40.61 -25.21
CA ALA C 55 -26.55 -41.91 -25.74
C ALA C 55 -26.53 -41.84 -27.27
N LEU C 56 -27.22 -42.79 -27.92
CA LEU C 56 -27.14 -43.02 -29.36
C LEU C 56 -27.48 -41.77 -30.18
N PRO C 57 -26.76 -41.52 -31.25
CA PRO C 57 -27.05 -40.34 -32.07
C PRO C 57 -28.23 -40.53 -33.00
N ASP C 58 -28.42 -39.55 -33.89
CA ASP C 58 -29.53 -39.59 -34.84
C ASP C 58 -29.31 -40.68 -35.87
N VAL C 59 -30.44 -41.16 -36.42
CA VAL C 59 -30.42 -41.99 -37.62
C VAL C 59 -29.79 -41.21 -38.78
N ARG C 60 -30.07 -39.91 -38.84
CA ARG C 60 -29.69 -39.09 -39.99
C ARG C 60 -28.18 -39.00 -40.16
N ASP C 61 -27.42 -39.08 -39.09
CA ASP C 61 -25.97 -39.05 -39.20
C ASP C 61 -25.28 -40.28 -38.64
N GLY C 62 -25.78 -40.83 -37.54
CA GLY C 62 -25.01 -41.81 -36.82
C GLY C 62 -23.80 -41.24 -36.15
N LEU C 63 -23.80 -39.94 -35.91
CA LEU C 63 -22.64 -39.21 -35.45
C LEU C 63 -23.03 -38.49 -34.17
N LYS C 64 -22.35 -38.81 -33.08
CA LYS C 64 -22.72 -38.25 -31.79
C LYS C 64 -22.34 -36.77 -31.75
N PRO C 65 -23.13 -35.94 -31.04
CA PRO C 65 -22.97 -34.48 -31.16
C PRO C 65 -21.65 -33.97 -30.64
N VAL C 66 -21.00 -34.69 -29.72
CA VAL C 66 -19.63 -34.40 -29.36
C VAL C 66 -18.73 -34.53 -30.59
N HIS C 67 -18.81 -35.69 -31.26
CA HIS C 67 -17.99 -35.93 -32.45
C HIS C 67 -18.42 -35.03 -33.60
N ARG C 68 -19.71 -34.74 -33.67
CA ARG C 68 -20.23 -33.79 -34.66
C ARG C 68 -19.59 -32.43 -34.49
N ARG C 69 -19.49 -31.95 -33.25
CA ARG C 69 -18.90 -30.65 -33.04
C ARG C 69 -17.38 -30.69 -33.16
N ILE C 70 -16.76 -31.85 -32.89
CA ILE C 70 -15.35 -32.05 -33.19
C ILE C 70 -15.08 -31.82 -34.67
N LEU C 71 -15.87 -32.48 -35.52
CA LEU C 71 -15.64 -32.37 -36.95
C LEU C 71 -16.04 -31.02 -37.49
N TYR C 72 -17.08 -30.41 -36.93
CA TYR C 72 -17.52 -29.09 -37.37
C TYR C 72 -16.49 -28.02 -37.03
N GLY C 73 -15.94 -28.07 -35.81
CA GLY C 73 -14.90 -27.14 -35.44
C GLY C 73 -13.58 -27.42 -36.11
N MET C 74 -13.32 -28.66 -36.49
CA MET C 74 -12.09 -28.93 -37.21
C MET C 74 -12.19 -28.55 -38.67
N ASN C 75 -13.40 -28.62 -39.25
CA ASN C 75 -13.61 -28.04 -40.56
C ASN C 75 -13.49 -26.52 -40.48
N GLU C 76 -13.99 -25.94 -39.40
CA GLU C 76 -13.89 -24.51 -39.22
C GLU C 76 -12.56 -24.07 -38.66
N LEU C 77 -11.65 -25.00 -38.39
CA LEU C 77 -10.24 -24.64 -38.35
C LEU C 77 -9.79 -24.16 -39.71
N GLY C 78 -10.29 -24.79 -40.76
CA GLY C 78 -10.02 -24.38 -42.12
C GLY C 78 -8.70 -24.88 -42.67
N VAL C 79 -7.81 -25.28 -41.77
CA VAL C 79 -6.47 -25.67 -42.16
C VAL C 79 -6.55 -27.06 -42.76
N THR C 80 -6.05 -27.20 -43.99
CA THR C 80 -6.23 -28.42 -44.75
C THR C 80 -5.40 -29.56 -44.14
N PRO C 81 -5.82 -30.81 -44.38
CA PRO C 81 -4.93 -31.93 -44.04
C PRO C 81 -3.69 -32.00 -44.89
N ASP C 82 -3.64 -31.26 -46.00
CA ASP C 82 -2.42 -31.16 -46.78
C ASP C 82 -1.30 -30.51 -45.98
N LYS C 83 -1.61 -29.46 -45.23
CA LYS C 83 -0.65 -28.89 -44.32
C LYS C 83 -0.44 -29.85 -43.14
N PRO C 84 0.76 -29.88 -42.54
CA PRO C 84 1.06 -30.95 -41.57
C PRO C 84 0.29 -30.78 -40.26
N HIS C 85 -0.34 -31.88 -39.85
CA HIS C 85 -1.38 -31.86 -38.83
C HIS C 85 -0.85 -31.50 -37.45
N LYS C 86 -1.64 -30.71 -36.70
CA LYS C 86 -1.13 -29.89 -35.59
C LYS C 86 -1.10 -30.64 -34.26
N LYS C 87 -0.35 -30.05 -33.34
CA LYS C 87 -0.07 -30.57 -32.00
C LYS C 87 -0.49 -29.48 -31.01
N SER C 88 -1.77 -29.46 -30.66
CA SER C 88 -2.26 -28.37 -29.85
C SER C 88 -3.54 -28.78 -29.16
N ALA C 89 -3.76 -28.22 -27.98
CA ALA C 89 -5.06 -28.26 -27.34
C ALA C 89 -5.87 -27.00 -27.62
N ARG C 90 -5.41 -26.17 -28.56
CA ARG C 90 -6.11 -24.94 -28.90
C ARG C 90 -7.43 -25.26 -29.59
N ILE C 91 -7.43 -26.35 -30.37
CA ILE C 91 -8.63 -26.85 -31.02
C ILE C 91 -9.69 -27.21 -29.97
N THR C 92 -9.28 -28.01 -29.00
CA THR C 92 -10.20 -28.43 -27.93
C THR C 92 -10.56 -27.26 -27.03
N GLY C 93 -9.69 -26.25 -26.93
CA GLY C 93 -10.05 -25.04 -26.20
C GLY C 93 -11.16 -24.27 -26.90
N ASP C 94 -11.11 -24.21 -28.23
CA ASP C 94 -12.23 -23.63 -28.97
C ASP C 94 -13.48 -24.50 -28.88
N VAL C 95 -13.29 -25.81 -28.76
CA VAL C 95 -14.43 -26.71 -28.55
C VAL C 95 -15.11 -26.43 -27.21
N MET C 96 -14.30 -26.27 -26.16
CA MET C 96 -14.87 -26.02 -24.85
C MET C 96 -15.39 -24.60 -24.74
N GLY C 97 -14.86 -23.69 -25.55
CA GLY C 97 -15.49 -22.38 -25.69
C GLY C 97 -16.81 -22.47 -26.42
N LYS C 98 -16.95 -23.43 -27.31
CA LYS C 98 -18.23 -23.65 -27.97
C LYS C 98 -19.25 -24.28 -27.03
N TYR C 99 -18.83 -25.16 -26.13
CA TYR C 99 -19.75 -25.81 -25.22
C TYR C 99 -19.03 -26.23 -23.94
N HIS C 100 -19.71 -26.07 -22.79
CA HIS C 100 -19.17 -26.50 -21.52
C HIS C 100 -19.69 -27.87 -21.15
N PRO C 101 -18.87 -28.93 -21.20
CA PRO C 101 -19.31 -30.26 -20.75
C PRO C 101 -19.12 -30.44 -19.26
N HIS C 102 -19.27 -31.68 -18.80
CA HIS C 102 -18.75 -32.10 -17.49
C HIS C 102 -17.37 -32.72 -17.61
N GLY C 103 -16.56 -32.15 -18.49
CA GLY C 103 -15.16 -32.48 -18.66
C GLY C 103 -14.72 -32.46 -20.10
N ASP C 104 -13.69 -31.66 -20.38
CA ASP C 104 -13.05 -31.66 -21.69
C ASP C 104 -12.03 -32.76 -21.83
N SER C 105 -11.63 -33.38 -20.73
CA SER C 105 -10.92 -34.64 -20.79
C SER C 105 -11.76 -35.70 -21.50
N SER C 106 -13.08 -35.66 -21.32
CA SER C 106 -13.96 -36.53 -22.08
C SER C 106 -13.96 -36.15 -23.57
N ILE C 107 -13.78 -34.88 -23.89
CA ILE C 107 -13.67 -34.48 -25.28
C ILE C 107 -12.37 -35.03 -25.88
N TYR C 108 -11.31 -35.03 -25.08
CA TYR C 108 -10.07 -35.63 -25.55
C TYR C 108 -10.18 -37.14 -25.63
N GLU C 109 -10.97 -37.75 -24.75
CA GLU C 109 -11.30 -39.16 -24.87
C GLU C 109 -12.04 -39.44 -26.17
N ALA C 110 -12.91 -38.52 -26.58
CA ALA C 110 -13.62 -38.67 -27.85
C ALA C 110 -12.66 -38.57 -29.02
N MET C 111 -11.69 -37.65 -28.93
CA MET C 111 -10.63 -37.54 -29.92
C MET C 111 -9.86 -38.85 -30.05
N VAL C 112 -9.45 -39.40 -28.90
CA VAL C 112 -8.61 -40.59 -28.91
C VAL C 112 -9.41 -41.82 -29.35
N ARG C 113 -10.67 -41.91 -28.93
CA ARG C 113 -11.48 -43.04 -29.36
C ARG C 113 -11.85 -42.95 -30.83
N MET C 114 -11.79 -41.76 -31.42
CA MET C 114 -11.88 -41.69 -32.87
C MET C 114 -10.53 -41.83 -33.53
N ALA C 115 -9.45 -41.93 -32.76
CA ALA C 115 -8.17 -42.35 -33.30
C ALA C 115 -7.93 -43.84 -33.15
N GLN C 116 -8.82 -44.54 -32.44
CA GLN C 116 -8.71 -45.99 -32.24
C GLN C 116 -9.12 -46.68 -33.53
N TRP C 117 -8.16 -46.83 -34.45
CA TRP C 117 -8.46 -47.56 -35.68
C TRP C 117 -8.74 -49.03 -35.42
N TRP C 118 -8.10 -49.58 -34.39
CA TRP C 118 -8.32 -50.95 -33.98
C TRP C 118 -9.70 -51.15 -33.35
N SER C 119 -10.38 -50.07 -32.97
CA SER C 119 -11.72 -50.15 -32.43
C SER C 119 -12.76 -49.55 -33.37
N TYR C 120 -12.60 -48.29 -33.76
CA TYR C 120 -13.52 -47.65 -34.67
C TYR C 120 -12.86 -47.51 -36.04
N ARG C 121 -13.59 -47.91 -37.08
CA ARG C 121 -12.93 -48.20 -38.34
C ARG C 121 -12.60 -46.94 -39.12
N TYR C 122 -12.28 -47.19 -40.38
CA TYR C 122 -11.55 -46.24 -41.19
C TYR C 122 -12.41 -45.06 -41.62
N MET C 123 -11.93 -43.83 -41.40
CA MET C 123 -10.95 -43.40 -40.38
C MET C 123 -11.42 -41.99 -40.07
N LEU C 124 -11.15 -41.48 -38.88
CA LEU C 124 -11.56 -40.13 -38.55
C LEU C 124 -10.45 -39.23 -38.01
N VAL C 125 -9.24 -39.74 -37.81
CA VAL C 125 -8.16 -38.94 -37.26
C VAL C 125 -6.95 -39.06 -38.18
N ASP C 126 -6.48 -37.91 -38.69
CA ASP C 126 -5.13 -37.80 -39.22
C ASP C 126 -4.26 -37.35 -38.05
N GLY C 127 -3.60 -38.32 -37.39
CA GLY C 127 -2.82 -38.02 -36.21
C GLY C 127 -1.47 -38.73 -36.23
N HIS C 128 -0.66 -38.37 -35.23
CA HIS C 128 0.73 -38.81 -35.13
C HIS C 128 1.11 -39.33 -33.73
N GLY C 129 0.49 -38.80 -32.69
CA GLY C 129 0.93 -39.03 -31.33
C GLY C 129 0.62 -40.42 -30.80
N ASN C 130 0.78 -40.57 -29.48
CA ASN C 130 0.51 -41.85 -28.84
C ASN C 130 -0.97 -42.12 -28.76
N PHE C 131 -1.40 -43.27 -29.26
CA PHE C 131 -2.77 -43.73 -29.07
C PHE C 131 -2.86 -45.21 -28.73
N GLY C 132 -1.79 -45.99 -28.91
CA GLY C 132 -1.81 -47.36 -28.44
C GLY C 132 -2.47 -48.32 -29.42
N SER C 133 -3.04 -49.38 -28.86
CA SER C 133 -3.82 -50.37 -29.60
C SER C 133 -4.86 -50.92 -28.64
N MET C 134 -5.44 -52.07 -28.98
CA MET C 134 -6.34 -52.76 -28.05
C MET C 134 -5.48 -53.59 -27.09
N ASP C 135 -4.80 -52.86 -26.21
CA ASP C 135 -3.75 -53.41 -25.37
C ASP C 135 -3.87 -53.06 -23.90
N GLY C 136 -4.53 -51.96 -23.56
CA GLY C 136 -4.46 -51.43 -22.21
C GLY C 136 -3.46 -50.30 -22.15
N ASP C 137 -3.54 -49.40 -23.13
CA ASP C 137 -2.57 -48.34 -23.32
C ASP C 137 -3.14 -47.02 -22.81
N SER C 138 -2.32 -46.27 -22.09
CA SER C 138 -2.73 -45.01 -21.46
C SER C 138 -1.82 -43.90 -21.97
N ALA C 139 -2.29 -43.12 -22.94
CA ALA C 139 -1.52 -42.03 -23.50
C ALA C 139 -1.92 -40.74 -22.78
N ALA C 140 -1.20 -40.43 -21.71
CA ALA C 140 -1.49 -39.24 -20.93
C ALA C 140 -1.04 -37.96 -21.61
N ALA C 141 -0.25 -38.06 -22.68
CA ALA C 141 0.20 -36.90 -23.41
C ALA C 141 -0.95 -36.31 -24.22
N GLN C 142 -1.65 -35.32 -23.65
CA GLN C 142 -2.92 -34.92 -24.25
C GLN C 142 -2.74 -34.04 -25.49
N ARG C 143 -2.19 -32.84 -25.31
CA ARG C 143 -2.01 -31.95 -26.44
C ARG C 143 -0.80 -32.33 -27.27
N TYR C 144 0.01 -33.25 -26.78
CA TYR C 144 1.26 -33.61 -27.41
C TYR C 144 1.05 -34.47 -28.64
N THR C 145 -0.13 -35.05 -28.79
CA THR C 145 -0.45 -35.76 -30.02
C THR C 145 -0.73 -34.76 -31.13
N GLU C 146 -0.55 -35.23 -32.36
CA GLU C 146 -0.88 -34.44 -33.53
C GLU C 146 -2.11 -35.02 -34.22
N ALA C 147 -2.94 -34.13 -34.74
CA ALA C 147 -4.07 -34.49 -35.59
C ALA C 147 -4.52 -33.24 -36.34
N ARG C 148 -5.29 -33.49 -37.40
CA ARG C 148 -6.11 -32.49 -38.07
C ARG C 148 -7.18 -33.25 -38.85
N MET C 149 -7.80 -32.58 -39.84
CA MET C 149 -8.83 -33.11 -40.71
C MET C 149 -8.38 -34.40 -41.40
N SER C 150 -9.33 -35.25 -41.72
CA SER C 150 -9.06 -36.51 -42.37
C SER C 150 -9.63 -36.48 -43.78
N LYS C 151 -9.21 -37.46 -44.57
CA LYS C 151 -9.55 -37.47 -45.99
C LYS C 151 -11.03 -37.72 -46.21
N ILE C 152 -11.62 -38.61 -45.42
CA ILE C 152 -13.03 -38.91 -45.59
C ILE C 152 -13.89 -37.76 -45.09
N ALA C 153 -13.37 -37.01 -44.11
CA ALA C 153 -14.09 -35.87 -43.56
C ALA C 153 -14.25 -34.76 -44.58
N LEU C 154 -13.29 -34.63 -45.49
CA LEU C 154 -13.25 -33.55 -46.48
C LEU C 154 -14.50 -33.57 -47.36
N GLU C 155 -14.69 -34.65 -48.10
CA GLU C 155 -15.92 -34.76 -48.87
C GLU C 155 -17.11 -35.15 -48.02
N MET C 156 -16.87 -35.69 -46.82
CA MET C 156 -17.96 -36.09 -45.94
C MET C 156 -18.77 -34.89 -45.46
N LEU C 157 -18.11 -33.76 -45.24
CA LEU C 157 -18.83 -32.61 -44.72
C LEU C 157 -18.68 -31.36 -45.57
N ARG C 158 -18.93 -31.49 -46.88
CA ARG C 158 -19.00 -30.33 -47.76
C ARG C 158 -20.36 -29.64 -47.62
N ASP C 159 -20.61 -28.68 -48.53
CA ASP C 159 -21.91 -28.07 -48.80
C ASP C 159 -22.45 -27.26 -47.62
N ILE C 160 -21.57 -26.86 -46.69
CA ILE C 160 -21.96 -25.92 -45.64
C ILE C 160 -22.31 -24.56 -46.25
N ASN C 161 -21.67 -24.21 -47.35
CA ASN C 161 -21.86 -22.92 -48.01
C ASN C 161 -23.09 -22.90 -48.88
N LYS C 162 -23.98 -23.88 -48.75
CA LYS C 162 -25.11 -24.04 -49.64
C LYS C 162 -26.42 -24.08 -48.86
N ASN C 163 -26.40 -23.63 -47.59
CA ASN C 163 -27.57 -23.47 -46.72
C ASN C 163 -28.34 -24.77 -46.53
N THR C 164 -27.61 -25.88 -46.58
CA THR C 164 -28.26 -27.19 -46.62
C THR C 164 -28.83 -27.58 -45.27
N VAL C 165 -28.13 -27.29 -44.19
CA VAL C 165 -28.47 -27.77 -42.87
C VAL C 165 -28.85 -26.59 -42.00
N ASP C 166 -29.85 -26.77 -41.15
CA ASP C 166 -30.25 -25.73 -40.23
C ASP C 166 -29.23 -25.57 -39.11
N PHE C 167 -29.42 -24.53 -38.30
CA PHE C 167 -28.50 -24.19 -37.24
C PHE C 167 -29.25 -23.72 -36.01
N VAL C 168 -28.60 -23.83 -34.86
CA VAL C 168 -29.08 -23.26 -33.61
C VAL C 168 -27.95 -22.49 -32.96
N ASP C 169 -28.32 -21.49 -32.16
CA ASP C 169 -27.36 -20.70 -31.42
C ASP C 169 -26.94 -21.45 -30.15
N ASN C 170 -25.69 -21.23 -29.74
CA ASN C 170 -25.19 -21.82 -28.52
C ASN C 170 -25.79 -21.11 -27.29
N TYR C 171 -25.42 -21.61 -26.11
CA TYR C 171 -25.75 -20.90 -24.89
C TYR C 171 -24.93 -19.62 -24.77
N ASP C 172 -23.80 -19.54 -25.46
CA ASP C 172 -22.94 -18.37 -25.40
C ASP C 172 -23.41 -17.23 -26.29
N ALA C 173 -24.46 -17.46 -27.11
CA ALA C 173 -25.18 -16.43 -27.88
C ALA C 173 -24.28 -15.69 -28.87
N ASN C 174 -23.24 -16.35 -29.33
CA ASN C 174 -22.25 -15.70 -30.17
C ASN C 174 -21.98 -16.45 -31.47
N GLU C 175 -22.02 -17.78 -31.46
CA GLU C 175 -21.79 -18.59 -32.64
C GLU C 175 -22.84 -19.69 -32.72
N ARG C 176 -22.99 -20.24 -33.92
CA ARG C 176 -24.03 -21.21 -34.21
C ARG C 176 -23.43 -22.60 -34.37
N GLU C 177 -24.32 -23.59 -34.50
CA GLU C 177 -23.89 -24.97 -34.66
C GLU C 177 -25.02 -25.75 -35.32
N PRO C 178 -24.69 -26.78 -36.12
CA PRO C 178 -25.74 -27.58 -36.73
C PRO C 178 -26.07 -28.80 -35.89
N LEU C 179 -27.36 -29.16 -35.85
CA LEU C 179 -27.75 -30.31 -35.05
C LEU C 179 -27.51 -31.62 -35.79
N VAL C 180 -27.57 -31.60 -37.12
CA VAL C 180 -27.27 -32.76 -37.95
C VAL C 180 -26.22 -32.36 -38.97
N LEU C 181 -25.91 -33.27 -39.87
CA LEU C 181 -24.83 -33.10 -40.83
C LEU C 181 -25.26 -33.57 -42.20
N PRO C 182 -24.59 -33.09 -43.26
CA PRO C 182 -24.72 -33.73 -44.56
C PRO C 182 -23.80 -34.92 -44.67
N ALA C 183 -24.22 -35.90 -45.46
CA ALA C 183 -23.52 -37.17 -45.50
C ALA C 183 -23.18 -37.55 -46.93
N ARG C 184 -22.16 -38.40 -47.04
CA ARG C 184 -21.80 -39.01 -48.30
C ARG C 184 -21.78 -40.53 -48.21
N PHE C 185 -22.24 -41.07 -47.08
CA PHE C 185 -22.47 -42.48 -46.81
C PHE C 185 -23.17 -42.62 -45.47
N PRO C 186 -23.94 -43.66 -45.27
CA PRO C 186 -24.40 -44.00 -43.92
C PRO C 186 -23.32 -44.63 -43.05
N ASN C 187 -22.56 -43.76 -42.35
CA ASN C 187 -21.59 -44.18 -41.34
C ASN C 187 -22.21 -44.98 -40.20
N LEU C 188 -23.53 -44.91 -40.04
CA LEU C 188 -24.32 -45.87 -39.28
C LEU C 188 -23.85 -47.31 -39.47
N LEU C 189 -23.66 -47.68 -40.72
CA LEU C 189 -23.22 -49.02 -41.06
C LEU C 189 -21.71 -49.14 -41.08
N VAL C 190 -21.02 -48.03 -41.32
CA VAL C 190 -19.57 -48.09 -41.46
C VAL C 190 -18.91 -48.28 -40.11
N ASN C 191 -19.33 -47.49 -39.13
CA ASN C 191 -18.89 -47.64 -37.75
C ASN C 191 -20.10 -47.96 -36.90
N GLY C 192 -19.97 -48.95 -36.02
CA GLY C 192 -21.08 -49.41 -35.21
C GLY C 192 -21.30 -48.55 -33.98
N ALA C 193 -22.00 -49.14 -33.01
CA ALA C 193 -22.34 -48.44 -31.77
C ALA C 193 -22.04 -49.33 -30.59
N THR C 194 -21.46 -48.72 -29.55
CA THR C 194 -21.25 -49.36 -28.24
C THR C 194 -21.82 -48.40 -27.21
N GLY C 195 -23.13 -48.52 -26.96
CA GLY C 195 -23.81 -47.58 -26.09
C GLY C 195 -23.69 -47.93 -24.62
N ILE C 196 -24.39 -47.14 -23.80
CA ILE C 196 -24.48 -47.37 -22.37
C ILE C 196 -25.94 -47.53 -22.01
N ALA C 197 -26.18 -48.10 -20.83
CA ALA C 197 -27.53 -48.49 -20.43
C ALA C 197 -28.19 -47.38 -19.63
N VAL C 198 -28.51 -46.30 -20.32
CA VAL C 198 -29.36 -45.29 -19.69
C VAL C 198 -30.79 -45.81 -19.58
N GLY C 199 -31.26 -46.53 -20.59
CA GLY C 199 -32.34 -47.46 -20.43
C GLY C 199 -31.84 -48.84 -20.80
N MET C 200 -30.96 -48.87 -21.79
CA MET C 200 -30.32 -50.06 -22.34
C MET C 200 -29.25 -49.60 -23.32
N ALA C 201 -28.16 -50.36 -23.40
CA ALA C 201 -27.06 -50.06 -24.31
C ALA C 201 -27.40 -50.53 -25.72
N THR C 202 -26.44 -50.43 -26.65
CA THR C 202 -26.68 -50.81 -28.04
C THR C 202 -25.39 -51.23 -28.70
N ASN C 203 -25.39 -52.44 -29.26
CA ASN C 203 -24.34 -52.92 -30.15
C ASN C 203 -24.79 -52.77 -31.59
N ILE C 204 -23.98 -52.10 -32.39
CA ILE C 204 -24.19 -52.04 -33.84
C ILE C 204 -22.87 -52.39 -34.53
N PRO C 205 -22.85 -53.37 -35.42
CA PRO C 205 -21.60 -53.83 -36.00
C PRO C 205 -21.19 -52.99 -37.17
N PRO C 206 -19.89 -52.94 -37.49
CA PRO C 206 -19.45 -52.21 -38.68
C PRO C 206 -19.66 -53.03 -39.93
N HIS C 207 -19.48 -52.36 -41.07
CA HIS C 207 -19.69 -53.01 -42.37
C HIS C 207 -18.61 -52.51 -43.33
N ASN C 208 -18.81 -52.77 -44.63
CA ASN C 208 -17.85 -52.44 -45.67
C ASN C 208 -18.38 -51.28 -46.52
N LEU C 209 -17.42 -50.50 -47.04
CA LEU C 209 -17.64 -49.35 -47.89
C LEU C 209 -18.40 -49.69 -49.16
N GLY C 210 -17.79 -50.50 -50.02
CA GLY C 210 -18.37 -50.78 -51.32
C GLY C 210 -19.61 -51.66 -51.22
N GLU C 211 -19.68 -52.50 -50.20
CA GLU C 211 -20.88 -53.27 -49.95
C GLU C 211 -22.05 -52.36 -49.61
N THR C 212 -21.78 -51.31 -48.84
CA THR C 212 -22.81 -50.33 -48.53
C THR C 212 -23.20 -49.56 -49.78
N ILE C 213 -22.23 -49.27 -50.64
CA ILE C 213 -22.51 -48.60 -51.91
C ILE C 213 -23.43 -49.45 -52.77
N ASP C 214 -23.15 -50.75 -52.82
CA ASP C 214 -23.97 -51.67 -53.61
C ASP C 214 -25.36 -51.81 -53.02
N ALA C 215 -25.46 -51.74 -51.69
CA ALA C 215 -26.77 -51.75 -51.05
C ALA C 215 -27.56 -50.50 -51.39
N VAL C 216 -26.88 -49.35 -51.43
CA VAL C 216 -27.52 -48.10 -51.83
C VAL C 216 -28.03 -48.19 -53.25
N LYS C 217 -27.19 -48.71 -54.16
CA LYS C 217 -27.58 -48.90 -55.55
C LYS C 217 -28.74 -49.88 -55.67
N LEU C 218 -28.75 -50.91 -54.84
CA LEU C 218 -29.81 -51.91 -54.88
C LEU C 218 -31.15 -51.34 -54.46
N VAL C 219 -31.17 -50.61 -53.35
CA VAL C 219 -32.42 -50.02 -52.89
C VAL C 219 -32.85 -48.89 -53.80
N MET C 220 -31.89 -48.21 -54.42
CA MET C 220 -32.20 -47.18 -55.41
C MET C 220 -32.89 -47.77 -56.62
N ASP C 221 -32.34 -48.87 -57.14
CA ASP C 221 -32.90 -49.48 -58.34
C ASP C 221 -34.19 -50.23 -58.04
N ASN C 222 -34.35 -50.72 -56.82
CA ASN C 222 -35.53 -51.51 -56.51
C ASN C 222 -36.11 -51.11 -55.15
N PRO C 223 -37.38 -50.70 -55.12
CA PRO C 223 -38.05 -50.48 -53.83
C PRO C 223 -38.71 -51.75 -53.32
N GLU C 224 -38.31 -52.88 -53.88
CA GLU C 224 -38.97 -54.17 -53.70
C GLU C 224 -37.95 -55.24 -53.35
N VAL C 225 -36.85 -54.85 -52.71
CA VAL C 225 -35.80 -55.78 -52.35
C VAL C 225 -36.25 -56.67 -51.19
N THR C 226 -35.49 -57.74 -50.97
CA THR C 226 -35.76 -58.67 -49.89
C THR C 226 -34.57 -58.70 -48.93
N THR C 227 -34.64 -59.59 -47.94
CA THR C 227 -33.54 -59.76 -47.01
C THR C 227 -32.43 -60.63 -47.60
N LYS C 228 -32.77 -61.52 -48.52
CA LYS C 228 -31.75 -62.25 -49.26
C LYS C 228 -30.95 -61.32 -50.15
N ASP C 229 -31.61 -60.28 -50.67
CA ASP C 229 -30.92 -59.22 -51.38
C ASP C 229 -29.89 -58.53 -50.48
N LEU C 230 -30.27 -58.34 -49.21
CA LEU C 230 -29.34 -57.79 -48.24
C LEU C 230 -28.22 -58.77 -47.94
N MET C 231 -28.52 -60.08 -47.95
CA MET C 231 -27.47 -61.08 -47.79
C MET C 231 -26.49 -61.04 -48.95
N GLU C 232 -26.97 -60.67 -50.14
CA GLU C 232 -26.08 -60.57 -51.29
C GLU C 232 -25.17 -59.36 -51.18
N VAL C 233 -25.75 -58.15 -51.11
CA VAL C 233 -24.93 -56.95 -51.11
C VAL C 233 -24.22 -56.75 -49.79
N LEU C 234 -24.67 -57.41 -48.73
CA LEU C 234 -23.93 -57.48 -47.48
C LEU C 234 -23.76 -58.95 -47.13
N PRO C 235 -22.63 -59.56 -47.46
CA PRO C 235 -22.37 -60.91 -46.99
C PRO C 235 -22.23 -61.02 -45.48
N GLY C 236 -21.80 -59.95 -44.81
CA GLY C 236 -21.73 -59.95 -43.38
C GLY C 236 -21.03 -58.75 -42.79
N PRO C 237 -21.27 -58.48 -41.50
CA PRO C 237 -20.62 -57.34 -40.85
C PRO C 237 -19.16 -57.65 -40.59
N ASP C 238 -18.32 -56.64 -40.68
CA ASP C 238 -16.89 -56.85 -40.60
C ASP C 238 -16.29 -55.95 -39.52
N PHE C 239 -14.98 -56.07 -39.38
CA PHE C 239 -14.22 -55.56 -38.25
C PHE C 239 -12.92 -54.97 -38.77
N PRO C 240 -12.29 -54.08 -38.02
CA PRO C 240 -10.94 -53.65 -38.39
C PRO C 240 -9.88 -54.66 -38.00
N THR C 241 -10.28 -55.71 -37.28
CA THR C 241 -9.38 -56.72 -36.76
C THR C 241 -9.65 -58.10 -37.37
N GLY C 242 -10.90 -58.56 -37.34
CA GLY C 242 -11.23 -59.86 -37.89
C GLY C 242 -11.63 -60.85 -36.82
N ALA C 243 -12.57 -61.72 -37.15
CA ALA C 243 -13.06 -62.78 -36.28
C ALA C 243 -13.70 -63.86 -37.15
N LEU C 244 -14.44 -64.76 -36.51
CA LEU C 244 -15.23 -65.75 -37.24
C LEU C 244 -16.64 -65.71 -36.68
N VAL C 245 -17.62 -65.66 -37.59
CA VAL C 245 -19.04 -65.67 -37.25
C VAL C 245 -19.63 -66.89 -37.95
N MET C 246 -19.86 -67.96 -37.19
CA MET C 246 -20.28 -69.22 -37.79
C MET C 246 -21.77 -69.26 -38.07
N GLY C 247 -22.57 -68.53 -37.30
CA GLY C 247 -24.02 -68.64 -37.40
C GLY C 247 -24.59 -67.92 -38.62
N LYS C 248 -25.81 -68.33 -38.98
CA LYS C 248 -26.53 -67.75 -40.11
C LYS C 248 -27.86 -67.14 -39.71
N SER C 249 -28.68 -67.89 -38.96
CA SER C 249 -30.00 -67.40 -38.58
C SER C 249 -29.93 -66.34 -37.50
N GLY C 250 -28.85 -66.30 -36.71
CA GLY C 250 -28.64 -65.17 -35.83
C GLY C 250 -28.40 -63.89 -36.60
N ILE C 251 -27.65 -63.98 -37.71
CA ILE C 251 -27.47 -62.86 -38.62
C ILE C 251 -28.80 -62.48 -39.26
N HIS C 252 -29.61 -63.49 -39.59
CA HIS C 252 -30.93 -63.27 -40.18
C HIS C 252 -31.85 -62.50 -39.23
N LYS C 253 -31.95 -62.96 -37.98
CA LYS C 253 -32.73 -62.25 -36.97
C LYS C 253 -32.11 -60.92 -36.60
N ALA C 254 -30.80 -60.76 -36.78
CA ALA C 254 -30.17 -59.47 -36.53
C ALA C 254 -30.62 -58.44 -37.55
N TYR C 255 -30.57 -58.79 -38.83
CA TYR C 255 -30.98 -57.82 -39.83
C TYR C 255 -32.48 -57.69 -39.97
N GLU C 256 -33.27 -58.61 -39.41
CA GLU C 256 -34.71 -58.43 -39.45
C GLU C 256 -35.27 -57.87 -38.14
N THR C 257 -35.08 -58.59 -37.05
CA THR C 257 -35.68 -58.19 -35.77
C THR C 257 -34.90 -57.08 -35.09
N GLY C 258 -33.60 -56.96 -35.40
CA GLY C 258 -32.75 -56.08 -34.65
C GLY C 258 -32.23 -56.65 -33.36
N LYS C 259 -32.54 -57.91 -33.04
CA LYS C 259 -32.07 -58.56 -31.83
C LYS C 259 -31.44 -59.90 -32.18
N GLY C 260 -30.43 -60.27 -31.42
CA GLY C 260 -29.74 -61.53 -31.61
C GLY C 260 -28.29 -61.43 -31.23
N SER C 261 -27.69 -62.57 -30.93
CA SER C 261 -26.28 -62.67 -30.61
C SER C 261 -25.59 -63.55 -31.64
N ILE C 262 -24.30 -63.30 -31.82
CA ILE C 262 -23.51 -64.03 -32.80
C ILE C 262 -22.31 -64.65 -32.12
N VAL C 263 -21.57 -65.43 -32.87
CA VAL C 263 -20.27 -65.94 -32.44
C VAL C 263 -19.20 -64.98 -32.95
N LEU C 264 -18.34 -64.52 -32.05
CA LEU C 264 -17.06 -63.96 -32.45
C LEU C 264 -15.99 -64.95 -32.06
N ARG C 265 -15.21 -65.42 -33.04
CA ARG C 265 -14.23 -66.46 -32.80
C ARG C 265 -12.85 -66.00 -33.24
N SER C 266 -11.84 -66.37 -32.45
CA SER C 266 -10.45 -66.19 -32.84
C SER C 266 -10.09 -67.08 -34.01
N ARG C 267 -9.10 -66.64 -34.78
CA ARG C 267 -8.55 -67.47 -35.85
C ARG C 267 -7.76 -68.62 -35.25
N THR C 268 -7.89 -69.80 -35.85
CA THR C 268 -7.19 -71.00 -35.39
C THR C 268 -6.43 -71.60 -36.56
N GLU C 269 -5.13 -71.83 -36.37
CA GLU C 269 -4.29 -72.49 -37.36
C GLU C 269 -3.51 -73.60 -36.67
N ILE C 270 -3.74 -74.84 -37.10
CA ILE C 270 -3.09 -76.01 -36.52
C ILE C 270 -1.92 -76.37 -37.41
N GLU C 271 -0.70 -76.17 -36.91
CA GLU C 271 0.50 -76.53 -37.65
C GLU C 271 1.35 -77.50 -36.84
N THR C 272 2.41 -77.99 -37.48
CA THR C 272 3.18 -79.12 -36.97
C THR C 272 4.51 -78.64 -36.43
N THR C 273 4.74 -78.86 -35.14
CA THR C 273 6.06 -78.68 -34.56
C THR C 273 6.98 -79.79 -35.05
N LYS C 274 8.25 -79.45 -35.26
CA LYS C 274 9.27 -80.41 -35.69
C LYS C 274 9.49 -81.55 -34.70
N THR C 275 9.09 -81.39 -33.44
CA THR C 275 9.14 -82.46 -32.45
C THR C 275 7.77 -83.05 -32.14
N GLY C 276 6.75 -82.73 -32.94
CA GLY C 276 5.44 -83.34 -32.76
C GLY C 276 4.55 -82.70 -31.71
N ARG C 277 4.23 -81.42 -31.89
CA ARG C 277 3.26 -80.71 -31.05
C ARG C 277 2.28 -79.99 -31.95
N GLU C 278 0.99 -80.09 -31.62
CA GLU C 278 -0.07 -79.46 -32.41
C GLU C 278 -0.06 -77.96 -32.12
N ARG C 279 0.78 -77.23 -32.85
CA ARG C 279 0.97 -75.81 -32.60
C ARG C 279 -0.24 -75.01 -33.08
N ILE C 280 -0.72 -74.10 -32.22
CA ILE C 280 -1.89 -73.28 -32.50
C ILE C 280 -1.41 -71.86 -32.77
N VAL C 281 -1.76 -71.34 -33.95
CA VAL C 281 -1.48 -69.96 -34.34
C VAL C 281 -2.82 -69.21 -34.35
N VAL C 282 -2.85 -68.05 -33.70
CA VAL C 282 -4.04 -67.24 -33.59
C VAL C 282 -3.70 -65.83 -34.06
N THR C 283 -4.49 -65.32 -34.99
CA THR C 283 -4.38 -63.95 -35.47
C THR C 283 -5.61 -63.12 -35.14
N GLU C 284 -6.80 -63.60 -35.50
CA GLU C 284 -8.04 -62.91 -35.22
C GLU C 284 -8.47 -63.14 -33.77
N PHE C 285 -9.42 -62.34 -33.32
CA PHE C 285 -9.94 -62.40 -31.96
C PHE C 285 -11.38 -61.95 -31.96
N PRO C 286 -12.14 -62.26 -30.91
CA PRO C 286 -13.38 -61.52 -30.67
C PRO C 286 -13.10 -60.06 -30.39
N TYR C 287 -14.10 -59.24 -30.66
CA TYR C 287 -13.94 -57.79 -30.63
C TYR C 287 -14.01 -57.28 -29.19
N MET C 288 -13.30 -56.18 -28.93
CA MET C 288 -13.12 -55.58 -27.61
C MET C 288 -12.53 -56.57 -26.61
N VAL C 289 -11.54 -57.34 -27.05
CA VAL C 289 -10.93 -58.38 -26.23
C VAL C 289 -9.42 -58.13 -26.25
N ASN C 290 -8.90 -57.58 -25.17
CA ASN C 290 -7.45 -57.45 -25.01
C ASN C 290 -6.81 -58.82 -24.84
N LYS C 291 -5.56 -58.92 -25.30
CA LYS C 291 -4.83 -60.18 -25.17
C LYS C 291 -4.38 -60.42 -23.73
N THR C 292 -4.22 -59.35 -22.96
CA THR C 292 -3.44 -59.41 -21.73
C THR C 292 -4.16 -60.19 -20.64
N LYS C 293 -5.35 -59.72 -20.25
CA LYS C 293 -6.09 -60.35 -19.16
C LYS C 293 -6.58 -61.73 -19.56
N VAL C 294 -6.84 -61.94 -20.86
CA VAL C 294 -7.19 -63.27 -21.35
C VAL C 294 -6.03 -64.23 -21.15
N HIS C 295 -4.82 -63.79 -21.49
CA HIS C 295 -3.63 -64.59 -21.26
C HIS C 295 -3.40 -64.87 -19.78
N GLU C 296 -3.71 -63.89 -18.94
CA GLU C 296 -3.55 -64.07 -17.49
C GLU C 296 -4.53 -65.11 -16.95
N HIS C 297 -5.78 -65.08 -17.42
CA HIS C 297 -6.74 -66.10 -17.01
C HIS C 297 -6.42 -67.46 -17.59
N ILE C 298 -5.78 -67.51 -18.76
CA ILE C 298 -5.29 -68.78 -19.27
C ILE C 298 -4.19 -69.34 -18.37
N VAL C 299 -3.30 -68.46 -17.89
CA VAL C 299 -2.27 -68.86 -16.93
C VAL C 299 -2.90 -69.37 -15.63
N ARG C 300 -3.96 -68.68 -15.18
CA ARG C 300 -4.70 -69.12 -14.00
C ARG C 300 -5.34 -70.50 -14.19
N LEU C 301 -5.99 -70.71 -15.34
CA LEU C 301 -6.69 -71.97 -15.59
C LEU C 301 -5.70 -73.12 -15.75
N VAL C 302 -4.51 -72.85 -16.29
CA VAL C 302 -3.42 -73.81 -16.25
C VAL C 302 -3.03 -74.11 -14.81
N GLN C 303 -2.95 -73.07 -13.98
CA GLN C 303 -2.38 -73.20 -12.64
C GLN C 303 -3.47 -73.40 -11.58
N GLU C 304 -4.53 -74.14 -11.91
CA GLU C 304 -5.57 -74.53 -10.96
C GLU C 304 -5.89 -76.00 -11.12
N LYS C 305 -4.84 -76.83 -11.11
CA LYS C 305 -4.90 -78.29 -11.22
C LYS C 305 -5.62 -78.73 -12.50
N ARG C 306 -5.06 -78.28 -13.62
CA ARG C 306 -5.53 -78.61 -14.97
C ARG C 306 -4.28 -78.87 -15.80
N ILE C 307 -4.42 -78.79 -17.13
CA ILE C 307 -3.34 -79.12 -18.04
C ILE C 307 -2.19 -78.13 -17.85
N GLU C 308 -1.10 -78.62 -17.23
CA GLU C 308 -0.01 -77.76 -16.81
C GLU C 308 1.22 -77.90 -17.70
N GLY C 309 1.28 -78.96 -18.51
CA GLY C 309 2.40 -79.16 -19.42
C GLY C 309 2.39 -78.24 -20.62
N ILE C 310 1.36 -77.42 -20.77
CA ILE C 310 1.35 -76.39 -21.81
C ILE C 310 2.01 -75.15 -21.19
N THR C 311 3.32 -75.22 -21.07
CA THR C 311 4.14 -74.05 -20.75
C THR C 311 4.74 -73.45 -22.02
N ALA C 312 3.88 -73.22 -23.01
CA ALA C 312 4.31 -72.76 -24.33
C ALA C 312 3.29 -71.72 -24.78
N VAL C 313 3.63 -70.46 -24.55
CA VAL C 313 2.80 -69.33 -24.92
C VAL C 313 3.66 -68.28 -25.58
N ARG C 314 3.83 -68.39 -26.90
CA ARG C 314 4.67 -67.48 -27.67
C ARG C 314 3.73 -66.47 -28.31
N ASP C 315 3.45 -65.40 -27.57
CA ASP C 315 2.45 -64.41 -27.95
C ASP C 315 3.13 -63.06 -27.96
N GLU C 316 3.79 -62.74 -29.07
CA GLU C 316 4.60 -61.53 -29.19
C GLU C 316 4.77 -61.22 -30.67
N SER C 317 5.65 -60.25 -30.96
CA SER C 317 6.00 -59.80 -32.32
C SER C 317 4.77 -59.32 -33.09
N ASN C 318 3.84 -58.70 -32.38
CA ASN C 318 2.56 -58.32 -32.94
C ASN C 318 2.57 -56.92 -33.54
N ARG C 319 3.74 -56.46 -33.97
CA ARG C 319 3.90 -55.19 -34.65
C ARG C 319 3.96 -55.35 -36.16
N GLU C 320 4.04 -56.59 -36.63
CA GLU C 320 3.81 -56.95 -38.03
C GLU C 320 2.40 -57.45 -38.27
N GLY C 321 1.66 -57.80 -37.22
CA GLY C 321 0.37 -58.41 -37.34
C GLY C 321 -0.08 -58.94 -35.99
N VAL C 322 -0.54 -60.19 -35.93
CA VAL C 322 -0.82 -60.86 -34.67
C VAL C 322 -0.20 -62.25 -34.73
N ARG C 323 0.75 -62.51 -33.84
CA ARG C 323 1.32 -63.85 -33.69
C ARG C 323 0.99 -64.31 -32.27
N PHE C 324 -0.18 -64.91 -32.12
CA PHE C 324 -0.63 -65.41 -30.82
C PHE C 324 -0.51 -66.92 -30.88
N VAL C 325 0.65 -67.45 -30.55
CA VAL C 325 0.97 -68.84 -30.81
C VAL C 325 1.18 -69.56 -29.49
N ILE C 326 0.47 -70.68 -29.32
CA ILE C 326 0.76 -71.61 -28.24
C ILE C 326 1.16 -72.93 -28.86
N GLU C 327 1.75 -73.80 -28.05
CA GLU C 327 2.07 -75.15 -28.46
C GLU C 327 1.54 -76.13 -27.43
N VAL C 328 0.59 -76.97 -27.85
CA VAL C 328 -0.02 -77.95 -26.97
C VAL C 328 1.01 -79.02 -26.63
N LYS C 329 1.02 -79.42 -25.36
CA LYS C 329 1.94 -80.43 -24.84
C LYS C 329 1.69 -81.78 -25.49
N ARG C 330 2.65 -82.68 -25.31
CA ARG C 330 2.54 -84.03 -25.83
C ARG C 330 1.48 -84.81 -25.03
N ASP C 331 0.89 -85.80 -25.72
CA ASP C 331 -0.24 -86.59 -25.23
C ASP C 331 -1.42 -85.71 -24.85
N ALA C 332 -1.73 -84.75 -25.72
CA ALA C 332 -2.88 -83.87 -25.58
C ALA C 332 -3.22 -83.30 -26.95
N SER C 333 -4.50 -83.32 -27.29
CA SER C 333 -4.94 -82.75 -28.55
C SER C 333 -5.17 -81.26 -28.40
N ALA C 334 -5.03 -80.54 -29.51
CA ALA C 334 -5.20 -79.09 -29.47
C ALA C 334 -6.68 -78.71 -29.33
N ASN C 335 -7.56 -79.49 -29.96
CA ASN C 335 -8.95 -79.08 -30.12
C ASN C 335 -9.72 -79.10 -28.81
N VAL C 336 -9.33 -79.98 -27.88
CA VAL C 336 -9.96 -80.00 -26.56
C VAL C 336 -9.64 -78.72 -25.79
N ILE C 337 -8.37 -78.29 -25.84
CA ILE C 337 -7.97 -77.04 -25.21
C ILE C 337 -8.61 -75.85 -25.93
N LEU C 338 -8.81 -75.97 -27.25
CA LEU C 338 -9.52 -74.94 -27.99
C LEU C 338 -10.96 -74.80 -27.53
N ASN C 339 -11.66 -75.91 -27.37
CA ASN C 339 -13.04 -75.86 -26.88
C ASN C 339 -13.10 -75.42 -25.43
N ASN C 340 -12.06 -75.72 -24.63
CA ASN C 340 -12.04 -75.25 -23.25
C ASN C 340 -11.83 -73.74 -23.18
N LEU C 341 -10.99 -73.19 -24.05
CA LEU C 341 -10.83 -71.74 -24.10
C LEU C 341 -12.01 -71.06 -24.78
N PHE C 342 -12.78 -71.80 -25.57
CA PHE C 342 -14.06 -71.28 -26.05
C PHE C 342 -15.08 -71.25 -24.92
N LYS C 343 -15.02 -72.23 -24.03
CA LYS C 343 -15.77 -72.20 -22.79
C LYS C 343 -15.28 -71.10 -21.85
N MET C 344 -14.03 -70.66 -22.00
CA MET C 344 -13.52 -69.48 -21.31
C MET C 344 -14.05 -68.17 -21.89
N THR C 345 -14.82 -68.23 -22.99
CA THR C 345 -15.61 -67.13 -23.56
C THR C 345 -14.75 -65.96 -24.01
N GLN C 346 -13.48 -66.20 -24.32
CA GLN C 346 -12.60 -65.16 -24.80
C GLN C 346 -12.04 -65.42 -26.18
N MET C 347 -11.95 -66.67 -26.61
CA MET C 347 -11.64 -66.99 -27.99
C MET C 347 -12.89 -67.30 -28.80
N GLN C 348 -14.03 -67.43 -28.13
CA GLN C 348 -15.34 -67.55 -28.79
C GLN C 348 -16.36 -66.93 -27.87
N THR C 349 -17.08 -65.93 -28.35
CA THR C 349 -17.89 -65.10 -27.47
C THR C 349 -19.24 -64.82 -28.12
N ASN C 350 -20.30 -64.97 -27.33
CA ASN C 350 -21.65 -64.60 -27.75
C ASN C 350 -21.76 -63.08 -27.72
N PHE C 351 -21.58 -62.46 -28.87
CA PHE C 351 -21.64 -61.01 -29.00
C PHE C 351 -23.06 -60.62 -29.37
N GLY C 352 -23.77 -60.01 -28.43
CA GLY C 352 -25.14 -59.63 -28.68
C GLY C 352 -25.27 -58.37 -29.49
N PHE C 353 -26.51 -58.05 -29.86
CA PHE C 353 -26.84 -56.81 -30.55
C PHE C 353 -28.16 -56.29 -30.05
N ASN C 354 -28.18 -55.02 -29.65
CA ASN C 354 -29.45 -54.39 -29.29
C ASN C 354 -30.03 -53.62 -30.47
N MET C 355 -29.18 -52.85 -31.16
CA MET C 355 -29.49 -52.23 -32.46
C MET C 355 -30.69 -51.29 -32.36
N LEU C 356 -30.52 -50.26 -31.55
CA LEU C 356 -31.55 -49.25 -31.36
C LEU C 356 -31.10 -47.95 -32.01
N ALA C 357 -32.02 -47.00 -32.08
CA ALA C 357 -31.70 -45.74 -32.72
C ALA C 357 -32.54 -44.61 -32.16
N ILE C 358 -32.16 -43.39 -32.53
CA ILE C 358 -32.85 -42.17 -32.13
C ILE C 358 -33.21 -41.39 -33.39
N GLN C 359 -34.50 -41.07 -33.54
CA GLN C 359 -34.96 -40.18 -34.59
C GLN C 359 -36.32 -39.64 -34.16
N ASN C 360 -36.57 -38.37 -34.52
CA ASN C 360 -37.82 -37.66 -34.21
C ASN C 360 -38.08 -37.61 -32.71
N GLY C 361 -37.01 -37.58 -31.92
CA GLY C 361 -37.12 -37.61 -30.48
C GLY C 361 -37.45 -38.95 -29.88
N ILE C 362 -37.61 -40.01 -30.68
CA ILE C 362 -37.94 -41.31 -30.10
C ILE C 362 -36.83 -42.32 -30.40
N PRO C 363 -36.64 -43.30 -29.54
CA PRO C 363 -35.84 -44.46 -29.91
C PRO C 363 -36.63 -45.39 -30.81
N LYS C 364 -35.93 -46.35 -31.39
CA LYS C 364 -36.55 -47.23 -32.35
C LYS C 364 -35.74 -48.52 -32.46
N ILE C 365 -36.47 -49.65 -32.47
CA ILE C 365 -35.89 -50.92 -32.83
C ILE C 365 -35.64 -50.94 -34.33
N LEU C 366 -34.47 -51.41 -34.73
CA LEU C 366 -34.00 -51.21 -36.09
C LEU C 366 -34.21 -52.40 -36.99
N SER C 367 -34.43 -52.10 -38.27
CA SER C 367 -34.26 -53.03 -39.37
C SER C 367 -33.81 -52.22 -40.57
N LEU C 368 -33.55 -52.89 -41.68
CA LEU C 368 -33.24 -52.13 -42.88
C LEU C 368 -34.53 -51.71 -43.57
N ARG C 369 -34.34 -51.00 -44.69
CA ARG C 369 -35.27 -50.05 -45.32
C ARG C 369 -35.63 -48.88 -44.42
N GLN C 370 -34.92 -48.72 -43.31
CA GLN C 370 -35.15 -47.62 -42.37
C GLN C 370 -33.92 -46.71 -42.34
N ILE C 371 -32.76 -47.29 -42.02
CA ILE C 371 -31.46 -46.71 -42.36
C ILE C 371 -31.43 -46.30 -43.81
N LEU C 372 -31.90 -47.19 -44.67
CA LEU C 372 -31.76 -47.04 -46.11
C LEU C 372 -32.60 -45.88 -46.62
N ASP C 373 -33.91 -45.95 -46.39
CA ASP C 373 -34.82 -44.90 -46.85
C ASP C 373 -34.55 -43.56 -46.15
N ALA C 374 -34.10 -43.63 -44.89
CA ALA C 374 -33.78 -42.40 -44.16
C ALA C 374 -32.59 -41.69 -44.79
N TYR C 375 -31.52 -42.44 -45.09
CA TYR C 375 -30.37 -41.85 -45.76
C TYR C 375 -30.73 -41.36 -47.14
N ILE C 376 -31.59 -42.10 -47.84
CA ILE C 376 -32.01 -41.72 -49.20
C ILE C 376 -32.74 -40.39 -49.19
N GLU C 377 -33.74 -40.26 -48.31
CA GLU C 377 -34.52 -39.03 -48.30
C GLU C 377 -33.74 -37.87 -47.70
N HIS C 378 -32.78 -38.16 -46.83
CA HIS C 378 -31.88 -37.11 -46.35
C HIS C 378 -31.01 -36.56 -47.48
N GLN C 379 -30.44 -37.45 -48.29
CA GLN C 379 -29.67 -36.99 -49.44
C GLN C 379 -30.55 -36.29 -50.46
N LYS C 380 -31.82 -36.70 -50.57
CA LYS C 380 -32.78 -35.99 -51.41
C LYS C 380 -32.96 -34.55 -50.94
N GLU C 381 -33.15 -34.37 -49.63
CA GLU C 381 -33.22 -33.05 -49.02
C GLU C 381 -31.99 -32.21 -49.34
N VAL C 382 -30.80 -32.82 -49.17
CA VAL C 382 -29.54 -32.11 -49.37
C VAL C 382 -29.39 -31.65 -50.81
N VAL C 383 -29.65 -32.55 -51.75
CA VAL C 383 -29.45 -32.26 -53.16
C VAL C 383 -30.46 -31.22 -53.65
N VAL C 384 -31.74 -31.37 -53.25
CA VAL C 384 -32.76 -30.45 -53.73
C VAL C 384 -32.57 -29.06 -53.14
N ARG C 385 -32.16 -28.97 -51.86
CA ARG C 385 -31.93 -27.67 -51.27
C ARG C 385 -30.67 -27.01 -51.84
N ARG C 386 -29.67 -27.83 -52.18
CA ARG C 386 -28.51 -27.34 -52.92
C ARG C 386 -28.91 -26.80 -54.28
N THR C 387 -29.84 -27.48 -54.94
CA THR C 387 -30.33 -27.05 -56.24
C THR C 387 -31.05 -25.71 -56.13
N ARG C 388 -31.85 -25.56 -55.08
CA ARG C 388 -32.57 -24.30 -54.85
C ARG C 388 -31.60 -23.16 -54.59
N PHE C 389 -30.57 -23.39 -53.79
CA PHE C 389 -29.57 -22.36 -53.52
C PHE C 389 -28.77 -22.00 -54.76
N ASP C 390 -28.46 -22.98 -55.59
CA ASP C 390 -27.74 -22.70 -56.81
C ASP C 390 -28.60 -21.93 -57.80
N LYS C 391 -29.92 -22.20 -57.80
CA LYS C 391 -30.84 -21.38 -58.58
C LYS C 391 -30.90 -19.96 -58.05
N GLU C 392 -30.78 -19.79 -56.73
CA GLU C 392 -30.75 -18.45 -56.14
C GLU C 392 -29.57 -17.64 -56.65
N LYS C 393 -28.36 -18.21 -56.51
CA LYS C 393 -27.15 -17.55 -57.02
C LYS C 393 -27.22 -17.31 -58.53
N ALA C 394 -27.69 -18.30 -59.27
CA ALA C 394 -27.68 -18.23 -60.73
C ALA C 394 -28.67 -17.20 -61.24
N GLU C 395 -29.85 -17.13 -60.63
CA GLU C 395 -30.84 -16.17 -61.08
C GLU C 395 -30.53 -14.75 -60.61
N ALA C 396 -29.85 -14.61 -59.46
CA ALA C 396 -29.34 -13.31 -59.08
C ALA C 396 -28.31 -12.80 -60.07
N ARG C 397 -27.37 -13.67 -60.45
CA ARG C 397 -26.35 -13.25 -61.42
C ARG C 397 -26.95 -13.08 -62.81
N ALA C 398 -28.00 -13.82 -63.12
CA ALA C 398 -28.70 -13.63 -64.38
C ALA C 398 -29.39 -12.28 -64.43
N HIS C 399 -29.97 -11.84 -63.30
CA HIS C 399 -30.56 -10.50 -63.22
C HIS C 399 -29.50 -9.42 -63.40
N ILE C 400 -28.31 -9.66 -62.83
CA ILE C 400 -27.18 -8.75 -63.02
C ILE C 400 -26.82 -8.64 -64.50
N LEU C 401 -26.64 -9.79 -65.17
CA LEU C 401 -26.23 -9.75 -66.57
C LEU C 401 -27.34 -9.28 -67.49
N GLU C 402 -28.60 -9.44 -67.09
CA GLU C 402 -29.70 -8.72 -67.74
C GLU C 402 -29.44 -7.22 -67.75
N GLY C 403 -29.18 -6.66 -66.55
CA GLY C 403 -28.85 -5.25 -66.46
C GLY C 403 -27.61 -4.86 -67.25
N LEU C 404 -26.62 -5.77 -67.30
CA LEU C 404 -25.38 -5.51 -68.02
C LEU C 404 -25.61 -5.42 -69.52
N LEU C 405 -26.35 -6.38 -70.08
CA LEU C 405 -26.59 -6.39 -71.52
C LEU C 405 -27.51 -5.26 -71.95
N ILE C 406 -28.51 -4.94 -71.12
CA ILE C 406 -29.40 -3.83 -71.45
C ILE C 406 -28.65 -2.49 -71.34
N ALA C 407 -27.67 -2.40 -70.45
CA ALA C 407 -26.78 -1.24 -70.44
C ALA C 407 -25.95 -1.18 -71.71
N LEU C 408 -25.35 -2.29 -72.10
CA LEU C 408 -24.45 -2.32 -73.25
C LEU C 408 -25.18 -2.24 -74.58
N ASP C 409 -26.52 -2.27 -74.59
CA ASP C 409 -27.26 -1.98 -75.81
C ASP C 409 -27.03 -0.55 -76.27
N HIS C 410 -27.48 0.43 -75.48
CA HIS C 410 -27.44 1.84 -75.86
C HIS C 410 -26.82 2.62 -74.71
N ILE C 411 -25.77 3.37 -75.02
CA ILE C 411 -24.88 3.87 -73.98
C ILE C 411 -24.77 5.39 -74.01
N ASP C 412 -24.50 5.95 -75.19
CA ASP C 412 -24.10 7.36 -75.28
C ASP C 412 -25.26 8.30 -74.95
N GLU C 413 -26.50 7.88 -75.23
CA GLU C 413 -27.65 8.67 -74.82
C GLU C 413 -27.76 8.73 -73.30
N VAL C 414 -27.50 7.59 -72.65
CA VAL C 414 -27.44 7.54 -71.19
C VAL C 414 -26.34 8.45 -70.67
N ILE C 415 -25.19 8.48 -71.37
CA ILE C 415 -24.07 9.35 -70.99
C ILE C 415 -24.49 10.81 -71.05
N ARG C 416 -25.14 11.20 -72.14
CA ARG C 416 -25.51 12.59 -72.33
C ARG C 416 -26.61 13.03 -71.38
N ILE C 417 -27.52 12.12 -71.01
CA ILE C 417 -28.53 12.48 -70.02
C ILE C 417 -27.91 12.52 -68.61
N ILE C 418 -26.87 11.73 -68.35
CA ILE C 418 -26.10 11.87 -67.11
C ILE C 418 -25.39 13.22 -67.08
N ARG C 419 -24.91 13.70 -68.23
CA ARG C 419 -24.37 15.05 -68.29
C ARG C 419 -25.43 16.12 -68.05
N ALA C 420 -26.70 15.80 -68.23
CA ALA C 420 -27.80 16.66 -67.83
C ALA C 420 -28.24 16.42 -66.38
N SER C 421 -27.38 15.82 -65.56
CA SER C 421 -27.69 15.56 -64.17
C SER C 421 -26.47 15.86 -63.31
N GLU C 422 -26.69 15.87 -62.00
CA GLU C 422 -25.61 16.15 -61.06
C GLU C 422 -25.66 15.28 -59.81
N THR C 423 -26.56 14.31 -59.74
CA THR C 423 -26.76 13.50 -58.54
C THR C 423 -26.99 12.05 -58.97
N ASP C 424 -26.45 11.11 -58.20
CA ASP C 424 -26.69 9.70 -58.48
C ASP C 424 -28.14 9.31 -58.21
N ALA C 425 -28.83 10.03 -57.33
CA ALA C 425 -30.27 9.85 -57.20
C ALA C 425 -31.00 10.36 -58.43
N GLU C 426 -30.57 11.51 -58.95
CA GLU C 426 -31.08 12.00 -60.23
C GLU C 426 -30.75 11.03 -61.35
N ALA C 427 -29.54 10.45 -61.32
CA ALA C 427 -29.15 9.49 -62.35
C ALA C 427 -29.98 8.22 -62.25
N GLN C 428 -30.34 7.82 -61.03
CA GLN C 428 -31.19 6.66 -60.85
C GLN C 428 -32.59 6.93 -61.38
N ALA C 429 -33.13 8.12 -61.11
CA ALA C 429 -34.44 8.49 -61.65
C ALA C 429 -34.40 8.58 -63.17
N GLU C 430 -33.28 9.08 -63.72
CA GLU C 430 -33.10 9.11 -65.17
C GLU C 430 -33.10 7.71 -65.76
N LEU C 431 -32.39 6.78 -65.12
CA LEU C 431 -32.36 5.40 -65.62
C LEU C 431 -33.71 4.71 -65.50
N MET C 432 -34.46 5.02 -64.44
CA MET C 432 -35.82 4.50 -64.34
C MET C 432 -36.74 5.07 -65.40
N SER C 433 -36.49 6.33 -65.81
CA SER C 433 -37.21 6.87 -66.95
C SER C 433 -36.77 6.22 -68.26
N LYS C 434 -35.49 5.86 -68.37
CA LYS C 434 -34.96 5.31 -69.60
C LYS C 434 -35.45 3.90 -69.84
N PHE C 435 -35.10 2.98 -68.95
CA PHE C 435 -35.37 1.57 -69.16
C PHE C 435 -35.76 0.92 -67.84
N LYS C 436 -36.22 -0.33 -67.93
CA LYS C 436 -36.67 -1.08 -66.76
C LYS C 436 -35.46 -1.72 -66.11
N LEU C 437 -35.15 -1.31 -64.88
CA LEU C 437 -34.00 -1.83 -64.16
C LEU C 437 -34.36 -2.04 -62.70
N SER C 438 -33.42 -2.62 -61.97
CA SER C 438 -33.46 -2.64 -60.52
C SER C 438 -32.57 -1.53 -59.98
N GLU C 439 -32.73 -1.28 -58.68
CA GLU C 439 -31.85 -0.35 -57.97
C GLU C 439 -30.43 -0.86 -58.00
N ARG C 440 -30.26 -2.16 -57.70
CA ARG C 440 -28.97 -2.82 -57.83
C ARG C 440 -28.47 -2.77 -59.26
N GLN C 441 -29.36 -2.99 -60.23
CA GLN C 441 -28.98 -2.94 -61.64
C GLN C 441 -28.54 -1.55 -62.05
N SER C 442 -29.29 -0.53 -61.63
CA SER C 442 -28.94 0.85 -61.94
C SER C 442 -27.58 1.22 -61.34
N GLN C 443 -27.34 0.83 -60.09
CA GLN C 443 -26.10 1.20 -59.44
C GLN C 443 -24.92 0.39 -60.00
N ALA C 444 -25.17 -0.83 -60.46
CA ALA C 444 -24.10 -1.60 -61.09
C ALA C 444 -23.75 -1.05 -62.47
N ILE C 445 -24.76 -0.52 -63.17
CA ILE C 445 -24.48 0.17 -64.43
C ILE C 445 -23.75 1.48 -64.16
N LEU C 446 -24.03 2.12 -63.02
CA LEU C 446 -23.20 3.22 -62.56
C LEU C 446 -21.79 2.78 -62.24
N ASP C 447 -21.62 1.51 -61.87
CA ASP C 447 -20.28 0.95 -61.64
C ASP C 447 -19.69 0.48 -62.96
N MET C 448 -19.32 1.46 -63.78
CA MET C 448 -18.72 1.20 -65.09
C MET C 448 -17.70 2.29 -65.37
N ARG C 449 -16.42 1.94 -65.34
CA ARG C 449 -15.35 2.84 -65.79
C ARG C 449 -15.27 2.79 -67.32
N LEU C 450 -14.26 3.45 -67.89
CA LEU C 450 -14.18 3.54 -69.34
C LEU C 450 -13.74 2.23 -69.98
N ARG C 451 -13.07 1.36 -69.21
CA ARG C 451 -12.73 0.01 -69.63
C ARG C 451 -13.96 -0.81 -70.02
N ARG C 452 -15.13 -0.44 -69.51
CA ARG C 452 -16.40 -1.08 -69.78
C ARG C 452 -17.00 -0.64 -71.12
N LEU C 453 -16.30 0.18 -71.90
CA LEU C 453 -16.90 0.80 -73.07
C LEU C 453 -16.44 0.15 -74.37
N THR C 454 -16.27 -1.17 -74.36
CA THR C 454 -15.90 -1.92 -75.55
C THR C 454 -17.07 -2.80 -76.00
N GLY C 455 -16.86 -3.48 -77.12
CA GLY C 455 -17.90 -4.30 -77.71
C GLY C 455 -17.64 -5.78 -77.66
N LEU C 456 -16.38 -6.17 -77.47
CA LEU C 456 -16.05 -7.59 -77.32
C LEU C 456 -16.57 -8.13 -76.00
N GLU C 457 -16.45 -7.33 -74.94
CA GLU C 457 -16.93 -7.74 -73.64
C GLU C 457 -18.46 -7.78 -73.59
N ARG C 458 -19.13 -7.03 -74.47
CA ARG C 458 -20.57 -7.19 -74.66
C ARG C 458 -20.91 -8.61 -75.09
N ASP C 459 -20.17 -9.12 -76.08
CA ASP C 459 -20.37 -10.49 -76.54
C ASP C 459 -19.99 -11.49 -75.47
N LYS C 460 -18.98 -11.17 -74.64
CA LYS C 460 -18.59 -12.10 -73.58
C LYS C 460 -19.66 -12.19 -72.49
N ILE C 461 -20.24 -11.05 -72.11
CA ILE C 461 -21.33 -11.04 -71.13
C ILE C 461 -22.56 -11.72 -71.71
N GLN C 462 -22.82 -11.54 -73.01
CA GLN C 462 -23.95 -12.22 -73.64
C GLN C 462 -23.73 -13.74 -73.68
N SER C 463 -22.49 -14.16 -73.90
CA SER C 463 -22.18 -15.58 -73.95
C SER C 463 -22.35 -16.23 -72.58
N GLU C 464 -21.81 -15.57 -71.53
CA GLU C 464 -21.99 -16.15 -70.20
C GLU C 464 -23.44 -16.02 -69.73
N TYR C 465 -24.16 -15.02 -70.26
CA TYR C 465 -25.57 -14.87 -69.97
C TYR C 465 -26.39 -16.03 -70.53
N ASP C 466 -26.11 -16.40 -71.79
CA ASP C 466 -26.79 -17.56 -72.37
C ASP C 466 -26.34 -18.85 -71.70
N ASP C 467 -25.07 -18.94 -71.29
CA ASP C 467 -24.59 -20.08 -70.52
C ASP C 467 -25.35 -20.21 -69.20
N LEU C 468 -25.54 -19.09 -68.52
CA LEU C 468 -26.20 -19.11 -67.23
C LEU C 468 -27.69 -19.41 -67.38
N LEU C 469 -28.32 -18.90 -68.45
CA LEU C 469 -29.71 -19.25 -68.73
C LEU C 469 -29.85 -20.74 -69.05
N ALA C 470 -28.88 -21.29 -69.79
CA ALA C 470 -28.91 -22.72 -70.08
C ALA C 470 -28.74 -23.54 -68.81
N LEU C 471 -27.87 -23.10 -67.91
CA LEU C 471 -27.67 -23.83 -66.66
C LEU C 471 -28.89 -23.70 -65.74
N ILE C 472 -29.56 -22.55 -65.74
CA ILE C 472 -30.79 -22.38 -64.98
C ILE C 472 -31.89 -23.29 -65.51
N ALA C 473 -32.05 -23.35 -66.84
CA ALA C 473 -33.03 -24.26 -67.43
C ALA C 473 -32.68 -25.72 -67.17
N ASP C 474 -31.38 -26.03 -67.12
CA ASP C 474 -30.94 -27.38 -66.75
C ASP C 474 -31.34 -27.72 -65.33
N LEU C 475 -31.11 -26.79 -64.40
CA LEU C 475 -31.48 -27.04 -63.00
C LEU C 475 -32.98 -27.12 -62.81
N ALA C 476 -33.74 -26.34 -63.59
CA ALA C 476 -35.20 -26.43 -63.53
C ALA C 476 -35.69 -27.78 -64.06
N ASP C 477 -35.09 -28.25 -65.15
CA ASP C 477 -35.47 -29.55 -65.68
C ASP C 477 -35.04 -30.69 -64.78
N ILE C 478 -33.90 -30.53 -64.08
CA ILE C 478 -33.49 -31.49 -63.06
C ILE C 478 -34.48 -31.50 -61.91
N LEU C 479 -34.98 -30.32 -61.52
CA LEU C 479 -36.00 -30.25 -60.48
C LEU C 479 -37.32 -30.87 -60.95
N ALA C 480 -37.58 -30.85 -62.25
CA ALA C 480 -38.68 -31.66 -62.78
C ALA C 480 -38.20 -33.03 -63.27
N LYS C 481 -37.39 -33.71 -62.44
CA LYS C 481 -36.86 -35.06 -62.67
C LYS C 481 -36.57 -35.74 -61.34
N PRO C 482 -37.32 -36.78 -60.98
CA PRO C 482 -37.00 -37.49 -59.72
C PRO C 482 -35.77 -38.36 -59.83
N GLU C 483 -35.57 -39.03 -60.97
CA GLU C 483 -34.49 -39.99 -61.11
C GLU C 483 -33.13 -39.31 -61.23
N ARG C 484 -33.11 -38.05 -61.68
CA ARG C 484 -31.86 -37.31 -61.84
C ARG C 484 -31.16 -37.11 -60.52
N VAL C 485 -31.94 -36.96 -59.44
CA VAL C 485 -31.38 -36.85 -58.09
C VAL C 485 -30.63 -38.13 -57.74
N SER C 486 -31.26 -39.28 -58.02
CA SER C 486 -30.61 -40.56 -57.79
C SER C 486 -29.37 -40.72 -58.67
N GLN C 487 -29.39 -40.13 -59.86
CA GLN C 487 -28.21 -40.18 -60.73
C GLN C 487 -27.07 -39.35 -60.16
N ILE C 488 -27.38 -38.21 -59.55
CA ILE C 488 -26.37 -37.40 -58.87
C ILE C 488 -25.80 -38.16 -57.67
N ILE C 489 -26.67 -38.90 -56.98
CA ILE C 489 -26.22 -39.76 -55.88
C ILE C 489 -25.27 -40.83 -56.40
N LYS C 490 -25.62 -41.42 -57.54
CA LYS C 490 -24.73 -42.37 -58.22
C LYS C 490 -23.41 -41.72 -58.59
N ASP C 491 -23.45 -40.44 -58.97
CA ASP C 491 -22.25 -39.72 -59.34
C ASP C 491 -21.30 -39.59 -58.16
N GLU C 492 -21.83 -39.16 -57.01
CA GLU C 492 -20.99 -39.03 -55.83
C GLU C 492 -20.51 -40.38 -55.31
N LEU C 493 -21.35 -41.42 -55.43
CA LEU C 493 -20.93 -42.77 -55.11
C LEU C 493 -19.78 -43.23 -55.99
N ASP C 494 -19.84 -42.91 -57.28
CA ASP C 494 -18.77 -43.32 -58.17
C ASP C 494 -17.53 -42.48 -57.95
N GLU C 495 -17.69 -41.23 -57.53
CA GLU C 495 -16.56 -40.40 -57.11
C GLU C 495 -15.80 -41.05 -55.96
N VAL C 496 -16.51 -41.35 -54.87
CA VAL C 496 -15.85 -41.93 -53.72
C VAL C 496 -15.43 -43.38 -53.98
N LYS C 497 -16.03 -44.02 -54.98
CA LYS C 497 -15.64 -45.39 -55.31
C LYS C 497 -14.36 -45.41 -56.14
N ARG C 498 -14.20 -44.46 -57.07
CA ARG C 498 -12.93 -44.31 -57.76
C ARG C 498 -11.85 -43.86 -56.80
N LYS C 499 -12.21 -43.02 -55.83
CA LYS C 499 -11.22 -42.56 -54.87
C LYS C 499 -10.85 -43.66 -53.89
N PHE C 500 -11.83 -44.39 -53.38
CA PHE C 500 -11.54 -45.37 -52.33
C PHE C 500 -12.41 -46.59 -52.46
N SER C 501 -11.88 -47.70 -51.93
CA SER C 501 -12.61 -48.94 -51.79
C SER C 501 -11.96 -49.72 -50.65
N ASP C 502 -12.64 -50.77 -50.20
CA ASP C 502 -12.08 -51.61 -49.17
C ASP C 502 -12.70 -53.00 -49.29
N LYS C 503 -11.89 -54.01 -48.96
CA LYS C 503 -12.31 -55.40 -49.04
C LYS C 503 -12.69 -55.91 -47.65
N ARG C 504 -13.17 -57.15 -47.60
CA ARG C 504 -13.53 -57.79 -46.34
C ARG C 504 -12.27 -58.36 -45.72
N ARG C 505 -11.63 -57.56 -44.86
CA ARG C 505 -10.50 -58.06 -44.09
C ARG C 505 -10.95 -59.10 -43.08
N THR C 506 -12.17 -58.96 -42.56
CA THR C 506 -12.73 -59.90 -41.59
C THR C 506 -13.15 -61.15 -42.35
N GLU C 507 -12.34 -62.21 -42.25
CA GLU C 507 -12.60 -63.45 -42.96
C GLU C 507 -13.64 -64.25 -42.18
N LEU C 508 -14.84 -64.38 -42.75
CA LEU C 508 -15.96 -65.00 -42.06
C LEU C 508 -16.39 -66.26 -42.79
N MET C 509 -16.31 -67.39 -42.10
CA MET C 509 -16.88 -68.63 -42.59
C MET C 509 -18.14 -68.96 -41.79
N VAL C 510 -19.14 -69.48 -42.48
CA VAL C 510 -20.43 -69.74 -41.87
C VAL C 510 -20.78 -71.22 -42.00
N LEU D 30 51.25 -14.53 -31.70
CA LEU D 30 50.26 -13.55 -31.27
C LEU D 30 49.70 -12.77 -32.45
N VAL D 31 50.36 -11.66 -32.79
CA VAL D 31 49.89 -10.78 -33.84
C VAL D 31 50.34 -11.32 -35.19
N ASN D 32 51.67 -11.35 -35.40
CA ASN D 32 52.33 -11.88 -36.60
C ASN D 32 51.84 -11.22 -37.90
N VAL D 33 51.38 -9.98 -37.80
CA VAL D 33 50.87 -9.26 -38.97
C VAL D 33 52.03 -8.50 -39.59
N ASN D 34 52.36 -8.83 -40.82
CA ASN D 34 53.57 -8.35 -41.48
C ASN D 34 53.31 -7.15 -42.37
N LEU D 35 52.14 -7.06 -42.99
CA LEU D 35 51.84 -5.97 -43.92
C LEU D 35 51.56 -4.69 -43.14
N THR D 36 52.48 -3.73 -43.24
CA THR D 36 52.28 -2.45 -42.60
C THR D 36 51.17 -1.63 -43.25
N LYS D 37 50.89 -1.88 -44.53
CA LYS D 37 49.87 -1.11 -45.24
C LYS D 37 48.48 -1.35 -44.67
N GLU D 38 48.12 -2.61 -44.45
CA GLU D 38 46.83 -2.91 -43.87
C GLU D 38 46.77 -2.48 -42.40
N MET D 39 47.91 -2.49 -41.71
CA MET D 39 47.98 -1.92 -40.37
C MET D 39 47.65 -0.43 -40.39
N LYS D 40 48.22 0.31 -41.34
CA LYS D 40 47.96 1.74 -41.46
C LYS D 40 46.51 2.01 -41.85
N ALA D 41 45.97 1.20 -42.77
CA ALA D 41 44.59 1.41 -43.22
C ALA D 41 43.59 1.10 -42.11
N SER D 42 43.78 -0.04 -41.44
CA SER D 42 42.97 -0.38 -40.28
C SER D 42 43.15 0.62 -39.15
N PHE D 43 44.33 1.24 -39.05
CA PHE D 43 44.56 2.23 -38.02
C PHE D 43 43.86 3.55 -38.32
N ILE D 44 43.81 3.93 -39.60
CA ILE D 44 43.05 5.12 -39.99
C ILE D 44 41.56 4.89 -39.77
N ASP D 45 41.06 3.71 -40.16
CA ASP D 45 39.66 3.37 -39.89
C ASP D 45 39.39 3.31 -38.39
N TYR D 46 40.37 2.82 -37.62
CA TYR D 46 40.30 2.78 -36.16
C TYR D 46 40.12 4.17 -35.58
N ALA D 47 41.01 5.10 -35.97
CA ALA D 47 40.98 6.45 -35.44
C ALA D 47 39.71 7.18 -35.83
N MET D 48 39.37 7.16 -37.12
CA MET D 48 38.19 7.87 -37.59
C MET D 48 36.91 7.23 -37.07
N SER D 49 36.90 5.92 -36.85
CA SER D 49 35.71 5.28 -36.34
C SER D 49 35.50 5.58 -34.87
N VAL D 50 36.59 5.67 -34.09
CA VAL D 50 36.47 6.06 -32.70
C VAL D 50 36.06 7.53 -32.61
N ILE D 51 36.49 8.34 -33.58
CA ILE D 51 35.97 9.71 -33.70
C ILE D 51 34.46 9.70 -33.92
N VAL D 52 34.02 9.05 -34.99
CA VAL D 52 32.61 9.03 -35.42
C VAL D 52 31.70 8.43 -34.36
N ALA D 53 32.21 7.46 -33.59
CA ALA D 53 31.40 6.75 -32.61
C ALA D 53 30.92 7.66 -31.49
N ARG D 54 31.85 8.25 -30.75
CA ARG D 54 31.46 9.03 -29.59
C ARG D 54 31.19 10.48 -30.00
N ALA D 55 30.98 11.34 -29.00
CA ALA D 55 30.31 12.63 -29.21
C ALA D 55 31.16 13.60 -30.02
N LEU D 56 30.54 14.27 -30.98
CA LEU D 56 31.27 15.11 -31.91
C LEU D 56 30.54 16.43 -32.13
N PRO D 57 31.29 17.50 -32.37
CA PRO D 57 30.66 18.78 -32.76
C PRO D 57 30.17 18.75 -34.20
N ASP D 58 28.95 18.27 -34.39
CA ASP D 58 28.45 18.05 -35.73
C ASP D 58 28.05 19.37 -36.38
N VAL D 59 27.66 19.29 -37.64
CA VAL D 59 27.16 20.47 -38.35
C VAL D 59 25.79 20.87 -37.82
N ARG D 60 24.92 19.88 -37.63
CA ARG D 60 23.50 20.13 -37.53
C ARG D 60 22.89 19.76 -36.19
N ASP D 61 23.51 18.87 -35.43
CA ASP D 61 22.98 18.60 -34.10
C ASP D 61 24.03 18.56 -33.01
N GLY D 62 25.31 18.45 -33.34
CA GLY D 62 26.34 18.29 -32.34
C GLY D 62 26.28 17.02 -31.54
N LEU D 63 25.49 16.04 -31.96
CA LEU D 63 25.13 14.99 -31.04
C LEU D 63 26.01 13.77 -31.22
N LYS D 64 25.76 12.80 -30.39
CA LYS D 64 26.18 11.44 -30.65
C LYS D 64 25.27 10.85 -31.72
N PRO D 65 25.77 9.90 -32.50
CA PRO D 65 24.88 9.22 -33.45
C PRO D 65 23.81 8.39 -32.75
N VAL D 66 24.09 7.95 -31.52
CA VAL D 66 23.12 7.19 -30.74
C VAL D 66 21.93 8.05 -30.39
N HIS D 67 22.16 9.35 -30.17
CA HIS D 67 21.07 10.30 -29.94
C HIS D 67 20.14 10.35 -31.13
N ARG D 68 20.73 10.46 -32.31
CA ARG D 68 19.99 10.40 -33.58
C ARG D 68 19.21 9.11 -33.71
N ARG D 69 19.81 8.00 -33.26
CA ARG D 69 19.14 6.72 -33.29
C ARG D 69 17.90 6.75 -32.40
N ILE D 70 18.05 7.29 -31.18
CA ILE D 70 16.95 7.41 -30.24
C ILE D 70 15.82 8.21 -30.84
N LEU D 71 16.17 9.35 -31.42
CA LEU D 71 15.15 10.26 -31.94
C LEU D 71 14.44 9.67 -33.14
N TYR D 72 15.18 9.05 -34.05
CA TYR D 72 14.58 8.53 -35.26
C TYR D 72 13.73 7.30 -34.95
N GLY D 73 14.13 6.53 -33.95
CA GLY D 73 13.32 5.39 -33.54
C GLY D 73 12.05 5.82 -32.84
N MET D 74 12.17 6.80 -31.93
CA MET D 74 10.99 7.33 -31.26
C MET D 74 10.03 7.98 -32.24
N ASN D 75 10.57 8.59 -33.30
CA ASN D 75 9.70 9.22 -34.28
C ASN D 75 9.01 8.17 -35.14
N GLU D 76 9.78 7.28 -35.75
CA GLU D 76 9.16 6.34 -36.69
C GLU D 76 8.47 5.18 -36.01
N LEU D 77 8.50 5.09 -34.68
CA LEU D 77 7.51 4.28 -34.01
C LEU D 77 6.27 5.07 -33.64
N GLY D 78 6.30 6.40 -33.77
CA GLY D 78 5.14 7.21 -33.50
C GLY D 78 4.75 7.29 -32.04
N VAL D 79 5.71 7.20 -31.13
CA VAL D 79 5.43 7.21 -29.70
C VAL D 79 5.38 8.68 -29.30
N THR D 80 4.19 9.24 -29.31
CA THR D 80 4.01 10.65 -28.99
C THR D 80 3.88 10.85 -27.49
N PRO D 81 4.14 12.06 -26.99
CA PRO D 81 3.67 12.42 -25.65
C PRO D 81 2.17 12.58 -25.56
N ASP D 82 1.47 12.64 -26.70
CA ASP D 82 0.02 12.63 -26.71
C ASP D 82 -0.51 11.32 -26.15
N LYS D 83 -0.01 10.21 -26.67
CA LYS D 83 -0.33 8.90 -26.15
C LYS D 83 0.31 8.70 -24.78
N PRO D 84 -0.20 7.75 -23.95
CA PRO D 84 0.39 7.55 -22.63
C PRO D 84 1.79 6.94 -22.60
N HIS D 85 2.28 6.68 -21.40
CA HIS D 85 3.66 6.27 -21.14
C HIS D 85 3.91 4.86 -21.66
N LYS D 86 5.18 4.48 -21.74
CA LYS D 86 5.50 3.14 -22.21
C LYS D 86 6.79 2.66 -21.57
N LYS D 87 6.85 1.34 -21.31
CA LYS D 87 8.09 0.67 -20.92
C LYS D 87 9.14 0.86 -22.00
N SER D 88 10.29 1.43 -21.62
CA SER D 88 11.23 1.96 -22.58
C SER D 88 12.44 1.06 -22.82
N ALA D 89 12.70 0.09 -21.95
CA ALA D 89 13.77 -0.87 -22.24
C ALA D 89 13.38 -1.78 -23.39
N ARG D 90 12.08 -2.06 -23.53
CA ARG D 90 11.56 -2.73 -24.71
C ARG D 90 11.86 -1.93 -25.97
N ILE D 91 11.64 -0.62 -25.91
CA ILE D 91 11.92 0.26 -27.03
C ILE D 91 13.43 0.31 -27.30
N THR D 92 14.22 0.25 -26.23
CA THR D 92 15.67 0.22 -26.35
C THR D 92 16.14 -1.01 -27.10
N GLY D 93 15.61 -2.17 -26.72
CA GLY D 93 15.92 -3.40 -27.44
C GLY D 93 15.40 -3.40 -28.87
N ASP D 94 14.26 -2.76 -29.11
CA ASP D 94 13.73 -2.65 -30.47
C ASP D 94 14.67 -1.85 -31.36
N VAL D 95 15.14 -0.72 -30.87
CA VAL D 95 16.06 0.10 -31.65
C VAL D 95 17.40 -0.59 -31.81
N MET D 96 17.85 -1.28 -30.75
CA MET D 96 19.09 -2.05 -30.80
C MET D 96 19.01 -3.17 -31.82
N GLY D 97 17.84 -3.79 -31.97
CA GLY D 97 17.69 -4.83 -32.95
C GLY D 97 17.47 -4.32 -34.35
N LYS D 98 16.88 -3.14 -34.49
CA LYS D 98 16.78 -2.52 -35.80
C LYS D 98 18.12 -1.97 -36.26
N TYR D 99 19.04 -1.76 -35.34
CA TYR D 99 20.37 -1.26 -35.63
C TYR D 99 21.41 -2.30 -35.24
N HIS D 100 22.66 -1.87 -35.18
CA HIS D 100 23.79 -2.75 -34.99
C HIS D 100 23.77 -3.38 -33.59
N PRO D 101 24.50 -4.51 -33.39
CA PRO D 101 24.48 -5.18 -32.07
C PRO D 101 25.34 -4.55 -30.99
N HIS D 102 25.59 -3.23 -31.07
CA HIS D 102 26.40 -2.44 -30.16
C HIS D 102 26.03 -2.58 -28.68
N GLY D 103 26.93 -2.17 -27.79
CA GLY D 103 26.77 -2.45 -26.37
C GLY D 103 25.75 -1.56 -25.67
N ASP D 104 25.14 -2.12 -24.62
CA ASP D 104 23.98 -1.52 -23.97
C ASP D 104 24.34 -0.30 -23.13
N SER D 105 25.61 -0.17 -22.76
CA SER D 105 26.03 0.75 -21.71
C SER D 105 25.74 2.19 -22.07
N SER D 106 26.40 2.69 -23.12
CA SER D 106 26.23 4.06 -23.56
C SER D 106 24.82 4.33 -24.05
N ILE D 107 24.13 3.30 -24.54
CA ILE D 107 22.73 3.42 -24.92
C ILE D 107 21.89 3.84 -23.72
N TYR D 108 21.93 3.05 -22.66
CA TYR D 108 21.13 3.36 -21.48
C TYR D 108 21.63 4.61 -20.79
N GLU D 109 22.93 4.92 -20.92
CA GLU D 109 23.49 6.16 -20.41
C GLU D 109 22.84 7.37 -21.06
N ALA D 110 22.83 7.42 -22.39
CA ALA D 110 22.24 8.56 -23.08
C ALA D 110 20.72 8.60 -22.92
N MET D 111 20.10 7.41 -22.78
CA MET D 111 18.69 7.33 -22.41
C MET D 111 18.41 8.07 -21.11
N VAL D 112 19.28 7.89 -20.12
CA VAL D 112 19.10 8.62 -18.86
C VAL D 112 19.40 10.09 -19.07
N ARG D 113 20.52 10.40 -19.77
CA ARG D 113 21.01 11.77 -19.87
C ARG D 113 20.04 12.70 -20.56
N MET D 114 19.39 12.25 -21.63
CA MET D 114 18.41 13.11 -22.27
C MET D 114 17.05 13.07 -21.57
N ALA D 115 16.95 12.30 -20.47
CA ALA D 115 15.81 12.41 -19.57
C ALA D 115 16.12 13.19 -18.31
N GLN D 116 17.39 13.42 -18.01
CA GLN D 116 17.79 14.25 -16.87
C GLN D 116 17.38 15.68 -17.12
N TRP D 117 16.49 16.20 -16.28
CA TRP D 117 16.01 17.56 -16.49
C TRP D 117 17.06 18.60 -16.12
N TRP D 118 17.90 18.30 -15.13
CA TRP D 118 18.76 19.33 -14.57
C TRP D 118 20.06 19.47 -15.33
N SER D 119 20.51 18.40 -15.97
CA SER D 119 21.85 18.42 -16.55
C SER D 119 21.83 19.10 -17.90
N TYR D 120 21.10 18.54 -18.86
CA TYR D 120 20.86 19.24 -20.11
C TYR D 120 19.83 20.33 -19.87
N ARG D 121 20.07 21.50 -20.49
CA ARG D 121 19.25 22.67 -20.24
C ARG D 121 17.83 22.50 -20.78
N TYR D 122 17.64 21.63 -21.75
CA TYR D 122 16.36 21.55 -22.42
C TYR D 122 15.82 20.12 -22.34
N MET D 123 14.51 20.01 -22.45
CA MET D 123 13.80 18.78 -22.16
C MET D 123 13.63 17.93 -23.42
N LEU D 124 14.06 16.67 -23.35
CA LEU D 124 13.89 15.75 -24.47
C LEU D 124 13.07 14.53 -24.10
N VAL D 125 13.43 13.83 -23.03
CA VAL D 125 12.81 12.57 -22.66
C VAL D 125 12.11 12.76 -21.33
N ASP D 126 10.84 12.37 -21.27
CA ASP D 126 10.03 12.54 -20.07
C ASP D 126 9.96 11.19 -19.36
N GLY D 127 10.92 10.94 -18.46
CA GLY D 127 10.95 9.70 -17.72
C GLY D 127 9.87 9.65 -16.64
N HIS D 128 9.81 8.52 -15.95
CA HIS D 128 8.84 8.38 -14.88
C HIS D 128 9.38 7.72 -13.61
N GLY D 129 10.65 7.29 -13.61
CA GLY D 129 11.10 6.44 -12.53
C GLY D 129 12.15 7.00 -11.60
N ASN D 130 13.21 6.22 -11.38
CA ASN D 130 14.18 6.46 -10.32
C ASN D 130 15.49 6.91 -10.94
N PHE D 131 15.95 8.08 -10.55
CA PHE D 131 17.13 8.66 -11.20
C PHE D 131 18.20 9.13 -10.23
N GLY D 132 17.81 9.72 -9.10
CA GLY D 132 18.74 10.45 -8.27
C GLY D 132 18.82 11.90 -8.71
N SER D 133 18.78 12.84 -7.77
CA SER D 133 18.44 14.22 -8.16
C SER D 133 19.64 14.95 -8.76
N MET D 134 20.64 15.29 -7.93
CA MET D 134 21.91 15.78 -8.46
C MET D 134 23.09 15.42 -7.58
N ASP D 135 22.98 14.35 -6.79
CA ASP D 135 23.98 14.15 -5.75
C ASP D 135 24.64 12.78 -5.82
N GLY D 136 25.10 12.40 -7.01
CA GLY D 136 26.02 11.29 -7.13
C GLY D 136 25.41 9.92 -6.99
N ASP D 137 24.10 9.80 -7.13
CA ASP D 137 23.42 8.50 -7.05
C ASP D 137 22.63 8.32 -8.34
N SER D 138 23.31 7.82 -9.36
CA SER D 138 22.68 7.55 -10.65
C SER D 138 21.87 6.28 -10.53
N ALA D 139 20.58 6.42 -10.26
CA ALA D 139 19.71 5.27 -10.13
C ALA D 139 19.42 4.69 -11.51
N ALA D 140 19.71 3.40 -11.68
CA ALA D 140 19.72 2.76 -12.98
C ALA D 140 18.71 1.62 -13.05
N ALA D 141 17.49 1.88 -12.61
CA ALA D 141 16.45 0.85 -12.58
C ALA D 141 16.00 0.50 -13.99
N GLN D 142 16.68 -0.48 -14.58
CA GLN D 142 16.40 -0.87 -15.96
C GLN D 142 15.04 -1.54 -16.09
N ARG D 143 14.55 -2.17 -15.02
CA ARG D 143 13.21 -2.73 -15.03
C ARG D 143 12.15 -1.64 -15.04
N TYR D 144 12.44 -0.51 -14.40
CA TYR D 144 11.45 0.53 -14.18
C TYR D 144 11.49 1.58 -15.29
N THR D 145 12.11 1.25 -16.42
CA THR D 145 12.40 2.22 -17.46
C THR D 145 11.11 2.50 -18.22
N GLU D 146 10.35 3.47 -17.72
CA GLU D 146 9.04 3.82 -18.25
C GLU D 146 9.05 5.32 -18.51
N ALA D 147 8.68 5.71 -19.73
CA ALA D 147 8.93 7.08 -20.15
C ALA D 147 8.03 7.47 -21.33
N ARG D 148 8.22 8.72 -21.74
CA ARG D 148 7.75 9.32 -22.98
C ARG D 148 8.88 10.23 -23.47
N MET D 149 8.56 11.12 -24.39
CA MET D 149 9.48 12.14 -24.86
C MET D 149 8.88 13.52 -24.56
N SER D 150 9.57 14.57 -25.02
CA SER D 150 9.09 15.94 -24.90
C SER D 150 8.46 16.38 -26.22
N LYS D 151 7.88 17.57 -26.22
CA LYS D 151 7.18 18.09 -27.38
C LYS D 151 8.08 18.89 -28.31
N ILE D 152 9.39 18.83 -28.12
CA ILE D 152 10.30 19.66 -28.90
C ILE D 152 10.80 18.91 -30.13
N ALA D 153 10.63 17.59 -30.20
CA ALA D 153 10.98 16.89 -31.43
C ALA D 153 10.04 17.23 -32.57
N LEU D 154 8.81 17.66 -32.23
CA LEU D 154 7.89 18.21 -33.22
C LEU D 154 8.45 19.48 -33.85
N GLU D 155 9.28 20.24 -33.13
CA GLU D 155 9.99 21.29 -33.82
C GLU D 155 11.26 20.77 -34.46
N MET D 156 11.84 19.68 -33.92
CA MET D 156 13.14 19.20 -34.38
C MET D 156 13.09 18.64 -35.79
N LEU D 157 12.30 17.60 -36.01
CA LEU D 157 12.38 17.02 -37.34
C LEU D 157 11.06 16.40 -37.74
N ARG D 158 10.68 16.62 -39.00
CA ARG D 158 9.45 16.09 -39.55
C ARG D 158 9.67 15.47 -40.93
N ASP D 159 10.89 14.96 -41.20
CA ASP D 159 11.21 14.47 -42.54
C ASP D 159 10.52 13.15 -42.87
N ILE D 160 9.21 13.19 -43.09
CA ILE D 160 8.53 12.00 -43.58
C ILE D 160 8.60 12.03 -45.10
N ASN D 161 8.02 13.07 -45.69
CA ASN D 161 8.03 13.26 -47.12
C ASN D 161 9.24 14.04 -47.59
N LYS D 162 10.08 14.47 -46.67
CA LYS D 162 11.02 15.55 -46.95
C LYS D 162 12.32 14.92 -47.41
N ASN D 163 12.61 15.06 -48.70
CA ASN D 163 13.83 14.53 -49.29
C ASN D 163 14.99 15.34 -48.76
N THR D 164 15.59 14.88 -47.67
CA THR D 164 16.64 15.63 -47.00
C THR D 164 17.96 14.88 -46.93
N VAL D 165 17.98 13.66 -46.38
CA VAL D 165 19.20 13.05 -45.85
C VAL D 165 19.36 11.64 -46.42
N ASP D 166 20.58 11.31 -46.83
CA ASP D 166 20.94 9.97 -47.28
C ASP D 166 20.79 8.97 -46.14
N PHE D 167 20.69 7.69 -46.51
CA PHE D 167 20.50 6.60 -45.56
C PHE D 167 21.55 5.53 -45.77
N VAL D 168 21.88 4.83 -44.69
CA VAL D 168 22.82 3.73 -44.68
C VAL D 168 22.08 2.49 -44.21
N ASP D 169 22.43 1.32 -44.76
CA ASP D 169 21.65 0.09 -44.61
C ASP D 169 22.42 -0.96 -43.82
N ASN D 170 21.71 -1.73 -42.98
CA ASN D 170 22.36 -2.44 -41.88
C ASN D 170 22.29 -3.97 -41.93
N TYR D 171 21.10 -4.60 -41.88
CA TYR D 171 21.00 -6.03 -41.54
C TYR D 171 21.00 -6.78 -42.86
N ASP D 172 22.17 -7.32 -43.24
CA ASP D 172 22.53 -7.65 -44.63
C ASP D 172 22.30 -6.45 -45.56
N ALA D 173 22.56 -5.24 -45.04
CA ALA D 173 22.40 -3.96 -45.73
C ALA D 173 21.00 -3.80 -46.32
N ASN D 174 20.01 -3.68 -45.43
CA ASN D 174 18.65 -3.41 -45.90
C ASN D 174 18.02 -2.12 -45.39
N GLU D 175 18.04 -1.87 -44.08
CA GLU D 175 17.12 -0.90 -43.48
C GLU D 175 17.80 0.45 -43.27
N ARG D 176 17.04 1.53 -43.48
CA ARG D 176 17.56 2.89 -43.49
C ARG D 176 18.14 3.30 -42.14
N GLU D 177 19.09 4.23 -42.20
CA GLU D 177 19.50 5.03 -41.05
C GLU D 177 20.01 6.38 -41.57
N PRO D 178 19.45 7.50 -41.10
CA PRO D 178 19.85 8.80 -41.64
C PRO D 178 21.24 9.19 -41.21
N LEU D 179 21.91 9.95 -42.08
CA LEU D 179 23.24 10.47 -41.75
C LEU D 179 23.17 11.52 -40.65
N VAL D 180 22.47 12.62 -40.89
CA VAL D 180 22.48 13.73 -39.95
C VAL D 180 21.09 13.96 -39.37
N LEU D 181 21.02 14.89 -38.43
CA LEU D 181 19.74 15.39 -37.91
C LEU D 181 19.53 16.81 -38.39
N PRO D 182 18.81 17.00 -39.49
CA PRO D 182 18.43 18.34 -39.88
C PRO D 182 17.38 18.89 -38.93
N ALA D 183 17.21 20.21 -38.97
CA ALA D 183 16.24 20.90 -38.13
C ALA D 183 15.96 22.26 -38.73
N ARG D 184 15.08 23.01 -38.08
CA ARG D 184 14.88 24.42 -38.38
C ARG D 184 15.43 25.28 -37.27
N PHE D 185 16.29 24.70 -36.44
CA PHE D 185 16.52 25.17 -35.07
C PHE D 185 17.95 24.96 -34.66
N PRO D 186 18.67 26.00 -34.24
CA PRO D 186 19.96 25.78 -33.59
C PRO D 186 19.81 25.55 -32.10
N ASN D 187 18.85 24.71 -31.69
CA ASN D 187 18.64 24.44 -30.28
C ASN D 187 19.83 23.73 -29.68
N LEU D 188 20.42 22.83 -30.46
CA LEU D 188 21.44 21.94 -29.92
C LEU D 188 22.80 22.63 -29.93
N LEU D 189 22.91 23.74 -30.67
CA LEU D 189 23.93 24.72 -30.37
C LEU D 189 23.82 25.18 -28.93
N VAL D 190 22.60 25.45 -28.48
CA VAL D 190 22.40 26.10 -27.19
C VAL D 190 22.34 25.06 -26.08
N ASN D 191 22.27 23.78 -26.45
CA ASN D 191 22.24 22.72 -25.46
C ASN D 191 23.60 22.54 -24.77
N GLY D 192 24.61 22.17 -25.55
CA GLY D 192 25.90 21.86 -24.96
C GLY D 192 26.39 20.47 -25.29
N ALA D 193 27.70 20.27 -25.32
CA ALA D 193 28.27 19.02 -25.82
C ALA D 193 29.30 18.47 -24.84
N THR D 194 29.62 17.17 -25.03
CA THR D 194 30.40 16.41 -24.04
C THR D 194 31.52 15.58 -24.68
N GLY D 195 32.08 16.01 -25.82
CA GLY D 195 32.98 15.12 -26.53
C GLY D 195 34.45 15.40 -26.30
N ILE D 196 35.07 14.64 -25.40
CA ILE D 196 36.32 15.06 -24.81
C ILE D 196 37.44 14.06 -25.06
N ALA D 197 37.28 12.84 -24.55
CA ALA D 197 38.40 11.93 -24.36
C ALA D 197 38.76 11.14 -25.62
N VAL D 198 38.17 11.46 -26.77
CA VAL D 198 38.34 10.62 -27.94
C VAL D 198 39.71 10.87 -28.57
N GLY D 199 39.90 12.07 -29.10
CA GLY D 199 41.20 12.50 -29.57
C GLY D 199 41.60 13.66 -28.69
N MET D 200 41.41 14.85 -29.21
CA MET D 200 41.48 16.04 -28.39
C MET D 200 40.10 16.35 -27.81
N ALA D 201 40.08 17.28 -26.87
CA ALA D 201 38.89 17.60 -26.11
C ALA D 201 38.15 18.78 -26.70
N THR D 202 36.83 18.76 -26.54
CA THR D 202 35.97 19.90 -26.87
C THR D 202 34.64 19.71 -26.15
N ASN D 203 33.86 20.79 -26.10
CA ASN D 203 32.53 20.78 -25.53
C ASN D 203 31.70 21.84 -26.25
N ILE D 204 30.44 21.96 -25.82
CA ILE D 204 29.68 23.17 -26.12
C ILE D 204 29.04 23.64 -24.82
N PRO D 205 29.45 24.78 -24.29
CA PRO D 205 28.75 25.37 -23.17
C PRO D 205 27.41 25.92 -23.60
N PRO D 206 26.44 25.93 -22.71
CA PRO D 206 25.09 26.39 -23.09
C PRO D 206 24.82 27.87 -22.89
N HIS D 207 23.88 28.40 -23.67
CA HIS D 207 23.22 29.68 -23.48
C HIS D 207 21.76 29.44 -23.15
N ASN D 208 20.97 30.50 -23.16
CA ASN D 208 19.52 30.35 -23.26
C ASN D 208 19.13 30.70 -24.71
N LEU D 209 17.83 30.72 -24.99
CA LEU D 209 17.32 30.72 -26.35
C LEU D 209 16.81 32.05 -26.86
N GLY D 210 16.28 32.92 -25.99
CA GLY D 210 15.52 34.07 -26.48
C GLY D 210 16.39 35.13 -27.15
N GLU D 211 17.43 35.57 -26.46
CA GLU D 211 18.37 36.50 -27.06
C GLU D 211 19.19 35.82 -28.16
N THR D 212 19.30 34.50 -28.12
CA THR D 212 19.86 33.77 -29.26
C THR D 212 19.02 33.97 -30.49
N ILE D 213 17.69 33.81 -30.36
CA ILE D 213 16.74 34.11 -31.44
C ILE D 213 16.89 35.56 -31.91
N ASP D 214 17.07 36.48 -30.95
CA ASP D 214 17.21 37.90 -31.25
C ASP D 214 18.44 38.17 -32.12
N ALA D 215 19.61 37.71 -31.66
CA ALA D 215 20.86 37.97 -32.39
C ALA D 215 20.88 37.25 -33.73
N VAL D 216 20.28 36.05 -33.79
CA VAL D 216 20.20 35.32 -35.05
C VAL D 216 19.37 36.09 -36.07
N LYS D 217 18.18 36.54 -35.65
CA LYS D 217 17.32 37.31 -36.56
C LYS D 217 17.95 38.64 -36.96
N LEU D 218 18.77 39.22 -36.08
CA LEU D 218 19.50 40.42 -36.46
C LEU D 218 20.55 40.12 -37.52
N VAL D 219 21.19 38.95 -37.44
CA VAL D 219 22.11 38.58 -38.51
C VAL D 219 21.34 38.27 -39.80
N MET D 220 20.13 37.72 -39.66
CA MET D 220 19.28 37.40 -40.81
C MET D 220 18.92 38.64 -41.59
N ASP D 221 18.34 39.62 -40.91
CA ASP D 221 17.94 40.84 -41.59
C ASP D 221 19.11 41.78 -41.83
N ASN D 222 20.25 41.55 -41.19
CA ASN D 222 21.41 42.42 -41.29
C ASN D 222 22.64 41.53 -41.45
N PRO D 223 23.04 41.24 -42.69
CA PRO D 223 24.14 40.31 -42.92
C PRO D 223 25.53 40.88 -42.68
N GLU D 224 25.65 42.12 -42.22
CA GLU D 224 26.95 42.79 -42.08
C GLU D 224 27.07 43.47 -40.73
N VAL D 225 26.79 42.73 -39.67
CA VAL D 225 26.86 43.26 -38.32
C VAL D 225 28.19 42.89 -37.68
N THR D 226 28.48 43.50 -36.53
CA THR D 226 29.72 43.24 -35.80
C THR D 226 29.47 42.33 -34.61
N THR D 227 30.58 41.86 -34.03
CA THR D 227 30.50 40.87 -32.96
C THR D 227 30.00 41.48 -31.67
N LYS D 228 30.64 42.57 -31.22
CA LYS D 228 30.36 43.13 -29.92
C LYS D 228 28.97 43.75 -29.85
N ASP D 229 28.43 44.20 -30.98
CA ASP D 229 27.07 44.68 -31.00
C ASP D 229 26.06 43.55 -30.87
N LEU D 230 26.47 42.33 -31.19
CA LEU D 230 25.67 41.18 -30.88
C LEU D 230 25.96 40.63 -29.50
N MET D 231 27.13 40.93 -28.95
CA MET D 231 27.38 40.70 -27.54
C MET D 231 26.51 41.62 -26.70
N GLU D 232 26.14 42.78 -27.25
CA GLU D 232 25.09 43.58 -26.66
C GLU D 232 23.75 42.85 -26.69
N VAL D 233 23.55 41.99 -27.69
CA VAL D 233 22.35 41.18 -27.73
C VAL D 233 22.54 39.90 -26.92
N LEU D 234 23.77 39.38 -26.85
CA LEU D 234 24.00 38.07 -26.25
C LEU D 234 24.54 38.19 -24.84
N PRO D 235 23.82 37.72 -23.82
CA PRO D 235 24.40 37.65 -22.48
C PRO D 235 25.42 36.53 -22.36
N GLY D 236 25.88 36.30 -21.13
CA GLY D 236 26.85 35.26 -20.86
C GLY D 236 26.34 33.86 -21.14
N PRO D 237 27.27 32.92 -21.23
CA PRO D 237 26.88 31.50 -21.35
C PRO D 237 26.17 31.02 -20.10
N ASP D 238 24.99 30.47 -20.30
CA ASP D 238 24.04 30.23 -19.25
C ASP D 238 24.28 28.88 -18.58
N PHE D 239 23.57 28.67 -17.47
CA PHE D 239 23.65 27.44 -16.71
C PHE D 239 22.29 27.18 -16.10
N PRO D 240 21.87 25.93 -15.97
CA PRO D 240 20.51 25.66 -15.49
C PRO D 240 20.31 25.90 -14.01
N THR D 241 21.38 25.84 -13.21
CA THR D 241 21.23 26.09 -11.78
C THR D 241 21.12 27.57 -11.48
N GLY D 242 21.74 28.43 -12.28
CA GLY D 242 21.73 29.86 -12.05
C GLY D 242 23.01 30.32 -11.39
N ALA D 243 23.95 30.85 -12.19
CA ALA D 243 25.31 31.07 -11.74
C ALA D 243 25.64 32.55 -11.69
N LEU D 244 26.47 32.91 -10.72
CA LEU D 244 26.99 34.27 -10.63
C LEU D 244 28.24 34.36 -11.49
N VAL D 245 28.21 35.25 -12.48
CA VAL D 245 29.28 35.41 -13.45
C VAL D 245 29.94 36.75 -13.19
N MET D 246 31.28 36.75 -13.12
CA MET D 246 32.05 37.97 -13.00
C MET D 246 33.09 38.02 -14.09
N GLY D 247 33.31 39.19 -14.65
CA GLY D 247 34.33 39.36 -15.68
C GLY D 247 33.77 39.21 -17.08
N LYS D 248 34.40 39.90 -18.03
CA LYS D 248 33.99 39.84 -19.42
C LYS D 248 35.16 39.70 -20.40
N SER D 249 36.40 39.68 -19.91
CA SER D 249 37.53 39.48 -20.81
C SER D 249 37.55 38.06 -21.36
N GLY D 250 37.25 37.08 -20.51
CA GLY D 250 37.08 35.72 -20.97
C GLY D 250 35.89 35.58 -21.90
N ILE D 251 34.84 36.39 -21.69
CA ILE D 251 33.71 36.42 -22.61
C ILE D 251 34.16 36.93 -23.98
N HIS D 252 34.98 37.98 -23.99
CA HIS D 252 35.55 38.52 -25.22
C HIS D 252 36.42 37.49 -25.93
N LYS D 253 37.18 36.71 -25.17
CA LYS D 253 38.03 35.72 -25.80
C LYS D 253 37.24 34.52 -26.33
N ALA D 254 36.26 34.05 -25.56
CA ALA D 254 35.59 32.80 -25.86
C ALA D 254 34.43 32.96 -26.83
N TYR D 255 33.81 34.14 -26.93
CA TYR D 255 32.88 34.33 -28.02
C TYR D 255 33.59 34.37 -29.36
N GLU D 256 34.84 34.83 -29.36
CA GLU D 256 35.66 34.79 -30.57
C GLU D 256 36.25 33.40 -30.79
N THR D 257 37.09 32.94 -29.87
CA THR D 257 37.95 31.80 -30.12
C THR D 257 37.64 30.58 -29.24
N GLY D 258 36.66 30.68 -28.34
CA GLY D 258 36.18 29.51 -27.63
C GLY D 258 37.13 28.89 -26.63
N LYS D 259 38.17 29.60 -26.24
CA LYS D 259 39.19 29.07 -25.33
C LYS D 259 39.30 29.98 -24.12
N GLY D 260 39.54 29.37 -22.96
CA GLY D 260 39.71 30.13 -21.74
C GLY D 260 38.77 29.66 -20.64
N SER D 261 39.20 29.85 -19.41
CA SER D 261 38.37 29.61 -18.24
C SER D 261 37.90 30.93 -17.67
N ILE D 262 36.68 30.90 -17.14
CA ILE D 262 36.08 32.06 -16.50
C ILE D 262 35.71 31.68 -15.07
N VAL D 263 35.45 32.69 -14.27
CA VAL D 263 35.20 32.52 -12.84
C VAL D 263 33.70 32.52 -12.59
N LEU D 264 33.26 31.64 -11.70
CA LEU D 264 31.85 31.48 -11.39
C LEU D 264 31.68 31.31 -9.89
N ARG D 265 30.66 31.97 -9.34
CA ARG D 265 30.37 31.95 -7.93
C ARG D 265 28.92 31.58 -7.68
N SER D 266 28.67 31.07 -6.47
CA SER D 266 27.34 30.69 -6.05
C SER D 266 26.63 31.86 -5.41
N ARG D 267 25.30 31.89 -5.56
CA ARG D 267 24.47 32.87 -4.88
C ARG D 267 24.53 32.61 -3.38
N THR D 268 25.25 33.48 -2.67
CA THR D 268 25.66 33.23 -1.31
C THR D 268 25.52 34.51 -0.50
N GLU D 269 24.84 34.44 0.63
CA GLU D 269 24.44 35.63 1.36
C GLU D 269 24.73 35.45 2.85
N ILE D 270 24.89 36.59 3.52
CA ILE D 270 25.00 36.64 4.98
C ILE D 270 23.66 37.11 5.53
N GLU D 271 23.11 36.34 6.46
CA GLU D 271 21.79 36.63 7.00
C GLU D 271 21.84 36.64 8.52
N THR D 272 21.15 37.60 9.12
CA THR D 272 21.16 37.79 10.57
C THR D 272 19.93 37.16 11.21
N THR D 273 20.13 36.57 12.38
CA THR D 273 19.07 35.86 13.10
C THR D 273 18.26 36.85 13.94
N LYS D 274 17.37 36.31 14.79
CA LYS D 274 16.77 37.09 15.86
C LYS D 274 17.76 37.37 16.98
N THR D 275 18.88 36.65 17.01
CA THR D 275 19.92 36.80 18.01
C THR D 275 21.06 37.69 17.53
N GLY D 276 21.13 37.98 16.24
CA GLY D 276 22.26 38.70 15.68
C GLY D 276 23.35 37.82 15.13
N ARG D 277 23.21 36.50 15.25
CA ARG D 277 24.15 35.59 14.63
C ARG D 277 24.03 35.63 13.11
N GLU D 278 25.17 35.47 12.43
CA GLU D 278 25.19 35.51 10.98
C GLU D 278 25.18 34.10 10.39
N ARG D 279 24.70 34.01 9.15
CA ARG D 279 24.54 32.73 8.47
C ARG D 279 24.98 32.88 7.02
N ILE D 280 25.84 31.96 6.58
CA ILE D 280 26.16 31.80 5.17
C ILE D 280 25.09 30.91 4.54
N VAL D 281 24.32 31.47 3.63
CA VAL D 281 23.26 30.73 2.96
C VAL D 281 23.55 30.74 1.46
N VAL D 282 23.71 29.56 0.89
CA VAL D 282 23.85 29.38 -0.55
C VAL D 282 22.50 28.97 -1.12
N THR D 283 22.27 29.29 -2.38
CA THR D 283 21.08 28.82 -3.06
C THR D 283 21.37 27.66 -4.00
N GLU D 284 22.35 27.84 -4.88
CA GLU D 284 22.73 26.82 -5.85
C GLU D 284 24.25 26.81 -5.95
N PHE D 285 24.75 26.17 -7.00
CA PHE D 285 26.16 26.07 -7.30
C PHE D 285 26.34 26.17 -8.80
N PRO D 286 27.57 26.42 -9.27
CA PRO D 286 27.82 26.29 -10.71
C PRO D 286 27.83 24.84 -11.20
N TYR D 287 28.19 24.67 -12.47
CA TYR D 287 27.99 23.41 -13.15
C TYR D 287 28.99 22.34 -12.68
N MET D 288 28.51 21.10 -12.64
CA MET D 288 29.23 19.90 -12.17
C MET D 288 29.72 20.07 -10.74
N VAL D 289 28.75 20.17 -9.82
CA VAL D 289 29.00 20.27 -8.39
C VAL D 289 28.06 19.31 -7.67
N ASN D 290 28.62 18.52 -6.76
CA ASN D 290 27.81 17.73 -5.82
C ASN D 290 27.58 18.52 -4.53
N LYS D 291 26.39 18.37 -3.96
CA LYS D 291 26.17 18.82 -2.59
C LYS D 291 27.05 18.04 -1.64
N THR D 292 27.07 16.72 -1.80
CA THR D 292 27.52 15.84 -0.73
C THR D 292 29.03 15.72 -0.71
N LYS D 293 29.68 15.71 -1.88
CA LYS D 293 31.14 15.68 -1.90
C LYS D 293 31.72 16.97 -1.36
N VAL D 294 31.11 18.11 -1.69
CA VAL D 294 31.54 19.37 -1.11
C VAL D 294 31.21 19.41 0.38
N HIS D 295 30.12 18.76 0.79
CA HIS D 295 29.77 18.69 2.21
C HIS D 295 30.79 17.88 2.99
N GLU D 296 31.25 16.76 2.40
CA GLU D 296 32.35 16.01 2.99
C GLU D 296 33.63 16.84 3.01
N HIS D 297 33.84 17.65 1.99
CA HIS D 297 35.01 18.52 1.97
C HIS D 297 34.91 19.61 3.03
N ILE D 298 33.68 20.02 3.37
CA ILE D 298 33.47 20.94 4.47
C ILE D 298 33.81 20.28 5.80
N VAL D 299 33.39 19.03 5.97
CA VAL D 299 33.71 18.29 7.19
C VAL D 299 35.22 18.05 7.28
N ARG D 300 35.88 17.87 6.12
CA ARG D 300 37.34 17.88 6.06
C ARG D 300 37.90 19.18 6.60
N LEU D 301 37.50 20.32 6.01
CA LEU D 301 37.92 21.65 6.42
C LEU D 301 37.70 21.93 7.89
N VAL D 302 36.66 21.33 8.47
CA VAL D 302 36.52 21.30 9.93
C VAL D 302 37.68 20.54 10.56
N GLN D 303 37.84 19.26 10.18
CA GLN D 303 38.88 18.47 10.80
C GLN D 303 40.28 18.78 10.26
N GLU D 304 40.38 19.45 9.11
CA GLU D 304 41.68 19.93 8.65
C GLU D 304 42.18 21.11 9.46
N LYS D 305 41.28 21.76 10.22
CA LYS D 305 41.60 22.84 11.16
C LYS D 305 42.24 24.03 10.46
N ARG D 306 41.85 24.25 9.20
CA ARG D 306 42.37 25.35 8.41
C ARG D 306 41.33 26.43 8.17
N ILE D 307 40.18 26.33 8.83
CA ILE D 307 39.15 27.36 8.78
C ILE D 307 38.41 27.36 10.10
N GLU D 308 38.06 28.55 10.57
CA GLU D 308 37.54 28.75 11.92
C GLU D 308 36.13 29.30 11.86
N GLY D 309 35.54 29.52 13.03
CA GLY D 309 34.26 30.19 13.16
C GLY D 309 33.05 29.32 12.89
N ILE D 310 33.23 28.32 12.04
CA ILE D 310 32.12 27.55 11.51
C ILE D 310 31.54 26.66 12.60
N THR D 311 30.23 26.72 12.78
CA THR D 311 29.56 25.96 13.82
C THR D 311 28.63 24.90 13.25
N ALA D 312 27.66 25.31 12.42
CA ALA D 312 26.61 24.43 11.96
C ALA D 312 26.76 24.20 10.46
N VAL D 313 26.71 22.94 10.04
CA VAL D 313 26.72 22.59 8.63
C VAL D 313 25.44 21.81 8.39
N ARG D 314 24.38 22.50 7.99
CA ARG D 314 23.06 21.88 7.98
C ARG D 314 22.37 22.09 6.63
N ASP D 315 21.40 21.23 6.37
CA ASP D 315 20.72 21.14 5.09
C ASP D 315 19.41 20.39 5.27
N GLU D 316 18.29 21.08 5.07
CA GLU D 316 16.99 20.43 5.21
C GLU D 316 15.99 21.09 4.27
N SER D 317 14.81 20.43 4.17
CA SER D 317 13.63 20.93 3.44
C SER D 317 13.93 21.21 1.97
N ASN D 318 14.88 20.47 1.40
CA ASN D 318 15.51 20.89 0.16
C ASN D 318 14.66 20.61 -1.07
N ARG D 319 13.55 19.91 -0.92
CA ARG D 319 12.76 19.50 -2.07
C ARG D 319 11.68 20.51 -2.44
N GLU D 320 11.29 21.38 -1.51
CA GLU D 320 10.52 22.55 -1.91
C GLU D 320 11.40 23.62 -2.51
N GLY D 321 12.71 23.53 -2.31
CA GLY D 321 13.67 24.51 -2.76
C GLY D 321 14.99 24.28 -2.08
N VAL D 322 16.09 24.45 -2.81
CA VAL D 322 17.41 24.04 -2.32
C VAL D 322 17.89 25.00 -1.26
N ARG D 323 18.19 24.47 -0.06
CA ARG D 323 18.56 25.29 1.09
C ARG D 323 19.67 24.59 1.87
N PHE D 324 20.92 24.99 1.61
CA PHE D 324 22.07 24.55 2.40
C PHE D 324 22.62 25.73 3.16
N VAL D 325 22.81 25.56 4.47
CA VAL D 325 23.18 26.65 5.35
C VAL D 325 24.43 26.27 6.14
N ILE D 326 25.45 27.11 6.07
CA ILE D 326 26.57 27.10 7.00
C ILE D 326 26.31 28.23 8.00
N GLU D 327 26.58 27.96 9.28
CA GLU D 327 26.32 28.95 10.31
C GLU D 327 27.54 29.08 11.20
N VAL D 328 27.92 30.32 11.47
CA VAL D 328 29.22 30.70 12.01
C VAL D 328 29.01 31.57 13.24
N LYS D 329 29.83 31.35 14.26
CA LYS D 329 29.81 32.14 15.50
C LYS D 329 30.12 33.61 15.24
N ARG D 330 29.95 34.41 16.28
CA ARG D 330 30.29 35.82 16.17
C ARG D 330 31.80 36.01 16.28
N ASP D 331 32.22 37.22 15.91
CA ASP D 331 33.62 37.68 15.91
C ASP D 331 34.49 36.80 15.01
N ALA D 332 34.08 36.72 13.74
CA ALA D 332 34.72 35.80 12.80
C ALA D 332 35.01 36.35 11.42
N SER D 333 34.48 37.53 11.03
CA SER D 333 34.65 38.15 9.71
C SER D 333 34.17 37.23 8.58
N ALA D 334 32.84 37.04 8.57
CA ALA D 334 32.21 36.04 7.72
C ALA D 334 32.41 36.30 6.24
N ASN D 335 32.53 37.56 5.84
CA ASN D 335 32.75 37.85 4.43
C ASN D 335 34.17 37.49 4.02
N VAL D 336 35.13 37.61 4.93
CA VAL D 336 36.46 37.09 4.68
C VAL D 336 36.44 35.57 4.56
N ILE D 337 35.53 34.93 5.29
CA ILE D 337 35.36 33.50 5.18
C ILE D 337 34.74 33.13 3.84
N LEU D 338 33.84 33.97 3.32
CA LEU D 338 33.30 33.78 1.98
C LEU D 338 34.40 33.95 0.93
N ASN D 339 35.31 34.89 1.17
CA ASN D 339 36.48 35.05 0.32
C ASN D 339 37.34 33.79 0.35
N ASN D 340 37.48 33.20 1.54
CA ASN D 340 38.25 31.96 1.65
C ASN D 340 37.54 30.79 1.00
N LEU D 341 36.21 30.81 0.97
CA LEU D 341 35.44 29.82 0.23
C LEU D 341 35.75 29.91 -1.26
N PHE D 342 35.58 31.09 -1.83
CA PHE D 342 35.79 31.22 -3.27
C PHE D 342 37.27 31.39 -3.65
N LYS D 343 38.19 31.27 -2.69
CA LYS D 343 39.59 31.03 -3.04
C LYS D 343 39.90 29.53 -3.09
N MET D 344 39.66 28.83 -1.99
CA MET D 344 40.20 27.49 -1.82
C MET D 344 39.19 26.39 -2.08
N THR D 345 37.91 26.61 -1.76
CA THR D 345 36.94 25.54 -1.92
C THR D 345 36.53 25.41 -3.38
N GLN D 346 35.82 24.33 -3.67
CA GLN D 346 35.33 24.06 -5.01
C GLN D 346 34.03 24.81 -5.31
N MET D 347 33.56 25.63 -4.37
CA MET D 347 32.42 26.50 -4.64
C MET D 347 32.76 27.50 -5.74
N GLN D 348 33.99 28.01 -5.74
CA GLN D 348 34.49 28.75 -6.88
C GLN D 348 34.67 27.80 -8.05
N THR D 349 34.26 28.25 -9.24
CA THR D 349 34.37 27.42 -10.44
C THR D 349 35.18 28.12 -11.50
N ASN D 350 36.23 27.46 -11.97
CA ASN D 350 37.00 27.91 -13.12
C ASN D 350 36.52 27.09 -14.30
N PHE D 351 35.48 27.60 -14.96
CA PHE D 351 34.79 26.87 -16.01
C PHE D 351 35.44 27.22 -17.34
N GLY D 352 36.01 26.22 -18.00
CA GLY D 352 36.74 26.43 -19.23
C GLY D 352 35.94 26.05 -20.46
N PHE D 353 36.24 26.69 -21.58
CA PHE D 353 35.56 26.38 -22.83
C PHE D 353 36.51 25.72 -23.81
N ASN D 354 35.94 24.90 -24.69
CA ASN D 354 36.65 24.35 -25.83
C ASN D 354 35.60 23.97 -26.85
N MET D 355 35.50 24.75 -27.92
CA MET D 355 34.55 24.46 -28.99
C MET D 355 35.34 24.30 -30.28
N LEU D 356 35.85 23.10 -30.50
CA LEU D 356 36.70 22.79 -31.65
C LEU D 356 35.85 21.97 -32.61
N ALA D 357 35.36 22.61 -33.67
CA ALA D 357 34.25 22.10 -34.44
C ALA D 357 34.66 20.96 -35.38
N ILE D 358 33.65 20.31 -35.96
CA ILE D 358 33.81 19.36 -37.05
C ILE D 358 32.75 19.66 -38.09
N GLN D 359 33.19 20.01 -39.30
CA GLN D 359 32.26 20.27 -40.39
C GLN D 359 32.58 19.31 -41.51
N ASN D 360 31.69 18.34 -41.72
CA ASN D 360 31.83 17.24 -42.66
C ASN D 360 33.13 16.46 -42.41
N GLY D 361 33.16 15.86 -41.24
CA GLY D 361 34.26 14.98 -40.86
C GLY D 361 35.54 15.62 -40.39
N ILE D 362 36.04 16.59 -41.14
CA ILE D 362 37.32 17.21 -40.80
C ILE D 362 37.15 18.13 -39.60
N PRO D 363 38.10 18.17 -38.68
CA PRO D 363 37.96 19.03 -37.49
C PRO D 363 38.23 20.48 -37.85
N LYS D 364 37.43 21.38 -37.26
CA LYS D 364 37.55 22.81 -37.51
C LYS D 364 37.37 23.54 -36.17
N ILE D 365 37.16 24.85 -36.26
CA ILE D 365 36.83 25.68 -35.11
C ILE D 365 36.10 26.91 -35.64
N LEU D 366 35.05 27.31 -34.94
CA LEU D 366 34.14 28.31 -35.46
C LEU D 366 33.99 29.49 -34.51
N SER D 367 33.65 30.63 -35.08
CA SER D 367 33.15 31.74 -34.30
C SER D 367 31.64 31.58 -34.15
N LEU D 368 31.02 32.48 -33.40
CA LEU D 368 29.58 32.38 -33.19
C LEU D 368 28.81 32.75 -34.45
N ARG D 369 29.42 33.58 -35.31
CA ARG D 369 28.82 33.92 -36.60
C ARG D 369 28.71 32.69 -37.49
N GLN D 370 29.83 31.99 -37.65
CA GLN D 370 29.97 30.96 -38.66
C GLN D 370 29.05 29.77 -38.41
N ILE D 371 28.81 29.48 -37.14
CA ILE D 371 27.80 28.50 -36.70
C ILE D 371 26.45 28.85 -37.31
N LEU D 372 26.03 30.09 -37.11
CA LEU D 372 24.73 30.51 -37.57
C LEU D 372 24.71 30.64 -39.09
N ASP D 373 25.87 30.89 -39.70
CA ASP D 373 25.96 30.95 -41.16
C ASP D 373 25.68 29.60 -41.79
N ALA D 374 26.34 28.56 -41.26
CA ALA D 374 26.10 27.20 -41.73
C ALA D 374 24.66 26.79 -41.43
N TYR D 375 24.11 27.27 -40.30
CA TYR D 375 22.70 27.08 -40.01
C TYR D 375 21.81 27.71 -41.08
N ILE D 376 22.14 28.93 -41.50
CA ILE D 376 21.36 29.65 -42.51
C ILE D 376 21.34 28.89 -43.82
N GLU D 377 22.52 28.46 -44.29
CA GLU D 377 22.57 27.79 -45.59
C GLU D 377 21.98 26.39 -45.52
N HIS D 378 22.01 25.78 -44.33
CA HIS D 378 21.26 24.54 -44.14
C HIS D 378 19.77 24.78 -44.26
N GLN D 379 19.24 25.85 -43.65
CA GLN D 379 17.82 26.15 -43.77
C GLN D 379 17.44 26.48 -45.20
N LYS D 380 18.35 27.11 -45.94
CA LYS D 380 18.18 27.34 -47.37
C LYS D 380 17.93 26.04 -48.10
N GLU D 381 18.84 25.08 -47.93
CA GLU D 381 18.69 23.80 -48.62
C GLU D 381 17.45 23.02 -48.12
N VAL D 382 17.13 23.15 -46.83
CA VAL D 382 15.96 22.49 -46.25
C VAL D 382 14.68 22.97 -46.91
N VAL D 383 14.48 24.28 -46.96
CA VAL D 383 13.22 24.80 -47.46
C VAL D 383 13.15 24.66 -48.97
N VAL D 384 14.30 24.74 -49.66
CA VAL D 384 14.31 24.55 -51.11
C VAL D 384 13.93 23.12 -51.47
N ARG D 385 14.51 22.14 -50.78
CA ARG D 385 14.22 20.75 -51.10
C ARG D 385 12.80 20.36 -50.69
N ARG D 386 12.30 20.92 -49.58
CA ARG D 386 10.91 20.69 -49.19
C ARG D 386 9.96 21.30 -50.22
N THR D 387 10.31 22.48 -50.72
CA THR D 387 9.49 23.15 -51.71
C THR D 387 9.52 22.40 -53.03
N ARG D 388 10.65 21.77 -53.37
CA ARG D 388 10.71 21.00 -54.60
C ARG D 388 9.95 19.69 -54.50
N PHE D 389 9.92 19.09 -53.31
CA PHE D 389 9.10 17.90 -53.12
C PHE D 389 7.61 18.24 -53.24
N ASP D 390 7.20 19.35 -52.63
CA ASP D 390 5.82 19.83 -52.78
C ASP D 390 5.53 20.22 -54.22
N LYS D 391 6.54 20.75 -54.91
CA LYS D 391 6.41 21.09 -56.33
C LYS D 391 6.13 19.85 -57.15
N GLU D 392 6.82 18.75 -56.88
CA GLU D 392 6.60 17.55 -57.67
C GLU D 392 5.28 16.88 -57.32
N LYS D 393 4.84 16.99 -56.05
CA LYS D 393 3.48 16.64 -55.66
C LYS D 393 2.46 17.34 -56.54
N ALA D 394 2.57 18.67 -56.57
CA ALA D 394 1.60 19.49 -57.29
C ALA D 394 1.68 19.27 -58.79
N GLU D 395 2.88 19.00 -59.32
CA GLU D 395 3.03 18.77 -60.75
C GLU D 395 2.41 17.44 -61.15
N ALA D 396 2.60 16.39 -60.33
CA ALA D 396 2.01 15.11 -60.64
C ALA D 396 0.49 15.16 -60.57
N ARG D 397 -0.04 15.77 -59.51
CA ARG D 397 -1.49 15.93 -59.41
C ARG D 397 -2.03 16.87 -60.48
N ALA D 398 -1.20 17.80 -60.93
CA ALA D 398 -1.57 18.69 -62.01
C ALA D 398 -1.69 17.93 -63.32
N HIS D 399 -0.76 17.01 -63.60
CA HIS D 399 -0.88 16.19 -64.80
C HIS D 399 -2.09 15.28 -64.72
N ILE D 400 -2.40 14.79 -63.52
CA ILE D 400 -3.64 14.03 -63.29
C ILE D 400 -4.85 14.84 -63.69
N LEU D 401 -4.96 16.06 -63.18
CA LEU D 401 -6.15 16.84 -63.45
C LEU D 401 -6.14 17.45 -64.85
N GLU D 402 -4.96 17.62 -65.46
CA GLU D 402 -4.88 17.91 -66.88
C GLU D 402 -5.51 16.80 -67.70
N GLY D 403 -5.16 15.55 -67.39
CA GLY D 403 -5.79 14.42 -68.05
C GLY D 403 -7.29 14.37 -67.84
N LEU D 404 -7.72 14.72 -66.62
CA LEU D 404 -9.15 14.74 -66.31
C LEU D 404 -9.89 15.78 -67.15
N LEU D 405 -9.33 16.99 -67.25
CA LEU D 405 -10.02 18.06 -67.97
C LEU D 405 -9.98 17.83 -69.48
N ILE D 406 -8.88 17.28 -69.99
CA ILE D 406 -8.80 16.93 -71.40
C ILE D 406 -9.76 15.80 -71.73
N ALA D 407 -9.99 14.88 -70.78
CA ALA D 407 -11.05 13.89 -70.94
C ALA D 407 -12.42 14.56 -70.95
N LEU D 408 -12.58 15.62 -70.17
CA LEU D 408 -13.83 16.37 -70.16
C LEU D 408 -14.03 17.20 -71.43
N ASP D 409 -12.97 17.43 -72.22
CA ASP D 409 -13.08 18.29 -73.39
C ASP D 409 -13.96 17.67 -74.48
N HIS D 410 -13.59 16.47 -74.94
CA HIS D 410 -14.14 15.90 -76.16
C HIS D 410 -14.67 14.49 -75.87
N ILE D 411 -15.59 14.45 -74.89
CA ILE D 411 -16.01 13.21 -74.22
C ILE D 411 -16.52 12.17 -75.21
N ASP D 412 -17.49 12.55 -76.04
CA ASP D 412 -18.19 11.58 -76.87
C ASP D 412 -17.32 11.06 -78.01
N GLU D 413 -16.34 11.87 -78.44
CA GLU D 413 -15.34 11.37 -79.38
C GLU D 413 -14.54 10.22 -78.76
N VAL D 414 -14.18 10.37 -77.49
CA VAL D 414 -13.44 9.31 -76.81
C VAL D 414 -14.35 8.12 -76.52
N ILE D 415 -15.66 8.37 -76.38
CA ILE D 415 -16.62 7.26 -76.29
C ILE D 415 -16.61 6.44 -77.57
N ARG D 416 -16.62 7.13 -78.72
CA ARG D 416 -16.46 6.46 -80.00
C ARG D 416 -15.12 5.77 -80.12
N ILE D 417 -14.07 6.35 -79.53
CA ILE D 417 -12.74 5.74 -79.54
C ILE D 417 -12.76 4.39 -78.82
N ILE D 418 -13.38 4.35 -77.64
CA ILE D 418 -13.37 3.09 -76.90
C ILE D 418 -14.36 2.10 -77.53
N ARG D 419 -15.43 2.59 -78.16
CA ARG D 419 -16.30 1.71 -78.91
C ARG D 419 -15.64 1.15 -80.17
N ALA D 420 -14.61 1.83 -80.68
CA ALA D 420 -13.92 1.37 -81.88
C ALA D 420 -12.73 0.47 -81.57
N SER D 421 -11.79 0.96 -80.77
CA SER D 421 -10.47 0.35 -80.64
C SER D 421 -10.50 -0.94 -79.84
N GLU D 422 -9.34 -1.59 -79.74
CA GLU D 422 -9.22 -2.87 -79.05
C GLU D 422 -8.31 -2.81 -77.83
N THR D 423 -7.06 -2.37 -77.97
CA THR D 423 -6.01 -2.69 -77.01
C THR D 423 -5.56 -1.45 -76.25
N ASP D 424 -4.64 -1.68 -75.30
CA ASP D 424 -3.94 -0.59 -74.63
C ASP D 424 -3.13 0.23 -75.62
N ALA D 425 -2.48 -0.44 -76.57
CA ALA D 425 -1.62 0.24 -77.53
C ALA D 425 -2.43 1.11 -78.48
N GLU D 426 -3.55 0.59 -78.98
CA GLU D 426 -4.42 1.37 -79.87
C GLU D 426 -5.00 2.57 -79.16
N ALA D 427 -5.44 2.37 -77.91
CA ALA D 427 -6.04 3.46 -77.13
C ALA D 427 -5.03 4.54 -76.84
N GLN D 428 -3.82 4.14 -76.40
CA GLN D 428 -2.78 5.13 -76.13
C GLN D 428 -2.31 5.83 -77.40
N ALA D 429 -2.27 5.11 -78.53
CA ALA D 429 -1.89 5.72 -79.79
C ALA D 429 -2.90 6.76 -80.23
N GLU D 430 -4.19 6.45 -80.12
CA GLU D 430 -5.20 7.40 -80.55
C GLU D 430 -5.32 8.57 -79.60
N LEU D 431 -5.17 8.34 -78.29
CA LEU D 431 -5.21 9.44 -77.34
C LEU D 431 -3.99 10.33 -77.45
N MET D 432 -2.82 9.77 -77.77
CA MET D 432 -1.64 10.60 -77.97
C MET D 432 -1.71 11.34 -79.30
N SER D 433 -2.35 10.75 -80.31
CA SER D 433 -2.52 11.44 -81.58
C SER D 433 -3.52 12.58 -81.46
N LYS D 434 -4.55 12.41 -80.63
CA LYS D 434 -5.59 13.42 -80.54
C LYS D 434 -5.33 14.48 -79.47
N PHE D 435 -4.59 14.15 -78.41
CA PHE D 435 -4.46 15.10 -77.31
C PHE D 435 -3.06 15.24 -76.74
N LYS D 436 -2.06 14.51 -77.26
CA LYS D 436 -0.63 14.71 -76.96
C LYS D 436 -0.31 14.51 -75.48
N LEU D 437 -0.81 13.40 -74.93
CA LEU D 437 -0.64 13.10 -73.52
C LEU D 437 0.18 11.82 -73.36
N SER D 438 0.63 11.58 -72.13
CA SER D 438 1.46 10.42 -71.86
C SER D 438 0.60 9.20 -71.57
N GLU D 439 1.26 8.08 -71.27
CA GLU D 439 0.57 6.81 -71.12
C GLU D 439 -0.19 6.74 -69.81
N ARG D 440 0.45 7.15 -68.71
CA ARG D 440 -0.21 7.16 -67.41
C ARG D 440 -1.39 8.12 -67.40
N GLN D 441 -1.23 9.26 -68.08
CA GLN D 441 -2.31 10.22 -68.23
C GLN D 441 -3.49 9.61 -68.98
N SER D 442 -3.19 8.87 -70.05
CA SER D 442 -4.24 8.22 -70.83
C SER D 442 -4.95 7.14 -70.01
N GLN D 443 -4.20 6.40 -69.20
CA GLN D 443 -4.86 5.35 -68.42
C GLN D 443 -5.67 5.93 -67.27
N ALA D 444 -5.18 7.01 -66.66
CA ALA D 444 -5.95 7.70 -65.64
C ALA D 444 -7.20 8.33 -66.22
N ILE D 445 -7.16 8.72 -67.50
CA ILE D 445 -8.40 9.03 -68.22
C ILE D 445 -9.29 7.81 -68.27
N LEU D 446 -8.72 6.67 -68.69
CA LEU D 446 -9.49 5.43 -68.86
C LEU D 446 -10.05 4.87 -67.55
N ASP D 447 -9.61 5.38 -66.41
CA ASP D 447 -10.10 4.93 -65.12
C ASP D 447 -11.20 5.83 -64.57
N MET D 448 -12.04 6.38 -65.43
CA MET D 448 -13.10 7.30 -65.01
C MET D 448 -14.45 6.58 -65.05
N ARG D 449 -15.14 6.56 -63.92
CA ARG D 449 -16.44 5.90 -63.79
C ARG D 449 -17.55 6.94 -63.92
N LEU D 450 -18.78 6.46 -64.05
CA LEU D 450 -19.94 7.34 -64.22
C LEU D 450 -20.16 8.24 -63.01
N ARG D 451 -19.85 7.75 -61.82
CA ARG D 451 -20.10 8.49 -60.58
C ARG D 451 -19.13 9.63 -60.36
N ARG D 452 -18.23 9.88 -61.30
CA ARG D 452 -17.46 11.11 -61.37
C ARG D 452 -17.72 11.83 -62.68
N LEU D 453 -18.99 11.88 -63.10
CA LEU D 453 -19.38 12.58 -64.31
C LEU D 453 -20.43 13.65 -64.09
N THR D 454 -20.71 14.01 -62.84
CA THR D 454 -21.58 15.15 -62.57
C THR D 454 -20.81 16.42 -62.87
N GLY D 455 -21.52 17.43 -63.40
CA GLY D 455 -20.88 18.71 -63.68
C GLY D 455 -20.43 19.42 -62.42
N LEU D 456 -21.08 19.13 -61.28
CA LEU D 456 -20.59 19.51 -59.96
C LEU D 456 -19.15 19.11 -59.77
N GLU D 457 -18.88 17.81 -59.87
CA GLU D 457 -17.53 17.33 -59.63
C GLU D 457 -16.57 17.67 -60.76
N ARG D 458 -17.08 17.87 -61.97
CA ARG D 458 -16.24 18.37 -63.06
C ARG D 458 -15.70 19.76 -62.75
N ASP D 459 -16.57 20.66 -62.30
CA ASP D 459 -16.09 21.97 -61.93
C ASP D 459 -15.36 21.97 -60.59
N LYS D 460 -15.58 20.96 -59.74
CA LYS D 460 -14.76 20.83 -58.54
C LYS D 460 -13.33 20.40 -58.90
N ILE D 461 -13.21 19.53 -59.90
CA ILE D 461 -11.91 19.20 -60.48
C ILE D 461 -11.25 20.43 -61.04
N GLN D 462 -12.00 21.24 -61.79
CA GLN D 462 -11.47 22.49 -62.34
C GLN D 462 -11.06 23.46 -61.24
N SER D 463 -11.84 23.52 -60.16
CA SER D 463 -11.56 24.44 -59.06
C SER D 463 -10.29 24.05 -58.33
N GLU D 464 -10.19 22.78 -57.92
CA GLU D 464 -9.01 22.31 -57.23
C GLU D 464 -7.79 22.32 -58.14
N TYR D 465 -8.01 22.13 -59.45
CA TYR D 465 -6.96 22.29 -60.45
C TYR D 465 -6.38 23.69 -60.43
N ASP D 466 -7.24 24.70 -60.45
CA ASP D 466 -6.76 26.07 -60.42
C ASP D 466 -6.20 26.43 -59.04
N ASP D 467 -6.69 25.79 -57.98
CA ASP D 467 -6.11 25.95 -56.65
C ASP D 467 -4.67 25.50 -56.63
N LEU D 468 -4.42 24.33 -57.22
CA LEU D 468 -3.06 23.82 -57.26
C LEU D 468 -2.20 24.64 -58.22
N LEU D 469 -2.81 25.22 -59.26
CA LEU D 469 -2.08 26.16 -60.11
C LEU D 469 -1.64 27.37 -59.32
N ALA D 470 -2.52 27.87 -58.45
CA ALA D 470 -2.18 29.00 -57.60
C ALA D 470 -1.08 28.64 -56.62
N LEU D 471 -1.09 27.40 -56.12
CA LEU D 471 -0.04 26.97 -55.21
C LEU D 471 1.30 26.82 -55.93
N ILE D 472 1.26 26.34 -57.18
CA ILE D 472 2.47 26.25 -58.00
C ILE D 472 3.04 27.62 -58.26
N ALA D 473 2.18 28.58 -58.59
CA ALA D 473 2.63 29.96 -58.82
C ALA D 473 3.17 30.58 -57.55
N ASP D 474 2.57 30.26 -56.40
CA ASP D 474 3.05 30.76 -55.13
C ASP D 474 4.45 30.21 -54.82
N LEU D 475 4.65 28.93 -55.06
CA LEU D 475 5.96 28.34 -54.77
C LEU D 475 7.00 28.80 -55.78
N ALA D 476 6.61 29.09 -57.01
CA ALA D 476 7.53 29.70 -57.96
C ALA D 476 7.88 31.12 -57.54
N ASP D 477 6.93 31.84 -56.93
CA ASP D 477 7.23 33.17 -56.41
C ASP D 477 8.16 33.11 -55.21
N ILE D 478 8.04 32.05 -54.41
CA ILE D 478 8.99 31.85 -53.32
C ILE D 478 10.35 31.47 -53.89
N LEU D 479 10.37 30.74 -55.01
CA LEU D 479 11.62 30.49 -55.72
C LEU D 479 12.22 31.74 -56.33
N ALA D 480 11.40 32.78 -56.57
CA ALA D 480 11.93 34.01 -57.15
C ALA D 480 12.80 34.78 -56.16
N LYS D 481 12.39 34.85 -54.89
CA LYS D 481 13.09 35.68 -53.91
C LYS D 481 13.48 34.87 -52.68
N PRO D 482 14.71 34.98 -52.20
CA PRO D 482 15.16 34.12 -51.09
C PRO D 482 14.69 34.57 -49.73
N GLU D 483 14.29 35.84 -49.58
CA GLU D 483 14.08 36.41 -48.25
C GLU D 483 12.75 36.00 -47.62
N ARG D 484 11.83 35.46 -48.42
CA ARG D 484 10.60 34.88 -47.86
C ARG D 484 10.92 33.74 -46.92
N VAL D 485 11.96 32.97 -47.24
CA VAL D 485 12.43 31.90 -46.36
C VAL D 485 12.85 32.48 -45.02
N SER D 486 13.65 33.56 -45.06
CA SER D 486 14.06 34.26 -43.85
C SER D 486 12.88 34.75 -43.04
N GLN D 487 11.85 35.27 -43.73
CA GLN D 487 10.70 35.81 -43.03
C GLN D 487 9.88 34.71 -42.35
N ILE D 488 9.67 33.59 -43.05
CA ILE D 488 8.90 32.49 -42.48
C ILE D 488 9.66 31.85 -41.32
N ILE D 489 10.99 31.80 -41.44
CA ILE D 489 11.83 31.29 -40.35
C ILE D 489 11.70 32.18 -39.13
N LYS D 490 11.76 33.50 -39.33
CA LYS D 490 11.60 34.44 -38.22
C LYS D 490 10.21 34.33 -37.59
N ASP D 491 9.19 34.11 -38.41
CA ASP D 491 7.81 33.94 -37.92
C ASP D 491 7.71 32.73 -37.00
N GLU D 492 8.26 31.60 -37.44
CA GLU D 492 8.09 30.42 -36.61
C GLU D 492 9.09 30.37 -35.46
N LEU D 493 10.21 31.09 -35.56
CA LEU D 493 11.04 31.37 -34.40
C LEU D 493 10.25 32.13 -33.34
N ASP D 494 9.48 33.13 -33.77
CA ASP D 494 8.65 33.87 -32.83
C ASP D 494 7.53 33.01 -32.27
N GLU D 495 6.99 32.08 -33.08
CA GLU D 495 6.01 31.12 -32.58
C GLU D 495 6.60 30.22 -31.50
N VAL D 496 7.82 29.73 -31.72
CA VAL D 496 8.49 28.87 -30.76
C VAL D 496 8.85 29.65 -29.51
N LYS D 497 9.29 30.90 -29.67
CA LYS D 497 9.59 31.74 -28.52
C LYS D 497 8.31 32.12 -27.76
N ARG D 498 7.17 32.15 -28.44
CA ARG D 498 5.91 32.35 -27.75
C ARG D 498 5.53 31.13 -26.91
N LYS D 499 5.58 29.94 -27.53
CA LYS D 499 5.22 28.73 -26.79
C LYS D 499 6.27 28.32 -25.78
N PHE D 500 7.47 28.88 -25.88
CA PHE D 500 8.64 28.45 -25.12
C PHE D 500 9.38 29.67 -24.60
N SER D 501 8.65 30.52 -23.88
CA SER D 501 9.23 31.68 -23.22
C SER D 501 10.39 31.27 -22.31
N ASP D 502 11.49 32.00 -22.43
CA ASP D 502 12.77 31.63 -21.84
C ASP D 502 13.24 32.76 -20.93
N LYS D 503 12.81 32.74 -19.68
CA LYS D 503 13.34 33.70 -18.73
C LYS D 503 14.74 33.30 -18.34
N ARG D 504 15.48 34.24 -17.78
CA ARG D 504 16.84 33.94 -17.38
C ARG D 504 16.88 33.39 -15.96
N ARG D 505 18.02 32.77 -15.63
CA ARG D 505 18.23 32.20 -14.31
C ARG D 505 19.59 32.55 -13.71
N THR D 506 20.58 32.91 -14.51
CA THR D 506 21.92 33.20 -14.04
C THR D 506 22.08 34.69 -13.78
N GLU D 507 23.32 35.13 -13.54
CA GLU D 507 23.58 36.54 -13.28
C GLU D 507 24.99 36.88 -13.70
N LEU D 508 25.13 37.94 -14.49
CA LEU D 508 26.39 38.41 -15.01
C LEU D 508 26.82 39.70 -14.30
N MET D 509 28.09 39.74 -13.90
CA MET D 509 28.74 40.96 -13.42
C MET D 509 30.10 41.08 -14.07
N VAL D 510 30.82 42.14 -13.73
CA VAL D 510 32.14 42.38 -14.31
C VAL D 510 33.22 42.13 -13.26
N LEU E 35 -54.11 11.41 12.25
CA LEU E 35 -53.56 12.17 11.13
C LEU E 35 -53.38 13.63 11.52
N THR E 36 -54.38 14.46 11.22
CA THR E 36 -54.33 15.86 11.61
C THR E 36 -54.38 16.02 13.12
N LYS E 37 -55.03 15.09 13.83
CA LYS E 37 -54.92 15.06 15.28
C LYS E 37 -53.51 14.72 15.73
N GLU E 38 -52.84 13.81 15.01
CA GLU E 38 -51.45 13.51 15.33
C GLU E 38 -50.53 14.67 14.97
N MET E 39 -50.88 15.41 13.90
CA MET E 39 -50.14 16.63 13.58
C MET E 39 -50.33 17.68 14.66
N LYS E 40 -51.55 17.78 15.22
CA LYS E 40 -51.77 18.66 16.36
C LYS E 40 -51.01 18.21 17.59
N ALA E 41 -50.88 16.90 17.78
CA ALA E 41 -50.09 16.37 18.89
C ALA E 41 -48.62 16.72 18.73
N SER E 42 -48.11 16.62 17.50
CA SER E 42 -46.73 17.02 17.23
C SER E 42 -46.55 18.51 17.42
N PHE E 43 -47.54 19.31 17.01
CA PHE E 43 -47.53 20.76 17.21
C PHE E 43 -47.47 21.10 18.70
N ILE E 44 -48.34 20.47 19.50
CA ILE E 44 -48.40 20.73 20.94
C ILE E 44 -47.11 20.31 21.62
N ASP E 45 -46.65 19.08 21.33
CA ASP E 45 -45.48 18.56 22.02
C ASP E 45 -44.21 19.29 21.61
N TYR E 46 -44.09 19.65 20.33
CA TYR E 46 -42.89 20.34 19.89
C TYR E 46 -42.89 21.79 20.36
N ALA E 47 -44.06 22.41 20.45
CA ALA E 47 -44.15 23.75 21.01
C ALA E 47 -43.78 23.76 22.48
N MET E 48 -44.25 22.76 23.22
CA MET E 48 -43.84 22.58 24.60
C MET E 48 -42.34 22.37 24.70
N SER E 49 -41.76 21.62 23.76
CA SER E 49 -40.31 21.39 23.76
C SER E 49 -39.54 22.68 23.60
N VAL E 50 -39.96 23.52 22.65
CA VAL E 50 -39.23 24.75 22.37
C VAL E 50 -39.41 25.75 23.52
N ILE E 51 -40.63 25.86 24.05
CA ILE E 51 -40.92 26.83 25.10
C ILE E 51 -40.23 26.44 26.40
N VAL E 52 -40.36 25.18 26.81
CA VAL E 52 -39.67 24.73 28.02
C VAL E 52 -38.15 24.69 27.80
N ALA E 53 -37.70 24.59 26.54
CA ALA E 53 -36.27 24.64 26.26
C ALA E 53 -35.71 26.04 26.50
N ARG E 54 -36.17 27.02 25.73
CA ARG E 54 -35.47 28.29 25.68
C ARG E 54 -36.30 29.51 26.05
N ALA E 55 -37.57 29.33 26.41
CA ALA E 55 -38.36 30.42 26.96
C ALA E 55 -38.26 30.38 28.49
N LEU E 56 -39.21 31.03 29.17
CA LEU E 56 -39.16 31.28 30.62
C LEU E 56 -39.02 30.00 31.42
N PRO E 57 -38.22 30.02 32.48
CA PRO E 57 -38.06 28.81 33.29
C PRO E 57 -39.20 28.60 34.26
N ASP E 58 -39.01 27.62 35.16
CA ASP E 58 -40.03 27.28 36.14
C ASP E 58 -40.16 28.39 37.18
N VAL E 59 -41.36 28.46 37.76
CA VAL E 59 -41.58 29.25 38.97
C VAL E 59 -40.69 28.74 40.10
N ARG E 60 -40.50 27.43 40.17
CA ARG E 60 -39.82 26.78 41.29
C ARG E 60 -38.36 27.23 41.42
N ASP E 61 -37.72 27.55 40.31
CA ASP E 61 -36.34 28.02 40.37
C ASP E 61 -36.14 29.41 39.80
N GLY E 62 -36.84 29.75 38.72
CA GLY E 62 -36.47 30.94 37.98
C GLY E 62 -35.17 30.81 37.26
N LEU E 63 -34.73 29.58 37.00
CA LEU E 63 -33.41 29.29 36.50
C LEU E 63 -33.57 28.48 35.23
N LYS E 64 -33.10 29.01 34.12
CA LYS E 64 -33.29 28.34 32.85
C LYS E 64 -32.44 27.08 32.77
N PRO E 65 -32.91 26.02 32.10
CA PRO E 65 -32.25 24.71 32.19
C PRO E 65 -30.85 24.67 31.63
N VAL E 66 -30.53 25.56 30.69
CA VAL E 66 -29.15 25.77 30.29
C VAL E 66 -28.32 26.21 31.48
N HIS E 67 -28.75 27.27 32.15
CA HIS E 67 -28.04 27.78 33.32
C HIS E 67 -28.08 26.79 34.47
N ARG E 68 -29.20 26.08 34.60
CA ARG E 68 -29.32 25.02 35.59
C ARG E 68 -28.25 23.96 35.39
N ARG E 69 -28.05 23.54 34.15
CA ARG E 69 -27.05 22.52 33.90
C ARG E 69 -25.63 23.08 33.97
N ILE E 70 -25.47 24.38 33.68
CA ILE E 70 -24.19 25.05 33.93
C ILE E 70 -23.81 24.94 35.40
N LEU E 71 -24.74 25.29 36.28
CA LEU E 71 -24.44 25.29 37.71
C LEU E 71 -24.33 23.87 38.25
N TYR E 72 -25.12 22.95 37.72
CA TYR E 72 -25.06 21.56 38.17
C TYR E 72 -23.74 20.90 37.78
N GLY E 73 -23.29 21.13 36.55
CA GLY E 73 -22.01 20.61 36.13
C GLY E 73 -20.83 21.33 36.75
N MET E 74 -21.01 22.59 37.13
CA MET E 74 -19.91 23.27 37.81
C MET E 74 -19.83 22.88 39.27
N ASN E 75 -20.97 22.53 39.89
CA ASN E 75 -20.91 21.93 41.21
C ASN E 75 -20.29 20.55 41.11
N GLU E 76 -20.59 19.82 40.05
CA GLU E 76 -20.02 18.51 39.85
C GLU E 76 -18.64 18.55 39.25
N LEU E 77 -18.11 19.74 38.95
CA LEU E 77 -16.67 19.88 38.85
C LEU E 77 -16.03 19.58 40.19
N GLY E 78 -16.67 20.01 41.27
CA GLY E 78 -16.23 19.72 42.61
C GLY E 78 -15.16 20.66 43.11
N VAL E 79 -14.48 21.32 42.19
CA VAL E 79 -13.34 22.16 42.54
C VAL E 79 -13.87 23.45 43.14
N THR E 80 -13.41 23.75 44.35
CA THR E 80 -13.96 24.85 45.13
C THR E 80 -13.61 26.19 44.51
N PRO E 81 -14.41 27.23 44.75
CA PRO E 81 -13.98 28.59 44.40
C PRO E 81 -12.80 29.09 45.21
N ASP E 82 -12.46 28.40 46.30
CA ASP E 82 -11.25 28.73 47.05
C ASP E 82 -10.01 28.50 46.20
N LYS E 83 -9.97 27.41 45.45
CA LYS E 83 -8.91 27.20 44.50
C LYS E 83 -9.08 28.17 43.32
N PRO E 84 -7.99 28.61 42.68
CA PRO E 84 -8.10 29.69 41.70
C PRO E 84 -8.82 29.27 40.43
N HIS E 85 -9.80 30.08 40.05
CA HIS E 85 -10.81 29.70 39.06
C HIS E 85 -10.24 29.53 37.65
N LYS E 86 -10.73 28.52 36.94
CA LYS E 86 -10.02 27.92 35.81
C LYS E 86 -10.29 28.61 34.48
N LYS E 87 -9.42 28.33 33.52
CA LYS E 87 -9.39 28.90 32.18
C LYS E 87 -9.44 27.72 31.21
N SER E 88 -10.65 27.27 30.89
CA SER E 88 -10.76 26.06 30.09
C SER E 88 -12.14 26.01 29.45
N ALA E 89 -12.19 25.40 28.27
CA ALA E 89 -13.45 24.98 27.69
C ALA E 89 -13.77 23.53 27.99
N ARG E 90 -13.01 22.91 28.90
CA ARG E 90 -13.24 21.52 29.27
C ARG E 90 -14.56 21.37 30.00
N ILE E 91 -14.91 22.39 30.78
CA ILE E 91 -16.18 22.45 31.48
C ILE E 91 -17.33 22.42 30.49
N THR E 92 -17.28 23.32 29.50
CA THR E 92 -18.30 23.39 28.47
C THR E 92 -18.28 22.16 27.57
N GLY E 93 -17.12 21.51 27.43
CA GLY E 93 -17.07 20.24 26.72
C GLY E 93 -17.82 19.15 27.44
N ASP E 94 -17.71 19.12 28.77
CA ASP E 94 -18.53 18.19 29.55
C ASP E 94 -20.00 18.57 29.51
N VAL E 95 -20.28 19.87 29.40
CA VAL E 95 -21.67 20.33 29.24
C VAL E 95 -22.25 19.82 27.92
N MET E 96 -21.48 19.94 26.84
CA MET E 96 -21.98 19.51 25.54
C MET E 96 -21.98 17.98 25.44
N GLY E 97 -21.14 17.31 26.23
CA GLY E 97 -21.28 15.87 26.38
C GLY E 97 -22.52 15.50 27.16
N LYS E 98 -22.95 16.38 28.06
CA LYS E 98 -24.21 16.14 28.77
C LYS E 98 -25.41 16.36 27.87
N TYR E 99 -25.35 17.35 26.97
CA TYR E 99 -26.47 17.63 26.08
C TYR E 99 -26.00 18.25 24.79
N HIS E 100 -26.62 17.87 23.67
CA HIS E 100 -26.30 18.46 22.37
C HIS E 100 -27.28 19.57 22.04
N PRO E 101 -26.86 20.84 22.05
CA PRO E 101 -27.74 21.93 21.63
C PRO E 101 -27.69 22.16 20.13
N HIS E 102 -28.27 23.27 19.69
CA HIS E 102 -27.98 23.83 18.37
C HIS E 102 -26.90 24.89 18.44
N GLY E 103 -25.90 24.64 19.29
CA GLY E 103 -24.70 25.43 19.41
C GLY E 103 -24.22 25.57 20.84
N ASP E 104 -22.97 25.18 21.07
CA ASP E 104 -22.33 25.40 22.36
C ASP E 104 -21.73 26.79 22.48
N SER E 105 -21.61 27.50 21.35
CA SER E 105 -21.38 28.93 21.40
C SER E 105 -22.50 29.64 22.14
N SER E 106 -23.73 29.14 22.00
CA SER E 106 -24.83 29.67 22.81
C SER E 106 -24.64 29.33 24.29
N ILE E 107 -24.03 28.18 24.59
CA ILE E 107 -23.73 27.87 25.99
C ILE E 107 -22.68 28.82 26.53
N TYR E 108 -21.72 29.18 25.71
CA TYR E 108 -20.74 30.17 26.12
C TYR E 108 -21.37 31.56 26.23
N GLU E 109 -22.35 31.85 25.38
CA GLU E 109 -23.13 33.08 25.52
C GLU E 109 -23.88 33.09 26.85
N ALA E 110 -24.37 31.93 27.28
CA ALA E 110 -25.04 31.83 28.57
C ALA E 110 -24.05 32.07 29.72
N MET E 111 -22.83 31.53 29.58
CA MET E 111 -21.77 31.81 30.53
C MET E 111 -21.49 33.29 30.64
N VAL E 112 -21.33 33.95 29.49
CA VAL E 112 -20.95 35.36 29.46
C VAL E 112 -22.10 36.23 29.94
N ARG E 113 -23.34 35.89 29.58
CA ARG E 113 -24.47 36.68 30.04
C ARG E 113 -24.73 36.47 31.52
N MET E 114 -24.25 35.37 32.09
CA MET E 114 -24.26 35.29 33.55
C MET E 114 -23.01 35.90 34.17
N ALA E 115 -22.06 36.35 33.36
CA ALA E 115 -20.98 37.19 33.86
C ALA E 115 -21.28 38.67 33.70
N GLN E 116 -22.38 39.02 33.02
CA GLN E 116 -22.78 40.40 32.83
C GLN E 116 -23.35 40.92 34.14
N TRP E 117 -22.48 41.41 35.03
CA TRP E 117 -22.95 41.99 36.28
C TRP E 117 -23.73 43.27 36.03
N TRP E 118 -23.36 44.01 34.99
CA TRP E 118 -24.05 45.22 34.59
C TRP E 118 -25.44 44.94 34.01
N SER E 119 -25.72 43.69 33.65
CA SER E 119 -27.02 43.30 33.16
C SER E 119 -27.75 42.38 34.13
N TYR E 120 -27.16 41.26 34.51
CA TYR E 120 -27.78 40.34 35.45
C TYR E 120 -27.07 40.45 36.79
N ARG E 121 -27.84 40.58 37.86
CA ARG E 121 -27.27 41.09 39.10
C ARG E 121 -26.51 40.02 39.86
N TYR E 122 -26.24 40.37 41.10
CA TYR E 122 -25.20 39.74 41.88
C TYR E 122 -25.58 38.34 42.34
N MET E 123 -24.72 37.35 42.09
CA MET E 123 -23.69 37.27 41.03
C MET E 123 -23.66 35.79 40.73
N LEU E 124 -23.28 35.38 39.52
CA LEU E 124 -23.22 33.97 39.19
C LEU E 124 -21.89 33.51 38.62
N VAL E 125 -20.93 34.39 38.38
CA VAL E 125 -19.65 34.02 37.79
C VAL E 125 -18.53 34.54 38.67
N ASP E 126 -17.69 33.64 39.15
CA ASP E 126 -16.36 34.00 39.62
C ASP E 126 -15.42 33.87 38.43
N GLY E 127 -15.16 35.00 37.75
CA GLY E 127 -14.37 34.98 36.53
C GLY E 127 -13.34 36.10 36.50
N HIS E 128 -12.50 36.04 35.48
CA HIS E 128 -11.35 36.93 35.32
C HIS E 128 -11.22 37.54 33.93
N GLY E 129 -11.67 36.82 32.89
CA GLY E 129 -11.37 37.18 31.53
C GLY E 129 -12.16 38.37 31.01
N ASN E 130 -12.11 38.57 29.69
CA ASN E 130 -12.83 39.67 29.08
C ASN E 130 -14.32 39.41 29.05
N PHE E 131 -15.09 40.36 29.57
CA PHE E 131 -16.54 40.32 29.43
C PHE E 131 -17.15 41.67 29.11
N GLY E 132 -16.41 42.77 29.25
CA GLY E 132 -16.91 44.06 28.79
C GLY E 132 -17.83 44.73 29.79
N SER E 133 -18.74 45.52 29.27
CA SER E 133 -19.78 46.19 30.04
C SER E 133 -20.99 46.34 29.14
N MET E 134 -21.92 47.23 29.49
CA MET E 134 -23.03 47.57 28.61
C MET E 134 -22.54 48.63 27.61
N ASP E 135 -21.69 48.17 26.70
CA ASP E 135 -20.91 49.05 25.83
C ASP E 135 -20.96 48.66 24.37
N GLY E 136 -21.22 47.41 24.04
CA GLY E 136 -21.02 46.92 22.69
C GLY E 136 -19.70 46.20 22.59
N ASP E 137 -19.44 45.33 23.56
CA ASP E 137 -18.15 44.68 23.71
C ASP E 137 -18.25 43.24 23.21
N SER E 138 -17.24 42.80 22.45
CA SER E 138 -17.22 41.48 21.84
C SER E 138 -15.97 40.76 22.30
N ALA E 139 -16.11 39.87 23.29
CA ALA E 139 -14.99 39.11 23.81
C ALA E 139 -14.95 37.76 23.10
N ALA E 140 -14.21 37.71 21.99
CA ALA E 140 -14.09 36.48 21.22
C ALA E 140 -13.21 35.44 21.88
N ALA E 141 -12.46 35.81 22.91
CA ALA E 141 -11.61 34.88 23.63
C ALA E 141 -12.46 33.93 24.48
N GLN E 142 -12.81 32.77 23.93
CA GLN E 142 -13.84 31.95 24.57
C GLN E 142 -13.32 31.20 25.78
N ARG E 143 -12.40 30.26 25.58
CA ARG E 143 -11.88 29.49 26.71
C ARG E 143 -10.84 30.26 27.50
N TYR E 144 -10.42 31.41 26.97
CA TYR E 144 -9.34 32.17 27.57
C TYR E 144 -9.80 32.92 28.81
N THR E 145 -11.10 33.07 29.00
CA THR E 145 -11.59 33.62 30.24
C THR E 145 -11.47 32.60 31.37
N GLU E 146 -11.42 33.10 32.58
CA GLU E 146 -11.42 32.26 33.77
C GLU E 146 -12.75 32.39 34.49
N ALA E 147 -13.20 31.27 35.05
CA ALA E 147 -14.35 31.23 35.94
C ALA E 147 -14.33 29.91 36.69
N ARG E 148 -15.09 29.88 37.78
CA ARG E 148 -15.49 28.66 38.47
C ARG E 148 -16.73 29.02 39.31
N MET E 149 -17.04 28.18 40.30
CA MET E 149 -18.16 28.33 41.22
C MET E 149 -18.15 29.69 41.90
N SER E 150 -19.34 30.17 42.25
CA SER E 150 -19.48 31.45 42.90
C SER E 150 -19.96 31.23 44.34
N LYS E 151 -19.88 32.32 45.12
CA LYS E 151 -20.14 32.22 46.55
C LYS E 151 -21.61 31.95 46.83
N ILE E 152 -22.49 32.57 46.07
CA ILE E 152 -23.92 32.37 46.28
C ILE E 152 -24.34 30.99 45.81
N ALA E 153 -23.64 30.46 44.81
CA ALA E 153 -23.94 29.14 44.27
C ALA E 153 -23.68 28.04 45.29
N LEU E 154 -22.69 28.27 46.17
CA LEU E 154 -22.26 27.27 47.15
C LEU E 154 -23.39 26.86 48.08
N GLU E 155 -23.92 27.81 48.83
CA GLU E 155 -25.09 27.51 49.65
C GLU E 155 -26.37 27.46 48.84
N MET E 156 -26.37 28.04 47.63
CA MET E 156 -27.57 28.04 46.80
C MET E 156 -27.93 26.63 46.34
N LEU E 157 -26.93 25.79 46.08
CA LEU E 157 -27.23 24.46 45.58
C LEU E 157 -26.64 23.34 46.43
N ARG E 158 -26.86 23.39 47.74
CA ARG E 158 -26.49 22.28 48.61
C ARG E 158 -27.54 21.16 48.53
N ASP E 159 -27.42 20.19 49.44
CA ASP E 159 -28.41 19.16 49.75
C ASP E 159 -28.69 18.21 48.58
N ILE E 160 -27.76 18.12 47.62
CA ILE E 160 -27.84 17.11 46.58
C ILE E 160 -27.68 15.72 47.18
N ASN E 161 -26.91 15.60 48.26
CA ASN E 161 -26.63 14.35 48.92
C ASN E 161 -27.74 13.89 49.84
N LYS E 162 -28.92 14.52 49.74
CA LYS E 162 -30.01 14.28 50.67
C LYS E 162 -31.28 13.86 49.94
N ASN E 163 -31.15 13.45 48.68
CA ASN E 163 -32.22 12.89 47.85
C ASN E 163 -33.40 13.85 47.69
N THR E 164 -33.10 15.14 47.71
CA THR E 164 -34.15 16.15 47.79
C THR E 164 -34.87 16.30 46.47
N VAL E 165 -34.16 16.26 45.37
CA VAL E 165 -34.69 16.60 44.05
C VAL E 165 -34.66 15.35 43.20
N ASP E 166 -35.71 15.18 42.38
CA ASP E 166 -35.77 14.05 41.47
C ASP E 166 -34.79 14.24 40.31
N PHE E 167 -34.64 13.19 39.51
CA PHE E 167 -33.69 13.19 38.41
C PHE E 167 -34.28 12.47 37.20
N VAL E 168 -33.75 12.80 36.04
CA VAL E 168 -34.05 12.09 34.80
C VAL E 168 -32.75 11.75 34.11
N ASP E 169 -32.79 10.68 33.31
CA ASP E 169 -31.64 10.27 32.53
C ASP E 169 -31.55 11.09 31.25
N ASN E 170 -30.31 11.32 30.80
CA ASN E 170 -30.09 12.03 29.55
C ASN E 170 -30.45 11.16 28.35
N TYR E 171 -30.33 11.75 27.16
CA TYR E 171 -30.43 10.96 25.95
C TYR E 171 -29.23 10.03 25.78
N ASP E 172 -28.11 10.35 26.43
CA ASP E 172 -26.91 9.55 26.34
C ASP E 172 -26.93 8.32 27.25
N ALA E 173 -27.96 8.18 28.09
CA ALA E 173 -28.25 6.97 28.87
C ALA E 173 -27.12 6.60 29.84
N ASN E 174 -26.35 7.57 30.26
CA ASN E 174 -25.17 7.32 31.07
C ASN E 174 -25.13 8.12 32.35
N GLU E 175 -25.62 9.35 32.35
CA GLU E 175 -25.64 10.20 33.53
C GLU E 175 -27.00 10.86 33.67
N ARG E 176 -27.29 11.34 34.86
CA ARG E 176 -28.59 11.90 35.21
C ARG E 176 -28.49 13.41 35.36
N GLU E 177 -29.66 14.03 35.53
CA GLU E 177 -29.73 15.47 35.67
C GLU E 177 -31.03 15.84 36.38
N PRO E 178 -31.04 16.90 37.16
CA PRO E 178 -32.28 17.32 37.82
C PRO E 178 -33.05 18.34 37.00
N LEU E 179 -34.38 18.24 37.02
CA LEU E 179 -35.17 19.18 36.24
C LEU E 179 -35.37 20.49 36.98
N VAL E 180 -35.37 20.47 38.30
CA VAL E 180 -35.45 21.66 39.12
C VAL E 180 -34.29 21.65 40.11
N LEU E 181 -34.28 22.63 41.00
CA LEU E 181 -33.17 22.84 41.91
C LEU E 181 -33.68 23.14 43.31
N PRO E 182 -32.85 22.92 44.33
CA PRO E 182 -33.15 23.49 45.65
C PRO E 182 -32.69 24.93 45.73
N ALA E 183 -33.39 25.71 46.54
CA ALA E 183 -33.17 27.13 46.57
C ALA E 183 -32.93 27.62 47.99
N ARG E 184 -32.25 28.76 48.06
CA ARG E 184 -32.08 29.48 49.32
C ARG E 184 -32.59 30.90 49.22
N PHE E 185 -33.25 31.24 48.12
CA PHE E 185 -33.95 32.50 47.87
C PHE E 185 -34.71 32.38 46.55
N PRO E 186 -35.79 33.10 46.40
CA PRO E 186 -36.39 33.25 45.06
C PRO E 186 -35.63 34.20 44.16
N ASN E 187 -34.65 33.64 43.43
CA ASN E 187 -33.91 34.35 42.40
C ASN E 187 -34.81 34.89 41.28
N LEU E 188 -36.04 34.36 41.16
CA LEU E 188 -37.14 35.00 40.43
C LEU E 188 -37.18 36.51 40.62
N LEU E 189 -37.09 36.94 41.86
CA LEU E 189 -37.12 38.35 42.19
C LEU E 189 -35.74 38.97 42.15
N VAL E 190 -34.70 38.17 42.37
CA VAL E 190 -33.35 38.73 42.46
C VAL E 190 -32.84 39.11 41.08
N ASN E 191 -33.01 38.23 40.11
CA ASN E 191 -32.70 38.51 38.72
C ASN E 191 -33.99 38.39 37.92
N GLY E 192 -34.22 39.36 37.04
CA GLY E 192 -35.46 39.41 36.27
C GLY E 192 -35.42 38.51 35.05
N ALA E 193 -36.31 38.81 34.11
CA ALA E 193 -36.43 38.03 32.89
C ALA E 193 -36.50 38.97 31.69
N THR E 194 -35.78 38.59 30.63
CA THR E 194 -35.84 39.26 29.32
C THR E 194 -36.10 38.16 28.30
N GLY E 195 -37.37 37.81 28.10
CA GLY E 195 -37.74 36.70 27.25
C GLY E 195 -37.78 37.05 25.77
N ILE E 196 -38.19 36.06 24.97
CA ILE E 196 -38.42 36.24 23.55
C ILE E 196 -39.85 35.88 23.24
N ALA E 197 -40.32 36.34 22.08
CA ALA E 197 -41.73 36.24 21.74
C ALA E 197 -42.00 34.96 20.94
N VAL E 198 -41.91 33.84 21.65
CA VAL E 198 -42.38 32.60 21.04
C VAL E 198 -43.90 32.59 20.98
N GLY E 199 -44.55 33.11 22.02
CA GLY E 199 -45.91 33.62 21.90
C GLY E 199 -45.89 35.08 22.27
N MET E 200 -45.03 35.42 23.22
CA MET E 200 -44.82 36.77 23.76
C MET E 200 -43.62 36.71 24.69
N ALA E 201 -42.85 37.80 24.74
CA ALA E 201 -41.69 37.89 25.61
C ALA E 201 -42.12 38.24 27.03
N THR E 202 -41.16 38.47 27.92
CA THR E 202 -41.45 38.74 29.32
C THR E 202 -40.36 39.60 29.94
N ASN E 203 -40.76 40.74 30.51
CA ASN E 203 -39.90 41.55 31.36
C ASN E 203 -40.22 41.27 32.82
N ILE E 204 -39.20 40.93 33.58
CA ILE E 204 -39.32 40.81 35.04
C ILE E 204 -38.18 41.59 35.67
N PRO E 205 -38.47 42.52 36.58
CA PRO E 205 -37.43 43.39 37.11
C PRO E 205 -36.71 42.74 38.27
N PRO E 206 -35.47 43.14 38.53
CA PRO E 206 -34.75 42.61 39.69
C PRO E 206 -35.19 43.33 40.97
N HIS E 207 -34.76 42.77 42.10
CA HIS E 207 -35.12 43.31 43.40
C HIS E 207 -33.90 43.22 44.32
N ASN E 208 -34.13 43.41 45.62
CA ASN E 208 -33.08 43.43 46.64
C ASN E 208 -33.14 42.17 47.49
N LEU E 209 -31.97 41.76 47.96
CA LEU E 209 -31.74 40.61 48.82
C LEU E 209 -32.53 40.68 50.12
N GLY E 210 -32.20 41.66 50.96
CA GLY E 210 -32.79 41.73 52.28
C GLY E 210 -34.26 42.13 52.24
N GLU E 211 -34.65 42.88 51.22
CA GLU E 211 -36.06 43.20 51.02
C GLU E 211 -36.85 41.94 50.71
N THR E 212 -36.27 41.04 49.92
CA THR E 212 -36.90 39.77 49.65
C THR E 212 -36.96 38.91 50.91
N ILE E 213 -35.92 38.98 51.74
CA ILE E 213 -35.90 38.26 53.01
C ILE E 213 -37.03 38.75 53.91
N ASP E 214 -37.22 40.07 53.96
CA ASP E 214 -38.26 40.66 54.78
C ASP E 214 -39.65 40.31 54.24
N ALA E 215 -39.76 40.20 52.91
CA ALA E 215 -41.02 39.75 52.31
C ALA E 215 -41.32 38.31 52.68
N VAL E 216 -40.29 37.46 52.70
CA VAL E 216 -40.45 36.07 53.11
C VAL E 216 -40.90 35.99 54.55
N LYS E 217 -40.26 36.77 55.42
CA LYS E 217 -40.64 36.83 56.83
C LYS E 217 -42.06 37.35 57.01
N LEU E 218 -42.45 38.31 56.17
CA LEU E 218 -43.79 38.89 56.27
C LEU E 218 -44.86 37.89 55.89
N VAL E 219 -44.67 37.18 54.77
CA VAL E 219 -45.66 36.20 54.35
C VAL E 219 -45.64 35.00 55.28
N MET E 220 -44.49 34.69 55.86
CA MET E 220 -44.39 33.63 56.85
C MET E 220 -45.19 33.96 58.09
N ASP E 221 -45.04 35.18 58.60
CA ASP E 221 -45.73 35.57 59.82
C ASP E 221 -47.20 35.83 59.57
N ASN E 222 -47.57 36.23 58.36
CA ASN E 222 -48.96 36.56 58.09
C ASN E 222 -49.42 35.98 56.76
N PRO E 223 -50.47 35.15 56.77
CA PRO E 223 -51.07 34.70 55.50
C PRO E 223 -52.15 35.67 55.03
N GLU E 224 -52.14 36.87 55.59
CA GLU E 224 -53.21 37.86 55.44
C GLU E 224 -52.63 39.21 55.05
N VAL E 225 -51.49 39.21 54.37
CA VAL E 225 -50.83 40.44 53.97
C VAL E 225 -51.60 41.13 52.84
N THR E 226 -51.26 42.38 52.60
CA THR E 226 -51.87 43.16 51.53
C THR E 226 -50.80 43.59 50.53
N THR E 227 -51.21 44.39 49.56
CA THR E 227 -50.27 44.93 48.58
C THR E 227 -49.51 46.13 49.13
N LYS E 228 -50.10 46.86 50.08
CA LYS E 228 -49.36 47.90 50.79
C LYS E 228 -48.26 47.31 51.64
N ASP E 229 -48.50 46.10 52.17
CA ASP E 229 -47.46 45.35 52.86
C ASP E 229 -46.31 45.05 51.92
N LEU E 230 -46.63 44.74 50.66
CA LEU E 230 -45.61 44.53 49.65
C LEU E 230 -44.90 45.83 49.31
N MET E 231 -45.62 46.95 49.34
CA MET E 231 -45.00 48.26 49.16
C MET E 231 -44.03 48.57 50.28
N GLU E 232 -44.30 48.05 51.48
CA GLU E 232 -43.39 48.28 52.60
C GLU E 232 -42.12 47.45 52.44
N VAL E 233 -42.25 46.12 52.39
CA VAL E 233 -41.08 45.26 52.35
C VAL E 233 -40.39 45.31 50.99
N LEU E 234 -41.08 45.78 49.96
CA LEU E 234 -40.45 46.09 48.69
C LEU E 234 -40.81 47.53 48.34
N PRO E 235 -39.94 48.49 48.64
CA PRO E 235 -40.18 49.85 48.17
C PRO E 235 -40.14 49.99 46.66
N GLY E 236 -39.39 49.12 45.96
CA GLY E 236 -39.38 49.14 44.52
C GLY E 236 -38.33 48.24 43.90
N PRO E 237 -38.52 47.90 42.63
CA PRO E 237 -37.54 47.05 41.94
C PRO E 237 -36.28 47.85 41.63
N ASP E 238 -35.14 47.16 41.68
CA ASP E 238 -33.88 47.87 41.55
C ASP E 238 -33.04 47.23 40.45
N PHE E 239 -31.86 47.78 40.26
CA PHE E 239 -31.01 47.55 39.10
C PHE E 239 -29.58 47.46 39.57
N PRO E 240 -28.70 46.83 38.78
CA PRO E 240 -27.27 46.90 39.11
C PRO E 240 -26.64 48.20 38.68
N THR E 241 -27.40 49.04 37.99
CA THR E 241 -26.92 50.30 37.44
C THR E 241 -27.64 51.49 38.07
N GLY E 242 -28.96 51.50 38.08
CA GLY E 242 -29.69 52.62 38.67
C GLY E 242 -30.45 53.40 37.60
N ALA E 243 -31.62 53.91 37.99
CA ALA E 243 -32.47 54.73 37.13
C ALA E 243 -33.41 55.53 38.03
N LEU E 244 -34.44 56.12 37.43
CA LEU E 244 -35.50 56.78 38.19
C LEU E 244 -36.82 56.24 37.70
N VAL E 245 -37.69 55.87 38.63
CA VAL E 245 -39.04 55.39 38.35
C VAL E 245 -39.98 56.34 39.07
N MET E 246 -40.60 57.26 38.32
CA MET E 246 -41.40 58.31 38.95
C MET E 246 -42.80 57.84 39.29
N GLY E 247 -43.34 56.86 38.53
CA GLY E 247 -44.73 56.47 38.70
C GLY E 247 -44.98 55.61 39.93
N LYS E 248 -46.24 55.58 40.33
CA LYS E 248 -46.68 54.80 41.49
C LYS E 248 -47.74 53.77 41.13
N SER E 249 -48.79 54.19 40.42
CA SER E 249 -49.87 53.27 40.08
C SER E 249 -49.49 52.28 39.00
N GLY E 250 -48.49 52.61 38.17
CA GLY E 250 -47.93 51.62 37.27
C GLY E 250 -47.24 50.51 38.02
N ILE E 251 -46.53 50.85 39.10
CA ILE E 251 -45.94 49.88 40.00
C ILE E 251 -47.05 49.06 40.69
N HIS E 252 -48.13 49.73 41.06
CA HIS E 252 -49.27 49.07 41.69
C HIS E 252 -49.91 48.03 40.77
N LYS E 253 -50.20 48.42 39.53
CA LYS E 253 -50.74 47.48 38.54
C LYS E 253 -49.71 46.43 38.14
N ALA E 254 -48.42 46.74 38.27
CA ALA E 254 -47.38 45.75 37.99
C ALA E 254 -47.42 44.63 39.02
N TYR E 255 -47.45 44.98 40.30
CA TYR E 255 -47.46 43.93 41.31
C TYR E 255 -48.83 43.31 41.50
N GLU E 256 -49.89 43.89 40.98
CA GLU E 256 -51.19 43.23 41.07
C GLU E 256 -51.57 42.51 39.78
N THR E 257 -51.68 43.23 38.67
CA THR E 257 -52.15 42.65 37.43
C THR E 257 -51.06 41.88 36.71
N GLY E 258 -49.80 42.20 36.96
CA GLY E 258 -48.72 41.66 36.18
C GLY E 258 -48.47 42.37 34.87
N LYS E 259 -49.20 43.45 34.58
CA LYS E 259 -49.04 44.21 33.36
C LYS E 259 -48.89 45.69 33.70
N GLY E 260 -48.10 46.37 32.90
CA GLY E 260 -47.88 47.79 33.08
C GLY E 260 -46.48 48.19 32.63
N SER E 261 -46.33 49.48 32.32
CA SER E 261 -45.05 50.04 31.96
C SER E 261 -44.67 51.11 32.97
N ILE E 262 -43.36 51.32 33.10
CA ILE E 262 -42.83 52.28 34.06
C ILE E 262 -41.95 53.28 33.33
N VAL E 263 -41.49 54.27 34.06
CA VAL E 263 -40.46 55.19 33.59
C VAL E 263 -39.11 54.67 34.05
N LEU E 264 -38.18 54.52 33.12
CA LEU E 264 -36.77 54.43 33.46
C LEU E 264 -36.12 55.74 33.04
N ARG E 265 -35.53 56.44 33.99
CA ARG E 265 -34.96 57.76 33.72
C ARG E 265 -33.49 57.81 34.11
N SER E 266 -32.70 58.49 33.29
CA SER E 266 -31.32 58.80 33.62
C SER E 266 -31.24 59.76 34.80
N ARG E 267 -30.13 59.70 35.52
CA ARG E 267 -29.87 60.68 36.57
C ARG E 267 -29.54 62.02 35.95
N THR E 268 -30.04 63.09 36.55
CA THR E 268 -29.81 64.44 36.09
C THR E 268 -29.27 65.29 37.23
N GLU E 269 -28.13 65.95 36.99
CA GLU E 269 -27.53 66.86 37.96
C GLU E 269 -27.21 68.16 37.26
N ILE E 270 -27.83 69.25 37.70
CA ILE E 270 -27.65 70.56 37.10
C ILE E 270 -26.64 71.32 37.95
N GLU E 271 -25.45 71.54 37.41
CA GLU E 271 -24.41 72.30 38.09
C GLU E 271 -23.98 73.50 37.25
N THR E 272 -23.13 74.32 37.86
CA THR E 272 -22.81 75.65 37.34
C THR E 272 -21.42 75.66 36.75
N THR E 273 -21.33 75.93 35.45
CA THR E 273 -20.05 76.21 34.82
C THR E 273 -19.55 77.57 35.28
N LYS E 274 -18.22 77.69 35.45
CA LYS E 274 -17.58 78.94 35.84
C LYS E 274 -17.80 80.08 34.86
N THR E 275 -18.17 79.78 33.61
CA THR E 275 -18.52 80.79 32.62
C THR E 275 -20.03 80.89 32.37
N GLY E 276 -20.84 80.24 33.20
CA GLY E 276 -22.29 80.36 33.08
C GLY E 276 -22.94 79.44 32.07
N ARG E 277 -22.80 78.13 32.24
CA ARG E 277 -23.49 77.14 31.43
C ARG E 277 -24.14 76.12 32.36
N GLU E 278 -25.39 75.77 32.08
CA GLU E 278 -26.14 74.82 32.90
C GLU E 278 -25.64 73.41 32.60
N ARG E 279 -24.57 73.02 33.30
CA ARG E 279 -23.91 71.75 33.03
C ARG E 279 -24.75 70.58 33.54
N ILE E 280 -24.92 69.56 32.71
CA ILE E 280 -25.73 68.39 33.02
C ILE E 280 -24.78 67.21 33.26
N VAL E 281 -24.89 66.62 34.44
CA VAL E 281 -24.15 65.42 34.82
C VAL E 281 -25.13 64.27 34.87
N VAL E 282 -24.79 63.17 34.22
CA VAL E 282 -25.64 61.98 34.15
C VAL E 282 -24.82 60.79 34.60
N THR E 283 -25.35 60.04 35.56
CA THR E 283 -24.75 58.79 36.01
C THR E 283 -25.64 57.60 35.72
N GLU E 284 -26.90 57.64 36.14
CA GLU E 284 -27.84 56.56 35.90
C GLU E 284 -28.38 56.62 34.46
N PHE E 285 -29.02 55.54 34.05
CA PHE E 285 -29.57 55.42 32.70
C PHE E 285 -30.77 54.49 32.76
N PRO E 286 -31.62 54.52 31.73
CA PRO E 286 -32.55 53.39 31.53
C PRO E 286 -31.79 52.11 31.24
N TYR E 287 -32.44 51.00 31.53
CA TYR E 287 -31.79 49.70 31.48
C TYR E 287 -31.75 49.19 30.05
N MET E 288 -30.70 48.39 29.77
CA MET E 288 -30.38 47.88 28.42
C MET E 288 -30.20 49.01 27.41
N VAL E 289 -29.52 50.08 27.82
CA VAL E 289 -29.33 51.26 27.00
C VAL E 289 -27.83 51.55 26.95
N ASN E 290 -27.18 51.20 25.84
CA ASN E 290 -25.79 51.57 25.63
C ASN E 290 -25.67 53.07 25.46
N LYS E 291 -24.51 53.60 25.87
CA LYS E 291 -24.26 55.03 25.72
C LYS E 291 -23.98 55.41 24.27
N THR E 292 -23.49 54.45 23.48
CA THR E 292 -22.82 54.76 22.21
C THR E 292 -23.80 55.24 21.16
N LYS E 293 -24.77 54.39 20.81
CA LYS E 293 -25.72 54.73 19.76
C LYS E 293 -26.64 55.86 20.19
N VAL E 294 -26.91 55.97 21.49
CA VAL E 294 -27.67 57.09 22.02
C VAL E 294 -26.93 58.40 21.77
N HIS E 295 -25.63 58.40 22.06
CA HIS E 295 -24.79 59.56 21.81
C HIS E 295 -24.72 59.89 20.32
N GLU E 296 -24.71 58.87 19.47
CA GLU E 296 -24.67 59.08 18.03
C GLU E 296 -25.97 59.71 17.53
N HIS E 297 -27.11 59.25 18.05
CA HIS E 297 -28.38 59.88 17.67
C HIS E 297 -28.52 61.28 18.24
N ILE E 298 -27.90 61.55 19.39
CA ILE E 298 -27.86 62.91 19.90
C ILE E 298 -27.05 63.82 18.96
N VAL E 299 -25.93 63.29 18.44
CA VAL E 299 -25.13 64.01 17.44
C VAL E 299 -25.95 64.25 16.17
N ARG E 300 -26.72 63.25 15.75
CA ARG E 300 -27.62 63.41 14.61
C ARG E 300 -28.68 64.48 14.84
N LEU E 301 -29.32 64.46 16.00
CA LEU E 301 -30.40 65.41 16.29
C LEU E 301 -29.86 66.83 16.41
N VAL E 302 -28.63 66.97 16.91
CA VAL E 302 -27.94 68.26 16.84
C VAL E 302 -27.73 68.67 15.38
N GLN E 303 -27.32 67.72 14.55
CA GLN E 303 -26.89 68.02 13.18
C GLN E 303 -28.02 67.82 12.18
N GLU E 304 -29.25 68.15 12.55
CA GLU E 304 -30.39 68.17 11.64
C GLU E 304 -31.20 69.43 11.81
N LYS E 305 -30.49 70.58 11.77
CA LYS E 305 -31.05 71.93 11.90
C LYS E 305 -31.82 72.10 13.21
N ARG E 306 -31.10 71.88 14.31
CA ARG E 306 -31.61 72.04 15.66
C ARG E 306 -30.50 72.71 16.45
N ILE E 307 -30.55 72.60 17.78
CA ILE E 307 -29.61 73.29 18.67
C ILE E 307 -28.20 72.76 18.42
N GLU E 308 -27.38 73.57 17.76
CA GLU E 308 -26.07 73.15 17.30
C GLU E 308 -24.93 73.71 18.14
N GLY E 309 -25.21 74.73 18.96
CA GLY E 309 -24.20 75.30 19.82
C GLY E 309 -23.84 74.45 21.02
N ILE E 310 -24.52 73.32 21.21
CA ILE E 310 -24.14 72.36 22.24
C ILE E 310 -23.12 71.42 21.59
N THR E 311 -21.92 71.93 21.42
CA THR E 311 -20.76 71.11 21.07
C THR E 311 -19.95 70.77 22.31
N ALA E 312 -20.64 70.26 23.33
CA ALA E 312 -20.04 69.98 24.63
C ALA E 312 -20.61 68.65 25.11
N VAL E 313 -19.86 67.58 24.84
CA VAL E 313 -20.25 66.23 25.24
C VAL E 313 -19.05 65.55 25.88
N ARG E 314 -18.88 65.73 27.18
CA ARG E 314 -17.75 65.17 27.91
C ARG E 314 -18.27 63.90 28.58
N ASP E 315 -18.19 62.79 27.84
CA ASP E 315 -18.78 61.53 28.26
C ASP E 315 -17.67 60.48 28.24
N GLU E 316 -16.91 60.42 29.33
CA GLU E 316 -15.74 59.56 29.41
C GLU E 316 -15.41 59.33 30.88
N SER E 317 -14.24 58.73 31.13
CA SER E 317 -13.70 58.43 32.47
C SER E 317 -14.66 57.57 33.28
N ASN E 318 -15.35 56.66 32.59
CA ASN E 318 -16.41 55.87 33.20
C ASN E 318 -15.89 54.56 33.79
N ARG E 319 -14.62 54.53 34.18
CA ARG E 319 -14.01 53.40 34.85
C ARG E 319 -13.95 53.59 36.35
N GLU E 320 -14.30 54.78 36.82
CA GLU E 320 -14.57 55.04 38.22
C GLU E 320 -16.07 55.04 38.53
N GLY E 321 -16.91 55.10 37.50
CA GLY E 321 -18.34 55.24 37.68
C GLY E 321 -18.99 55.57 36.35
N VAL E 322 -19.84 56.58 36.31
CA VAL E 322 -20.39 57.11 35.06
C VAL E 322 -20.28 58.62 35.11
N ARG E 323 -19.51 59.20 34.19
CA ARG E 323 -19.44 60.64 34.03
C ARG E 323 -19.96 60.95 32.63
N PHE E 324 -21.27 61.12 32.52
CA PHE E 324 -21.90 61.41 31.24
C PHE E 324 -22.33 62.89 31.31
N VAL E 325 -21.41 63.77 30.94
CA VAL E 325 -21.58 65.20 31.20
C VAL E 325 -21.68 65.94 29.88
N ILE E 326 -22.73 66.74 29.74
CA ILE E 326 -22.82 67.70 28.66
C ILE E 326 -22.88 69.09 29.27
N GLU E 327 -22.65 70.10 28.43
CA GLU E 327 -22.80 71.49 28.85
C GLU E 327 -23.67 72.20 27.84
N VAL E 328 -24.83 72.68 28.32
CA VAL E 328 -25.78 73.38 27.45
C VAL E 328 -25.19 74.74 27.08
N LYS E 329 -25.36 75.11 25.81
CA LYS E 329 -24.88 76.37 25.27
C LYS E 329 -25.54 77.57 25.94
N ARG E 330 -24.95 78.73 25.72
CA ARG E 330 -25.50 79.97 26.25
C ARG E 330 -26.79 80.33 25.51
N ASP E 331 -27.66 81.06 26.22
CA ASP E 331 -29.02 81.41 25.77
C ASP E 331 -29.84 80.17 25.43
N ALA E 332 -29.76 79.17 26.31
CA ALA E 332 -30.54 77.95 26.20
C ALA E 332 -30.62 77.31 27.58
N SER E 333 -31.81 76.89 27.97
CA SER E 333 -31.99 76.22 29.25
C SER E 333 -31.71 74.73 29.10
N ALA E 334 -31.28 74.11 30.19
CA ALA E 334 -30.95 72.69 30.15
C ALA E 334 -32.20 71.84 30.06
N ASN E 335 -33.28 72.26 30.72
CA ASN E 335 -34.43 71.41 30.93
C ASN E 335 -35.21 71.15 29.65
N VAL E 336 -35.18 72.10 28.71
CA VAL E 336 -35.84 71.89 27.42
C VAL E 336 -35.11 70.81 26.63
N ILE E 337 -33.77 70.83 26.63
CA ILE E 337 -32.99 69.79 25.98
C ILE E 337 -33.16 68.46 26.71
N LEU E 338 -33.34 68.51 28.04
CA LEU E 338 -33.62 67.30 28.81
C LEU E 338 -34.94 66.67 28.39
N ASN E 339 -35.99 67.49 28.27
CA ASN E 339 -37.28 66.96 27.83
C ASN E 339 -37.24 66.51 26.37
N ASN E 340 -36.40 67.14 25.55
CA ASN E 340 -36.27 66.70 24.16
C ASN E 340 -35.55 65.35 24.07
N LEU E 341 -34.54 65.13 24.90
CA LEU E 341 -33.91 63.82 24.94
C LEU E 341 -34.75 62.79 25.66
N PHE E 342 -35.69 63.22 26.48
CA PHE E 342 -36.69 62.29 27.00
C PHE E 342 -37.68 61.91 25.91
N LYS E 343 -38.00 62.85 25.03
CA LYS E 343 -38.74 62.55 23.80
C LYS E 343 -37.93 61.68 22.84
N MET E 344 -36.60 61.69 22.96
CA MET E 344 -35.75 60.76 22.23
C MET E 344 -35.77 59.35 22.82
N THR E 345 -36.48 59.16 23.95
CA THR E 345 -36.82 57.85 24.55
C THR E 345 -35.59 57.05 24.97
N GLN E 346 -34.48 57.72 25.22
CA GLN E 346 -33.27 57.05 25.66
C GLN E 346 -32.79 57.48 27.03
N MET E 347 -33.11 58.70 27.46
CA MET E 347 -32.89 59.11 28.83
C MET E 347 -34.14 58.99 29.68
N GLN E 348 -35.28 58.70 29.07
CA GLN E 348 -36.52 58.37 29.78
C GLN E 348 -37.30 57.43 28.87
N THR E 349 -37.61 56.25 29.38
CA THR E 349 -38.12 55.19 28.53
C THR E 349 -39.27 54.47 29.22
N ASN E 350 -40.35 54.24 28.47
CA ASN E 350 -41.47 53.42 28.93
C ASN E 350 -41.06 51.97 28.90
N PHE E 351 -40.63 51.45 30.05
CA PHE E 351 -40.18 50.08 30.16
C PHE E 351 -41.37 49.22 30.58
N GLY E 352 -41.86 48.39 29.67
CA GLY E 352 -43.01 47.57 29.95
C GLY E 352 -42.67 46.35 30.77
N PHE E 353 -43.72 45.62 31.17
CA PHE E 353 -43.56 44.36 31.88
C PHE E 353 -44.64 43.41 31.42
N ASN E 354 -44.25 42.20 31.01
CA ASN E 354 -45.23 41.18 30.70
C ASN E 354 -45.47 40.25 31.88
N MET E 355 -44.39 39.83 32.54
CA MET E 355 -44.41 39.15 33.84
C MET E 355 -45.22 37.86 33.79
N LEU E 356 -44.74 36.93 32.96
CA LEU E 356 -45.37 35.63 32.80
C LEU E 356 -44.48 34.58 33.42
N ALA E 357 -45.02 33.37 33.53
CA ALA E 357 -44.25 32.30 34.16
C ALA E 357 -44.68 30.95 33.61
N ILE E 358 -43.89 29.93 33.96
CA ILE E 358 -44.13 28.55 33.58
C ILE E 358 -44.16 27.70 34.84
N GLN E 359 -45.25 26.96 35.03
CA GLN E 359 -45.34 25.97 36.10
C GLN E 359 -46.45 25.00 35.72
N ASN E 360 -46.23 23.72 36.07
CA ASN E 360 -47.17 22.62 35.80
C ASN E 360 -47.46 22.47 34.32
N GLY E 361 -46.47 22.81 33.49
CA GLY E 361 -46.63 22.79 32.06
C GLY E 361 -47.43 23.94 31.47
N ILE E 362 -47.91 24.87 32.29
CA ILE E 362 -48.69 25.98 31.73
C ILE E 362 -47.99 27.30 32.00
N PRO E 363 -48.17 28.29 31.13
CA PRO E 363 -47.80 29.67 31.48
C PRO E 363 -48.83 30.27 32.42
N LYS E 364 -48.47 31.41 32.97
CA LYS E 364 -49.33 32.04 33.97
C LYS E 364 -49.01 33.52 34.05
N ILE E 365 -50.08 34.32 34.10
CA ILE E 365 -49.95 35.73 34.44
C ILE E 365 -49.68 35.84 35.93
N LEU E 366 -48.73 36.69 36.30
CA LEU E 366 -48.16 36.66 37.63
C LEU E 366 -48.74 37.73 38.55
N SER E 367 -48.79 37.37 39.84
CA SER E 367 -48.92 38.31 40.94
C SER E 367 -48.17 37.71 42.11
N LEU E 368 -48.11 38.44 43.22
CA LEU E 368 -47.52 37.85 44.40
C LEU E 368 -48.56 37.01 45.14
N ARG E 369 -48.09 36.41 46.23
CA ARG E 369 -48.62 35.21 46.90
C ARG E 369 -48.59 33.98 46.00
N GLN E 370 -47.91 34.06 44.86
CA GLN E 370 -47.78 32.95 43.93
C GLN E 370 -46.32 32.51 43.85
N ILE E 371 -45.44 33.45 43.49
CA ILE E 371 -44.02 33.36 43.78
C ILE E 371 -43.79 32.98 45.23
N LEU E 372 -44.51 33.68 46.11
CA LEU E 372 -44.27 33.59 47.55
C LEU E 372 -44.64 32.21 48.07
N ASP E 373 -45.90 31.81 47.89
CA ASP E 373 -46.37 30.52 48.37
C ASP E 373 -45.69 29.37 47.66
N ALA E 374 -45.34 29.57 46.38
CA ALA E 374 -44.64 28.53 45.64
C ALA E 374 -43.26 28.27 46.21
N TYR E 375 -42.50 29.33 46.47
CA TYR E 375 -41.19 29.19 47.10
C TYR E 375 -41.31 28.61 48.51
N ILE E 376 -42.35 29.02 49.24
CA ILE E 376 -42.56 28.52 50.60
C ILE E 376 -42.80 27.02 50.60
N GLU E 377 -43.71 26.55 49.76
CA GLU E 377 -44.03 25.13 49.78
C GLU E 377 -42.92 24.31 49.14
N HIS E 378 -42.15 24.90 48.24
CA HIS E 378 -40.96 24.23 47.72
C HIS E 378 -39.92 24.01 48.81
N GLN E 379 -39.66 25.05 49.61
CA GLN E 379 -38.74 24.89 50.73
C GLN E 379 -39.28 23.94 51.78
N LYS E 380 -40.61 23.88 51.93
CA LYS E 380 -41.24 22.89 52.80
C LYS E 380 -40.93 21.48 52.33
N GLU E 381 -41.10 21.23 51.03
CA GLU E 381 -40.73 19.96 50.41
C GLU E 381 -39.28 19.60 50.68
N VAL E 382 -38.38 20.57 50.48
CA VAL E 382 -36.94 20.33 50.62
C VAL E 382 -36.59 19.97 52.06
N VAL E 383 -37.11 20.74 53.01
CA VAL E 383 -36.77 20.53 54.41
C VAL E 383 -37.34 19.22 54.92
N VAL E 384 -38.61 18.92 54.57
CA VAL E 384 -39.24 17.71 55.08
C VAL E 384 -38.60 16.47 54.48
N ARG E 385 -38.24 16.51 53.19
CA ARG E 385 -37.59 15.36 52.57
C ARG E 385 -36.17 15.19 53.10
N ARG E 386 -35.49 16.30 53.40
CA ARG E 386 -34.21 16.24 54.09
C ARG E 386 -34.35 15.61 55.47
N THR E 387 -35.44 15.93 56.17
CA THR E 387 -35.70 15.36 57.48
C THR E 387 -35.93 13.86 57.39
N ARG E 388 -36.66 13.43 56.37
CA ARG E 388 -36.91 12.01 56.16
C ARG E 388 -35.61 11.25 55.86
N PHE E 389 -34.76 11.84 55.02
CA PHE E 389 -33.47 11.21 54.70
C PHE E 389 -32.55 11.14 55.91
N ASP E 390 -32.57 12.19 56.74
CA ASP E 390 -31.75 12.17 57.94
C ASP E 390 -32.27 11.16 58.94
N LYS E 391 -33.59 10.96 59.00
CA LYS E 391 -34.15 9.88 59.80
C LYS E 391 -33.73 8.52 59.27
N GLU E 392 -33.61 8.39 57.94
CA GLU E 392 -33.15 7.14 57.34
C GLU E 392 -31.74 6.79 57.80
N LYS E 393 -30.80 7.74 57.62
CA LYS E 393 -29.43 7.54 58.08
C LYS E 393 -29.35 7.29 59.58
N ALA E 394 -30.11 8.08 60.36
CA ALA E 394 -30.02 8.01 61.80
C ALA E 394 -30.58 6.71 62.35
N GLU E 395 -31.69 6.24 61.78
CA GLU E 395 -32.27 5.00 62.27
C GLU E 395 -31.51 3.78 61.78
N ALA E 396 -30.86 3.87 60.60
CA ALA E 396 -29.95 2.81 60.19
C ALA E 396 -28.78 2.70 61.15
N ARG E 397 -28.18 3.84 61.51
CA ARG E 397 -27.04 3.80 62.42
C ARG E 397 -27.49 3.44 63.83
N ALA E 398 -28.72 3.77 64.18
CA ALA E 398 -29.27 3.37 65.47
C ALA E 398 -29.45 1.86 65.53
N HIS E 399 -29.88 1.25 64.43
CA HIS E 399 -29.98 -0.21 64.35
C HIS E 399 -28.61 -0.86 64.49
N ILE E 400 -27.60 -0.24 63.88
CA ILE E 400 -26.21 -0.69 64.03
C ILE E 400 -25.78 -0.66 65.49
N LEU E 401 -25.98 0.48 66.16
CA LEU E 401 -25.54 0.59 67.54
C LEU E 401 -26.38 -0.22 68.51
N GLU E 402 -27.64 -0.52 68.14
CA GLU E 402 -28.40 -1.56 68.83
C GLU E 402 -27.65 -2.88 68.81
N GLY E 403 -27.24 -3.32 67.61
CA GLY E 403 -26.45 -4.54 67.50
C GLY E 403 -25.13 -4.47 68.24
N LEU E 404 -24.51 -3.29 68.26
CA LEU E 404 -23.23 -3.09 68.94
C LEU E 404 -23.36 -3.25 70.45
N LEU E 405 -24.36 -2.59 71.03
CA LEU E 405 -24.54 -2.66 72.48
C LEU E 405 -25.01 -4.04 72.93
N ILE E 406 -25.86 -4.69 72.14
CA ILE E 406 -26.31 -6.03 72.49
C ILE E 406 -25.15 -7.03 72.36
N ALA E 407 -24.23 -6.78 71.42
CA ALA E 407 -22.99 -7.56 71.37
C ALA E 407 -22.14 -7.34 72.61
N LEU E 408 -21.95 -6.08 72.99
CA LEU E 408 -21.08 -5.74 74.11
C LEU E 408 -21.69 -6.06 75.47
N ASP E 409 -22.95 -6.48 75.51
CA ASP E 409 -23.51 -7.00 76.76
C ASP E 409 -22.78 -8.26 77.21
N HIS E 410 -22.89 -9.34 76.44
CA HIS E 410 -22.36 -10.65 76.79
C HIS E 410 -21.55 -11.17 75.62
N ILE E 411 -20.29 -11.53 75.88
CA ILE E 411 -19.33 -11.70 74.81
C ILE E 411 -18.70 -13.08 74.82
N ASP E 412 -18.21 -13.51 76.00
CA ASP E 412 -17.35 -14.69 76.06
C ASP E 412 -18.13 -15.97 75.76
N GLU E 413 -19.43 -16.01 76.09
CA GLU E 413 -20.25 -17.15 75.72
C GLU E 413 -20.39 -17.24 74.21
N VAL E 414 -20.56 -16.09 73.55
CA VAL E 414 -20.57 -16.04 72.10
C VAL E 414 -19.25 -16.51 71.53
N ILE E 415 -18.14 -16.14 72.19
CA ILE E 415 -16.80 -16.58 71.77
C ILE E 415 -16.69 -18.10 71.82
N ARG E 416 -17.12 -18.68 72.94
CA ARG E 416 -16.99 -20.11 73.13
C ARG E 416 -17.90 -20.91 72.21
N ILE E 417 -19.08 -20.36 71.89
CA ILE E 417 -19.94 -21.06 70.93
C ILE E 417 -19.40 -20.89 69.50
N ILE E 418 -18.70 -19.79 69.22
CA ILE E 418 -17.98 -19.66 67.94
C ILE E 418 -16.85 -20.69 67.87
N ARG E 419 -16.19 -20.97 69.00
CA ARG E 419 -15.22 -22.06 69.03
C ARG E 419 -15.85 -23.43 68.82
N ALA E 420 -17.16 -23.56 69.05
CA ALA E 420 -17.91 -24.75 68.69
C ALA E 420 -18.45 -24.68 67.26
N SER E 421 -17.88 -23.83 66.42
CA SER E 421 -18.31 -23.70 65.04
C SER E 421 -17.10 -23.56 64.13
N GLU E 422 -17.35 -23.66 62.83
CA GLU E 422 -16.28 -23.56 61.85
C GLU E 422 -16.66 -22.76 60.61
N THR E 423 -17.85 -22.17 60.58
CA THR E 423 -18.36 -21.48 59.39
C THR E 423 -19.05 -20.21 59.84
N ASP E 424 -18.89 -19.13 59.06
CA ASP E 424 -19.59 -17.89 59.36
C ASP E 424 -21.10 -18.02 59.13
N ALA E 425 -21.53 -18.95 58.28
CA ALA E 425 -22.94 -19.26 58.20
C ALA E 425 -23.41 -19.98 59.46
N GLU E 426 -22.60 -20.93 59.95
CA GLU E 426 -22.86 -21.54 61.24
C GLU E 426 -22.84 -20.51 62.36
N ALA E 427 -21.90 -19.56 62.30
CA ALA E 427 -21.83 -18.52 63.31
C ALA E 427 -23.05 -17.61 63.26
N GLN E 428 -23.57 -17.35 62.04
CA GLN E 428 -24.77 -16.57 61.89
C GLN E 428 -25.98 -17.29 62.47
N ALA E 429 -26.08 -18.60 62.22
CA ALA E 429 -27.16 -19.39 62.80
C ALA E 429 -27.04 -19.45 64.32
N GLU E 430 -25.80 -19.53 64.84
CA GLU E 430 -25.57 -19.49 66.27
C GLU E 430 -26.02 -18.17 66.87
N LEU E 431 -25.70 -17.05 66.22
CA LEU E 431 -26.13 -15.75 66.72
C LEU E 431 -27.63 -15.58 66.65
N MET E 432 -28.28 -16.13 65.62
CA MET E 432 -29.74 -16.10 65.56
C MET E 432 -30.36 -16.95 66.66
N SER E 433 -29.68 -18.03 67.05
CA SER E 433 -30.13 -18.78 68.21
C SER E 433 -29.89 -18.02 69.51
N LYS E 434 -28.81 -17.24 69.57
CA LYS E 434 -28.45 -16.54 70.80
C LYS E 434 -29.40 -15.37 71.06
N PHE E 435 -29.41 -14.40 70.15
CA PHE E 435 -30.14 -13.17 70.38
C PHE E 435 -30.78 -12.69 69.09
N LYS E 436 -31.64 -11.68 69.21
CA LYS E 436 -32.35 -11.13 68.06
C LYS E 436 -31.46 -10.12 67.37
N LEU E 437 -31.08 -10.41 66.13
CA LEU E 437 -30.20 -9.54 65.37
C LEU E 437 -30.67 -9.46 63.92
N SER E 438 -30.01 -8.60 63.16
CA SER E 438 -30.11 -8.61 61.72
C SER E 438 -28.91 -9.35 61.13
N GLU E 439 -29.02 -9.65 59.83
CA GLU E 439 -27.90 -10.23 59.10
C GLU E 439 -26.74 -9.25 59.08
N ARG E 440 -27.04 -7.98 58.79
CA ARG E 440 -26.05 -6.92 58.87
C ARG E 440 -25.51 -6.78 60.27
N GLN E 441 -26.39 -6.88 61.27
CA GLN E 441 -25.96 -6.78 62.67
C GLN E 441 -25.06 -7.94 63.05
N SER E 442 -25.42 -9.16 62.66
CA SER E 442 -24.61 -10.34 62.94
C SER E 442 -23.23 -10.23 62.30
N GLN E 443 -23.19 -9.78 61.04
CA GLN E 443 -21.92 -9.69 60.35
C GLN E 443 -21.07 -8.53 60.86
N ALA E 444 -21.70 -7.46 61.35
CA ALA E 444 -20.94 -6.38 61.94
C ALA E 444 -20.38 -6.76 63.29
N ILE E 445 -21.11 -7.60 64.04
CA ILE E 445 -20.56 -8.14 65.28
C ILE E 445 -19.44 -9.11 64.97
N LEU E 446 -19.53 -9.83 63.83
CA LEU E 446 -18.39 -10.59 63.35
C LEU E 446 -17.23 -9.68 62.98
N ASP E 447 -17.51 -8.44 62.61
CA ASP E 447 -16.47 -7.46 62.32
C ASP E 447 -16.02 -6.80 63.63
N MET E 448 -15.30 -7.60 64.43
CA MET E 448 -14.78 -7.14 65.71
C MET E 448 -13.44 -7.81 65.95
N ARG E 449 -12.36 -7.04 65.87
CA ARG E 449 -11.04 -7.51 66.29
C ARG E 449 -10.92 -7.42 67.82
N LEU E 450 -9.73 -7.70 68.35
CA LEU E 450 -9.57 -7.74 69.80
C LEU E 450 -9.58 -6.35 70.42
N ARG E 451 -9.28 -5.32 69.63
CA ARG E 451 -9.41 -3.93 70.05
C ARG E 451 -10.83 -3.57 70.49
N ARG E 452 -11.81 -4.34 70.02
CA ARG E 452 -13.22 -4.17 70.35
C ARG E 452 -13.59 -4.77 71.69
N LEU E 453 -12.61 -5.30 72.44
CA LEU E 453 -12.92 -6.08 73.63
C LEU E 453 -12.67 -5.30 74.92
N THR E 454 -12.96 -4.01 74.91
CA THR E 454 -12.83 -3.17 76.08
C THR E 454 -14.21 -2.74 76.58
N GLY E 455 -14.20 -2.02 77.70
CA GLY E 455 -15.44 -1.60 78.34
C GLY E 455 -15.71 -0.12 78.28
N LEU E 456 -14.66 0.68 78.04
CA LEU E 456 -14.85 2.12 77.91
C LEU E 456 -15.57 2.45 76.61
N GLU E 457 -15.22 1.73 75.54
CA GLU E 457 -15.86 1.94 74.26
C GLU E 457 -17.31 1.45 74.26
N ARG E 458 -17.66 0.53 75.17
CA ARG E 458 -19.05 0.18 75.41
C ARG E 458 -19.84 1.40 75.85
N ASP E 459 -19.29 2.14 76.82
CA ASP E 459 -19.93 3.36 77.30
C ASP E 459 -19.95 4.43 76.22
N LYS E 460 -18.93 4.47 75.36
CA LYS E 460 -18.91 5.45 74.28
C LYS E 460 -19.99 5.18 73.24
N ILE E 461 -20.15 3.89 72.87
CA ILE E 461 -21.21 3.50 71.94
C ILE E 461 -22.58 3.73 72.55
N GLN E 462 -22.71 3.48 73.86
CA GLN E 462 -23.99 3.74 74.55
C GLN E 462 -24.30 5.23 74.58
N SER E 463 -23.28 6.06 74.77
CA SER E 463 -23.47 7.50 74.81
C SER E 463 -23.90 8.05 73.45
N GLU E 464 -23.21 7.61 72.38
CA GLU E 464 -23.62 8.07 71.05
C GLU E 464 -24.95 7.45 70.65
N TYR E 465 -25.27 6.28 71.19
CA TYR E 465 -26.55 5.64 70.94
C TYR E 465 -27.69 6.45 71.55
N ASP E 466 -27.51 6.90 72.79
CA ASP E 466 -28.53 7.76 73.40
C ASP E 466 -28.58 9.13 72.73
N ASP E 467 -27.43 9.64 72.28
CA ASP E 467 -27.40 10.89 71.50
C ASP E 467 -28.20 10.74 70.21
N LEU E 468 -28.02 9.61 69.53
CA LEU E 468 -28.70 9.39 68.26
C LEU E 468 -30.19 9.16 68.46
N LEU E 469 -30.57 8.48 69.55
CA LEU E 469 -31.99 8.34 69.89
C LEU E 469 -32.61 9.68 70.22
N ALA E 470 -31.87 10.54 70.92
CA ALA E 470 -32.38 11.88 71.23
C ALA E 470 -32.54 12.70 69.96
N LEU E 471 -31.61 12.58 69.02
CA LEU E 471 -31.72 13.32 67.77
C LEU E 471 -32.85 12.78 66.89
N ILE E 472 -33.08 11.47 66.92
CA ILE E 472 -34.21 10.87 66.20
C ILE E 472 -35.54 11.35 66.77
N ALA E 473 -35.66 11.38 68.11
CA ALA E 473 -36.86 11.89 68.74
C ALA E 473 -37.05 13.38 68.48
N ASP E 474 -35.94 14.13 68.39
CA ASP E 474 -36.00 15.54 68.01
C ASP E 474 -36.54 15.70 66.60
N LEU E 475 -36.04 14.90 65.65
CA LEU E 475 -36.52 15.00 64.28
C LEU E 475 -37.97 14.56 64.15
N ALA E 476 -38.39 13.58 64.94
CA ALA E 476 -39.79 13.16 64.94
C ALA E 476 -40.69 14.26 65.49
N ASP E 477 -40.25 14.92 66.56
CA ASP E 477 -41.03 16.01 67.13
C ASP E 477 -41.05 17.22 66.20
N ILE E 478 -39.96 17.46 65.47
CA ILE E 478 -39.94 18.50 64.44
C ILE E 478 -40.92 18.16 63.32
N LEU E 479 -41.00 16.87 62.95
CA LEU E 479 -41.97 16.46 61.95
C LEU E 479 -43.40 16.58 62.46
N ALA E 480 -43.59 16.49 63.77
CA ALA E 480 -44.88 16.88 64.35
C ALA E 480 -44.88 18.33 64.83
N LYS E 481 -44.39 19.24 63.98
CA LYS E 481 -44.34 20.69 64.19
C LYS E 481 -44.35 21.42 62.85
N PRO E 482 -45.42 22.13 62.53
CA PRO E 482 -45.41 22.89 61.27
C PRO E 482 -44.55 24.15 61.33
N GLU E 483 -44.56 24.85 62.47
CA GLU E 483 -43.86 26.12 62.58
C GLU E 483 -42.35 25.96 62.65
N ARG E 484 -41.88 24.79 63.09
CA ARG E 484 -40.45 24.52 63.21
C ARG E 484 -39.77 24.56 61.84
N VAL E 485 -40.49 24.14 60.80
CA VAL E 485 -39.98 24.23 59.43
C VAL E 485 -39.73 25.68 59.05
N SER E 486 -40.70 26.55 59.37
CA SER E 486 -40.54 27.98 59.13
C SER E 486 -39.41 28.56 59.96
N GLN E 487 -39.17 28.00 61.15
CA GLN E 487 -38.06 28.45 61.97
C GLN E 487 -36.72 28.07 61.36
N ILE E 488 -36.64 26.88 60.75
CA ILE E 488 -35.43 26.47 60.03
C ILE E 488 -35.22 27.36 58.81
N ILE E 489 -36.30 27.76 58.16
CA ILE E 489 -36.21 28.70 57.05
C ILE E 489 -35.67 30.04 57.55
N LYS E 490 -36.16 30.50 58.71
CA LYS E 490 -35.63 31.69 59.36
C LYS E 490 -34.15 31.53 59.68
N ASP E 491 -33.74 30.32 60.06
CA ASP E 491 -32.34 30.06 60.37
C ASP E 491 -31.46 30.26 59.15
N GLU E 492 -31.85 29.66 58.02
CA GLU E 492 -31.06 29.82 56.81
C GLU E 492 -31.09 31.25 56.28
N LEU E 493 -32.23 31.94 56.44
CA LEU E 493 -32.31 33.36 56.11
C LEU E 493 -31.36 34.18 56.95
N ASP E 494 -31.26 33.87 58.24
CA ASP E 494 -30.36 34.62 59.09
C ASP E 494 -28.91 34.27 58.82
N GLU E 495 -28.65 33.03 58.39
CA GLU E 495 -27.32 32.64 57.94
C GLU E 495 -26.87 33.49 56.76
N VAL E 496 -27.68 33.53 55.70
CA VAL E 496 -27.30 34.30 54.53
C VAL E 496 -27.40 35.80 54.78
N LYS E 497 -28.14 36.21 55.81
CA LYS E 497 -28.24 37.63 56.14
C LYS E 497 -27.01 38.09 56.92
N ARG E 498 -26.51 37.26 57.83
CA ARG E 498 -25.23 37.55 58.47
C ARG E 498 -24.09 37.49 57.47
N LYS E 499 -24.18 36.58 56.51
CA LYS E 499 -23.13 36.48 55.52
C LYS E 499 -23.20 37.64 54.53
N PHE E 500 -24.40 37.98 54.05
CA PHE E 500 -24.48 38.98 53.01
C PHE E 500 -25.72 39.85 53.18
N SER E 501 -25.63 41.05 52.64
CA SER E 501 -26.74 41.98 52.53
C SER E 501 -26.44 42.93 51.38
N ASP E 502 -27.46 43.66 50.95
CA ASP E 502 -27.25 44.66 49.91
C ASP E 502 -28.31 45.75 50.06
N LYS E 503 -27.92 46.97 49.71
CA LYS E 503 -28.77 48.14 49.81
C LYS E 503 -29.36 48.47 48.44
N ARG E 504 -30.23 49.47 48.41
CA ARG E 504 -30.84 49.94 47.17
C ARG E 504 -29.87 50.90 46.50
N ARG E 505 -29.02 50.36 45.63
CA ARG E 505 -28.17 51.22 44.82
C ARG E 505 -28.99 52.03 43.83
N THR E 506 -30.09 51.48 43.35
CA THR E 506 -30.98 52.17 42.42
C THR E 506 -31.78 53.20 43.19
N GLU E 507 -31.39 54.47 43.07
CA GLU E 507 -32.03 55.55 43.80
C GLU E 507 -33.31 55.95 43.07
N LEU E 508 -34.45 55.66 43.68
CA LEU E 508 -35.75 55.84 43.04
C LEU E 508 -36.55 56.90 43.79
N MET E 509 -36.90 57.97 43.10
CA MET E 509 -37.83 58.95 43.61
C MET E 509 -39.16 58.82 42.87
N VAL E 510 -40.25 58.96 43.61
CA VAL E 510 -41.58 58.77 43.04
C VAL E 510 -42.41 60.04 43.19
N LEU F 30 44.28 31.43 29.90
CA LEU F 30 43.66 30.17 29.51
C LEU F 30 43.45 29.25 30.71
N VAL F 31 44.46 28.44 31.01
CA VAL F 31 44.36 27.46 32.08
C VAL F 31 44.65 28.13 33.41
N ASN F 32 45.89 28.61 33.56
CA ASN F 32 46.37 29.34 34.74
C ASN F 32 46.19 28.56 36.05
N VAL F 33 46.18 27.24 35.98
CA VAL F 33 46.00 26.40 37.15
C VAL F 33 47.36 26.08 37.71
N ASN F 34 47.60 26.52 38.95
CA ASN F 34 48.93 26.47 39.55
C ASN F 34 49.13 25.27 40.45
N LEU F 35 48.08 24.80 41.11
CA LEU F 35 48.21 23.67 42.04
C LEU F 35 48.36 22.38 41.27
N THR F 36 49.55 21.79 41.33
CA THR F 36 49.79 20.51 40.68
C THR F 36 49.05 19.37 41.36
N LYS F 37 48.74 19.51 42.65
CA LYS F 37 48.08 18.44 43.40
C LYS F 37 46.67 18.18 42.88
N GLU F 38 45.89 19.24 42.68
CA GLU F 38 44.55 19.07 42.15
C GLU F 38 44.59 18.64 40.69
N MET F 39 45.64 19.04 39.95
CA MET F 39 45.84 18.52 38.61
C MET F 39 46.05 17.01 38.62
N LYS F 40 46.87 16.53 39.55
CA LYS F 40 47.12 15.09 39.67
C LYS F 40 45.87 14.34 40.12
N ALA F 41 45.12 14.91 41.05
CA ALA F 41 43.91 14.25 41.56
C ALA F 41 42.82 14.20 40.49
N SER F 42 42.59 15.33 39.82
CA SER F 42 41.67 15.36 38.69
C SER F 42 42.14 14.47 37.55
N PHE F 43 43.46 14.30 37.39
CA PHE F 43 43.98 13.43 36.34
C PHE F 43 43.78 11.96 36.67
N ILE F 44 43.91 11.59 37.95
CA ILE F 44 43.62 10.22 38.36
C ILE F 44 42.14 9.92 38.19
N ASP F 45 41.28 10.86 38.60
CA ASP F 45 39.84 10.70 38.39
C ASP F 45 39.50 10.66 36.91
N TYR F 46 40.23 11.45 36.10
CA TYR F 46 40.09 11.45 34.65
C TYR F 46 40.39 10.08 34.07
N ALA F 47 41.55 9.51 34.42
CA ALA F 47 41.97 8.22 33.88
C ALA F 47 41.04 7.11 34.31
N MET F 48 40.76 7.02 35.62
CA MET F 48 39.92 5.95 36.13
C MET F 48 38.48 6.10 35.65
N SER F 49 38.01 7.33 35.43
CA SER F 49 36.65 7.53 34.98
C SER F 49 36.50 7.17 33.51
N VAL F 50 37.53 7.45 32.71
CA VAL F 50 37.50 7.02 31.31
C VAL F 50 37.62 5.51 31.22
N ILE F 51 38.33 4.89 32.16
CA ILE F 51 38.32 3.43 32.29
C ILE F 51 36.91 2.92 32.57
N VAL F 52 36.31 3.39 33.67
CA VAL F 52 35.00 2.94 34.15
C VAL F 52 33.90 3.18 33.12
N ALA F 53 34.02 4.26 32.34
CA ALA F 53 32.98 4.64 31.41
C ALA F 53 32.79 3.62 30.29
N ARG F 54 33.85 3.38 29.51
CA ARG F 54 33.71 2.50 28.35
C ARG F 54 33.96 1.04 28.77
N ALA F 55 34.03 0.15 27.78
CA ALA F 55 33.85 -1.28 28.00
C ALA F 55 35.01 -1.88 28.77
N LEU F 56 34.69 -2.73 29.74
CA LEU F 56 35.69 -3.26 30.65
C LEU F 56 35.47 -4.75 30.88
N PRO F 57 36.56 -5.50 31.10
CA PRO F 57 36.42 -6.90 31.50
C PRO F 57 36.00 -7.04 32.95
N ASP F 58 34.70 -7.01 33.20
CA ASP F 58 34.20 -6.96 34.55
C ASP F 58 34.30 -8.34 35.20
N VAL F 59 33.95 -8.39 36.49
CA VAL F 59 33.91 -9.66 37.20
C VAL F 59 32.74 -10.50 36.73
N ARG F 60 31.58 -9.88 36.57
CA ARG F 60 30.33 -10.61 36.52
C ARG F 60 29.58 -10.47 35.21
N ASP F 61 29.83 -9.43 34.42
CA ASP F 61 29.19 -9.36 33.12
C ASP F 61 30.13 -8.98 32.00
N GLY F 62 31.30 -8.43 32.28
CA GLY F 62 32.17 -7.93 31.24
C GLY F 62 31.66 -6.76 30.45
N LEU F 63 30.60 -6.11 30.90
CA LEU F 63 29.86 -5.26 30.00
C LEU F 63 30.28 -3.81 30.16
N LYS F 64 29.68 -2.99 29.34
CA LYS F 64 29.62 -1.57 29.59
C LYS F 64 28.60 -1.32 30.70
N PRO F 65 28.77 -0.24 31.48
CA PRO F 65 27.73 0.10 32.46
C PRO F 65 26.42 0.49 31.81
N VAL F 66 26.49 1.00 30.58
CA VAL F 66 25.29 1.38 29.84
C VAL F 66 24.45 0.15 29.51
N HIS F 67 25.11 -0.99 29.28
CA HIS F 67 24.41 -2.26 29.08
C HIS F 67 23.59 -2.61 30.31
N ARG F 68 24.22 -2.51 31.48
CA ARG F 68 23.56 -2.70 32.75
C ARG F 68 22.39 -1.75 32.92
N ARG F 69 22.56 -0.51 32.46
CA ARG F 69 21.48 0.47 32.52
C ARG F 69 20.30 0.01 31.68
N ILE F 70 20.58 -0.46 30.46
CA ILE F 70 19.55 -0.95 29.54
C ILE F 70 18.79 -2.09 30.18
N LEU F 71 19.53 -3.04 30.76
CA LEU F 71 18.91 -4.24 31.31
C LEU F 71 18.08 -3.91 32.53
N TYR F 72 18.60 -3.07 33.42
CA TYR F 72 17.90 -2.78 34.65
C TYR F 72 16.67 -1.92 34.38
N GLY F 73 16.74 -1.06 33.37
CA GLY F 73 15.58 -0.28 32.99
C GLY F 73 14.50 -1.12 32.34
N MET F 74 14.92 -2.00 31.42
CA MET F 74 13.97 -2.92 30.79
C MET F 74 13.33 -3.85 31.79
N ASN F 75 14.08 -4.23 32.83
CA ASN F 75 13.51 -5.11 33.85
C ASN F 75 12.54 -4.36 34.74
N GLU F 76 12.98 -3.25 35.33
CA GLU F 76 12.11 -2.57 36.28
C GLU F 76 11.04 -1.73 35.64
N LEU F 77 10.99 -1.65 34.31
CA LEU F 77 9.75 -1.23 33.67
C LEU F 77 8.85 -2.39 33.35
N GLY F 78 9.34 -3.62 33.47
CA GLY F 78 8.52 -4.79 33.24
C GLY F 78 8.12 -5.02 31.81
N VAL F 79 8.97 -4.60 30.86
CA VAL F 79 8.66 -4.72 29.43
C VAL F 79 9.09 -6.12 29.02
N THR F 80 8.17 -7.06 29.07
CA THR F 80 8.47 -8.44 28.76
C THR F 80 8.36 -8.69 27.26
N PRO F 81 9.01 -9.73 26.75
CA PRO F 81 8.64 -10.24 25.42
C PRO F 81 7.28 -10.91 25.37
N ASP F 82 6.69 -11.19 26.54
CA ASP F 82 5.33 -11.68 26.61
C ASP F 82 4.36 -10.64 26.07
N LYS F 83 4.47 -9.42 26.58
CA LYS F 83 3.69 -8.30 26.09
C LYS F 83 4.18 -7.91 24.68
N PRO F 84 3.34 -7.19 23.90
CA PRO F 84 3.78 -6.81 22.55
C PRO F 84 4.88 -5.76 22.49
N HIS F 85 5.21 -5.36 21.25
CA HIS F 85 6.36 -4.50 20.95
C HIS F 85 6.13 -3.08 21.47
N LYS F 86 7.20 -2.30 21.50
CA LYS F 86 7.05 -0.92 21.98
C LYS F 86 8.07 -0.02 21.29
N LYS F 87 7.67 1.23 21.04
CA LYS F 87 8.58 2.28 20.61
C LYS F 87 9.68 2.47 21.65
N SER F 88 10.93 2.33 21.21
CA SER F 88 12.04 2.16 22.14
C SER F 88 12.87 3.42 22.35
N ALA F 89 12.75 4.41 21.48
CA ALA F 89 13.44 5.68 21.73
C ALA F 89 12.80 6.42 22.90
N ARG F 90 11.49 6.22 23.08
CA ARG F 90 10.82 6.70 24.29
C ARG F 90 11.41 6.05 25.53
N ILE F 91 11.66 4.74 25.46
CA ILE F 91 12.27 4.02 26.57
C ILE F 91 13.70 4.50 26.79
N THR F 92 14.39 4.82 25.70
CA THR F 92 15.75 5.34 25.76
C THR F 92 15.79 6.66 26.49
N GLY F 93 14.88 7.57 26.15
CA GLY F 93 14.77 8.83 26.86
C GLY F 93 14.34 8.67 28.30
N ASP F 94 13.50 7.67 28.59
CA ASP F 94 13.09 7.39 29.96
C ASP F 94 14.27 6.98 30.82
N VAL F 95 15.09 6.07 30.30
CA VAL F 95 16.26 5.62 31.04
C VAL F 95 17.29 6.73 31.15
N MET F 96 17.43 7.52 30.08
CA MET F 96 18.34 8.67 30.09
C MET F 96 17.92 9.69 31.13
N GLY F 97 16.61 9.89 31.32
CA GLY F 97 16.15 10.83 32.32
C GLY F 97 16.17 10.28 33.72
N LYS F 98 16.02 8.96 33.87
CA LYS F 98 16.19 8.36 35.18
C LYS F 98 17.65 8.31 35.59
N TYR F 99 18.56 8.42 34.63
CA TYR F 99 19.99 8.40 34.87
C TYR F 99 20.59 9.73 34.45
N HIS F 100 21.91 9.75 34.35
CA HIS F 100 22.66 10.97 34.11
C HIS F 100 22.38 11.54 32.72
N PRO F 101 22.67 12.85 32.50
CA PRO F 101 22.37 13.47 31.20
C PRO F 101 23.35 13.16 30.07
N HIS F 102 24.04 12.02 30.14
CA HIS F 102 25.04 11.55 29.19
C HIS F 102 24.59 11.54 27.73
N GLY F 103 25.54 11.45 26.80
CA GLY F 103 25.25 11.65 25.38
C GLY F 103 24.57 10.47 24.72
N ASP F 104 23.76 10.78 23.70
CA ASP F 104 22.86 9.81 23.09
C ASP F 104 23.58 8.78 22.23
N SER F 105 24.81 9.09 21.81
CA SER F 105 25.48 8.37 20.73
C SER F 105 25.72 6.91 21.10
N SER F 106 26.54 6.69 22.13
CA SER F 106 26.87 5.34 22.57
C SER F 106 25.66 4.59 23.10
N ILE F 107 24.67 5.34 23.62
CA ILE F 107 23.42 4.75 24.06
C ILE F 107 22.73 4.05 22.89
N TYR F 108 22.46 4.80 21.82
CA TYR F 108 21.77 4.23 20.67
C TYR F 108 22.65 3.21 19.95
N GLU F 109 23.97 3.39 20.04
CA GLU F 109 24.90 2.40 19.50
C GLU F 109 24.73 1.05 20.16
N ALA F 110 24.79 1.01 21.49
CA ALA F 110 24.66 -0.27 22.20
C ALA F 110 23.24 -0.82 22.09
N MET F 111 22.24 0.08 21.98
CA MET F 111 20.88 -0.32 21.66
C MET F 111 20.82 -1.13 20.38
N VAL F 112 21.53 -0.66 19.35
CA VAL F 112 21.57 -1.42 18.10
C VAL F 112 22.37 -2.70 18.28
N ARG F 113 23.54 -2.60 18.94
CA ARG F 113 24.48 -3.71 19.02
C ARG F 113 23.92 -4.93 19.74
N MET F 114 23.19 -4.71 20.83
CA MET F 114 22.58 -5.86 21.49
C MET F 114 21.28 -6.29 20.84
N ALA F 115 20.87 -5.62 19.76
CA ALA F 115 19.81 -6.10 18.90
C ALA F 115 20.32 -6.75 17.63
N GLN F 116 21.59 -6.52 17.28
CA GLN F 116 22.20 -7.17 16.12
C GLN F 116 22.31 -8.66 16.36
N TRP F 117 21.63 -9.46 15.56
CA TRP F 117 21.65 -10.89 15.78
C TRP F 117 22.98 -11.51 15.37
N TRP F 118 23.64 -10.96 14.35
CA TRP F 118 24.77 -11.63 13.75
C TRP F 118 26.07 -11.31 14.46
N SER F 119 26.15 -10.14 15.09
CA SER F 119 27.43 -9.70 15.63
C SER F 119 27.70 -10.33 16.97
N TYR F 120 26.85 -10.05 17.96
CA TYR F 120 26.92 -10.80 19.21
C TYR F 120 26.32 -12.18 19.00
N ARG F 121 26.96 -13.17 19.61
CA ARG F 121 26.58 -14.57 19.38
C ARG F 121 25.21 -14.88 19.97
N TYR F 122 24.77 -14.12 20.96
CA TYR F 122 23.56 -14.48 21.68
C TYR F 122 22.57 -13.33 21.61
N MET F 123 21.30 -13.67 21.77
CA MET F 123 20.20 -12.76 21.52
C MET F 123 19.80 -12.01 22.79
N LEU F 124 19.77 -10.69 22.72
CA LEU F 124 19.34 -9.87 23.84
C LEU F 124 18.13 -9.00 23.51
N VAL F 125 18.19 -8.24 22.43
CA VAL F 125 17.16 -7.26 22.10
C VAL F 125 16.52 -7.69 20.80
N ASP F 126 15.19 -7.76 20.78
CA ASP F 126 14.44 -8.21 19.61
C ASP F 126 13.90 -6.97 18.90
N GLY F 127 14.67 -6.41 17.98
CA GLY F 127 14.25 -5.24 17.25
C GLY F 127 13.18 -5.57 16.21
N HIS F 128 12.71 -4.53 15.52
CA HIS F 128 11.71 -4.75 14.48
C HIS F 128 11.95 -3.94 13.21
N GLY F 129 12.99 -3.11 13.16
CA GLY F 129 13.09 -2.16 12.08
C GLY F 129 14.23 -2.33 11.10
N ASN F 130 14.95 -1.24 10.85
CA ASN F 130 15.90 -1.14 9.75
C ASN F 130 17.31 -1.10 10.33
N PHE F 131 18.13 -2.05 9.91
CA PHE F 131 19.45 -2.18 10.52
C PHE F 131 20.59 -2.27 9.51
N GLY F 132 20.38 -2.95 8.38
CA GLY F 132 21.48 -3.33 7.51
C GLY F 132 22.07 -4.66 7.94
N SER F 133 22.31 -5.57 7.00
CA SER F 133 22.49 -6.97 7.39
C SER F 133 23.89 -7.26 7.94
N MET F 134 24.90 -7.23 7.07
CA MET F 134 26.29 -7.26 7.56
C MET F 134 27.23 -6.51 6.63
N ASP F 135 26.74 -5.56 5.85
CA ASP F 135 27.57 -5.02 4.78
C ASP F 135 27.73 -3.51 4.84
N GLY F 136 28.07 -2.99 6.01
CA GLY F 136 28.56 -1.63 6.11
C GLY F 136 27.51 -0.55 6.00
N ASP F 137 26.24 -0.89 6.18
CA ASP F 137 25.15 0.09 6.14
C ASP F 137 24.40 0.00 7.45
N SER F 138 24.90 0.71 8.47
CA SER F 138 24.27 0.75 9.77
C SER F 138 23.06 1.67 9.68
N ALA F 139 21.89 1.09 9.46
CA ALA F 139 20.67 1.88 9.37
C ALA F 139 20.25 2.33 10.76
N ALA F 140 20.09 3.64 10.92
CA ALA F 140 19.93 4.25 12.24
C ALA F 140 18.59 4.98 12.35
N ALA F 141 17.52 4.31 11.96
CA ALA F 141 16.19 4.92 11.96
C ALA F 141 15.70 5.11 13.38
N GLN F 142 16.02 6.26 13.98
CA GLN F 142 15.67 6.54 15.36
C GLN F 142 14.17 6.71 15.55
N ARG F 143 13.46 7.12 14.50
CA ARG F 143 12.01 7.20 14.56
C ARG F 143 11.39 5.81 14.60
N TYR F 144 12.03 4.84 13.93
CA TYR F 144 11.45 3.52 13.76
C TYR F 144 11.88 2.56 14.85
N THR F 145 12.40 3.09 15.96
CA THR F 145 13.04 2.28 16.99
C THR F 145 11.96 1.58 17.79
N GLU F 146 11.55 0.41 17.31
CA GLU F 146 10.46 -0.37 17.89
C GLU F 146 10.99 -1.78 18.14
N ALA F 147 10.83 -2.26 19.36
CA ALA F 147 11.54 -3.46 19.76
C ALA F 147 10.88 -4.13 20.96
N ARG F 148 11.50 -5.22 21.37
CA ARG F 148 11.31 -5.94 22.62
C ARG F 148 12.70 -6.42 23.05
N MET F 149 12.74 -7.35 23.98
CA MET F 149 13.97 -8.00 24.42
C MET F 149 13.87 -9.49 24.14
N SER F 150 14.90 -10.24 24.56
CA SER F 150 14.91 -11.69 24.45
C SER F 150 14.51 -12.31 25.78
N LYS F 151 14.38 -13.63 25.80
CA LYS F 151 13.94 -14.36 26.99
C LYS F 151 15.09 -14.79 27.87
N ILE F 152 16.30 -14.29 27.63
CA ILE F 152 17.46 -14.74 28.38
C ILE F 152 17.72 -13.86 29.60
N ALA F 153 17.11 -12.68 29.68
CA ALA F 153 17.25 -11.89 30.89
C ALA F 153 16.52 -12.53 32.06
N LEU F 154 15.50 -13.35 31.77
CA LEU F 154 14.86 -14.19 32.79
C LEU F 154 15.84 -15.18 33.40
N GLU F 155 16.86 -15.61 32.64
CA GLU F 155 17.91 -16.36 33.31
C GLU F 155 18.95 -15.42 33.90
N MET F 156 19.10 -14.21 33.33
CA MET F 156 20.17 -13.31 33.75
C MET F 156 19.98 -12.79 35.16
N LEU F 157 18.90 -12.08 35.42
CA LEU F 157 18.82 -11.50 36.75
C LEU F 157 17.38 -11.36 37.20
N ARG F 158 17.15 -11.69 38.47
CA ARG F 158 15.83 -11.62 39.08
C ARG F 158 15.88 -10.94 40.45
N ASP F 159 16.85 -10.05 40.67
CA ASP F 159 17.04 -9.48 42.01
C ASP F 159 15.95 -8.47 42.36
N ILE F 160 14.74 -8.95 42.64
CA ILE F 160 13.71 -8.07 43.16
C ILE F 160 13.84 -8.06 44.67
N ASN F 161 13.67 -9.23 45.27
CA ASN F 161 13.80 -9.40 46.72
C ASN F 161 15.23 -9.71 47.14
N LYS F 162 16.12 -9.84 46.17
CA LYS F 162 17.39 -10.52 46.41
C LYS F 162 18.41 -9.49 46.83
N ASN F 163 18.77 -9.51 48.11
CA ASN F 163 19.76 -8.59 48.65
C ASN F 163 21.11 -8.96 48.07
N THR F 164 21.48 -8.32 46.97
CA THR F 164 22.69 -8.67 46.26
C THR F 164 23.67 -7.51 46.15
N VAL F 165 23.25 -6.36 45.61
CA VAL F 165 24.17 -5.38 45.04
C VAL F 165 23.86 -4.00 45.60
N ASP F 166 24.90 -3.27 45.97
CA ASP F 166 24.80 -1.88 46.41
C ASP F 166 24.27 -0.99 45.29
N PHE F 167 23.75 0.17 45.68
CA PHE F 167 23.17 1.12 44.73
C PHE F 167 23.79 2.50 44.91
N VAL F 168 23.82 3.26 43.83
CA VAL F 168 24.33 4.62 43.80
C VAL F 168 23.19 5.53 43.36
N ASP F 169 23.13 6.74 43.91
CA ASP F 169 21.98 7.63 43.80
C ASP F 169 22.31 8.88 42.97
N ASN F 170 21.35 9.35 42.18
CA ASN F 170 21.68 10.24 41.06
C ASN F 170 21.08 11.65 41.12
N TYR F 171 19.75 11.82 41.10
CA TYR F 171 19.16 13.13 40.80
C TYR F 171 18.95 13.85 42.12
N ASP F 172 19.88 14.76 42.45
CA ASP F 172 20.15 15.21 43.83
C ASP F 172 20.38 14.01 44.75
N ALA F 173 21.01 12.96 44.22
CA ALA F 173 21.33 11.71 44.91
C ALA F 173 20.09 11.07 45.55
N ASN F 174 19.17 10.62 44.70
CA ASN F 174 18.01 9.90 45.22
C ASN F 174 17.84 8.47 44.71
N GLU F 175 17.89 8.23 43.40
CA GLU F 175 17.35 6.99 42.83
C GLU F 175 18.44 5.96 42.59
N ARG F 176 18.10 4.69 42.82
CA ARG F 176 19.06 3.59 42.80
C ARG F 176 19.70 3.39 41.44
N GLU F 177 20.91 2.85 41.44
CA GLU F 177 21.53 2.23 40.28
C GLU F 177 22.48 1.14 40.77
N PRO F 178 22.33 -0.10 40.31
CA PRO F 178 23.17 -1.19 40.83
C PRO F 178 24.59 -1.08 40.34
N LEU F 179 25.51 -1.55 41.19
CA LEU F 179 26.93 -1.59 40.81
C LEU F 179 27.18 -2.61 39.70
N VAL F 180 26.91 -3.88 39.97
CA VAL F 180 27.27 -4.92 39.01
C VAL F 180 26.02 -5.63 38.48
N LEU F 181 26.23 -6.53 37.54
CA LEU F 181 25.19 -7.44 37.05
C LEU F 181 25.49 -8.83 37.55
N PRO F 182 24.92 -9.26 38.66
CA PRO F 182 25.04 -10.66 39.06
C PRO F 182 24.22 -11.54 38.15
N ALA F 183 24.51 -12.82 38.18
CA ALA F 183 23.80 -13.81 37.37
C ALA F 183 24.03 -15.18 37.98
N ARG F 184 23.43 -16.20 37.35
CA ARG F 184 23.74 -17.58 37.65
C ARG F 184 24.52 -18.21 36.51
N PHE F 185 25.09 -17.38 35.65
CA PHE F 185 25.42 -17.75 34.29
C PHE F 185 26.68 -17.07 33.81
N PRO F 186 27.69 -17.80 33.36
CA PRO F 186 28.80 -17.15 32.68
C PRO F 186 28.53 -17.00 31.20
N ASN F 187 27.32 -16.55 30.83
CA ASN F 187 26.98 -16.38 29.43
C ASN F 187 27.83 -15.29 28.79
N LEU F 188 28.11 -14.24 29.55
CA LEU F 188 28.74 -13.06 28.97
C LEU F 188 30.26 -13.24 28.94
N LEU F 189 30.76 -14.24 29.66
CA LEU F 189 32.05 -14.82 29.32
C LEU F 189 32.05 -15.31 27.88
N VAL F 190 30.98 -15.96 27.47
CA VAL F 190 30.97 -16.66 26.19
C VAL F 190 30.52 -15.71 25.08
N ASN F 191 30.02 -14.52 25.47
CA ASN F 191 29.60 -13.55 24.47
C ASN F 191 30.78 -12.91 23.75
N GLY F 192 31.64 -12.22 24.49
CA GLY F 192 32.72 -11.49 23.86
C GLY F 192 32.71 -10.01 24.17
N ALA F 193 33.88 -9.37 24.16
CA ALA F 193 34.00 -8.00 24.65
C ALA F 193 34.74 -7.14 23.64
N THR F 194 34.60 -5.81 23.81
CA THR F 194 35.04 -4.83 22.81
C THR F 194 35.83 -3.67 23.41
N GLY F 195 36.54 -3.87 24.52
CA GLY F 195 37.11 -2.72 25.21
C GLY F 195 38.58 -2.48 24.92
N ILE F 196 38.86 -1.55 24.01
CA ILE F 196 40.17 -1.53 23.37
C ILE F 196 40.88 -0.20 23.59
N ALA F 197 40.29 0.88 23.09
CA ALA F 197 41.02 2.12 22.88
C ALA F 197 41.14 3.00 24.12
N VAL F 198 40.74 2.50 25.28
CA VAL F 198 40.65 3.36 26.46
C VAL F 198 42.04 3.59 27.03
N GLY F 199 42.65 2.54 27.55
CA GLY F 199 44.03 2.58 27.96
C GLY F 199 44.78 1.63 27.07
N MET F 200 45.03 0.45 27.58
CA MET F 200 45.47 -0.65 26.76
C MET F 200 44.26 -1.42 26.23
N ALA F 201 44.53 -2.31 25.28
CA ALA F 201 43.49 -3.03 24.55
C ALA F 201 43.22 -4.38 25.17
N THR F 202 41.97 -4.82 25.06
CA THR F 202 41.57 -6.18 25.40
C THR F 202 40.23 -6.47 24.75
N ASN F 203 39.87 -7.74 24.71
CA ASN F 203 38.59 -8.20 24.20
C ASN F 203 38.20 -9.46 24.93
N ILE F 204 37.05 -10.02 24.56
CA ILE F 204 36.75 -11.41 24.87
C ILE F 204 36.27 -12.09 23.60
N PRO F 205 37.03 -13.01 23.05
CA PRO F 205 36.54 -13.82 21.94
C PRO F 205 35.49 -14.80 22.41
N PRO F 206 34.54 -15.14 21.56
CA PRO F 206 33.44 -16.03 21.99
C PRO F 206 33.69 -17.52 21.80
N HIS F 207 33.02 -18.32 22.60
CA HIS F 207 32.83 -19.75 22.43
C HIS F 207 31.36 -20.03 22.16
N ASN F 208 30.99 -21.30 22.18
CA ASN F 208 29.59 -21.66 22.34
C ASN F 208 29.38 -22.11 23.80
N LEU F 209 28.18 -22.59 24.13
CA LEU F 209 27.76 -22.74 25.50
C LEU F 209 27.75 -24.17 26.03
N GLY F 210 27.52 -25.17 25.17
CA GLY F 210 27.22 -26.51 25.67
C GLY F 210 28.42 -27.20 26.30
N GLU F 211 29.53 -27.26 25.57
CA GLU F 211 30.75 -27.80 26.14
C GLU F 211 31.34 -26.88 27.20
N THR F 212 30.98 -25.60 27.18
CA THR F 212 31.29 -24.72 28.29
C THR F 212 30.62 -25.19 29.56
N ILE F 213 29.31 -25.51 29.48
CA ILE F 213 28.57 -26.10 30.58
C ILE F 213 29.22 -27.40 31.03
N ASP F 214 29.67 -28.20 30.07
CA ASP F 214 30.29 -29.49 30.36
C ASP F 214 31.58 -29.31 31.18
N ALA F 215 32.50 -28.49 30.69
CA ALA F 215 33.78 -28.29 31.36
C ALA F 215 33.61 -27.60 32.71
N VAL F 216 32.64 -26.68 32.80
CA VAL F 216 32.35 -26.02 34.07
C VAL F 216 31.88 -27.03 35.10
N LYS F 217 30.90 -27.85 34.73
CA LYS F 217 30.39 -28.87 35.66
C LYS F 217 31.45 -29.89 36.03
N LEU F 218 32.38 -30.17 35.12
CA LEU F 218 33.50 -31.04 35.46
C LEU F 218 34.42 -30.39 36.49
N VAL F 219 34.62 -29.07 36.40
CA VAL F 219 35.39 -28.39 37.44
C VAL F 219 34.61 -28.37 38.74
N MET F 220 33.28 -28.27 38.65
CA MET F 220 32.42 -28.24 39.84
C MET F 220 32.53 -29.54 40.62
N ASP F 221 32.30 -30.66 39.95
CA ASP F 221 32.36 -31.94 40.65
C ASP F 221 33.79 -32.42 40.84
N ASN F 222 34.76 -31.81 40.15
CA ASN F 222 36.15 -32.23 40.21
C ASN F 222 37.01 -30.98 40.33
N PRO F 223 37.34 -30.56 41.55
CA PRO F 223 38.05 -29.30 41.75
C PRO F 223 39.55 -29.37 41.46
N GLU F 224 40.07 -30.49 40.98
CA GLU F 224 41.51 -30.67 40.80
C GLU F 224 41.80 -31.28 39.44
N VAL F 225 41.25 -30.69 38.38
CA VAL F 225 41.44 -31.17 37.04
C VAL F 225 42.55 -30.37 36.35
N THR F 226 43.00 -30.85 35.19
CA THR F 226 44.03 -30.19 34.42
C THR F 226 43.44 -29.43 33.24
N THR F 227 44.30 -28.60 32.63
CA THR F 227 43.85 -27.71 31.57
C THR F 227 43.54 -28.47 30.29
N LYS F 228 44.50 -29.28 29.82
CA LYS F 228 44.38 -29.90 28.51
C LYS F 228 43.29 -30.97 28.49
N ASP F 229 42.98 -31.56 29.64
CA ASP F 229 41.86 -32.49 29.70
C ASP F 229 40.54 -31.76 29.61
N LEU F 230 40.51 -30.48 29.93
CA LEU F 230 39.34 -29.67 29.66
C LEU F 230 39.38 -29.06 28.27
N MET F 231 40.57 -28.97 27.68
CA MET F 231 40.66 -28.66 26.26
C MET F 231 40.13 -29.83 25.44
N GLU F 232 40.21 -31.03 26.00
CA GLU F 232 39.47 -32.16 25.46
C GLU F 232 37.97 -31.93 25.54
N VAL F 233 37.53 -31.19 26.54
CA VAL F 233 36.12 -30.84 26.63
C VAL F 233 35.83 -29.58 25.82
N LEU F 234 36.81 -28.66 25.71
CA LEU F 234 36.54 -27.35 25.11
C LEU F 234 37.04 -27.29 23.68
N PRO F 235 36.17 -27.11 22.70
CA PRO F 235 36.63 -26.84 21.33
C PRO F 235 37.21 -25.44 21.18
N GLY F 236 37.51 -25.08 19.94
CA GLY F 236 38.06 -23.78 19.65
C GLY F 236 37.11 -22.63 19.94
N PRO F 237 37.66 -21.43 20.01
CA PRO F 237 36.81 -20.24 20.15
C PRO F 237 35.94 -20.03 18.93
N ASP F 238 34.65 -19.91 19.18
CA ASP F 238 33.64 -20.03 18.16
C ASP F 238 33.37 -18.68 17.49
N PHE F 239 32.61 -18.73 16.41
CA PHE F 239 32.22 -17.55 15.66
C PHE F 239 30.83 -17.79 15.10
N PRO F 240 30.01 -16.74 14.99
CA PRO F 240 28.61 -16.96 14.57
C PRO F 240 28.47 -17.27 13.10
N THR F 241 29.41 -16.85 12.26
CA THR F 241 29.31 -17.15 10.84
C THR F 241 29.70 -18.59 10.52
N GLY F 242 30.61 -19.16 11.30
CA GLY F 242 31.08 -20.52 11.05
C GLY F 242 32.42 -20.51 10.35
N ALA F 243 33.50 -20.68 11.11
CA ALA F 243 34.84 -20.42 10.60
C ALA F 243 35.65 -21.71 10.53
N LEU F 244 36.53 -21.76 9.54
CA LEU F 244 37.48 -22.86 9.42
C LEU F 244 38.72 -22.51 10.23
N VAL F 245 39.03 -23.35 11.21
CA VAL F 245 40.12 -23.13 12.14
C VAL F 245 41.19 -24.16 11.85
N MET F 246 42.44 -23.71 11.73
CA MET F 246 43.58 -24.60 11.59
C MET F 246 44.63 -24.26 12.63
N GLY F 247 45.25 -25.29 13.17
CA GLY F 247 46.29 -25.08 14.17
C GLY F 247 45.77 -25.13 15.58
N LYS F 248 46.64 -25.57 16.50
CA LYS F 248 46.28 -25.64 17.92
C LYS F 248 47.36 -25.10 18.84
N SER F 249 48.50 -24.65 18.32
CA SER F 249 49.53 -24.07 19.17
C SER F 249 49.08 -22.73 19.73
N GLY F 250 48.43 -21.92 18.89
CA GLY F 250 47.82 -20.70 19.38
C GLY F 250 46.69 -20.96 20.35
N ILE F 251 45.99 -22.08 20.17
CA ILE F 251 44.96 -22.49 21.13
C ILE F 251 45.60 -22.81 22.48
N HIS F 252 46.73 -23.52 22.45
CA HIS F 252 47.50 -23.82 23.66
C HIS F 252 47.99 -22.55 24.34
N LYS F 253 48.42 -21.57 23.57
CA LYS F 253 48.89 -20.33 24.17
C LYS F 253 47.76 -19.49 24.74
N ALA F 254 46.65 -19.38 24.00
CA ALA F 254 45.60 -18.43 24.34
C ALA F 254 44.60 -18.97 25.35
N TYR F 255 44.43 -20.29 25.46
CA TYR F 255 43.65 -20.78 26.58
C TYR F 255 44.39 -20.57 27.88
N GLU F 256 45.72 -20.57 27.85
CA GLU F 256 46.52 -20.24 29.02
C GLU F 256 46.61 -18.74 29.24
N THR F 257 47.21 -18.02 28.28
CA THR F 257 47.62 -16.65 28.51
C THR F 257 46.89 -15.62 27.65
N GLY F 258 45.97 -16.05 26.78
CA GLY F 258 45.09 -15.13 26.09
C GLY F 258 45.74 -14.23 25.08
N LYS F 259 46.94 -14.54 24.64
CA LYS F 259 47.68 -13.70 23.69
C LYS F 259 48.06 -14.52 22.48
N GLY F 260 48.02 -13.87 21.31
CA GLY F 260 48.40 -14.54 20.08
C GLY F 260 47.31 -14.42 19.03
N SER F 261 47.74 -14.47 17.77
CA SER F 261 46.84 -14.53 16.64
C SER F 261 46.82 -15.94 16.08
N ILE F 262 45.66 -16.34 15.59
CA ILE F 262 45.47 -17.63 14.96
C ILE F 262 44.93 -17.41 13.55
N VAL F 263 45.01 -18.46 12.75
CA VAL F 263 44.66 -18.38 11.34
C VAL F 263 43.25 -18.91 11.15
N LEU F 264 42.50 -18.23 10.28
CA LEU F 264 41.11 -18.57 10.01
C LEU F 264 40.83 -18.48 8.52
N ARG F 265 40.08 -19.45 8.02
CA ARG F 265 39.76 -19.54 6.60
C ARG F 265 38.26 -19.69 6.41
N SER F 266 37.80 -19.31 5.23
CA SER F 266 36.41 -19.41 4.85
C SER F 266 36.12 -20.76 4.22
N ARG F 267 34.89 -21.24 4.43
CA ARG F 267 34.42 -22.45 3.76
C ARG F 267 34.34 -22.19 2.27
N THR F 268 35.29 -22.77 1.53
CA THR F 268 35.53 -22.40 0.15
C THR F 268 35.82 -23.65 -0.65
N GLU F 269 35.11 -23.83 -1.75
CA GLU F 269 35.12 -25.09 -2.48
C GLU F 269 35.26 -24.84 -3.98
N ILE F 270 35.79 -25.85 -4.67
CA ILE F 270 35.86 -25.88 -6.12
C ILE F 270 34.73 -26.77 -6.62
N GLU F 271 33.92 -26.25 -7.54
CA GLU F 271 32.76 -26.97 -8.02
C GLU F 271 32.76 -26.98 -9.55
N THR F 272 32.42 -28.13 -10.14
CA THR F 272 32.43 -28.30 -11.58
C THR F 272 31.04 -28.13 -12.16
N THR F 273 30.98 -27.52 -13.34
CA THR F 273 29.72 -27.24 -14.02
C THR F 273 29.27 -28.44 -14.83
N LYS F 274 28.23 -28.24 -15.65
CA LYS F 274 27.89 -29.18 -16.70
C LYS F 274 28.86 -29.12 -17.86
N THR F 275 29.67 -28.06 -17.92
CA THR F 275 30.66 -27.85 -18.96
C THR F 275 32.06 -28.29 -18.53
N GLY F 276 32.27 -28.54 -17.24
CA GLY F 276 33.60 -28.82 -16.74
C GLY F 276 34.34 -27.61 -16.22
N ARG F 277 33.75 -26.42 -16.32
CA ARG F 277 34.34 -25.23 -15.73
C ARG F 277 34.30 -25.31 -14.21
N GLU F 278 35.34 -24.77 -13.57
CA GLU F 278 35.43 -24.78 -12.12
C GLU F 278 34.96 -23.46 -11.53
N ARG F 279 34.52 -23.53 -10.27
CA ARG F 279 33.95 -22.38 -9.58
C ARG F 279 34.47 -22.35 -8.14
N ILE F 280 34.98 -21.20 -7.73
CA ILE F 280 35.27 -20.93 -6.33
C ILE F 280 33.99 -20.46 -5.66
N VAL F 281 33.50 -21.24 -4.71
CA VAL F 281 32.27 -20.90 -4.00
C VAL F 281 32.60 -20.80 -2.52
N VAL F 282 32.36 -19.63 -1.94
CA VAL F 282 32.49 -19.41 -0.51
C VAL F 282 31.09 -19.49 0.10
N THR F 283 31.04 -19.86 1.39
CA THR F 283 29.78 -19.82 2.11
C THR F 283 29.70 -18.62 3.04
N GLU F 284 30.71 -18.45 3.89
CA GLU F 284 30.74 -17.35 4.85
C GLU F 284 32.18 -16.82 4.90
N PHE F 285 32.46 -16.04 5.92
CA PHE F 285 33.77 -15.47 6.17
C PHE F 285 34.02 -15.49 7.66
N PRO F 286 35.28 -15.29 8.09
CA PRO F 286 35.52 -15.08 9.52
C PRO F 286 35.05 -13.72 10.01
N TYR F 287 35.38 -13.42 11.27
CA TYR F 287 34.78 -12.30 11.98
C TYR F 287 35.34 -10.97 11.47
N MET F 288 34.46 -9.95 11.46
CA MET F 288 34.70 -8.60 10.97
C MET F 288 35.17 -8.59 9.51
N VAL F 289 34.26 -9.02 8.65
CA VAL F 289 34.48 -9.04 7.20
C VAL F 289 33.25 -8.46 6.51
N ASN F 290 33.46 -7.53 5.59
CA ASN F 290 32.40 -7.08 4.69
C ASN F 290 32.41 -7.91 3.41
N LYS F 291 31.22 -8.18 2.89
CA LYS F 291 31.11 -8.68 1.52
C LYS F 291 31.64 -7.65 0.53
N THR F 292 31.21 -6.41 0.70
CA THR F 292 31.29 -5.43 -0.36
C THR F 292 32.67 -4.80 -0.45
N LYS F 293 33.32 -4.57 0.69
CA LYS F 293 34.68 -4.03 0.66
C LYS F 293 35.65 -5.05 0.09
N VAL F 294 35.47 -6.32 0.44
CA VAL F 294 36.29 -7.37 -0.17
C VAL F 294 35.94 -7.52 -1.64
N HIS F 295 34.68 -7.29 -2.00
CA HIS F 295 34.27 -7.35 -3.41
C HIS F 295 34.93 -6.24 -4.22
N GLU F 296 35.00 -5.04 -3.66
CA GLU F 296 35.75 -3.96 -4.27
C GLU F 296 37.23 -4.29 -4.34
N HIS F 297 37.75 -4.99 -3.34
CA HIS F 297 39.14 -5.40 -3.36
C HIS F 297 39.38 -6.46 -4.43
N ILE F 298 38.36 -7.27 -4.73
CA ILE F 298 38.44 -8.22 -5.82
C ILE F 298 38.48 -7.49 -7.15
N VAL F 299 37.65 -6.46 -7.31
CA VAL F 299 37.66 -5.66 -8.53
C VAL F 299 38.98 -4.91 -8.67
N ARG F 300 39.59 -4.53 -7.54
CA ARG F 300 40.96 -4.02 -7.53
C ARG F 300 41.92 -5.06 -8.10
N LEU F 301 41.95 -6.25 -7.50
CA LEU F 301 42.79 -7.38 -7.93
C LEU F 301 42.63 -7.72 -9.41
N VAL F 302 41.42 -7.52 -9.95
CA VAL F 302 41.23 -7.55 -11.39
C VAL F 302 42.02 -6.44 -12.05
N GLN F 303 41.75 -5.19 -11.68
CA GLN F 303 42.43 -4.07 -12.33
C GLN F 303 43.87 -3.90 -11.85
N GLU F 304 44.24 -4.48 -10.71
CA GLU F 304 45.64 -4.48 -10.29
C GLU F 304 46.48 -5.42 -11.12
N LYS F 305 45.84 -6.34 -11.86
CA LYS F 305 46.47 -7.26 -12.82
C LYS F 305 47.51 -8.15 -12.14
N ARG F 306 47.26 -8.49 -10.88
CA ARG F 306 48.16 -9.32 -10.11
C ARG F 306 47.56 -10.70 -9.84
N ILE F 307 46.43 -11.01 -10.46
CA ILE F 307 45.82 -12.32 -10.37
C ILE F 307 45.07 -12.59 -11.68
N GLU F 308 45.13 -13.83 -12.14
CA GLU F 308 44.66 -14.20 -13.47
C GLU F 308 43.53 -15.20 -13.35
N GLY F 309 43.01 -15.61 -14.51
CA GLY F 309 42.03 -16.68 -14.59
C GLY F 309 40.61 -16.29 -14.27
N ILE F 310 40.46 -15.27 -13.42
CA ILE F 310 39.17 -14.93 -12.85
C ILE F 310 38.29 -14.30 -13.92
N THR F 311 37.07 -14.81 -14.04
CA THR F 311 36.14 -14.34 -15.06
C THR F 311 34.93 -13.65 -14.44
N ALA F 312 34.21 -14.36 -13.59
CA ALA F 312 32.92 -13.89 -13.07
C ALA F 312 33.04 -13.62 -11.59
N VAL F 313 32.57 -12.46 -11.16
CA VAL F 313 32.52 -12.10 -9.74
C VAL F 313 31.06 -11.81 -9.45
N ARG F 314 30.31 -12.82 -9.01
CA ARG F 314 28.86 -12.70 -8.95
C ARG F 314 28.33 -13.13 -7.59
N ASP F 315 27.13 -12.63 -7.28
CA ASP F 315 26.52 -12.80 -5.97
C ASP F 315 25.03 -12.54 -6.11
N GLU F 316 24.21 -13.56 -5.87
CA GLU F 316 22.76 -13.40 -5.96
C GLU F 316 22.08 -14.34 -4.98
N SER F 317 20.76 -14.14 -4.83
CA SER F 317 19.85 -15.00 -4.07
C SER F 317 20.28 -15.16 -2.62
N ASN F 318 20.94 -14.14 -2.06
CA ASN F 318 21.72 -14.30 -0.86
C ASN F 318 20.87 -14.33 0.40
N ARG F 319 19.58 -14.05 0.30
CA ARG F 319 18.74 -13.93 1.48
C ARG F 319 18.09 -15.25 1.87
N GLU F 320 17.98 -16.20 0.96
CA GLU F 320 17.68 -17.56 1.37
C GLU F 320 18.91 -18.27 1.94
N GLY F 321 20.09 -17.72 1.69
CA GLY F 321 21.34 -18.32 2.11
C GLY F 321 22.48 -17.64 1.38
N VAL F 322 23.60 -17.43 2.06
CA VAL F 322 24.67 -16.59 1.53
C VAL F 322 25.42 -17.34 0.43
N ARG F 323 25.47 -16.74 -0.76
CA ARG F 323 26.05 -17.39 -1.93
C ARG F 323 26.83 -16.36 -2.73
N PHE F 324 28.15 -16.31 -2.53
CA PHE F 324 29.05 -15.51 -3.35
C PHE F 324 29.95 -16.42 -4.15
N VAL F 325 30.01 -16.20 -5.46
CA VAL F 325 30.71 -17.11 -6.37
C VAL F 325 31.72 -16.33 -7.21
N ILE F 326 32.97 -16.78 -7.17
CA ILE F 326 33.98 -16.40 -8.14
C ILE F 326 34.09 -17.53 -9.14
N GLU F 327 34.20 -17.20 -10.42
CA GLU F 327 34.26 -18.24 -11.44
C GLU F 327 35.42 -17.94 -12.38
N VAL F 328 36.20 -18.98 -12.68
CA VAL F 328 37.52 -18.88 -13.26
C VAL F 328 37.58 -19.78 -14.49
N LYS F 329 38.23 -19.31 -15.55
CA LYS F 329 38.43 -20.06 -16.78
C LYS F 329 39.24 -21.33 -16.54
N ARG F 330 39.32 -22.16 -17.59
CA ARG F 330 40.13 -23.35 -17.49
C ARG F 330 41.60 -23.02 -17.66
N ASP F 331 42.44 -24.02 -17.31
CA ASP F 331 43.90 -23.96 -17.36
C ASP F 331 44.45 -22.83 -16.49
N ALA F 332 44.08 -22.88 -15.21
CA ALA F 332 44.41 -21.80 -14.29
C ALA F 332 44.91 -22.20 -12.92
N SER F 333 44.83 -23.49 -12.51
CA SER F 333 45.26 -24.01 -11.21
C SER F 333 44.53 -23.30 -10.07
N ALA F 334 43.22 -23.58 -10.00
CA ALA F 334 42.31 -22.85 -9.12
C ALA F 334 42.64 -23.02 -7.65
N ASN F 335 43.21 -24.16 -7.27
CA ASN F 335 43.56 -24.35 -5.87
C ASN F 335 44.78 -23.52 -5.50
N VAL F 336 45.69 -23.30 -6.45
CA VAL F 336 46.79 -22.36 -6.23
C VAL F 336 46.24 -20.94 -6.12
N ILE F 337 45.14 -20.66 -6.81
CA ILE F 337 44.49 -19.36 -6.68
C ILE F 337 43.84 -19.23 -5.32
N LEU F 338 43.30 -20.33 -4.78
CA LEU F 338 42.78 -20.32 -3.41
C LEU F 338 43.90 -20.09 -2.40
N ASN F 339 45.06 -20.67 -2.68
CA ASN F 339 46.25 -20.41 -1.87
C ASN F 339 46.63 -18.93 -1.94
N ASN F 340 46.51 -18.33 -3.11
CA ASN F 340 46.81 -16.91 -3.26
C ASN F 340 45.76 -16.04 -2.56
N LEU F 341 44.52 -16.53 -2.48
CA LEU F 341 43.49 -15.85 -1.71
C LEU F 341 43.87 -15.83 -0.23
N PHE F 342 44.13 -17.00 0.33
CA PHE F 342 44.43 -17.03 1.76
C PHE F 342 45.88 -16.68 2.08
N LYS F 343 46.67 -16.25 1.10
CA LYS F 343 47.92 -15.55 1.39
C LYS F 343 47.70 -14.03 1.45
N MET F 344 47.19 -13.46 0.36
CA MET F 344 47.22 -12.02 0.17
C MET F 344 45.91 -11.33 0.48
N THR F 345 44.78 -11.97 0.21
CA THR F 345 43.51 -11.31 0.40
C THR F 345 43.13 -11.31 1.89
N GLN F 346 42.10 -10.54 2.21
CA GLN F 346 41.60 -10.46 3.57
C GLN F 346 40.65 -11.59 3.90
N MET F 347 40.45 -12.53 2.98
CA MET F 347 39.70 -13.75 3.29
C MET F 347 40.39 -14.55 4.37
N GLN F 348 41.72 -14.62 4.31
CA GLN F 348 42.49 -15.13 5.43
C GLN F 348 42.37 -14.17 6.60
N THR F 349 42.19 -14.72 7.80
CA THR F 349 42.04 -13.90 8.99
C THR F 349 43.10 -14.28 10.03
N ASN F 350 43.86 -13.29 10.46
CA ASN F 350 44.79 -13.43 11.58
C ASN F 350 44.09 -12.82 12.79
N PHE F 351 43.32 -13.66 13.47
CA PHE F 351 42.45 -13.21 14.55
C PHE F 351 43.23 -13.29 15.86
N GLY F 352 43.45 -12.15 16.51
CA GLY F 352 44.26 -12.09 17.71
C GLY F 352 43.41 -12.00 18.97
N PHE F 353 43.95 -12.49 20.07
CA PHE F 353 43.26 -12.43 21.35
C PHE F 353 43.96 -11.48 22.30
N ASN F 354 43.17 -10.90 23.19
CA ASN F 354 43.70 -10.13 24.31
C ASN F 354 42.62 -10.12 25.38
N MET F 355 42.82 -10.88 26.45
CA MET F 355 41.88 -10.94 27.55
C MET F 355 42.61 -10.51 28.82
N LEU F 356 42.69 -9.20 29.02
CA LEU F 356 43.42 -8.61 30.14
C LEU F 356 42.37 -8.13 31.14
N ALA F 357 42.17 -8.89 32.21
CA ALA F 357 40.98 -8.79 33.03
C ALA F 357 41.01 -7.57 33.96
N ILE F 358 39.86 -7.30 34.57
CA ILE F 358 39.73 -6.35 35.67
C ILE F 358 38.87 -6.98 36.75
N GLN F 359 39.45 -7.16 37.93
CA GLN F 359 38.70 -7.72 39.05
C GLN F 359 38.72 -6.70 40.18
N ASN F 360 37.56 -6.09 40.42
CA ASN F 360 37.34 -5.00 41.36
C ASN F 360 38.29 -3.83 41.07
N GLY F 361 38.07 -3.26 39.90
CA GLY F 361 38.78 -2.05 39.49
C GLY F 361 40.19 -2.22 38.97
N ILE F 362 41.02 -2.95 39.70
CA ILE F 362 42.42 -3.09 39.30
C ILE F 362 42.53 -4.03 38.10
N PRO F 363 43.41 -3.75 37.14
CA PRO F 363 43.53 -4.61 35.96
C PRO F 363 44.29 -5.89 36.30
N LYS F 364 43.82 -6.99 35.74
CA LYS F 364 44.44 -8.30 35.96
C LYS F 364 44.47 -9.05 34.64
N ILE F 365 44.72 -10.35 34.72
CA ILE F 365 44.66 -11.25 33.58
C ILE F 365 44.41 -12.66 34.13
N LEU F 366 43.54 -13.40 33.45
CA LEU F 366 43.05 -14.66 34.01
C LEU F 366 43.27 -15.81 33.06
N SER F 367 43.37 -17.01 33.63
CA SER F 367 43.26 -18.23 32.86
C SER F 367 41.78 -18.59 32.77
N LEU F 368 41.48 -19.66 32.03
CA LEU F 368 40.08 -20.05 31.88
C LEU F 368 39.54 -20.66 33.16
N ARG F 369 40.42 -21.23 33.99
CA ARG F 369 40.02 -21.74 35.30
C ARG F 369 39.53 -20.63 36.21
N GLN F 370 40.34 -19.57 36.33
CA GLN F 370 40.16 -18.54 37.34
C GLN F 370 38.88 -17.75 37.13
N ILE F 371 38.51 -17.57 35.86
CA ILE F 371 37.21 -17.00 35.48
C ILE F 371 36.08 -17.79 36.13
N LEU F 372 36.11 -19.10 35.94
CA LEU F 372 35.05 -19.93 36.44
C LEU F 372 35.13 -20.05 37.97
N ASP F 373 36.32 -19.88 38.54
CA ASP F 373 36.49 -19.90 39.98
C ASP F 373 35.78 -18.71 40.63
N ALA F 374 36.03 -17.52 40.09
CA ALA F 374 35.35 -16.33 40.56
C ALA F 374 33.85 -16.43 40.33
N TYR F 375 33.46 -17.09 39.23
CA TYR F 375 32.05 -17.39 38.99
C TYR F 375 31.47 -18.28 40.07
N ILE F 376 32.22 -19.31 40.48
CA ILE F 376 31.77 -20.25 41.51
C ILE F 376 31.54 -19.53 42.83
N GLU F 377 32.51 -18.73 43.25
CA GLU F 377 32.38 -18.07 44.56
C GLU F 377 31.34 -16.96 44.52
N HIS F 378 31.11 -16.37 43.34
CA HIS F 378 29.99 -15.47 43.18
C HIS F 378 28.67 -16.21 43.35
N GLN F 379 28.53 -17.40 42.75
CA GLN F 379 27.29 -18.17 42.93
C GLN F 379 27.10 -18.60 44.37
N LYS F 380 28.21 -18.87 45.07
CA LYS F 380 28.17 -19.14 46.50
C LYS F 380 27.51 -18.00 47.24
N GLU F 381 28.04 -16.78 47.05
CA GLU F 381 27.48 -15.63 47.74
C GLU F 381 26.04 -15.33 47.30
N VAL F 382 25.73 -15.56 46.02
CA VAL F 382 24.38 -15.36 45.49
C VAL F 382 23.37 -16.23 46.20
N VAL F 383 23.63 -17.54 46.24
CA VAL F 383 22.65 -18.46 46.78
C VAL F 383 22.58 -18.33 48.30
N VAL F 384 23.72 -18.01 48.95
CA VAL F 384 23.72 -17.81 50.40
C VAL F 384 22.88 -16.60 50.78
N ARG F 385 23.07 -15.49 50.07
CA ARG F 385 22.32 -14.28 50.42
C ARG F 385 20.85 -14.41 50.05
N ARG F 386 20.53 -15.11 48.96
CA ARG F 386 19.13 -15.39 48.63
C ARG F 386 18.49 -16.26 49.68
N THR F 387 19.24 -17.25 50.16
CA THR F 387 18.74 -18.15 51.18
C THR F 387 18.55 -17.42 52.51
N ARG F 388 19.41 -16.45 52.81
CA ARG F 388 19.25 -15.70 54.05
C ARG F 388 18.08 -14.73 53.97
N PHE F 389 17.80 -14.19 52.79
CA PHE F 389 16.61 -13.35 52.63
C PHE F 389 15.34 -14.18 52.81
N ASP F 390 15.32 -15.38 52.20
CA ASP F 390 14.19 -16.29 52.41
C ASP F 390 14.10 -16.75 53.85
N LYS F 391 15.26 -16.90 54.51
CA LYS F 391 15.30 -17.24 55.92
C LYS F 391 14.64 -16.17 56.76
N GLU F 392 14.91 -14.91 56.47
CA GLU F 392 14.32 -13.84 57.28
C GLU F 392 12.83 -13.67 56.97
N LYS F 393 12.42 -13.93 55.72
CA LYS F 393 11.00 -14.07 55.38
C LYS F 393 10.32 -15.08 56.30
N ALA F 394 10.88 -16.29 56.33
CA ALA F 394 10.27 -17.38 57.07
C ALA F 394 10.33 -17.14 58.57
N GLU F 395 11.39 -16.48 59.05
CA GLU F 395 11.49 -16.19 60.48
C GLU F 395 10.48 -15.15 60.91
N ALA F 396 10.27 -14.11 60.09
CA ALA F 396 9.28 -13.10 60.43
C ALA F 396 7.87 -13.69 60.42
N ARG F 397 7.54 -14.46 59.37
CA ARG F 397 6.23 -15.09 59.32
C ARG F 397 6.08 -16.15 60.40
N ALA F 398 7.20 -16.74 60.82
CA ALA F 398 7.20 -17.69 61.92
C ALA F 398 6.88 -17.01 63.23
N HIS F 399 7.44 -15.83 63.47
CA HIS F 399 7.09 -15.08 64.68
C HIS F 399 5.64 -14.65 64.66
N ILE F 400 5.13 -14.31 63.47
CA ILE F 400 3.71 -14.02 63.28
C ILE F 400 2.86 -15.19 63.73
N LEU F 401 3.16 -16.38 63.21
CA LEU F 401 2.32 -17.52 63.53
C LEU F 401 2.59 -18.08 64.92
N GLU F 402 3.77 -17.82 65.48
CA GLU F 402 4.00 -18.06 66.90
C GLU F 402 3.06 -17.24 67.75
N GLY F 403 2.95 -15.94 67.43
CA GLY F 403 2.00 -15.10 68.13
C GLY F 403 0.56 -15.56 67.96
N LEU F 404 0.23 -16.04 66.76
CA LEU F 404 -1.11 -16.56 66.49
C LEU F 404 -1.42 -17.79 67.36
N LEU F 405 -0.48 -18.73 67.43
CA LEU F 405 -0.74 -19.96 68.17
C LEU F 405 -0.72 -19.73 69.68
N ILE F 406 0.15 -18.82 70.15
CA ILE F 406 0.15 -18.46 71.57
C ILE F 406 -1.13 -17.72 71.94
N ALA F 407 -1.69 -16.94 71.00
CA ALA F 407 -3.02 -16.39 71.21
C ALA F 407 -4.07 -17.48 71.26
N LEU F 408 -3.89 -18.54 70.47
CA LEU F 408 -4.81 -19.67 70.52
C LEU F 408 -4.66 -20.51 71.79
N ASP F 409 -3.56 -20.36 72.52
CA ASP F 409 -3.33 -21.19 73.70
C ASP F 409 -4.32 -20.90 74.82
N HIS F 410 -4.37 -19.65 75.27
CA HIS F 410 -5.04 -19.29 76.53
C HIS F 410 -6.03 -18.16 76.26
N ILE F 411 -6.95 -18.43 75.32
CA ILE F 411 -7.79 -17.42 74.67
C ILE F 411 -8.59 -16.61 75.68
N ASP F 412 -9.34 -17.30 76.54
CA ASP F 412 -10.31 -16.62 77.40
C ASP F 412 -9.62 -15.84 78.52
N GLU F 413 -8.40 -16.24 78.91
CA GLU F 413 -7.61 -15.42 79.81
C GLU F 413 -7.27 -14.08 79.17
N VAL F 414 -6.93 -14.10 77.88
CA VAL F 414 -6.62 -12.86 77.19
C VAL F 414 -7.89 -12.05 76.94
N ILE F 415 -9.04 -12.74 76.84
CA ILE F 415 -10.32 -12.04 76.79
C ILE F 415 -10.55 -11.25 78.08
N ARG F 416 -10.28 -11.90 79.21
CA ARG F 416 -10.32 -11.21 80.51
C ARG F 416 -9.29 -10.09 80.58
N ILE F 417 -8.13 -10.28 79.95
CA ILE F 417 -7.09 -9.25 79.90
C ILE F 417 -7.59 -8.00 79.19
N ILE F 418 -8.23 -8.17 78.05
CA ILE F 418 -8.69 -6.99 77.32
C ILE F 418 -9.93 -6.40 77.98
N ARG F 419 -10.74 -7.23 78.65
CA ARG F 419 -11.84 -6.69 79.44
C ARG F 419 -11.36 -5.94 80.67
N ALA F 420 -10.15 -6.21 81.14
CA ALA F 420 -9.61 -5.54 82.33
C ALA F 420 -8.82 -4.28 81.98
N SER F 421 -7.79 -4.42 81.13
CA SER F 421 -6.77 -3.40 80.97
C SER F 421 -7.27 -2.21 80.16
N GLU F 422 -6.40 -1.20 80.03
CA GLU F 422 -6.76 0.04 79.35
C GLU F 422 -5.93 0.28 78.09
N THR F 423 -4.60 0.31 78.20
CA THR F 423 -3.76 0.96 77.18
C THR F 423 -2.93 -0.06 76.41
N ASP F 424 -2.18 0.47 75.44
CA ASP F 424 -1.18 -0.32 74.72
C ASP F 424 -0.10 -0.81 75.67
N ALA F 425 0.31 0.06 76.61
CA ALA F 425 1.39 -0.28 77.53
C ALA F 425 0.96 -1.37 78.51
N GLU F 426 -0.25 -1.27 79.04
CA GLU F 426 -0.77 -2.28 79.97
C GLU F 426 -0.93 -3.62 79.27
N ALA F 427 -1.46 -3.59 78.03
CA ALA F 427 -1.67 -4.82 77.28
C ALA F 427 -0.36 -5.49 76.94
N GLN F 428 0.62 -4.72 76.46
CA GLN F 428 1.93 -5.28 76.14
C GLN F 428 2.65 -5.76 77.39
N ALA F 429 2.48 -5.07 78.53
CA ALA F 429 3.10 -5.50 79.77
C ALA F 429 2.52 -6.83 80.24
N GLU F 430 1.20 -6.97 80.18
CA GLU F 430 0.59 -8.21 80.64
C GLU F 430 0.85 -9.37 79.68
N LEU F 431 0.87 -9.09 78.38
CA LEU F 431 1.17 -10.16 77.42
C LEU F 431 2.62 -10.58 77.47
N MET F 432 3.54 -9.64 77.76
CA MET F 432 4.94 -10.02 77.91
C MET F 432 5.17 -10.73 79.23
N SER F 433 4.41 -10.39 80.26
CA SER F 433 4.54 -11.09 81.54
C SER F 433 3.98 -12.50 81.44
N LYS F 434 2.93 -12.69 80.67
CA LYS F 434 2.29 -14.00 80.60
C LYS F 434 2.86 -14.91 79.52
N PHE F 435 3.40 -14.36 78.43
CA PHE F 435 3.81 -15.23 77.32
C PHE F 435 5.16 -14.88 76.69
N LYS F 436 5.86 -13.85 77.18
CA LYS F 436 7.26 -13.54 76.84
C LYS F 436 7.43 -13.24 75.35
N LEU F 437 6.57 -12.38 74.82
CA LEU F 437 6.58 -12.05 73.41
C LEU F 437 6.90 -10.56 73.23
N SER F 438 7.20 -10.19 71.98
CA SER F 438 7.57 -8.82 71.69
C SER F 438 6.33 -7.98 71.44
N GLU F 439 6.55 -6.70 71.13
CA GLU F 439 5.47 -5.74 71.01
C GLU F 439 4.68 -5.95 69.72
N ARG F 440 5.37 -6.11 68.60
CA ARG F 440 4.71 -6.37 67.32
C ARG F 440 3.94 -7.68 67.36
N GLN F 441 4.51 -8.68 68.02
CA GLN F 441 3.82 -9.96 68.20
C GLN F 441 2.54 -9.78 69.00
N SER F 442 2.60 -8.98 70.06
CA SER F 442 1.42 -8.72 70.87
C SER F 442 0.35 -7.95 70.10
N GLN F 443 0.77 -7.01 69.27
CA GLN F 443 -0.23 -6.25 68.51
C GLN F 443 -0.84 -7.08 67.39
N ALA F 444 -0.02 -7.94 66.76
CA ALA F 444 -0.55 -8.85 65.76
C ALA F 444 -1.49 -9.87 66.38
N ILE F 445 -1.27 -10.22 67.66
CA ILE F 445 -2.30 -10.92 68.42
C ILE F 445 -3.55 -10.08 68.51
N LEU F 446 -3.39 -8.82 68.91
CA LEU F 446 -4.53 -7.92 69.12
C LEU F 446 -5.30 -7.59 67.84
N ASP F 447 -4.75 -7.92 66.68
CA ASP F 447 -5.42 -7.67 65.41
C ASP F 447 -6.16 -8.91 64.90
N MET F 448 -6.73 -9.71 65.79
CA MET F 448 -7.42 -10.92 65.40
C MET F 448 -8.93 -10.71 65.49
N ARG F 449 -9.63 -10.94 64.38
CA ARG F 449 -11.08 -10.77 64.30
C ARG F 449 -11.76 -12.13 64.46
N LEU F 450 -13.08 -12.09 64.65
CA LEU F 450 -13.86 -13.32 64.85
C LEU F 450 -13.80 -14.24 63.65
N ARG F 451 -13.72 -13.69 62.44
CA ARG F 451 -13.75 -14.48 61.22
C ARG F 451 -12.46 -15.21 60.95
N ARG F 452 -11.49 -15.14 61.86
CA ARG F 452 -10.34 -16.03 61.88
C ARG F 452 -10.29 -16.79 63.21
N LEU F 453 -11.44 -17.26 63.67
CA LEU F 453 -11.53 -18.05 64.89
C LEU F 453 -12.16 -19.42 64.69
N THR F 454 -12.34 -19.86 63.46
CA THR F 454 -12.77 -21.23 63.22
C THR F 454 -11.61 -22.16 63.47
N GLY F 455 -11.91 -23.34 64.03
CA GLY F 455 -10.86 -24.32 64.28
C GLY F 455 -10.24 -24.85 63.01
N LEU F 456 -10.99 -24.81 61.89
CA LEU F 456 -10.45 -25.01 60.55
C LEU F 456 -9.24 -24.13 60.31
N GLU F 457 -9.41 -22.82 60.40
CA GLU F 457 -8.33 -21.91 60.11
C GLU F 457 -7.28 -21.90 61.20
N ARG F 458 -7.64 -22.25 62.43
CA ARG F 458 -6.64 -22.43 63.50
C ARG F 458 -5.67 -23.54 63.15
N ASP F 459 -6.20 -24.68 62.73
CA ASP F 459 -5.30 -25.76 62.32
C ASP F 459 -4.67 -25.51 60.96
N LYS F 460 -5.25 -24.64 60.13
CA LYS F 460 -4.57 -24.25 58.91
C LYS F 460 -3.37 -23.36 59.21
N ILE F 461 -3.52 -22.49 60.22
CA ILE F 461 -2.39 -21.73 60.75
C ILE F 461 -1.32 -22.66 61.29
N GLN F 462 -1.73 -23.67 62.05
CA GLN F 462 -0.78 -24.66 62.58
C GLN F 462 -0.10 -25.43 61.46
N SER F 463 -0.85 -25.77 60.41
CA SER F 463 -0.32 -26.54 59.29
C SER F 463 0.72 -25.74 58.50
N GLU F 464 0.36 -24.52 58.11
CA GLU F 464 1.28 -23.67 57.37
C GLU F 464 2.47 -23.26 58.24
N TYR F 465 2.24 -23.15 59.56
CA TYR F 465 3.31 -22.94 60.52
C TYR F 465 4.34 -24.06 60.46
N ASP F 466 3.88 -25.30 60.52
CA ASP F 466 4.80 -26.41 60.46
C ASP F 466 5.41 -26.57 59.06
N ASP F 467 4.68 -26.14 58.02
CA ASP F 467 5.23 -26.11 56.66
C ASP F 467 6.43 -25.18 56.60
N LEU F 468 6.28 -24.00 57.17
CA LEU F 468 7.40 -23.05 57.18
C LEU F 468 8.51 -23.52 58.10
N LEU F 469 8.17 -24.26 59.16
CA LEU F 469 9.22 -24.90 59.98
C LEU F 469 10.02 -25.90 59.16
N ALA F 470 9.33 -26.68 58.32
CA ALA F 470 10.01 -27.62 57.44
C ALA F 470 10.88 -26.90 56.43
N LEU F 471 10.42 -25.76 55.94
CA LEU F 471 11.22 -24.99 55.00
C LEU F 471 12.46 -24.39 55.68
N ILE F 472 12.30 -23.94 56.92
CA ILE F 472 13.43 -23.43 57.71
C ILE F 472 14.46 -24.53 57.93
N ALA F 473 13.98 -25.73 58.29
CA ALA F 473 14.89 -26.85 58.50
C ALA F 473 15.57 -27.27 57.20
N ASP F 474 14.85 -27.18 56.07
CA ASP F 474 15.43 -27.49 54.77
C ASP F 474 16.54 -26.50 54.42
N LEU F 475 16.29 -25.22 54.66
CA LEU F 475 17.31 -24.22 54.33
C LEU F 475 18.49 -24.29 55.30
N ALA F 476 18.26 -24.69 56.55
CA ALA F 476 19.37 -24.94 57.45
C ALA F 476 20.17 -26.17 57.01
N ASP F 477 19.52 -27.16 56.44
CA ASP F 477 20.23 -28.31 55.90
C ASP F 477 21.03 -27.94 54.66
N ILE F 478 20.52 -27.00 53.87
CA ILE F 478 21.31 -26.49 52.75
C ILE F 478 22.48 -25.65 53.27
N LEU F 479 22.29 -24.96 54.40
CA LEU F 479 23.40 -24.29 55.07
C LEU F 479 24.42 -25.27 55.64
N ALA F 480 24.01 -26.51 55.90
CA ALA F 480 24.95 -27.48 56.45
C ALA F 480 25.99 -27.92 55.42
N LYS F 481 25.59 -28.13 54.17
CA LYS F 481 26.50 -28.67 53.17
C LYS F 481 26.53 -27.79 51.93
N PRO F 482 27.71 -27.48 51.41
CA PRO F 482 27.80 -26.52 50.29
C PRO F 482 27.46 -27.12 48.93
N GLU F 483 27.51 -28.44 48.79
CA GLU F 483 27.46 -29.06 47.47
C GLU F 483 26.06 -29.14 46.90
N ARG F 484 25.03 -28.93 47.73
CA ARG F 484 23.66 -28.81 47.22
C ARG F 484 23.53 -27.64 46.27
N VAL F 485 24.26 -26.57 46.55
CA VAL F 485 24.30 -25.41 45.68
C VAL F 485 24.85 -25.81 44.31
N SER F 486 25.96 -26.55 44.31
CA SER F 486 26.55 -27.07 43.08
C SER F 486 25.57 -27.94 42.31
N GLN F 487 24.82 -28.78 43.04
CA GLN F 487 23.89 -29.69 42.38
C GLN F 487 22.72 -28.94 41.75
N ILE F 488 22.17 -27.96 42.45
CA ILE F 488 21.05 -27.20 41.91
C ILE F 488 21.50 -26.33 40.74
N ILE F 489 22.73 -25.82 40.81
CA ILE F 489 23.31 -25.07 39.70
C ILE F 489 23.44 -25.96 38.47
N LYS F 490 23.97 -27.19 38.65
CA LYS F 490 24.09 -28.13 37.54
C LYS F 490 22.73 -28.51 36.97
N ASP F 491 21.72 -28.63 37.83
CA ASP F 491 20.37 -28.95 37.39
C ASP F 491 19.81 -27.86 36.49
N GLU F 492 19.95 -26.61 36.90
CA GLU F 492 19.37 -25.55 36.10
C GLU F 492 20.24 -25.18 34.91
N LEU F 493 21.54 -25.47 34.97
CA LEU F 493 22.37 -25.46 33.77
C LEU F 493 21.86 -26.45 32.74
N ASP F 494 21.49 -27.64 33.19
CA ASP F 494 20.94 -28.63 32.28
C ASP F 494 19.56 -28.21 31.76
N GLU F 495 18.77 -27.52 32.59
CA GLU F 495 17.51 -26.96 32.14
C GLU F 495 17.71 -25.92 31.04
N VAL F 496 18.70 -25.05 31.23
CA VAL F 496 18.99 -24.01 30.24
C VAL F 496 19.56 -24.62 28.98
N LYS F 497 20.40 -25.64 29.12
CA LYS F 497 20.93 -26.33 27.95
C LYS F 497 19.83 -27.14 27.23
N ARG F 498 18.79 -27.55 27.95
CA ARG F 498 17.66 -28.18 27.30
C ARG F 498 16.85 -27.17 26.50
N LYS F 499 16.51 -26.03 27.11
CA LYS F 499 15.73 -25.02 26.39
C LYS F 499 16.54 -24.28 25.35
N PHE F 500 17.86 -24.40 25.40
CA PHE F 500 18.78 -23.60 24.61
C PHE F 500 19.88 -24.49 24.06
N SER F 501 19.46 -25.54 23.35
CA SER F 501 20.38 -26.43 22.66
C SER F 501 21.29 -25.67 21.71
N ASP F 502 22.58 -25.98 21.79
CA ASP F 502 23.63 -25.19 21.15
C ASP F 502 24.43 -26.10 20.23
N LYS F 503 23.97 -26.23 18.98
CA LYS F 503 24.76 -26.96 18.02
C LYS F 503 25.94 -26.10 17.57
N ARG F 504 26.93 -26.74 16.98
CA ARG F 504 28.09 -25.99 16.54
C ARG F 504 27.88 -25.47 15.12
N ARG F 505 28.72 -24.50 14.76
CA ARG F 505 28.68 -23.89 13.43
C ARG F 505 30.06 -23.76 12.78
N THR F 506 31.14 -23.76 13.54
CA THR F 506 32.48 -23.57 13.01
C THR F 506 33.13 -24.92 12.74
N GLU F 507 34.43 -24.91 12.45
CA GLU F 507 35.15 -26.14 12.18
C GLU F 507 36.61 -25.97 12.54
N LEU F 508 37.13 -26.92 13.32
CA LEU F 508 38.50 -26.93 13.79
C LEU F 508 39.31 -27.99 13.06
N MET F 509 40.51 -27.61 12.62
CA MET F 509 41.51 -28.53 12.10
C MET F 509 42.86 -28.17 12.71
N VAL F 510 43.88 -28.92 12.32
CA VAL F 510 45.22 -28.69 12.84
C VAL F 510 46.12 -28.09 11.77
N LEU G 35 50.27 13.94 22.06
CA LEU G 35 49.81 12.60 22.39
C LEU G 35 49.41 12.51 23.85
N THR G 36 50.36 12.08 24.70
CA THR G 36 50.11 12.03 26.14
C THR G 36 49.92 13.41 26.72
N LYS G 37 50.55 14.43 26.13
CA LYS G 37 50.24 15.80 26.50
C LYS G 37 48.83 16.18 26.10
N GLU G 38 48.37 15.71 24.94
CA GLU G 38 46.99 15.95 24.55
C GLU G 38 46.02 15.16 25.42
N MET G 39 46.43 13.97 25.87
CA MET G 39 45.63 13.22 26.82
C MET G 39 45.54 13.95 28.15
N LYS G 40 46.64 14.58 28.58
CA LYS G 40 46.61 15.42 29.77
C LYS G 40 45.73 16.64 29.57
N ALA G 41 45.72 17.20 28.36
CA ALA G 41 44.84 18.33 28.07
C ALA G 41 43.38 17.91 28.14
N SER G 42 43.06 16.72 27.63
CA SER G 42 41.70 16.19 27.73
C SER G 42 41.33 15.92 29.18
N PHE G 43 42.28 15.39 29.96
CA PHE G 43 42.09 15.15 31.38
C PHE G 43 41.77 16.45 32.13
N ILE G 44 42.58 17.48 31.89
CA ILE G 44 42.41 18.78 32.54
C ILE G 44 41.09 19.41 32.15
N ASP G 45 40.80 19.45 30.84
CA ASP G 45 39.62 20.16 30.37
C ASP G 45 38.35 19.41 30.76
N TYR G 46 38.38 18.08 30.73
CA TYR G 46 37.19 17.32 31.08
C TYR G 46 36.95 17.33 32.58
N ALA G 47 38.03 17.35 33.38
CA ALA G 47 37.90 17.49 34.82
C ALA G 47 37.32 18.85 35.19
N MET G 48 37.79 19.90 34.51
CA MET G 48 37.20 21.22 34.68
C MET G 48 35.73 21.22 34.30
N SER G 49 35.37 20.48 33.24
CA SER G 49 33.98 20.40 32.80
C SER G 49 33.11 19.78 33.87
N VAL G 50 33.56 18.67 34.45
CA VAL G 50 32.76 17.97 35.44
C VAL G 50 32.67 18.77 36.75
N ILE G 51 33.78 19.37 37.17
CA ILE G 51 33.80 20.10 38.44
C ILE G 51 32.98 21.38 38.33
N VAL G 52 33.19 22.16 37.27
CA VAL G 52 32.38 23.37 37.09
C VAL G 52 30.93 23.02 36.77
N ALA G 53 30.67 21.81 36.25
CA ALA G 53 29.30 21.37 36.02
C ALA G 53 28.57 21.12 37.33
N ARG G 54 29.03 20.14 38.11
CA ARG G 54 28.20 19.64 39.20
C ARG G 54 28.85 19.72 40.58
N ALA G 55 30.06 20.24 40.70
CA ALA G 55 30.64 20.52 42.00
C ALA G 55 30.33 21.97 42.37
N LEU G 56 31.09 22.53 43.33
CA LEU G 56 30.82 23.81 43.96
C LEU G 56 30.70 24.95 42.95
N PRO G 57 29.76 25.86 43.16
CA PRO G 57 29.60 26.98 42.22
C PRO G 57 30.61 28.09 42.46
N ASP G 58 30.40 29.20 41.75
CA ASP G 58 31.29 30.35 41.86
C ASP G 58 31.17 31.01 43.22
N VAL G 59 32.25 31.68 43.62
CA VAL G 59 32.20 32.61 44.75
C VAL G 59 31.22 33.74 44.46
N ARG G 60 31.16 34.17 43.20
CA ARG G 60 30.41 35.37 42.82
C ARG G 60 28.91 35.19 43.06
N ASP G 61 28.39 33.97 42.97
CA ASP G 61 26.99 33.74 43.23
C ASP G 61 26.72 32.77 44.36
N GLY G 62 27.53 31.71 44.48
CA GLY G 62 27.15 30.62 45.34
C GLY G 62 25.97 29.84 44.82
N LEU G 63 25.72 29.92 43.53
CA LEU G 63 24.51 29.39 42.92
C LEU G 63 24.95 28.45 41.82
N LYS G 64 24.58 27.18 41.93
CA LYS G 64 25.02 26.19 40.97
C LYS G 64 24.33 26.41 39.63
N PRO G 65 25.01 26.13 38.50
CA PRO G 65 24.48 26.55 37.19
C PRO G 65 23.19 25.87 36.80
N VAL G 66 22.92 24.69 37.32
CA VAL G 66 21.59 24.09 37.21
C VAL G 66 20.56 25.01 37.84
N HIS G 67 20.77 25.37 39.10
CA HIS G 67 19.85 26.24 39.81
C HIS G 67 19.83 27.64 39.21
N ARG G 68 20.98 28.10 38.73
CA ARG G 68 21.08 29.36 38.01
C ARG G 68 20.17 29.38 36.81
N ARG G 69 20.18 28.30 36.03
CA ARG G 69 19.34 28.27 34.85
C ARG G 69 17.89 28.02 35.19
N ILE G 70 17.63 27.34 36.31
CA ILE G 70 16.27 27.24 36.84
C ILE G 70 15.70 28.62 37.10
N LEU G 71 16.45 29.45 37.82
CA LEU G 71 15.95 30.77 38.17
C LEU G 71 15.90 31.71 36.97
N TYR G 72 16.87 31.56 36.05
CA TYR G 72 16.89 32.39 34.85
C TYR G 72 15.71 32.08 33.94
N GLY G 73 15.43 30.79 33.74
CA GLY G 73 14.28 30.42 32.94
C GLY G 73 12.95 30.68 33.63
N MET G 74 12.94 30.67 34.96
CA MET G 74 11.70 31.00 35.64
C MET G 74 11.44 32.49 35.67
N ASN G 75 12.50 33.30 35.69
CA ASN G 75 12.33 34.73 35.47
C ASN G 75 11.87 34.98 34.05
N GLU G 76 12.41 34.23 33.11
CA GLU G 76 12.01 34.37 31.73
C GLU G 76 10.73 33.64 31.39
N LEU G 77 10.13 32.95 32.36
CA LEU G 77 8.71 32.65 32.25
C LEU G 77 7.91 33.94 32.27
N GLY G 78 8.36 34.91 33.07
CA GLY G 78 7.76 36.22 33.11
C GLY G 78 6.52 36.30 33.98
N VAL G 79 5.92 35.15 34.25
CA VAL G 79 4.67 35.12 34.98
C VAL G 79 4.97 35.36 36.45
N THR G 80 4.30 36.36 37.02
CA THR G 80 4.61 36.84 38.36
C THR G 80 4.21 35.80 39.41
N PRO G 81 4.86 35.81 40.58
CA PRO G 81 4.34 35.02 41.70
C PRO G 81 3.02 35.51 42.23
N ASP G 82 2.59 36.72 41.84
CA ASP G 82 1.27 37.20 42.19
C ASP G 82 0.18 36.33 41.56
N LYS G 83 0.37 35.94 40.30
CA LYS G 83 -0.52 34.99 39.68
C LYS G 83 -0.28 33.60 40.30
N PRO G 84 -1.30 32.75 40.36
CA PRO G 84 -1.17 31.51 41.14
C PRO G 84 -0.24 30.50 40.48
N HIS G 85 0.71 29.99 41.27
CA HIS G 85 1.88 29.28 40.78
C HIS G 85 1.54 27.94 40.15
N LYS G 86 2.22 27.62 39.05
CA LYS G 86 1.75 26.66 38.06
C LYS G 86 2.14 25.22 38.39
N LYS G 87 1.44 24.30 37.71
CA LYS G 87 1.55 22.86 37.87
C LYS G 87 1.87 22.29 36.49
N SER G 88 3.15 22.26 36.13
CA SER G 88 3.50 21.87 34.78
C SER G 88 4.95 21.42 34.75
N ALA G 89 5.24 20.50 33.84
CA ALA G 89 6.61 20.20 33.46
C ALA G 89 7.02 20.96 32.22
N ARG G 90 6.21 21.92 31.79
CA ARG G 90 6.54 22.72 30.60
C ARG G 90 7.75 23.59 30.86
N ILE G 91 7.87 24.07 32.10
CA ILE G 91 9.02 24.85 32.53
C ILE G 91 10.29 24.03 32.40
N THR G 92 10.28 22.82 32.95
CA THR G 92 11.43 21.93 32.87
C THR G 92 11.66 21.44 31.45
N GLY G 93 10.62 21.39 30.63
CA GLY G 93 10.81 21.08 29.22
C GLY G 93 11.56 22.18 28.49
N ASP G 94 11.26 23.44 28.83
CA ASP G 94 12.05 24.53 28.27
C ASP G 94 13.46 24.54 28.85
N VAL G 95 13.63 24.08 30.08
CA VAL G 95 14.97 23.94 30.67
C VAL G 95 15.77 22.90 29.90
N MET G 96 15.17 21.75 29.60
CA MET G 96 15.89 20.72 28.89
C MET G 96 16.07 21.08 27.42
N GLY G 97 15.20 21.93 26.88
CA GLY G 97 15.47 22.52 25.59
C GLY G 97 16.61 23.49 25.63
N LYS G 98 16.82 24.14 26.78
CA LYS G 98 17.96 25.02 26.94
C LYS G 98 19.27 24.22 27.07
N TYR G 99 19.23 23.07 27.73
CA TYR G 99 20.43 22.26 27.91
C TYR G 99 20.07 20.79 28.08
N HIS G 100 20.89 19.92 27.48
CA HIS G 100 20.70 18.48 27.62
C HIS G 100 21.60 17.93 28.72
N PRO G 101 21.04 17.52 29.87
CA PRO G 101 21.86 16.89 30.90
C PRO G 101 22.00 15.39 30.70
N HIS G 102 22.52 14.70 31.71
CA HIS G 102 22.36 13.25 31.82
C HIS G 102 21.17 12.88 32.69
N GLY G 103 20.10 13.66 32.55
CA GLY G 103 18.82 13.41 33.16
C GLY G 103 18.12 14.67 33.63
N ASP G 104 16.90 14.88 33.14
CA ASP G 104 16.06 15.96 33.63
C ASP G 104 15.31 15.59 34.89
N SER G 105 15.28 14.30 35.23
CA SER G 105 14.88 13.90 36.57
C SER G 105 15.81 14.50 37.61
N SER G 106 17.10 14.65 37.28
CA SER G 106 18.00 15.39 38.16
C SER G 106 17.65 16.86 38.23
N ILE G 107 17.12 17.43 37.15
CA ILE G 107 16.65 18.82 37.19
C ILE G 107 15.45 18.93 38.11
N TYR G 108 14.57 17.94 38.07
CA TYR G 108 13.45 17.93 39.00
C TYR G 108 13.90 17.68 40.42
N GLU G 109 14.97 16.89 40.60
CA GLU G 109 15.59 16.75 41.92
C GLU G 109 16.13 18.08 42.41
N ALA G 110 16.67 18.89 41.50
CA ALA G 110 17.14 20.22 41.88
C ALA G 110 16.00 21.12 42.29
N MET G 111 14.87 21.03 41.57
CA MET G 111 13.66 21.74 41.94
C MET G 111 13.21 21.36 43.34
N VAL G 112 13.15 20.06 43.62
CA VAL G 112 12.63 19.57 44.88
C VAL G 112 13.61 19.88 46.02
N ARG G 113 14.91 19.78 45.77
CA ARG G 113 15.87 20.09 46.81
C ARG G 113 15.93 21.58 47.07
N MET G 114 15.50 22.41 46.12
CA MET G 114 15.30 23.81 46.45
C MET G 114 13.93 24.08 47.03
N ALA G 115 13.06 23.09 47.09
CA ALA G 115 11.84 23.19 47.87
C ALA G 115 11.99 22.63 49.27
N GLN G 116 13.12 22.00 49.57
CA GLN G 116 13.41 21.45 50.89
C GLN G 116 13.72 22.59 51.84
N TRP G 117 12.68 23.19 52.42
CA TRP G 117 12.92 24.26 53.40
C TRP G 117 13.59 23.72 54.65
N TRP G 118 13.29 22.47 55.01
CA TRP G 118 13.90 21.81 56.14
C TRP G 118 15.37 21.50 55.90
N SER G 119 15.83 21.56 54.64
CA SER G 119 17.23 21.33 54.34
C SER G 119 17.91 22.61 53.85
N TYR G 120 17.38 23.24 52.80
CA TYR G 120 17.96 24.48 52.29
C TYR G 120 17.05 25.65 52.67
N ARG G 121 17.65 26.70 53.21
CA ARG G 121 16.86 27.66 53.96
C ARG G 121 16.11 28.62 53.05
N TYR G 122 15.63 29.67 53.69
CA TYR G 122 14.55 30.49 53.16
C TYR G 122 15.02 31.38 52.03
N MET G 123 14.31 31.35 50.89
CA MET G 123 13.46 30.26 50.37
C MET G 123 13.63 30.42 48.87
N LEU G 124 13.47 29.35 48.10
CA LEU G 124 13.60 29.45 46.66
C LEU G 124 12.43 28.91 45.86
N VAL G 125 11.43 28.31 46.50
CA VAL G 125 10.30 27.73 45.79
C VAL G 125 9.01 28.28 46.37
N ASP G 126 8.21 28.92 45.53
CA ASP G 126 6.79 29.12 45.82
C ASP G 126 6.05 27.93 45.22
N GLY G 127 5.78 26.92 46.06
CA GLY G 127 5.19 25.69 45.59
C GLY G 127 4.06 25.22 46.50
N HIS G 128 3.38 24.17 46.02
CA HIS G 128 2.18 23.64 46.66
C HIS G 128 2.18 22.12 46.82
N GLY G 129 2.84 21.40 45.91
CA GLY G 129 2.72 19.96 45.82
C GLY G 129 3.44 19.21 46.92
N ASN G 130 3.56 17.89 46.72
CA ASN G 130 4.23 17.04 47.70
C ASN G 130 5.73 17.26 47.66
N PHE G 131 6.31 17.56 48.82
CA PHE G 131 7.76 17.59 48.94
C PHE G 131 8.26 16.94 50.22
N GLY G 132 7.41 16.67 51.20
CA GLY G 132 7.82 15.91 52.36
C GLY G 132 8.51 16.75 53.41
N SER G 133 9.41 16.11 54.15
CA SER G 133 10.25 16.75 55.15
C SER G 133 11.54 15.97 55.21
N MET G 134 12.31 16.15 56.28
CA MET G 134 13.49 15.32 56.52
C MET G 134 13.06 14.01 57.17
N ASP G 135 12.39 13.19 56.36
CA ASP G 135 11.66 12.03 56.83
C ASP G 135 11.97 10.76 56.06
N GLY G 136 12.39 10.85 54.80
CA GLY G 136 12.45 9.69 53.94
C GLY G 136 11.24 9.67 53.04
N ASP G 137 10.92 10.83 52.45
CA ASP G 137 9.70 11.03 51.68
C ASP G 137 10.04 10.99 50.20
N SER G 138 9.20 10.30 49.43
CA SER G 138 9.41 10.11 47.99
C SER G 138 8.18 10.63 47.25
N ALA G 139 8.28 11.85 46.73
CA ALA G 139 7.17 12.46 45.98
C ALA G 139 7.38 12.18 44.51
N ALA G 140 6.82 11.07 44.03
CA ALA G 140 6.95 10.69 42.62
C ALA G 140 6.08 11.53 41.69
N ALA G 141 5.17 12.32 42.24
CA ALA G 141 4.33 13.20 41.43
C ALA G 141 5.14 14.36 40.90
N GLN G 142 5.69 14.24 39.69
CA GLN G 142 6.70 15.19 39.24
C GLN G 142 6.09 16.52 38.80
N ARG G 143 5.32 16.52 37.72
CA ARG G 143 4.73 17.75 37.23
C ARG G 143 3.51 18.16 38.04
N TYR G 144 3.04 17.27 38.92
CA TYR G 144 1.82 17.50 39.66
C TYR G 144 2.01 18.50 40.79
N THR G 145 3.25 18.77 41.16
CA THR G 145 3.49 19.84 42.12
C THR G 145 3.31 21.19 41.45
N GLU G 146 3.05 22.20 42.26
CA GLU G 146 2.95 23.57 41.80
C GLU G 146 4.14 24.36 42.32
N ALA G 147 4.63 25.27 41.48
CA ALA G 147 5.65 26.24 41.85
C ALA G 147 5.65 27.36 40.81
N ARG G 148 6.25 28.47 41.20
CA ARG G 148 6.68 29.54 40.31
C ARG G 148 7.74 30.36 41.06
N MET G 149 7.99 31.58 40.59
CA MET G 149 8.94 32.53 41.15
C MET G 149 8.68 32.76 42.64
N SER G 150 9.75 33.08 43.36
CA SER G 150 9.67 33.33 44.78
C SER G 150 9.95 34.80 45.05
N LYS G 151 9.64 35.22 46.28
CA LYS G 151 9.71 36.63 46.64
C LYS G 151 11.14 37.13 46.66
N ILE G 152 12.06 36.31 47.16
CA ILE G 152 13.45 36.73 47.24
C ILE G 152 14.07 36.74 45.87
N ALA G 153 13.59 35.87 44.98
CA ALA G 153 14.11 35.79 43.62
C ALA G 153 13.82 37.06 42.83
N LEU G 154 12.69 37.73 43.14
CA LEU G 154 12.23 38.90 42.41
C LEU G 154 13.26 40.03 42.45
N GLU G 155 13.58 40.51 43.65
CA GLU G 155 14.63 41.50 43.76
C GLU G 155 16.01 40.88 43.66
N MET G 156 16.13 39.58 43.87
CA MET G 156 17.43 38.91 43.81
C MET G 156 18.00 38.92 42.39
N LEU G 157 17.13 38.83 41.38
CA LEU G 157 17.65 38.79 40.02
C LEU G 157 17.06 39.86 39.12
N ARG G 158 17.09 41.11 39.56
CA ARG G 158 16.71 42.23 38.70
C ARG G 158 17.88 42.60 37.78
N ASP G 159 17.73 43.74 37.09
CA ASP G 159 18.78 44.44 36.34
C ASP G 159 19.31 43.65 35.16
N ILE G 160 18.55 42.68 34.67
CA ILE G 160 18.89 42.00 33.42
C ILE G 160 18.79 42.97 32.25
N ASN G 161 17.90 43.94 32.34
CA ASN G 161 17.64 44.91 31.28
C ASN G 161 18.66 46.04 31.28
N LYS G 162 19.76 45.89 32.01
CA LYS G 162 20.73 46.95 32.22
C LYS G 162 22.13 46.52 31.80
N ASN G 163 22.23 45.43 31.02
CA ASN G 163 23.47 44.92 30.41
C ASN G 163 24.53 44.62 31.45
N THR G 164 24.11 44.22 32.64
CA THR G 164 25.02 44.10 33.76
C THR G 164 25.91 42.88 33.64
N VAL G 165 25.36 41.77 33.18
CA VAL G 165 26.04 40.48 33.21
C VAL G 165 26.28 40.04 31.77
N ASP G 166 27.42 39.43 31.53
CA ASP G 166 27.74 38.91 30.21
C ASP G 166 26.93 37.65 29.93
N PHE G 167 27.01 37.19 28.68
CA PHE G 167 26.22 36.05 28.23
C PHE G 167 27.06 35.18 27.29
N VAL G 168 26.66 33.91 27.20
CA VAL G 168 27.22 32.99 26.21
C VAL G 168 26.07 32.29 25.50
N ASP G 169 26.34 31.87 24.27
CA ASP G 169 25.37 31.12 23.49
C ASP G 169 25.37 29.66 23.91
N ASN G 170 24.20 29.03 23.82
CA ASN G 170 24.07 27.61 24.11
C ASN G 170 24.70 26.77 23.00
N TYR G 171 24.68 25.46 23.20
CA TYR G 171 25.05 24.55 22.11
C TYR G 171 23.99 24.54 21.02
N ASP G 172 22.77 24.95 21.34
CA ASP G 172 21.67 24.97 20.39
C ASP G 172 21.70 26.20 19.49
N ALA G 173 22.60 27.15 19.74
CA ALA G 173 22.91 28.29 18.85
C ALA G 173 21.70 29.20 18.61
N ASN G 174 20.78 29.22 19.54
CA ASN G 174 19.52 29.93 19.36
C ASN G 174 19.21 30.91 20.47
N GLU G 175 19.56 30.59 21.72
CA GLU G 175 19.33 31.46 22.86
C GLU G 175 20.58 31.53 23.72
N ARG G 176 20.63 32.55 24.56
CA ARG G 176 21.80 32.84 25.37
C ARG G 176 21.53 32.53 26.83
N GLU G 177 22.58 32.63 27.64
CA GLU G 177 22.49 32.34 29.05
C GLU G 177 23.62 33.04 29.79
N PRO G 178 23.40 33.46 31.02
CA PRO G 178 24.49 34.10 31.77
C PRO G 178 25.25 33.10 32.62
N LEU G 179 26.56 33.28 32.73
CA LEU G 179 27.36 32.35 33.51
C LEU G 179 27.31 32.68 34.99
N VAL G 180 27.13 33.94 35.33
CA VAL G 180 26.97 34.37 36.72
C VAL G 180 25.69 35.18 36.82
N LEU G 181 25.44 35.74 38.00
CA LEU G 181 24.18 36.42 38.30
C LEU G 181 24.46 37.71 39.05
N PRO G 182 23.53 38.66 39.02
CA PRO G 182 23.56 39.77 39.97
C PRO G 182 22.94 39.36 41.30
N ALA G 183 23.44 39.98 42.36
CA ALA G 183 23.06 39.55 43.70
C ALA G 183 22.57 40.72 44.52
N ARG G 184 21.77 40.39 45.53
CA ARG G 184 21.36 41.34 46.53
C ARG G 184 21.72 40.88 47.93
N PHE G 185 22.48 39.80 48.04
CA PHE G 185 23.09 39.26 49.26
C PHE G 185 24.03 38.14 48.88
N PRO G 186 25.04 37.88 49.67
CA PRO G 186 25.81 36.64 49.52
C PRO G 186 25.07 35.42 50.07
N ASN G 187 24.28 34.78 49.18
CA ASN G 187 23.62 33.51 49.46
C ASN G 187 24.62 32.39 49.78
N LEU G 188 25.90 32.56 49.43
CA LEU G 188 27.01 31.79 49.98
C LEU G 188 26.87 31.52 51.46
N LEU G 189 26.55 32.57 52.22
CA LEU G 189 26.39 32.46 53.64
C LEU G 189 24.97 32.10 54.03
N VAL G 190 24.00 32.42 53.18
CA VAL G 190 22.61 32.20 53.53
C VAL G 190 22.27 30.72 53.45
N ASN G 191 22.66 30.08 52.36
CA ASN G 191 22.52 28.66 52.19
C ASN G 191 23.91 28.06 52.03
N GLY G 192 24.18 26.96 52.73
CA GLY G 192 25.49 26.35 52.74
C GLY G 192 25.72 25.46 51.54
N ALA G 193 26.71 24.57 51.68
CA ALA G 193 27.08 23.65 50.62
C ALA G 193 27.22 22.25 51.18
N THR G 194 26.72 21.28 50.42
CA THR G 194 26.89 19.85 50.68
C THR G 194 27.40 19.23 49.38
N GLY G 195 28.72 19.29 49.19
CA GLY G 195 29.31 18.86 47.94
C GLY G 195 29.54 17.35 47.86
N ILE G 196 30.16 16.94 46.76
CA ILE G 196 30.56 15.56 46.56
C ILE G 196 32.07 15.52 46.34
N ALA G 197 32.63 14.34 46.50
CA ALA G 197 34.08 14.18 46.52
C ALA G 197 34.61 13.84 45.13
N VAL G 198 34.53 14.84 44.24
CA VAL G 198 35.22 14.69 42.96
C VAL G 198 36.73 14.80 43.15
N GLY G 199 37.15 15.69 44.04
CA GLY G 199 38.45 15.56 44.67
C GLY G 199 38.23 15.47 46.17
N MET G 200 37.20 16.19 46.64
CA MET G 200 36.79 16.28 48.03
C MET G 200 35.47 17.05 48.07
N ALA G 201 34.60 16.69 49.01
CA ALA G 201 33.32 17.36 49.17
C ALA G 201 33.50 18.65 49.97
N THR G 202 32.39 19.31 50.30
CA THR G 202 32.46 20.60 51.00
C THR G 202 31.21 20.82 51.83
N ASN G 203 31.40 21.05 53.13
CA ASN G 203 30.34 21.53 54.02
C ASN G 203 30.48 23.03 54.21
N ILE G 204 29.39 23.74 53.96
CA ILE G 204 29.32 25.17 54.27
C ILE G 204 28.03 25.43 55.02
N PRO G 205 28.09 26.04 56.21
CA PRO G 205 26.89 26.17 57.03
C PRO G 205 26.09 27.38 56.64
N PRO G 206 24.78 27.37 56.92
CA PRO G 206 23.97 28.56 56.65
C PRO G 206 24.13 29.60 57.74
N HIS G 207 23.61 30.80 57.47
CA HIS G 207 23.72 31.90 58.41
C HIS G 207 22.40 32.68 58.41
N ASN G 208 22.42 33.88 59.00
CA ASN G 208 21.24 34.72 59.14
C ASN G 208 21.31 35.91 58.20
N LEU G 209 20.12 36.36 57.78
CA LEU G 209 19.90 37.50 56.90
C LEU G 209 20.49 38.79 57.45
N GLY G 210 19.93 39.27 58.57
CA GLY G 210 20.33 40.55 59.10
C GLY G 210 21.72 40.55 59.67
N GLU G 211 22.18 39.40 60.16
CA GLU G 211 23.56 39.27 60.60
C GLU G 211 24.52 39.44 59.43
N THR G 212 24.15 38.90 58.27
CA THR G 212 24.96 39.09 57.08
C THR G 212 24.93 40.54 56.63
N ILE G 213 23.77 41.19 56.77
CA ILE G 213 23.65 42.61 56.46
C ILE G 213 24.57 43.45 57.34
N ASP G 214 24.61 43.11 58.64
CA ASP G 214 25.47 43.83 59.57
C ASP G 214 26.93 43.56 59.29
N ALA G 215 27.25 42.36 58.82
CA ALA G 215 28.62 42.05 58.41
C ALA G 215 29.01 42.87 57.19
N VAL G 216 28.10 43.03 56.24
CA VAL G 216 28.33 43.85 55.06
C VAL G 216 28.58 45.29 55.46
N LYS G 217 27.75 45.81 56.36
CA LYS G 217 27.91 47.17 56.86
C LYS G 217 29.23 47.33 57.61
N LEU G 218 29.64 46.30 58.34
CA LEU G 218 30.86 46.35 59.12
C LEU G 218 32.09 46.41 58.21
N VAL G 219 32.14 45.54 57.20
CA VAL G 219 33.28 45.54 56.30
C VAL G 219 33.26 46.78 55.41
N MET G 220 32.06 47.29 55.11
CA MET G 220 31.94 48.54 54.37
C MET G 220 32.52 49.71 55.16
N ASP G 221 32.16 49.81 56.43
CA ASP G 221 32.63 50.92 57.24
C ASP G 221 34.09 50.77 57.64
N ASN G 222 34.58 49.54 57.72
CA ASN G 222 35.94 49.33 58.16
C ASN G 222 36.65 48.29 57.30
N PRO G 223 37.77 48.66 56.66
CA PRO G 223 38.60 47.66 55.97
C PRO G 223 39.62 47.02 56.91
N GLU G 224 39.40 47.20 58.21
CA GLU G 224 40.36 46.87 59.25
C GLU G 224 39.72 46.04 60.35
N VAL G 225 38.69 45.27 59.98
CA VAL G 225 37.97 44.46 60.95
C VAL G 225 38.81 43.27 61.38
N THR G 226 38.38 42.62 62.46
CA THR G 226 39.05 41.44 62.98
C THR G 226 38.09 40.25 62.95
N THR G 227 38.55 39.13 63.50
CA THR G 227 37.71 37.94 63.60
C THR G 227 36.76 38.03 64.78
N LYS G 228 37.12 38.77 65.82
CA LYS G 228 36.19 39.05 66.91
C LYS G 228 35.04 39.93 66.42
N ASP G 229 35.32 40.81 65.47
CA ASP G 229 34.28 41.57 64.79
C ASP G 229 33.32 40.65 64.09
N LEU G 230 33.85 39.58 63.47
CA LEU G 230 33.01 38.58 62.85
C LEU G 230 32.22 37.79 63.88
N MET G 231 32.81 37.56 65.06
CA MET G 231 32.09 36.94 66.15
C MET G 231 30.94 37.80 66.62
N GLU G 232 31.09 39.12 66.51
CA GLU G 232 30.01 40.02 66.91
C GLU G 232 28.87 39.98 65.90
N VAL G 233 29.15 40.36 64.65
CA VAL G 233 28.08 40.44 63.65
C VAL G 233 27.61 39.08 63.22
N LEU G 234 28.38 38.03 63.47
CA LEU G 234 27.90 36.66 63.31
C LEU G 234 28.17 35.93 64.62
N PRO G 235 27.17 35.84 65.49
CA PRO G 235 27.32 35.00 66.69
C PRO G 235 27.48 33.53 66.38
N GLY G 236 26.94 33.05 65.26
CA GLY G 236 27.13 31.68 64.87
C GLY G 236 26.28 31.25 63.69
N PRO G 237 26.69 30.17 63.03
CA PRO G 237 25.91 29.67 61.89
C PRO G 237 24.64 29.00 62.37
N ASP G 238 23.59 29.13 61.59
CA ASP G 238 22.29 28.66 62.02
C ASP G 238 21.69 27.72 60.98
N PHE G 239 20.49 27.25 61.30
CA PHE G 239 19.85 26.13 60.63
C PHE G 239 18.38 26.45 60.46
N PRO G 240 17.70 25.80 59.52
CA PRO G 240 16.24 25.93 59.46
C PRO G 240 15.54 25.06 60.50
N THR G 241 16.30 24.24 61.21
CA THR G 241 15.77 23.30 62.18
C THR G 241 16.25 23.60 63.59
N GLY G 242 17.55 23.76 63.78
CA GLY G 242 18.08 24.05 65.11
C GLY G 242 18.89 22.90 65.67
N ALA G 243 19.94 23.23 66.42
CA ALA G 243 20.81 22.26 67.08
C ALA G 243 21.52 22.98 68.22
N LEU G 244 22.56 22.34 68.76
CA LEU G 244 23.41 22.97 69.75
C LEU G 244 24.85 22.80 69.30
N VAL G 245 25.61 23.90 69.34
CA VAL G 245 27.02 23.92 69.00
C VAL G 245 27.75 24.41 70.24
N MET G 246 28.37 23.49 70.98
CA MET G 246 28.94 23.86 72.27
C MET G 246 30.34 24.47 72.12
N GLY G 247 31.07 24.10 71.06
CA GLY G 247 32.45 24.52 70.94
C GLY G 247 32.61 25.97 70.51
N LYS G 248 33.80 26.51 70.77
CA LYS G 248 34.15 27.88 70.42
C LYS G 248 35.36 27.96 69.50
N SER G 249 36.44 27.27 69.84
CA SER G 249 37.66 27.34 69.04
C SER G 249 37.53 26.57 67.73
N GLY G 250 36.64 25.58 67.67
CA GLY G 250 36.33 24.96 66.39
C GLY G 250 35.66 25.95 65.45
N ILE G 251 34.77 26.78 65.99
CA ILE G 251 34.17 27.87 65.22
C ILE G 251 35.23 28.88 64.81
N HIS G 252 36.19 29.14 65.71
CA HIS G 252 37.29 30.06 65.43
C HIS G 252 38.16 29.57 64.27
N LYS G 253 38.58 28.31 64.32
CA LYS G 253 39.34 27.71 63.24
C LYS G 253 38.49 27.53 61.99
N ALA G 254 37.17 27.42 62.13
CA ALA G 254 36.31 27.35 60.95
C ALA G 254 36.32 28.66 60.19
N TYR G 255 36.11 29.78 60.89
CA TYR G 255 36.09 31.05 60.18
C TYR G 255 37.47 31.56 59.83
N GLU G 256 38.55 31.00 60.39
CA GLU G 256 39.88 31.42 59.97
C GLU G 256 40.52 30.46 58.98
N THR G 257 40.71 29.21 59.37
CA THR G 257 41.41 28.25 58.53
C THR G 257 40.52 27.69 57.44
N GLY G 258 39.21 27.69 57.65
CA GLY G 258 38.31 26.99 56.75
C GLY G 258 38.19 25.52 57.02
N LYS G 259 38.84 25.00 58.06
CA LYS G 259 38.76 23.60 58.42
C LYS G 259 38.41 23.46 59.89
N GLY G 260 37.67 22.41 60.20
CA GLY G 260 37.28 22.12 61.57
C GLY G 260 35.94 21.44 61.62
N SER G 261 35.70 20.74 62.73
CA SER G 261 34.42 20.09 62.98
C SER G 261 33.78 20.69 64.22
N ILE G 262 32.47 20.62 64.27
CA ILE G 262 31.70 21.17 65.38
C ILE G 262 30.82 20.09 65.99
N VAL G 263 30.16 20.45 67.08
CA VAL G 263 29.13 19.61 67.66
C VAL G 263 27.79 20.06 67.10
N LEU G 264 27.03 19.12 66.56
CA LEU G 264 25.59 19.33 66.37
C LEU G 264 24.88 18.47 67.40
N ARG G 265 24.07 19.10 68.25
CA ARG G 265 23.43 18.40 69.34
C ARG G 265 21.92 18.59 69.28
N SER G 266 21.19 17.53 69.59
CA SER G 266 19.75 17.59 69.77
C SER G 266 19.41 18.40 71.02
N ARG G 267 18.21 19.00 71.00
CA ARG G 267 17.70 19.68 72.18
C ARG G 267 17.31 18.65 73.24
N THR G 268 17.61 18.96 74.49
CA THR G 268 17.31 18.08 75.62
C THR G 268 16.52 18.86 76.65
N GLU G 269 15.37 18.31 77.05
CA GLU G 269 14.54 18.90 78.10
C GLU G 269 14.19 17.80 79.09
N ILE G 270 14.62 17.95 80.34
CA ILE G 270 14.39 16.98 81.40
C ILE G 270 13.18 17.46 82.21
N GLU G 271 12.07 16.74 82.09
CA GLU G 271 10.87 17.07 82.86
C GLU G 271 10.44 15.86 83.69
N THR G 272 9.43 16.10 84.53
CA THR G 272 9.06 15.18 85.59
C THR G 272 7.75 14.47 85.23
N THR G 273 7.83 13.14 85.10
CA THR G 273 6.64 12.32 85.00
C THR G 273 5.93 12.30 86.36
N LYS G 274 4.60 12.28 86.33
CA LYS G 274 3.78 12.22 87.54
C LYS G 274 4.02 10.96 88.36
N THR G 275 4.59 9.91 87.78
CA THR G 275 4.96 8.70 88.50
C THR G 275 6.46 8.59 88.74
N GLY G 276 7.22 9.67 88.48
CA GLY G 276 8.65 9.66 88.77
C GLY G 276 9.54 9.05 87.71
N ARG G 277 9.51 9.60 86.50
CA ARG G 277 10.41 9.20 85.42
C ARG G 277 11.03 10.45 84.81
N GLU G 278 12.34 10.42 84.58
CA GLU G 278 13.06 11.56 84.02
C GLU G 278 12.74 11.64 82.53
N ARG G 279 11.63 12.31 82.20
CA ARG G 279 11.16 12.37 80.83
C ARG G 279 12.05 13.29 79.99
N ILE G 280 12.43 12.82 78.81
CA ILE G 280 13.31 13.57 77.91
C ILE G 280 12.47 14.04 76.72
N VAL G 281 12.47 15.35 76.50
CA VAL G 281 11.81 15.99 75.37
C VAL G 281 12.90 16.48 74.43
N VAL G 282 12.77 16.16 73.15
CA VAL G 282 13.74 16.54 72.14
C VAL G 282 13.00 17.24 71.00
N THR G 283 13.46 18.43 70.64
CA THR G 283 12.94 19.16 69.50
C THR G 283 13.98 19.35 68.42
N GLU G 284 15.17 19.85 68.76
CA GLU G 284 16.24 20.05 67.80
C GLU G 284 16.95 18.73 67.53
N PHE G 285 17.77 18.73 66.48
CA PHE G 285 18.52 17.55 66.06
C PHE G 285 19.79 18.01 65.37
N PRO G 286 20.77 17.12 65.23
CA PRO G 286 21.83 17.36 64.24
C PRO G 286 21.26 17.39 62.83
N TYR G 287 21.97 18.07 61.95
CA TYR G 287 21.48 18.34 60.62
C TYR G 287 21.69 17.13 59.72
N MET G 288 20.80 16.99 58.73
CA MET G 288 20.73 15.84 57.82
C MET G 288 20.58 14.52 58.58
N VAL G 289 19.73 14.52 59.61
CA VAL G 289 19.54 13.36 60.46
C VAL G 289 18.04 13.07 60.50
N ASN G 290 17.60 12.06 59.77
CA ASN G 290 16.23 11.59 59.86
C ASN G 290 15.97 10.96 61.22
N LYS G 291 14.72 11.08 61.67
CA LYS G 291 14.34 10.48 62.95
C LYS G 291 14.23 8.97 62.85
N THR G 292 13.95 8.45 61.65
CA THR G 292 13.45 7.09 61.50
C THR G 292 14.52 6.05 61.80
N LYS G 293 15.61 6.07 61.03
CA LYS G 293 16.65 5.08 61.18
C LYS G 293 17.39 5.24 62.51
N VAL G 294 17.46 6.47 63.02
CA VAL G 294 18.01 6.71 64.35
C VAL G 294 17.17 6.00 65.40
N HIS G 295 15.84 6.15 65.30
CA HIS G 295 14.93 5.46 66.22
C HIS G 295 15.05 3.95 66.10
N GLU G 296 15.26 3.46 64.88
CA GLU G 296 15.42 2.02 64.67
C GLU G 296 16.70 1.49 65.31
N HIS G 297 17.80 2.25 65.20
CA HIS G 297 19.03 1.84 65.86
C HIS G 297 18.94 1.98 67.37
N ILE G 298 18.12 2.92 67.86
CA ILE G 298 17.87 2.98 69.30
C ILE G 298 17.12 1.73 69.76
N VAL G 299 16.15 1.28 68.96
CA VAL G 299 15.43 0.03 69.25
C VAL G 299 16.39 -1.15 69.24
N ARG G 300 17.32 -1.17 68.28
CA ARG G 300 18.35 -2.21 68.23
C ARG G 300 19.24 -2.20 69.46
N LEU G 301 19.71 -1.02 69.87
CA LEU G 301 20.63 -0.93 71.00
C LEU G 301 19.94 -1.28 72.31
N VAL G 302 18.64 -0.98 72.42
CA VAL G 302 17.83 -1.52 73.51
C VAL G 302 17.78 -3.04 73.45
N GLN G 303 17.61 -3.59 72.26
CA GLN G 303 17.34 -5.01 72.10
C GLN G 303 18.62 -5.80 71.78
N GLU G 304 19.74 -5.41 72.38
CA GLU G 304 21.00 -6.15 72.29
C GLU G 304 21.63 -6.29 73.67
N LYS G 305 20.82 -6.73 74.64
CA LYS G 305 21.20 -6.96 76.04
C LYS G 305 21.76 -5.69 76.69
N ARG G 306 20.92 -4.67 76.68
CA ARG G 306 21.21 -3.37 77.29
C ARG G 306 19.93 -2.94 77.99
N ILE G 307 19.81 -1.64 78.27
CA ILE G 307 18.67 -1.11 79.03
C ILE G 307 17.39 -1.33 78.25
N GLU G 308 16.58 -2.29 78.72
CA GLU G 308 15.40 -2.74 78.00
C GLU G 308 14.11 -2.22 78.61
N GLY G 309 14.14 -1.73 79.85
CA GLY G 309 12.97 -1.18 80.49
C GLY G 309 12.54 0.17 79.97
N ILE G 310 13.30 0.75 79.06
CA ILE G 310 12.88 1.98 78.38
C ILE G 310 12.07 1.54 77.16
N THR G 311 10.85 1.10 77.42
CA THR G 311 9.86 0.89 76.37
C THR G 311 8.92 2.07 76.29
N ALA G 312 9.51 3.26 76.20
CA ALA G 312 8.75 4.52 76.22
C ALA G 312 9.38 5.42 75.17
N VAL G 313 8.81 5.43 73.97
CA VAL G 313 9.27 6.25 72.87
C VAL G 313 8.06 6.92 72.23
N ARG G 314 7.70 8.09 72.74
CA ARG G 314 6.55 8.83 72.25
C ARG G 314 7.08 9.90 71.31
N ASP G 315 7.24 9.52 70.04
CA ASP G 315 7.89 10.36 69.04
C ASP G 315 6.91 10.54 67.89
N GLU G 316 6.02 11.50 68.03
CA GLU G 316 4.93 11.71 67.06
C GLU G 316 4.43 13.14 67.23
N SER G 317 3.30 13.43 66.55
CA SER G 317 2.62 14.74 66.57
C SER G 317 3.54 15.86 66.12
N ASN G 318 4.41 15.56 65.16
CA ASN G 318 5.45 16.49 64.74
C ASN G 318 4.99 17.39 63.59
N ARG G 319 3.69 17.63 63.49
CA ARG G 319 3.10 18.53 62.52
C ARG G 319 2.82 19.90 63.12
N GLU G 320 2.96 20.03 64.43
CA GLU G 320 3.01 21.31 65.12
C GLU G 320 4.43 21.75 65.41
N GLY G 321 5.39 20.86 65.31
CA GLY G 321 6.77 21.13 65.69
C GLY G 321 7.56 19.83 65.72
N VAL G 322 8.31 19.59 66.80
CA VAL G 322 8.97 18.31 67.02
C VAL G 322 8.69 17.89 68.45
N ARG G 323 8.00 16.77 68.62
CA ARG G 323 7.81 16.17 69.93
C ARG G 323 8.48 14.81 69.90
N PHE G 324 9.77 14.80 70.22
CA PHE G 324 10.55 13.56 70.23
C PHE G 324 10.79 13.23 71.71
N VAL G 325 9.86 12.51 72.32
CA VAL G 325 9.83 12.34 73.75
C VAL G 325 10.04 10.88 74.10
N ILE G 326 11.01 10.62 74.97
CA ILE G 326 11.15 9.32 75.59
C ILE G 326 10.98 9.50 77.09
N GLU G 327 10.76 8.37 77.78
CA GLU G 327 10.70 8.37 79.23
C GLU G 327 11.63 7.29 79.75
N VAL G 328 12.65 7.71 80.50
CA VAL G 328 13.62 6.79 81.06
C VAL G 328 12.97 5.96 82.16
N LYS G 329 13.28 4.67 82.18
CA LYS G 329 12.73 3.73 83.15
C LYS G 329 13.17 4.08 84.57
N ARG G 330 12.50 3.46 85.53
CA ARG G 330 12.83 3.65 86.93
C ARG G 330 14.16 2.98 87.24
N ASP G 331 14.85 3.52 88.26
CA ASP G 331 16.20 3.13 88.67
C ASP G 331 17.19 3.27 87.51
N ALA G 332 17.10 4.40 86.81
CA ALA G 332 18.01 4.74 85.72
C ALA G 332 17.96 6.25 85.52
N SER G 333 19.13 6.88 85.41
CA SER G 333 19.18 8.30 85.15
C SER G 333 19.08 8.57 83.66
N ALA G 334 18.57 9.75 83.32
CA ALA G 334 18.40 10.10 81.92
C ALA G 334 19.73 10.41 81.26
N ASN G 335 20.65 11.03 82.01
CA ASN G 335 21.86 11.61 81.42
C ASN G 335 22.83 10.54 80.92
N VAL G 336 22.84 9.37 81.56
CA VAL G 336 23.68 8.28 81.09
C VAL G 336 23.21 7.76 79.73
N ILE G 337 21.89 7.63 79.56
CA ILE G 337 21.32 7.24 78.27
C ILE G 337 21.52 8.34 77.24
N LEU G 338 21.50 9.61 77.70
CA LEU G 338 21.80 10.73 76.81
C LEU G 338 23.23 10.66 76.28
N ASN G 339 24.19 10.42 77.17
CA ASN G 339 25.58 10.28 76.73
C ASN G 339 25.80 9.04 75.89
N ASN G 340 25.02 7.98 76.13
CA ASN G 340 25.14 6.78 75.30
C ASN G 340 24.59 7.03 73.90
N LEU G 341 23.50 7.78 73.78
CA LEU G 341 23.00 8.14 72.46
C LEU G 341 23.83 9.22 71.79
N PHE G 342 24.60 9.97 72.57
CA PHE G 342 25.61 10.84 71.99
C PHE G 342 26.79 10.04 71.46
N LYS G 343 27.12 8.94 72.14
CA LYS G 343 28.05 7.95 71.62
C LYS G 343 27.49 7.21 70.41
N MET G 344 26.16 7.18 70.26
CA MET G 344 25.54 6.68 69.04
C MET G 344 25.62 7.66 67.89
N THR G 345 26.17 8.87 68.11
CA THR G 345 26.56 9.86 67.10
C THR G 345 25.37 10.36 66.27
N GLN G 346 24.16 10.29 66.83
CA GLN G 346 22.99 10.78 66.15
C GLN G 346 22.28 11.89 66.87
N MET G 347 22.41 11.97 68.19
CA MET G 347 21.95 13.12 68.95
C MET G 347 23.06 14.10 69.25
N GLN G 348 24.31 13.72 68.97
CA GLN G 348 25.45 14.62 69.03
C GLN G 348 26.45 14.13 68.00
N THR G 349 26.82 15.00 67.07
CA THR G 349 27.55 14.57 65.88
C THR G 349 28.66 15.56 65.56
N ASN G 350 29.86 15.03 65.29
CA ASN G 350 30.98 15.84 64.81
C ASN G 350 30.73 16.20 63.36
N PHE G 351 30.19 17.39 63.14
CA PHE G 351 29.89 17.87 61.80
C PHE G 351 31.09 18.64 61.28
N GLY G 352 31.80 18.08 60.30
CA GLY G 352 32.97 18.72 59.78
C GLY G 352 32.65 19.83 58.79
N PHE G 353 33.69 20.53 58.37
CA PHE G 353 33.58 21.56 57.35
C PHE G 353 34.81 21.52 56.47
N ASN G 354 34.60 21.46 55.16
CA ASN G 354 35.72 21.57 54.24
C ASN G 354 35.89 23.00 53.74
N MET G 355 34.77 23.64 53.36
CA MET G 355 34.69 25.08 53.09
C MET G 355 35.63 25.50 51.97
N LEU G 356 35.37 24.95 50.79
CA LEU G 356 36.15 25.24 49.61
C LEU G 356 35.29 26.06 48.65
N ALA G 357 35.93 26.58 47.61
CA ALA G 357 35.21 27.41 46.66
C ALA G 357 35.84 27.35 45.29
N ILE G 358 35.13 27.89 44.31
CA ILE G 358 35.57 27.97 42.92
C ILE G 358 35.51 29.43 42.48
N GLN G 359 36.62 29.95 41.99
CA GLN G 359 36.66 31.26 41.37
C GLN G 359 37.91 31.31 40.50
N ASN G 360 37.79 32.01 39.36
CA ASN G 360 38.86 32.19 38.37
C ASN G 360 39.37 30.84 37.84
N GLY G 361 38.49 29.86 37.79
CA GLY G 361 38.86 28.53 37.39
C GLY G 361 39.60 27.71 38.43
N ILE G 362 39.85 28.25 39.62
CA ILE G 362 40.59 27.47 40.62
C ILE G 362 39.72 27.25 41.85
N PRO G 363 39.93 26.15 42.57
CA PRO G 363 39.36 26.03 43.91
C PRO G 363 40.18 26.86 44.90
N LYS G 364 39.63 27.00 46.09
CA LYS G 364 40.26 27.85 47.10
C LYS G 364 39.78 27.46 48.48
N ILE G 365 40.72 27.36 49.40
CA ILE G 365 40.40 27.26 50.81
C ILE G 365 39.92 28.61 51.31
N LEU G 366 38.84 28.61 52.07
CA LEU G 366 38.08 29.81 52.34
C LEU G 366 38.41 30.43 53.69
N SER G 367 38.32 31.76 53.74
CA SER G 367 38.18 32.53 54.95
C SER G 367 37.34 33.75 54.61
N LEU G 368 37.06 34.57 55.61
CA LEU G 368 36.37 35.80 55.29
C LEU G 368 37.36 36.86 54.86
N ARG G 369 36.82 38.04 54.54
CA ARG G 369 37.36 39.08 53.66
C ARG G 369 37.59 38.59 52.24
N GLN G 370 37.07 37.42 51.89
CA GLN G 370 37.20 36.85 50.55
C GLN G 370 35.83 36.76 49.90
N ILE G 371 34.91 36.04 50.57
CA ILE G 371 33.47 36.18 50.35
C ILE G 371 33.08 37.65 50.39
N LEU G 372 33.58 38.36 51.40
CA LEU G 372 33.16 39.72 51.68
C LEU G 372 33.60 40.67 50.58
N ASP G 373 34.91 40.75 50.34
CA ASP G 373 35.43 41.64 49.32
C ASP G 373 35.00 41.24 47.92
N ALA G 374 34.81 39.94 47.69
CA ALA G 374 34.34 39.46 46.40
C ALA G 374 32.93 39.95 46.12
N TYR G 375 32.02 39.79 47.10
CA TYR G 375 30.66 40.29 46.94
C TYR G 375 30.64 41.80 46.81
N ILE G 376 31.52 42.50 47.55
CA ILE G 376 31.59 43.95 47.51
C ILE G 376 31.97 44.44 46.11
N GLU G 377 33.05 43.88 45.56
CA GLU G 377 33.51 44.35 44.26
C GLU G 377 32.60 43.87 43.14
N HIS G 378 31.89 42.76 43.34
CA HIS G 378 30.88 42.34 42.38
C HIS G 378 29.72 43.33 42.34
N GLN G 379 29.24 43.75 43.51
CA GLN G 379 28.18 44.75 43.54
C GLN G 379 28.68 46.10 43.01
N LYS G 380 29.97 46.40 43.20
CA LYS G 380 30.56 47.58 42.59
C LYS G 380 30.48 47.53 41.07
N GLU G 381 30.85 46.38 40.50
CA GLU G 381 30.72 46.15 39.06
C GLU G 381 29.28 46.36 38.59
N VAL G 382 28.33 45.78 39.32
CA VAL G 382 26.92 45.82 38.94
C VAL G 382 26.40 47.25 38.94
N VAL G 383 26.70 47.99 40.02
CA VAL G 383 26.18 49.34 40.17
C VAL G 383 26.82 50.28 39.16
N VAL G 384 28.13 50.18 38.95
CA VAL G 384 28.82 51.09 38.04
C VAL G 384 28.40 50.82 36.60
N ARG G 385 28.22 49.55 36.23
CA ARG G 385 27.80 49.24 34.87
C ARG G 385 26.35 49.65 34.64
N ARG G 386 25.52 49.52 35.69
CA ARG G 386 24.17 50.05 35.65
C ARG G 386 24.17 51.57 35.45
N THR G 387 25.11 52.25 36.12
CA THR G 387 25.24 53.69 35.98
C THR G 387 25.63 54.08 34.57
N ARG G 388 26.55 53.32 33.97
CA ARG G 388 26.97 53.57 32.60
C ARG G 388 25.82 53.37 31.62
N PHE G 389 25.03 52.31 31.81
CA PHE G 389 23.89 52.06 30.94
C PHE G 389 22.82 53.13 31.09
N ASP G 390 22.60 53.60 32.31
CA ASP G 390 21.62 54.66 32.52
C ASP G 390 22.10 55.97 31.92
N LYS G 391 23.41 56.22 31.94
CA LYS G 391 23.96 57.36 31.22
C LYS G 391 23.76 57.23 29.72
N GLU G 392 23.86 56.00 29.21
CA GLU G 392 23.62 55.75 27.78
C GLU G 392 22.21 56.14 27.38
N LYS G 393 21.21 55.59 28.10
CA LYS G 393 19.81 55.94 27.84
C LYS G 393 19.55 57.43 28.02
N ALA G 394 20.10 58.02 29.09
CA ALA G 394 19.80 59.39 29.43
C ALA G 394 20.42 60.35 28.43
N GLU G 395 21.64 60.07 27.98
CA GLU G 395 22.28 60.97 27.02
C GLU G 395 21.73 60.78 25.62
N ALA G 396 21.25 59.58 25.28
CA ALA G 396 20.53 59.41 24.02
C ALA G 396 19.24 60.23 24.03
N ARG G 397 18.48 60.16 25.11
CA ARG G 397 17.24 60.91 25.18
C ARG G 397 17.51 62.41 25.30
N ALA G 398 18.64 62.78 25.90
CA ALA G 398 19.04 64.17 25.96
C ALA G 398 19.36 64.70 24.57
N HIS G 399 20.01 63.89 23.74
CA HIS G 399 20.28 64.26 22.35
C HIS G 399 18.98 64.44 21.57
N ILE G 400 18.00 63.57 21.85
CA ILE G 400 16.67 63.70 21.25
C ILE G 400 16.04 65.03 21.64
N LEU G 401 16.02 65.34 22.93
CA LEU G 401 15.36 66.57 23.37
C LEU G 401 16.14 67.82 22.99
N GLU G 402 17.46 67.71 22.79
CA GLU G 402 18.22 68.74 22.11
C GLU G 402 17.61 69.04 20.75
N GLY G 403 17.45 67.99 19.93
CA GLY G 403 16.82 68.17 18.63
C GLY G 403 15.40 68.71 18.71
N LEU G 404 14.66 68.30 19.75
CA LEU G 404 13.28 68.76 19.94
C LEU G 404 13.22 70.25 20.24
N LEU G 405 14.04 70.72 21.17
CA LEU G 405 14.02 72.13 21.54
C LEU G 405 14.55 73.02 20.44
N ILE G 406 15.58 72.55 19.71
CA ILE G 406 16.10 73.33 18.61
C ILE G 406 15.10 73.38 17.45
N ALA G 407 14.30 72.32 17.29
CA ALA G 407 13.17 72.38 16.36
C ALA G 407 12.14 73.39 16.80
N LEU G 408 11.75 73.35 18.08
CA LEU G 408 10.71 74.22 18.58
C LEU G 408 11.14 75.67 18.76
N ASP G 409 12.42 75.98 18.55
CA ASP G 409 12.85 77.37 18.49
C ASP G 409 12.19 78.09 17.32
N HIS G 410 12.53 77.70 16.09
CA HIS G 410 12.10 78.38 14.87
C HIS G 410 11.52 77.33 13.93
N ILE G 411 10.29 77.56 13.48
CA ILE G 411 9.51 76.48 12.89
C ILE G 411 9.03 76.85 11.48
N ASP G 412 8.43 78.03 11.34
CA ASP G 412 7.71 78.36 10.12
C ASP G 412 8.65 78.54 8.93
N GLU G 413 9.88 79.00 9.17
CA GLU G 413 10.87 79.08 8.10
C GLU G 413 11.24 77.69 7.61
N VAL G 414 11.37 76.74 8.54
CA VAL G 414 11.59 75.34 8.18
C VAL G 414 10.41 74.81 7.37
N ILE G 415 9.19 75.20 7.76
CA ILE G 415 7.98 74.79 7.03
C ILE G 415 8.02 75.30 5.59
N ARG G 416 8.36 76.56 5.42
CA ARG G 416 8.34 77.17 4.09
C ARG G 416 9.46 76.63 3.21
N ILE G 417 10.60 76.28 3.80
CA ILE G 417 11.66 75.68 3.00
C ILE G 417 11.32 74.22 2.67
N ILE G 418 10.56 73.54 3.53
CA ILE G 418 10.02 72.23 3.19
C ILE G 418 9.03 72.34 2.03
N ARG G 419 8.25 73.42 2.00
CA ARG G 419 7.39 73.67 0.83
C ARG G 419 8.20 73.96 -0.43
N ALA G 420 9.46 74.36 -0.30
CA ALA G 420 10.37 74.44 -1.43
C ALA G 420 11.11 73.12 -1.69
N SER G 421 10.58 72.00 -1.21
CA SER G 421 11.20 70.70 -1.41
C SER G 421 10.11 69.68 -1.71
N GLU G 422 10.55 68.49 -2.13
CA GLU G 422 9.62 67.42 -2.47
C GLU G 422 10.11 66.05 -2.02
N THR G 423 11.21 65.97 -1.29
CA THR G 423 11.80 64.69 -0.90
C THR G 423 12.30 64.81 0.54
N ASP G 424 12.12 63.74 1.31
CA ASP G 424 12.64 63.71 2.67
C ASP G 424 14.17 63.71 2.70
N ALA G 425 14.81 63.22 1.65
CA ALA G 425 16.26 63.39 1.52
C ALA G 425 16.61 64.85 1.27
N GLU G 426 15.85 65.51 0.39
CA GLU G 426 15.98 66.96 0.21
C GLU G 426 15.69 67.70 1.51
N ALA G 427 14.68 67.25 2.26
CA ALA G 427 14.36 67.90 3.52
C ALA G 427 15.46 67.69 4.55
N GLN G 428 16.11 66.52 4.51
CA GLN G 428 17.25 66.28 5.39
C GLN G 428 18.42 67.17 5.05
N ALA G 429 18.69 67.34 3.74
CA ALA G 429 19.76 68.24 3.31
C ALA G 429 19.43 69.68 3.67
N GLU G 430 18.15 70.06 3.56
CA GLU G 430 17.70 71.39 3.97
C GLU G 430 17.93 71.61 5.45
N LEU G 431 17.58 70.63 6.29
CA LEU G 431 17.79 70.75 7.73
C LEU G 431 19.27 70.80 8.09
N MET G 432 20.11 70.06 7.37
CA MET G 432 21.55 70.14 7.60
C MET G 432 22.09 71.51 7.18
N SER G 433 21.49 72.13 6.17
CA SER G 433 21.84 73.50 5.85
C SER G 433 21.34 74.48 6.91
N LYS G 434 20.18 74.19 7.51
CA LYS G 434 19.58 75.10 8.47
C LYS G 434 20.34 75.10 9.79
N PHE G 435 20.39 73.96 10.46
CA PHE G 435 20.95 73.88 11.80
C PHE G 435 21.71 72.58 11.97
N LYS G 436 22.42 72.48 13.08
CA LYS G 436 23.23 71.31 13.38
C LYS G 436 22.35 70.24 14.02
N LEU G 437 22.19 69.11 13.34
CA LEU G 437 21.33 68.04 13.82
C LEU G 437 22.00 66.70 13.54
N SER G 438 21.36 65.65 14.05
CA SER G 438 21.67 64.29 13.66
C SER G 438 20.66 63.83 12.62
N GLU G 439 20.99 62.71 11.97
CA GLU G 439 20.05 62.06 11.07
C GLU G 439 18.80 61.62 11.81
N ARG G 440 19.00 60.99 12.97
CA ARG G 440 17.91 60.65 13.87
C ARG G 440 17.16 61.89 14.32
N GLN G 441 17.89 62.96 14.64
CA GLN G 441 17.27 64.21 15.06
C GLN G 441 16.44 64.82 13.95
N SER G 442 16.99 64.85 12.73
CA SER G 442 16.27 65.38 11.57
C SER G 442 14.99 64.59 11.30
N GLN G 443 15.09 63.26 11.36
CA GLN G 443 13.92 62.45 11.06
C GLN G 443 12.89 62.50 12.19
N ALA G 444 13.34 62.70 13.43
CA ALA G 444 12.38 62.85 14.52
C ALA G 444 11.68 64.21 14.45
N ILE G 445 12.38 65.24 13.97
CA ILE G 445 11.72 66.51 13.73
C ILE G 445 10.76 66.39 12.56
N LEU G 446 11.09 65.55 11.58
CA LEU G 446 10.12 65.19 10.56
C LEU G 446 8.93 64.44 11.13
N ASP G 447 9.13 63.75 12.26
CA ASP G 447 8.04 63.08 12.96
C ASP G 447 7.33 64.07 13.88
N MET G 448 6.61 64.99 13.26
CA MET G 448 5.87 66.01 13.98
C MET G 448 4.57 66.29 13.22
N ARG G 449 3.44 65.88 13.77
CA ARG G 449 2.14 66.28 13.25
C ARG G 449 1.80 67.68 13.75
N LEU G 450 0.57 68.14 13.47
CA LEU G 450 0.21 69.52 13.82
C LEU G 450 -0.01 69.69 15.31
N ARG G 451 -0.31 68.60 16.02
CA ARG G 451 -0.39 68.60 17.48
C ARG G 451 0.90 69.06 18.14
N ARG G 452 2.03 68.94 17.43
CA ARG G 452 3.35 69.35 17.89
C ARG G 452 3.57 70.85 17.75
N LEU G 453 2.57 71.61 17.31
CA LEU G 453 2.78 73.00 16.96
C LEU G 453 2.27 73.97 18.02
N THR G 454 2.42 73.60 19.29
CA THR G 454 2.04 74.45 20.40
C THR G 454 3.26 74.93 21.15
N GLY G 455 3.03 75.79 22.15
CA GLY G 455 4.10 76.40 22.90
C GLY G 455 4.22 75.93 24.33
N LEU G 456 3.15 75.36 24.87
CA LEU G 456 3.20 74.81 26.23
C LEU G 456 4.05 73.56 26.27
N GLU G 457 3.94 72.72 25.24
CA GLU G 457 4.74 71.51 25.17
C GLU G 457 6.20 71.81 24.92
N ARG G 458 6.51 72.99 24.34
CA ARG G 458 7.89 73.47 24.28
C ARG G 458 8.48 73.61 25.68
N ASP G 459 7.72 74.25 26.57
CA ASP G 459 8.15 74.40 27.96
C ASP G 459 8.22 73.05 28.66
N LYS G 460 7.33 72.12 28.31
CA LYS G 460 7.36 70.81 28.94
C LYS G 460 8.60 70.02 28.53
N ILE G 461 8.94 70.07 27.24
CA ILE G 461 10.16 69.41 26.76
C ILE G 461 11.40 70.08 27.34
N GLN G 462 11.37 71.41 27.49
CA GLN G 462 12.49 72.11 28.12
C GLN G 462 12.64 71.73 29.59
N SER G 463 11.52 71.55 30.28
CA SER G 463 11.55 71.18 31.69
C SER G 463 12.10 69.77 31.88
N GLU G 464 11.63 68.82 31.06
CA GLU G 464 12.17 67.46 31.18
C GLU G 464 13.60 67.40 30.68
N TYR G 465 13.96 68.30 29.76
CA TYR G 465 15.34 68.40 29.27
C TYR G 465 16.28 68.84 30.38
N ASP G 466 15.89 69.87 31.13
CA ASP G 466 16.69 70.31 32.26
C ASP G 466 16.71 69.27 33.37
N ASP G 467 15.59 68.56 33.56
CA ASP G 467 15.54 67.44 34.52
C ASP G 467 16.52 66.34 34.13
N LEU G 468 16.57 66.02 32.84
CA LEU G 468 17.44 64.95 32.38
C LEU G 468 18.90 65.38 32.43
N LEU G 469 19.19 66.66 32.14
CA LEU G 469 20.54 67.17 32.30
C LEU G 469 20.98 67.14 33.77
N ALA G 470 20.05 67.48 34.67
CA ALA G 470 20.35 67.42 36.10
C ALA G 470 20.62 65.99 36.55
N LEU G 471 19.85 65.03 36.03
CA LEU G 471 20.06 63.64 36.39
C LEU G 471 21.36 63.09 35.79
N ILE G 472 21.72 63.53 34.59
CA ILE G 472 23.00 63.14 33.98
C ILE G 472 24.17 63.69 34.80
N ALA G 473 24.08 64.95 35.21
CA ALA G 473 25.14 65.53 36.05
C ALA G 473 25.19 64.85 37.41
N ASP G 474 24.04 64.43 37.93
CA ASP G 474 24.00 63.66 39.18
C ASP G 474 24.71 62.32 39.02
N LEU G 475 24.45 61.62 37.92
CA LEU G 475 25.10 60.33 37.69
C LEU G 475 26.60 60.50 37.44
N ALA G 476 27.01 61.59 36.80
CA ALA G 476 28.43 61.85 36.59
C ALA G 476 29.12 62.15 37.92
N ASP G 477 28.45 62.92 38.80
CA ASP G 477 29.04 63.21 40.10
C ASP G 477 29.06 61.97 40.99
N ILE G 478 28.06 61.09 40.85
CA ILE G 478 28.08 59.81 41.54
C ILE G 478 29.23 58.94 41.04
N LEU G 479 29.50 58.98 39.73
CA LEU G 479 30.65 58.26 39.19
C LEU G 479 31.97 58.86 39.66
N ALA G 480 31.98 60.15 39.97
CA ALA G 480 33.12 60.73 40.69
C ALA G 480 32.89 60.74 42.20
N LYS G 481 32.43 59.61 42.75
CA LYS G 481 32.21 59.38 44.18
C LYS G 481 32.32 57.90 44.50
N PRO G 482 33.36 57.48 45.24
CA PRO G 482 33.45 56.06 45.59
C PRO G 482 32.47 55.65 46.68
N GLU G 483 32.23 56.52 47.66
CA GLU G 483 31.40 56.17 48.80
C GLU G 483 29.92 56.12 48.45
N ARG G 484 29.52 56.85 47.40
CA ARG G 484 28.12 56.88 46.97
C ARG G 484 27.64 55.51 46.53
N VAL G 485 28.54 54.72 45.94
CA VAL G 485 28.23 53.35 45.55
C VAL G 485 27.88 52.52 46.79
N SER G 486 28.69 52.66 47.84
CA SER G 486 28.42 51.99 49.11
C SER G 486 27.12 52.48 49.73
N GLN G 487 26.78 53.75 49.51
CA GLN G 487 25.52 54.28 50.01
C GLN G 487 24.34 53.66 49.27
N ILE G 488 24.47 53.45 47.97
CA ILE G 488 23.43 52.75 47.20
C ILE G 488 23.29 51.30 47.67
N ILE G 489 24.42 50.69 48.01
CA ILE G 489 24.39 49.34 48.59
C ILE G 489 23.64 49.35 49.92
N LYS G 490 23.91 50.37 50.74
CA LYS G 490 23.16 50.57 51.98
C LYS G 490 21.67 50.77 51.72
N ASP G 491 21.35 51.44 50.61
CA ASP G 491 19.95 51.67 50.25
C ASP G 491 19.24 50.36 49.96
N GLU G 492 19.86 49.51 49.15
CA GLU G 492 19.23 48.23 48.83
C GLU G 492 19.19 47.30 50.04
N LEU G 493 20.21 47.37 50.91
CA LEU G 493 20.19 46.64 52.17
C LEU G 493 19.04 47.10 53.05
N ASP G 494 18.80 48.40 53.11
CA ASP G 494 17.70 48.88 53.94
C ASP G 494 16.35 48.58 53.32
N GLU G 495 16.30 48.51 51.99
CA GLU G 495 15.10 48.05 51.29
C GLU G 495 14.73 46.65 51.71
N VAL G 496 15.68 45.71 51.55
CA VAL G 496 15.38 44.33 51.90
C VAL G 496 15.29 44.14 53.40
N LYS G 497 15.82 45.06 54.19
CA LYS G 497 15.72 44.95 55.64
C LYS G 497 14.35 45.43 56.13
N ARG G 498 13.82 46.49 55.52
CA ARG G 498 12.44 46.88 55.80
C ARG G 498 11.47 45.82 55.30
N LYS G 499 11.80 45.20 54.17
CA LYS G 499 10.91 44.17 53.65
C LYS G 499 11.00 42.90 54.47
N PHE G 500 12.20 42.47 54.83
CA PHE G 500 12.33 41.18 55.50
C PHE G 500 13.44 41.22 56.55
N SER G 501 13.29 40.33 57.53
CA SER G 501 14.31 40.07 58.53
C SER G 501 14.08 38.66 59.06
N ASP G 502 15.06 38.15 59.79
CA ASP G 502 14.91 36.84 60.41
C ASP G 502 15.79 36.78 61.63
N LYS G 503 15.33 36.04 62.63
CA LYS G 503 16.05 35.87 63.89
C LYS G 503 16.77 34.53 63.90
N ARG G 504 17.54 34.30 64.97
CA ARG G 504 18.27 33.05 65.15
C ARG G 504 17.30 32.02 65.73
N ARG G 505 16.66 31.26 64.85
CA ARG G 505 15.84 30.15 65.31
C ARG G 505 16.70 29.06 65.92
N THR G 506 17.92 28.88 65.41
CA THR G 506 18.84 27.89 65.94
C THR G 506 19.41 28.40 67.25
N GLU G 507 18.91 27.86 68.36
CA GLU G 507 19.33 28.29 69.69
C GLU G 507 20.64 27.61 70.03
N LEU G 508 21.71 28.40 70.10
CA LEU G 508 23.06 27.88 70.28
C LEU G 508 23.63 28.35 71.60
N MET G 509 23.96 27.42 72.48
CA MET G 509 24.71 27.70 73.69
C MET G 509 26.13 27.19 73.55
N VAL G 510 27.09 27.95 74.05
CA VAL G 510 28.49 27.62 73.90
C VAL G 510 29.15 27.48 75.26
N LEU H 30 -51.19 14.24 31.92
CA LEU H 30 -50.40 14.31 30.70
C LEU H 30 -50.27 15.75 30.20
N VAL H 31 -51.22 16.15 29.37
CA VAL H 31 -51.17 17.48 28.75
C VAL H 31 -51.72 18.52 29.73
N ASN H 32 -53.01 18.38 30.05
CA ASN H 32 -53.74 19.24 31.00
C ASN H 32 -53.66 20.72 30.66
N VAL H 33 -53.49 21.05 29.39
CA VAL H 33 -53.39 22.44 28.95
C VAL H 33 -54.79 22.92 28.61
N ASN H 34 -55.25 23.93 29.35
CA ASN H 34 -56.63 24.37 29.29
C ASN H 34 -56.84 25.56 28.37
N LEU H 35 -55.85 26.45 28.25
CA LEU H 35 -55.98 27.65 27.44
C LEU H 35 -55.88 27.29 25.96
N THR H 36 -57.00 27.40 25.26
CA THR H 36 -57.00 27.14 23.83
C THR H 36 -56.26 28.21 23.05
N LYS H 37 -56.16 29.43 23.59
CA LYS H 37 -55.51 30.53 22.88
C LYS H 37 -54.02 30.26 22.69
N GLU H 38 -53.34 29.84 23.75
CA GLU H 38 -51.91 29.52 23.63
C GLU H 38 -51.70 28.27 22.81
N MET H 39 -52.66 27.34 22.82
CA MET H 39 -52.61 26.19 21.92
C MET H 39 -52.66 26.64 20.46
N LYS H 40 -53.55 27.58 20.14
CA LYS H 40 -53.66 28.10 18.78
C LYS H 40 -52.42 28.88 18.38
N ALA H 41 -51.87 29.67 19.29
CA ALA H 41 -50.70 30.48 18.98
C ALA H 41 -49.46 29.60 18.78
N SER H 42 -49.25 28.64 19.69
CA SER H 42 -48.20 27.65 19.54
C SER H 42 -48.40 26.80 18.31
N PHE H 43 -49.65 26.57 17.91
CA PHE H 43 -49.92 25.77 16.72
C PHE H 43 -49.61 26.55 15.44
N ILE H 44 -49.88 27.85 15.43
CA ILE H 44 -49.51 28.68 14.30
C ILE H 44 -48.00 28.77 14.18
N ASP H 45 -47.31 28.97 15.31
CA ASP H 45 -45.86 28.98 15.30
C ASP H 45 -45.31 27.61 14.89
N TYR H 46 -45.99 26.54 15.31
CA TYR H 46 -45.64 25.17 14.92
C TYR H 46 -45.70 25.00 13.41
N ALA H 47 -46.83 25.37 12.81
CA ALA H 47 -47.04 25.21 11.37
C ALA H 47 -46.06 26.05 10.57
N MET H 48 -45.98 27.34 10.89
CA MET H 48 -45.09 28.24 10.15
C MET H 48 -43.63 27.90 10.37
N SER H 49 -43.27 27.37 11.53
CA SER H 49 -41.88 27.03 11.78
C SER H 49 -41.50 25.75 11.05
N VAL H 50 -42.42 24.80 10.94
CA VAL H 50 -42.15 23.60 10.14
C VAL H 50 -42.08 23.97 8.67
N ILE H 51 -42.85 24.97 8.24
CA ILE H 51 -42.70 25.53 6.90
C ILE H 51 -41.30 26.09 6.71
N VAL H 52 -40.92 27.06 7.54
CA VAL H 52 -39.66 27.78 7.43
C VAL H 52 -38.45 26.86 7.53
N ALA H 53 -38.57 25.78 8.31
CA ALA H 53 -37.45 24.88 8.57
C ALA H 53 -37.01 24.15 7.30
N ARG H 54 -37.90 23.38 6.70
CA ARG H 54 -37.51 22.56 5.56
C ARG H 54 -37.67 23.36 4.27
N ALA H 55 -37.49 22.68 3.13
CA ALA H 55 -37.19 23.33 1.86
C ALA H 55 -38.39 24.13 1.34
N LEU H 56 -38.11 25.34 0.87
CA LEU H 56 -39.17 26.25 0.47
C LEU H 56 -38.83 26.94 -0.85
N PRO H 57 -39.85 27.26 -1.65
CA PRO H 57 -39.62 28.07 -2.84
C PRO H 57 -39.40 29.53 -2.51
N ASP H 58 -38.16 29.89 -2.22
CA ASP H 58 -37.87 31.22 -1.72
C ASP H 58 -37.92 32.24 -2.86
N VAL H 59 -37.75 33.50 -2.50
CA VAL H 59 -37.69 34.56 -3.49
C VAL H 59 -36.37 34.49 -4.25
N ARG H 60 -35.28 34.29 -3.55
CA ARG H 60 -33.96 34.58 -4.06
C ARG H 60 -33.05 33.38 -4.20
N ASP H 61 -33.29 32.30 -3.47
CA ASP H 61 -32.48 31.11 -3.68
C ASP H 61 -33.28 29.83 -3.77
N GLY H 62 -34.54 29.81 -3.33
CA GLY H 62 -35.31 28.57 -3.30
C GLY H 62 -34.80 27.54 -2.33
N LEU H 63 -33.89 27.88 -1.44
CA LEU H 63 -33.13 26.86 -0.77
C LEU H 63 -33.71 26.52 0.59
N LYS H 64 -33.10 25.57 1.22
CA LYS H 64 -33.22 25.39 2.64
C LYS H 64 -32.42 26.48 3.34
N PRO H 65 -32.80 26.87 4.56
CA PRO H 65 -31.95 27.81 5.30
C PRO H 65 -30.62 27.20 5.68
N VAL H 66 -30.56 25.88 5.80
CA VAL H 66 -29.31 25.20 6.13
C VAL H 66 -28.31 25.34 5.00
N HIS H 67 -28.80 25.40 3.76
CA HIS H 67 -27.96 25.66 2.60
C HIS H 67 -27.29 27.01 2.72
N ARG H 68 -28.09 28.02 3.07
CA ARG H 68 -27.60 29.37 3.34
C ARG H 68 -26.58 29.36 4.45
N ARG H 69 -26.81 28.55 5.48
CA ARG H 69 -25.85 28.41 6.57
C ARG H 69 -24.52 27.88 6.07
N ILE H 70 -24.58 26.83 5.24
CA ILE H 70 -23.38 26.22 4.66
C ILE H 70 -22.60 27.26 3.87
N LEU H 71 -23.31 28.00 3.02
CA LEU H 71 -22.66 28.95 2.14
C LEU H 71 -22.04 30.09 2.91
N TYR H 72 -22.78 30.63 3.89
CA TYR H 72 -22.29 31.79 4.61
C TYR H 72 -21.14 31.40 5.52
N GLY H 73 -21.16 30.18 6.05
CA GLY H 73 -20.03 29.71 6.85
C GLY H 73 -18.79 29.46 6.02
N MET H 74 -18.98 28.81 4.86
CA MET H 74 -17.87 28.58 3.95
C MET H 74 -17.27 29.88 3.45
N ASN H 75 -18.12 30.91 3.27
CA ASN H 75 -17.62 32.19 2.80
C ASN H 75 -16.87 32.91 3.91
N GLU H 76 -17.50 33.09 5.06
CA GLU H 76 -16.87 33.89 6.10
C GLU H 76 -15.79 33.14 6.88
N LEU H 77 -15.56 31.86 6.59
CA LEU H 77 -14.30 31.27 6.98
C LEU H 77 -13.24 31.40 5.91
N GLY H 78 -13.61 31.84 4.71
CA GLY H 78 -12.65 32.06 3.65
C GLY H 78 -12.04 30.80 3.09
N VAL H 79 -12.78 29.69 3.09
CA VAL H 79 -12.24 28.41 2.62
C VAL H 79 -12.47 28.39 1.11
N THR H 80 -11.47 28.82 0.37
CA THR H 80 -11.57 28.89 -1.07
C THR H 80 -11.22 27.56 -1.71
N PRO H 81 -11.67 27.32 -2.95
CA PRO H 81 -11.07 26.25 -3.75
C PRO H 81 -9.66 26.56 -4.20
N ASP H 82 -9.22 27.81 -4.05
CA ASP H 82 -7.82 28.16 -4.30
C ASP H 82 -6.90 27.45 -3.32
N LYS H 83 -7.22 27.55 -2.04
CA LYS H 83 -6.50 26.83 -1.00
C LYS H 83 -6.82 25.33 -1.10
N PRO H 84 -5.96 24.46 -0.53
CA PRO H 84 -6.24 23.01 -0.61
C PRO H 84 -7.42 22.53 0.21
N HIS H 85 -7.61 21.21 0.19
CA HIS H 85 -8.78 20.54 0.76
C HIS H 85 -8.78 20.64 2.28
N LYS H 86 -9.92 20.31 2.89
CA LYS H 86 -10.00 20.37 4.34
C LYS H 86 -11.00 19.34 4.86
N LYS H 87 -10.70 18.77 6.02
CA LYS H 87 -11.65 17.95 6.77
C LYS H 87 -12.89 18.76 7.09
N SER H 88 -14.05 18.26 6.65
CA SER H 88 -15.25 19.07 6.59
C SER H 88 -16.24 18.80 7.72
N ALA H 89 -16.11 17.68 8.44
CA ALA H 89 -16.94 17.47 9.61
C ALA H 89 -16.56 18.43 10.73
N ARG H 90 -15.29 18.81 10.79
CA ARG H 90 -14.84 19.88 11.68
C ARG H 90 -15.54 21.19 11.33
N ILE H 91 -15.64 21.48 10.04
CA ILE H 91 -16.32 22.69 9.59
C ILE H 91 -17.80 22.60 9.88
N THR H 92 -18.36 21.40 9.78
CA THR H 92 -19.76 21.15 10.10
C THR H 92 -20.05 21.45 11.56
N GLY H 93 -19.20 20.94 12.45
CA GLY H 93 -19.33 21.26 13.87
C GLY H 93 -19.09 22.72 14.19
N ASP H 94 -18.20 23.38 13.44
CA ASP H 94 -17.96 24.81 13.62
C ASP H 94 -19.21 25.62 13.30
N VAL H 95 -19.84 25.31 12.17
CA VAL H 95 -21.06 26.03 11.79
C VAL H 95 -22.21 25.69 12.73
N MET H 96 -22.28 24.42 13.15
CA MET H 96 -23.28 23.99 14.12
C MET H 96 -23.13 24.71 15.44
N GLY H 97 -21.90 24.96 15.87
CA GLY H 97 -21.68 25.69 17.11
C GLY H 97 -21.84 27.18 16.98
N LYS H 98 -21.58 27.73 15.79
CA LYS H 98 -21.87 29.14 15.57
C LYS H 98 -23.36 29.38 15.42
N TYR H 99 -24.13 28.35 15.12
CA TYR H 99 -25.57 28.42 14.98
C TYR H 99 -26.24 27.56 16.03
N HIS H 100 -27.53 27.32 15.83
CA HIS H 100 -28.35 26.65 16.81
C HIS H 100 -27.94 25.19 17.01
N PRO H 101 -28.34 24.56 18.15
CA PRO H 101 -27.92 23.16 18.40
C PRO H 101 -28.70 22.09 17.64
N HIS H 102 -29.26 22.43 16.49
CA HIS H 102 -30.06 21.56 15.62
C HIS H 102 -29.40 20.23 15.27
N GLY H 103 -30.20 19.27 14.78
CA GLY H 103 -29.73 17.91 14.62
C GLY H 103 -28.85 17.70 13.40
N ASP H 104 -27.94 16.73 13.52
CA ASP H 104 -26.86 16.53 12.56
C ASP H 104 -27.33 15.95 11.24
N SER H 105 -28.51 15.33 11.24
CA SER H 105 -28.93 14.44 10.15
C SER H 105 -29.07 15.21 8.84
N SER H 106 -30.00 16.16 8.79
CA SER H 106 -30.25 16.95 7.59
C SER H 106 -29.05 17.80 7.22
N ILE H 107 -28.24 18.18 8.21
CA ILE H 107 -27.00 18.90 7.95
C ILE H 107 -26.08 18.08 7.07
N TYR H 108 -25.74 16.87 7.52
CA TYR H 108 -24.84 16.03 6.75
C TYR H 108 -25.49 15.55 5.45
N GLU H 109 -26.82 15.44 5.45
CA GLU H 109 -27.56 15.13 4.23
C GLU H 109 -27.34 16.19 3.16
N ALA H 110 -27.59 17.45 3.48
CA ALA H 110 -27.42 18.51 2.50
C ALA H 110 -25.96 18.72 2.15
N MET H 111 -25.06 18.46 3.10
CA MET H 111 -23.62 18.42 2.83
C MET H 111 -23.30 17.45 1.72
N VAL H 112 -23.89 16.26 1.75
CA VAL H 112 -23.67 15.30 0.68
C VAL H 112 -24.36 15.76 -0.60
N ARG H 113 -25.61 16.23 -0.48
CA ARG H 113 -26.43 16.54 -1.66
C ARG H 113 -25.84 17.65 -2.51
N MET H 114 -25.32 18.70 -1.90
CA MET H 114 -24.68 19.73 -2.70
C MET H 114 -23.26 19.39 -3.11
N ALA H 115 -22.78 18.20 -2.73
CA ALA H 115 -21.55 17.65 -3.27
C ALA H 115 -21.81 16.58 -4.33
N GLN H 116 -23.04 16.04 -4.39
CA GLN H 116 -23.39 15.08 -5.42
C GLN H 116 -23.39 15.74 -6.78
N TRP H 117 -22.51 15.29 -7.67
CA TRP H 117 -22.42 15.93 -8.97
C TRP H 117 -23.59 15.58 -9.86
N TRP H 118 -24.15 14.38 -9.71
CA TRP H 118 -25.11 13.89 -10.69
C TRP H 118 -26.52 14.33 -10.36
N SER H 119 -26.82 14.57 -9.10
CA SER H 119 -28.20 14.81 -8.71
C SER H 119 -28.59 16.26 -8.97
N TYR H 120 -27.94 17.19 -8.30
CA TYR H 120 -28.10 18.59 -8.66
C TYR H 120 -27.34 18.87 -9.94
N ARG H 121 -27.94 19.67 -10.81
CA ARG H 121 -27.39 19.92 -12.13
C ARG H 121 -26.10 20.71 -12.07
N TYR H 122 -25.88 21.47 -11.01
CA TYR H 122 -24.76 22.39 -10.98
C TYR H 122 -23.90 22.09 -9.76
N MET H 123 -22.63 22.49 -9.85
CA MET H 123 -21.61 22.08 -8.89
C MET H 123 -21.48 23.11 -7.78
N LEU H 124 -21.58 22.64 -6.53
CA LEU H 124 -21.41 23.51 -5.38
C LEU H 124 -20.27 23.07 -4.48
N VAL H 125 -20.25 21.80 -4.06
CA VAL H 125 -19.28 21.32 -3.09
C VAL H 125 -18.42 20.27 -3.77
N ASP H 126 -17.11 20.42 -3.66
CA ASP H 126 -16.16 19.52 -4.30
C ASP H 126 -15.65 18.54 -3.25
N GLY H 127 -16.34 17.42 -3.09
CA GLY H 127 -15.94 16.40 -2.13
C GLY H 127 -14.70 15.64 -2.59
N HIS H 128 -14.25 14.72 -1.72
CA HIS H 128 -13.10 13.91 -2.08
C HIS H 128 -13.25 12.45 -1.71
N GLY H 129 -14.34 12.03 -1.09
CA GLY H 129 -14.38 10.71 -0.50
C GLY H 129 -15.34 9.71 -1.11
N ASN H 130 -16.13 9.07 -0.25
CA ASN H 130 -16.92 7.91 -0.60
C ASN H 130 -18.40 8.29 -0.61
N PHE H 131 -19.05 8.09 -1.74
CA PHE H 131 -20.42 8.56 -1.89
C PHE H 131 -21.38 7.51 -2.42
N GLY H 132 -20.94 6.67 -3.35
CA GLY H 132 -21.86 5.84 -4.11
C GLY H 132 -22.36 6.58 -5.35
N SER H 133 -22.37 5.94 -6.51
CA SER H 133 -22.45 6.71 -7.74
C SER H 133 -23.87 7.16 -8.07
N MET H 134 -24.76 6.23 -8.43
CA MET H 134 -26.18 6.55 -8.51
C MET H 134 -27.05 5.34 -8.21
N ASP H 135 -26.55 4.38 -7.45
CA ASP H 135 -27.28 3.11 -7.37
C ASP H 135 -27.61 2.70 -5.94
N GLY H 136 -28.16 3.61 -5.17
CA GLY H 136 -28.81 3.24 -3.92
C GLY H 136 -27.87 2.94 -2.77
N ASP H 137 -26.61 3.34 -2.87
CA ASP H 137 -25.64 3.13 -1.79
C ASP H 137 -25.08 4.48 -1.39
N SER H 138 -25.79 5.17 -0.50
CA SER H 138 -25.36 6.46 -0.01
C SER H 138 -24.26 6.23 1.01
N ALA H 139 -23.01 6.32 0.57
CA ALA H 139 -21.88 6.13 1.46
C ALA H 139 -21.72 7.35 2.35
N ALA H 140 -21.73 7.13 3.66
CA ALA H 140 -21.82 8.22 4.64
C ALA H 140 -20.61 8.24 5.55
N ALA H 141 -19.41 8.19 4.96
CA ALA H 141 -18.17 8.15 5.74
C ALA H 141 -17.91 9.49 6.39
N GLN H 142 -18.43 9.67 7.60
CA GLN H 142 -18.32 10.94 8.31
C GLN H 142 -16.89 11.23 8.73
N ARG H 143 -16.09 10.18 8.93
CA ARG H 143 -14.68 10.37 9.22
C ARG H 143 -13.92 10.89 8.00
N TYR H 144 -14.35 10.49 6.81
CA TYR H 144 -13.62 10.77 5.59
C TYR H 144 -14.10 12.05 4.93
N THR H 145 -14.81 12.89 5.67
CA THR H 145 -15.51 14.05 5.10
C THR H 145 -14.48 15.13 4.82
N GLU H 146 -13.90 15.06 3.63
CA GLU H 146 -12.83 15.95 3.21
C GLU H 146 -13.23 16.56 1.88
N ALA H 147 -13.19 17.89 1.79
CA ALA H 147 -13.83 18.55 0.66
C ALA H 147 -13.28 19.97 0.47
N ARG H 148 -13.84 20.61 -0.55
CA ARG H 148 -13.75 22.03 -0.85
C ARG H 148 -15.12 22.44 -1.37
N MET H 149 -15.20 23.60 -1.99
CA MET H 149 -16.40 24.07 -2.67
C MET H 149 -16.11 24.25 -4.16
N SER H 150 -17.11 24.78 -4.89
CA SER H 150 -16.93 25.10 -6.30
C SER H 150 -16.67 26.59 -6.45
N LYS H 151 -16.41 27.02 -7.68
CA LYS H 151 -16.07 28.41 -7.97
C LYS H 151 -17.28 29.26 -8.29
N ILE H 152 -18.49 28.75 -8.06
CA ILE H 152 -19.69 29.47 -8.45
C ILE H 152 -20.22 30.32 -7.30
N ALA H 153 -19.75 30.12 -6.07
CA ALA H 153 -20.14 31.02 -5.00
C ALA H 153 -19.54 32.41 -5.17
N LEU H 154 -18.41 32.48 -5.89
CA LEU H 154 -17.84 33.76 -6.29
C LEU H 154 -18.77 34.53 -7.21
N GLU H 155 -19.62 33.83 -7.97
CA GLU H 155 -20.67 34.57 -8.64
C GLU H 155 -21.88 34.75 -7.74
N MET H 156 -22.08 33.84 -6.77
CA MET H 156 -23.29 33.84 -5.95
C MET H 156 -23.37 35.06 -5.03
N LEU H 157 -22.40 35.20 -4.13
CA LEU H 157 -22.59 36.29 -3.19
C LEU H 157 -21.24 36.83 -2.73
N ARG H 158 -21.16 38.17 -2.65
CA ARG H 158 -19.96 38.86 -2.22
C ARG H 158 -20.28 39.94 -1.20
N ASP H 159 -21.35 39.79 -0.42
CA ASP H 159 -21.79 40.85 0.47
C ASP H 159 -20.88 41.01 1.69
N ILE H 160 -19.69 41.54 1.48
CA ILE H 160 -18.83 41.89 2.61
C ILE H 160 -19.18 43.30 3.03
N ASN H 161 -18.99 44.24 2.12
CA ASN H 161 -19.29 45.64 2.34
C ASN H 161 -20.72 45.98 1.96
N LYS H 162 -21.46 45.02 1.44
CA LYS H 162 -22.67 45.31 0.68
C LYS H 162 -23.83 45.29 1.63
N ASN H 163 -24.37 46.47 1.91
CA ASN H 163 -25.52 46.60 2.81
C ASN H 163 -26.73 46.03 2.09
N THR H 164 -26.99 44.75 2.34
CA THR H 164 -28.06 44.05 1.63
C THR H 164 -29.12 43.49 2.56
N VAL H 165 -28.76 42.68 3.55
CA VAL H 165 -29.68 41.75 4.19
C VAL H 165 -29.60 41.91 5.70
N ASP H 166 -30.77 41.93 6.35
CA ASP H 166 -30.86 41.95 7.81
C ASP H 166 -30.28 40.66 8.41
N PHE H 167 -29.94 40.73 9.70
CA PHE H 167 -29.34 39.62 10.41
C PHE H 167 -30.13 39.32 11.67
N VAL H 168 -30.08 38.05 12.08
CA VAL H 168 -30.72 37.57 13.30
C VAL H 168 -29.62 37.00 14.20
N ASP H 169 -29.79 37.16 15.52
CA ASP H 169 -28.73 36.91 16.48
C ASP H 169 -29.08 35.73 17.39
N ASN H 170 -28.05 34.92 17.76
CA ASN H 170 -28.31 33.56 18.24
C ASN H 170 -27.89 33.26 19.67
N TYR H 171 -26.60 33.34 20.03
CA TYR H 171 -26.10 32.71 21.26
C TYR H 171 -26.16 33.77 22.35
N ASP H 172 -27.22 33.72 23.17
CA ASP H 172 -27.74 34.86 23.94
C ASP H 172 -27.98 36.08 23.04
N ALA H 173 -28.41 35.81 21.80
CA ALA H 173 -28.69 36.82 20.76
C ALA H 173 -27.48 37.75 20.52
N ASN H 174 -26.42 37.17 19.97
CA ASN H 174 -25.27 38.00 19.62
C ASN H 174 -24.88 37.97 18.14
N GLU H 175 -24.71 36.79 17.53
CA GLU H 175 -23.96 36.67 16.28
C GLU H 175 -24.89 36.64 15.08
N ARG H 176 -24.46 37.27 13.99
CA ARG H 176 -25.29 37.49 12.80
C ARG H 176 -25.69 36.18 12.13
N GLU H 177 -26.83 36.23 11.44
CA GLU H 177 -27.20 35.24 10.44
C GLU H 177 -28.09 35.93 9.41
N PRO H 178 -27.74 35.89 8.12
CA PRO H 178 -28.53 36.62 7.12
C PRO H 178 -29.89 35.97 6.87
N LEU H 179 -30.85 36.81 6.53
CA LEU H 179 -32.18 36.32 6.19
C LEU H 179 -32.17 35.54 4.88
N VAL H 180 -31.80 36.21 3.78
CA VAL H 180 -31.91 35.58 2.47
C VAL H 180 -30.54 35.41 1.83
N LEU H 181 -30.51 34.77 0.68
CA LEU H 181 -29.32 34.69 -0.17
C LEU H 181 -29.54 35.54 -1.40
N PRO H 182 -29.10 36.79 -1.40
CA PRO H 182 -29.12 37.57 -2.63
C PRO H 182 -28.08 37.05 -3.60
N ALA H 183 -28.24 37.44 -4.86
CA ALA H 183 -27.33 37.04 -5.92
C ALA H 183 -27.48 38.01 -7.08
N ARG H 184 -26.70 37.79 -8.14
CA ARG H 184 -26.90 38.45 -9.41
C ARG H 184 -27.44 37.47 -10.45
N PHE H 185 -27.96 36.35 -9.98
CA PHE H 185 -28.05 35.14 -10.77
C PHE H 185 -29.30 34.34 -10.43
N PRO H 186 -30.15 34.04 -11.40
CA PRO H 186 -31.21 33.06 -11.13
C PRO H 186 -30.74 31.64 -11.38
N ASN H 187 -29.55 31.29 -10.87
CA ASN H 187 -29.03 29.94 -11.06
C ASN H 187 -29.90 28.92 -10.34
N LEU H 188 -30.39 29.29 -9.16
CA LEU H 188 -31.06 28.34 -8.30
C LEU H 188 -32.52 28.19 -8.70
N LEU H 189 -33.01 29.12 -9.51
CA LEU H 189 -34.18 28.84 -10.35
C LEU H 189 -33.92 27.61 -11.22
N VAL H 190 -32.74 27.54 -11.80
CA VAL H 190 -32.47 26.53 -12.82
C VAL H 190 -31.96 25.25 -12.16
N ASN H 191 -31.65 25.31 -10.87
CA ASN H 191 -31.20 24.13 -10.16
C ASN H 191 -32.33 23.12 -9.94
N GLY H 192 -33.35 23.52 -9.19
CA GLY H 192 -34.40 22.58 -8.83
C GLY H 192 -34.59 22.45 -7.33
N ALA H 193 -35.82 22.11 -6.90
CA ALA H 193 -36.16 22.16 -5.48
C ALA H 193 -36.82 20.86 -5.06
N THR H 194 -36.85 20.64 -3.73
CA THR H 194 -37.24 19.36 -3.15
C THR H 194 -38.23 19.49 -1.98
N GLY H 195 -39.06 20.54 -1.96
CA GLY H 195 -39.85 20.77 -0.77
C GLY H 195 -41.28 20.28 -0.83
N ILE H 196 -41.52 19.10 -0.25
CA ILE H 196 -42.72 18.35 -0.59
C ILE H 196 -43.59 18.09 0.63
N ALA H 197 -43.05 17.36 1.60
CA ALA H 197 -43.88 16.70 2.61
C ALA H 197 -44.27 17.60 3.77
N VAL H 198 -43.98 18.90 3.69
CA VAL H 198 -44.16 19.77 4.84
C VAL H 198 -45.64 20.09 5.03
N GLY H 199 -46.19 20.84 4.09
CA GLY H 199 -47.61 21.06 4.05
C GLY H 199 -48.11 20.42 2.78
N MET H 200 -48.31 21.24 1.77
CA MET H 200 -48.52 20.74 0.43
C MET H 200 -47.17 20.60 -0.28
N ALA H 201 -47.19 19.94 -1.42
CA ALA H 201 -46.00 19.57 -2.16
C ALA H 201 -45.68 20.60 -3.24
N THR H 202 -44.39 20.75 -3.50
CA THR H 202 -43.90 21.52 -4.63
C THR H 202 -42.45 21.13 -4.90
N ASN H 203 -41.96 21.52 -6.07
CA ASN H 203 -40.57 21.31 -6.46
C ASN H 203 -40.16 22.42 -7.40
N ILE H 204 -38.92 22.35 -7.87
CA ILE H 204 -38.52 23.10 -9.05
C ILE H 204 -37.79 22.14 -9.98
N PRO H 205 -38.37 21.81 -11.13
CA PRO H 205 -37.64 21.06 -12.13
C PRO H 205 -36.56 21.92 -12.77
N PRO H 206 -35.47 21.31 -13.22
CA PRO H 206 -34.36 22.11 -13.77
C PRO H 206 -34.43 22.33 -15.28
N HIS H 207 -33.79 23.41 -15.71
CA HIS H 207 -33.44 23.70 -17.09
C HIS H 207 -31.91 23.68 -17.23
N ASN H 208 -31.41 24.13 -18.37
CA ASN H 208 -30.02 24.53 -18.45
C ASN H 208 -29.98 26.07 -18.44
N LEU H 209 -28.80 26.65 -18.63
CA LEU H 209 -28.56 28.05 -18.32
C LEU H 209 -28.47 28.97 -19.53
N GLY H 210 -28.03 28.49 -20.69
CA GLY H 210 -27.67 29.39 -21.77
C GLY H 210 -28.85 30.07 -22.42
N GLU H 211 -29.83 29.27 -22.85
CA GLU H 211 -31.06 29.85 -23.36
C GLU H 211 -31.89 30.52 -22.28
N THR H 212 -31.66 30.14 -21.02
CA THR H 212 -32.23 30.90 -19.91
C THR H 212 -31.69 32.33 -19.91
N ILE H 213 -30.37 32.48 -20.03
CA ILE H 213 -29.73 33.79 -20.18
C ILE H 213 -30.30 34.54 -21.38
N ASP H 214 -30.52 33.81 -22.49
CA ASP H 214 -31.05 34.41 -23.71
C ASP H 214 -32.44 35.00 -23.50
N ALA H 215 -33.36 34.18 -22.99
CA ALA H 215 -34.74 34.63 -22.80
C ALA H 215 -34.84 35.71 -21.73
N VAL H 216 -34.00 35.63 -20.69
CA VAL H 216 -33.97 36.66 -19.67
C VAL H 216 -33.54 37.99 -20.25
N LYS H 217 -32.43 38.00 -21.01
CA LYS H 217 -31.95 39.23 -21.63
C LYS H 217 -32.94 39.78 -22.65
N LEU H 218 -33.70 38.90 -23.30
CA LEU H 218 -34.76 39.37 -24.19
C LEU H 218 -35.88 40.05 -23.42
N VAL H 219 -36.21 39.55 -22.23
CA VAL H 219 -37.19 40.24 -21.40
C VAL H 219 -36.61 41.56 -20.89
N MET H 220 -35.30 41.59 -20.63
CA MET H 220 -34.63 42.79 -20.15
C MET H 220 -34.71 43.92 -21.17
N ASP H 221 -34.26 43.64 -22.39
CA ASP H 221 -34.30 44.66 -23.41
C ASP H 221 -35.67 44.85 -24.02
N ASN H 222 -36.59 43.91 -23.77
CA ASN H 222 -37.93 43.95 -24.36
C ASN H 222 -38.92 43.59 -23.26
N PRO H 223 -39.46 44.59 -22.57
CA PRO H 223 -40.33 44.32 -21.42
C PRO H 223 -41.75 43.90 -21.78
N GLU H 224 -42.07 43.73 -23.05
CA GLU H 224 -43.44 43.47 -23.49
C GLU H 224 -43.48 42.33 -24.49
N VAL H 225 -42.84 41.21 -24.15
CA VAL H 225 -42.80 40.05 -25.02
C VAL H 225 -43.86 39.05 -24.60
N THR H 226 -44.08 38.04 -25.45
CA THR H 226 -45.07 37.00 -25.19
C THR H 226 -44.40 35.72 -24.72
N THR H 227 -45.23 34.80 -24.23
CA THR H 227 -44.73 33.58 -23.63
C THR H 227 -44.17 32.63 -24.67
N LYS H 228 -44.96 32.32 -25.70
CA LYS H 228 -44.59 31.28 -26.65
C LYS H 228 -43.40 31.69 -27.51
N ASP H 229 -43.20 32.99 -27.70
CA ASP H 229 -42.01 33.44 -28.40
C ASP H 229 -40.76 33.29 -27.54
N LEU H 230 -40.93 33.20 -26.24
CA LEU H 230 -39.82 32.83 -25.38
C LEU H 230 -39.72 31.33 -25.20
N MET H 231 -40.82 30.61 -25.45
CA MET H 231 -40.74 29.16 -25.58
C MET H 231 -39.98 28.80 -26.84
N GLU H 232 -40.00 29.68 -27.83
CA GLU H 232 -39.08 29.58 -28.95
C GLU H 232 -37.65 29.75 -28.49
N VAL H 233 -37.43 30.52 -27.44
CA VAL H 233 -36.09 30.65 -26.88
C VAL H 233 -35.82 29.54 -25.87
N LEU H 234 -36.86 29.05 -25.17
CA LEU H 234 -36.66 28.12 -24.07
C LEU H 234 -36.95 26.70 -24.49
N PRO H 235 -35.97 25.80 -24.46
CA PRO H 235 -36.27 24.38 -24.67
C PRO H 235 -36.96 23.75 -23.47
N GLY H 236 -37.11 22.44 -23.51
CA GLY H 236 -37.75 21.71 -22.45
C GLY H 236 -36.99 21.75 -21.15
N PRO H 237 -37.65 21.39 -20.06
CA PRO H 237 -36.97 21.26 -18.76
C PRO H 237 -35.96 20.13 -18.79
N ASP H 238 -34.74 20.48 -18.41
CA ASP H 238 -33.58 19.64 -18.67
C ASP H 238 -33.36 18.64 -17.55
N PHE H 239 -32.45 17.71 -17.79
CA PHE H 239 -32.09 16.68 -16.83
C PHE H 239 -30.61 16.37 -17.02
N PRO H 240 -29.90 16.04 -15.94
CA PRO H 240 -28.44 15.86 -16.06
C PRO H 240 -28.06 14.57 -16.76
N THR H 241 -28.91 13.55 -16.73
CA THR H 241 -28.57 12.30 -17.40
C THR H 241 -28.76 12.39 -18.90
N GLY H 242 -29.70 13.20 -19.37
CA GLY H 242 -29.99 13.32 -20.79
C GLY H 242 -31.21 12.52 -21.17
N ALA H 243 -32.36 13.17 -21.27
CA ALA H 243 -33.63 12.47 -21.37
C ALA H 243 -34.29 12.71 -22.71
N LEU H 244 -35.00 11.68 -23.18
CA LEU H 244 -35.80 11.79 -24.39
C LEU H 244 -37.17 12.34 -24.01
N VAL H 245 -37.53 13.49 -24.57
CA VAL H 245 -38.76 14.18 -24.25
C VAL H 245 -39.68 14.10 -25.46
N MET H 246 -40.92 13.72 -25.25
CA MET H 246 -41.93 13.72 -26.30
C MET H 246 -43.15 14.51 -25.83
N GLY H 247 -43.73 15.26 -26.74
CA GLY H 247 -44.93 16.03 -26.43
C GLY H 247 -44.60 17.45 -25.98
N LYS H 248 -45.54 18.36 -26.27
CA LYS H 248 -45.40 19.75 -25.88
C LYS H 248 -46.64 20.36 -25.26
N SER H 249 -47.74 19.61 -25.16
CA SER H 249 -48.94 20.13 -24.51
C SER H 249 -48.71 20.30 -23.01
N GLY H 250 -48.04 19.34 -22.39
CA GLY H 250 -47.64 19.50 -21.00
C GLY H 250 -46.64 20.62 -20.81
N ILE H 251 -45.80 20.86 -21.83
CA ILE H 251 -44.88 22.00 -21.80
C ILE H 251 -45.67 23.31 -21.81
N HIS H 252 -46.71 23.36 -22.66
CA HIS H 252 -47.60 24.52 -22.71
C HIS H 252 -48.32 24.74 -21.38
N LYS H 253 -48.73 23.66 -20.72
CA LYS H 253 -49.43 23.81 -19.45
C LYS H 253 -48.47 24.21 -18.33
N ALA H 254 -47.29 23.61 -18.28
CA ALA H 254 -46.41 23.76 -17.14
C ALA H 254 -45.51 24.98 -17.21
N TYR H 255 -45.22 25.50 -18.40
CA TYR H 255 -44.56 26.79 -18.45
C TYR H 255 -45.50 27.89 -17.98
N GLU H 256 -46.81 27.71 -18.18
CA GLU H 256 -47.79 28.64 -17.65
C GLU H 256 -48.07 28.39 -16.18
N THR H 257 -48.60 27.21 -15.86
CA THR H 257 -49.18 26.96 -14.54
C THR H 257 -48.44 25.92 -13.72
N GLY H 258 -47.38 25.32 -14.24
CA GLY H 258 -46.51 24.48 -13.43
C GLY H 258 -47.09 23.17 -12.95
N LYS H 259 -48.19 22.74 -13.54
CA LYS H 259 -48.86 21.52 -13.13
C LYS H 259 -48.97 20.56 -14.30
N GLY H 260 -48.85 19.27 -14.02
CA GLY H 260 -48.96 18.25 -15.04
C GLY H 260 -47.76 17.34 -15.08
N SER H 261 -47.99 16.12 -15.54
CA SER H 261 -46.93 15.16 -15.78
C SER H 261 -46.69 15.04 -17.28
N ILE H 262 -45.43 14.83 -17.63
CA ILE H 262 -45.01 14.65 -19.01
C ILE H 262 -44.32 13.30 -19.12
N VAL H 263 -44.17 12.83 -20.35
CA VAL H 263 -43.62 11.51 -20.64
C VAL H 263 -42.14 11.64 -20.98
N LEU H 264 -41.36 10.69 -20.47
CA LEU H 264 -39.92 10.69 -20.67
C LEU H 264 -39.44 9.27 -20.96
N ARG H 265 -38.52 9.17 -21.93
CA ARG H 265 -37.99 7.89 -22.37
C ARG H 265 -36.47 7.92 -22.36
N SER H 266 -35.90 6.73 -22.26
CA SER H 266 -34.46 6.55 -22.26
C SER H 266 -33.94 6.40 -23.68
N ARG H 267 -32.72 6.86 -23.90
CA ARG H 267 -32.02 6.64 -25.16
C ARG H 267 -31.76 5.16 -25.33
N THR H 268 -32.52 4.52 -26.23
CA THR H 268 -32.60 3.08 -26.30
C THR H 268 -32.64 2.67 -27.76
N GLU H 269 -31.76 1.74 -28.13
CA GLU H 269 -31.54 1.43 -29.54
C GLU H 269 -31.50 -0.08 -29.75
N ILE H 270 -31.80 -0.48 -30.98
CA ILE H 270 -31.65 -1.85 -31.42
C ILE H 270 -30.38 -1.95 -32.25
N GLU H 271 -29.51 -2.88 -31.90
CA GLU H 271 -28.22 -3.01 -32.55
C GLU H 271 -27.99 -4.45 -33.00
N THR H 272 -27.46 -4.63 -34.19
CA THR H 272 -27.25 -5.94 -34.77
C THR H 272 -25.81 -6.40 -34.58
N THR H 273 -25.64 -7.70 -34.33
CA THR H 273 -24.35 -8.29 -34.06
C THR H 273 -23.65 -8.65 -35.38
N LYS H 274 -22.53 -9.37 -35.27
CA LYS H 274 -21.95 -10.06 -36.41
C LYS H 274 -22.75 -11.28 -36.82
N THR H 275 -23.64 -11.74 -35.94
CA THR H 275 -24.50 -12.89 -36.19
C THR H 275 -25.87 -12.50 -36.67
N GLY H 276 -26.24 -11.23 -36.59
CA GLY H 276 -27.59 -10.81 -36.89
C GLY H 276 -28.52 -10.74 -35.71
N ARG H 277 -28.06 -11.15 -34.53
CA ARG H 277 -28.86 -11.01 -33.32
C ARG H 277 -29.02 -9.54 -32.95
N GLU H 278 -30.19 -9.20 -32.41
CA GLU H 278 -30.48 -7.82 -32.02
C GLU H 278 -30.25 -7.61 -30.53
N ARG H 279 -30.00 -6.36 -30.18
CA ARG H 279 -29.66 -5.97 -28.81
C ARG H 279 -30.37 -4.69 -28.46
N ILE H 280 -31.05 -4.69 -27.32
CA ILE H 280 -31.57 -3.47 -26.71
C ILE H 280 -30.46 -2.85 -25.88
N VAL H 281 -30.02 -1.66 -26.29
CA VAL H 281 -28.96 -0.96 -25.59
C VAL H 281 -29.50 0.39 -25.12
N VAL H 282 -29.48 0.61 -23.81
CA VAL H 282 -29.83 1.89 -23.22
C VAL H 282 -28.55 2.64 -22.91
N THR H 283 -28.64 3.96 -22.90
CA THR H 283 -27.50 4.77 -22.47
C THR H 283 -27.69 5.31 -21.07
N GLU H 284 -28.81 5.95 -20.81
CA GLU H 284 -29.11 6.53 -19.50
C GLU H 284 -30.57 6.26 -19.19
N PHE H 285 -31.09 6.97 -18.19
CA PHE H 285 -32.47 6.90 -17.77
C PHE H 285 -32.94 8.29 -17.40
N PRO H 286 -34.25 8.51 -17.28
CA PRO H 286 -34.72 9.77 -16.70
C PRO H 286 -34.47 9.89 -15.20
N TYR H 287 -35.00 10.95 -14.61
CA TYR H 287 -34.64 11.34 -13.26
C TYR H 287 -35.25 10.41 -12.22
N MET H 288 -34.49 10.19 -11.14
CA MET H 288 -34.82 9.30 -10.02
C MET H 288 -35.06 7.86 -10.50
N VAL H 289 -34.00 7.26 -11.03
CA VAL H 289 -34.01 5.87 -11.48
C VAL H 289 -32.75 5.18 -10.95
N ASN H 290 -32.92 4.00 -10.36
CA ASN H 290 -31.80 3.13 -10.04
C ASN H 290 -31.53 2.16 -11.19
N LYS H 291 -30.26 1.87 -11.42
CA LYS H 291 -29.90 0.74 -12.27
C LYS H 291 -30.39 -0.56 -11.65
N THR H 292 -30.13 -0.73 -10.36
CA THR H 292 -30.15 -2.04 -9.75
C THR H 292 -31.58 -2.45 -9.37
N LYS H 293 -32.40 -1.51 -8.92
CA LYS H 293 -33.78 -1.84 -8.61
C LYS H 293 -34.56 -2.19 -9.88
N VAL H 294 -34.29 -1.46 -10.97
CA VAL H 294 -34.89 -1.81 -12.25
C VAL H 294 -34.33 -3.11 -12.76
N HIS H 295 -33.06 -3.40 -12.46
CA HIS H 295 -32.45 -4.67 -12.87
C HIS H 295 -33.10 -5.84 -12.14
N GLU H 296 -33.37 -5.66 -10.85
CA GLU H 296 -34.14 -6.65 -10.10
C GLU H 296 -35.55 -6.78 -10.66
N HIS H 297 -36.13 -5.67 -11.10
CA HIS H 297 -37.45 -5.73 -11.70
C HIS H 297 -37.42 -6.45 -13.04
N ILE H 298 -36.29 -6.37 -13.74
CA ILE H 298 -36.11 -7.14 -14.97
C ILE H 298 -36.05 -8.62 -14.66
N VAL H 299 -35.31 -8.99 -13.61
CA VAL H 299 -35.22 -10.38 -13.19
C VAL H 299 -36.59 -10.89 -12.72
N ARG H 300 -37.38 -10.00 -12.11
CA ARG H 300 -38.79 -10.27 -11.83
C ARG H 300 -39.54 -10.62 -13.11
N LEU H 301 -39.53 -9.69 -14.09
CA LEU H 301 -40.17 -9.85 -15.39
C LEU H 301 -39.77 -11.13 -16.11
N VAL H 302 -38.53 -11.57 -15.90
CA VAL H 302 -38.12 -12.92 -16.31
C VAL H 302 -38.93 -13.96 -15.55
N GLN H 303 -38.85 -13.95 -14.22
CA GLN H 303 -39.56 -14.98 -13.45
C GLN H 303 -41.05 -14.73 -13.35
N GLU H 304 -41.52 -13.50 -13.63
CA GLU H 304 -42.95 -13.26 -13.72
C GLU H 304 -43.56 -13.86 -14.98
N LYS H 305 -42.72 -14.21 -15.96
CA LYS H 305 -43.11 -14.91 -17.19
C LYS H 305 -44.13 -14.12 -17.99
N ARG H 306 -44.04 -12.79 -17.92
CA ARG H 306 -44.94 -11.90 -18.63
C ARG H 306 -44.25 -11.17 -19.77
N ILE H 307 -43.01 -11.55 -20.07
CA ILE H 307 -42.28 -11.01 -21.22
C ILE H 307 -41.33 -12.09 -21.71
N GLU H 308 -41.19 -12.17 -23.03
CA GLU H 308 -40.50 -13.26 -23.69
C GLU H 308 -39.30 -12.73 -24.46
N GLY H 309 -38.58 -13.65 -25.10
CA GLY H 309 -37.49 -13.30 -26.00
C GLY H 309 -36.18 -12.97 -25.33
N ILE H 310 -36.26 -12.45 -24.10
CA ILE H 310 -35.11 -11.87 -23.42
C ILE H 310 -34.17 -12.98 -23.01
N THR H 311 -32.89 -12.82 -23.35
CA THR H 311 -31.88 -13.82 -23.05
C THR H 311 -30.84 -13.31 -22.07
N ALA H 312 -30.18 -12.22 -22.38
CA ALA H 312 -29.04 -11.73 -21.60
C ALA H 312 -29.39 -10.41 -20.94
N VAL H 313 -29.12 -10.31 -19.65
CA VAL H 313 -29.32 -9.07 -18.91
C VAL H 313 -27.95 -8.72 -18.34
N ARG H 314 -27.17 -7.92 -19.06
CA ARG H 314 -25.76 -7.75 -18.72
C ARG H 314 -25.40 -6.28 -18.66
N ASP H 315 -24.30 -6.01 -17.94
CA ASP H 315 -23.88 -4.65 -17.64
C ASP H 315 -22.42 -4.69 -17.21
N GLU H 316 -21.54 -4.07 -18.00
CA GLU H 316 -20.13 -4.05 -17.67
C GLU H 316 -19.49 -2.78 -18.18
N SER H 317 -18.24 -2.55 -17.76
CA SER H 317 -17.35 -1.47 -18.23
C SER H 317 -17.97 -0.09 -18.03
N ASN H 318 -18.80 0.05 -17.00
CA ASN H 318 -19.73 1.17 -16.92
C ASN H 318 -19.07 2.45 -16.47
N ARG H 319 -17.82 2.41 -16.05
CA ARG H 319 -17.17 3.58 -15.48
C ARG H 319 -16.45 4.42 -16.53
N GLU H 320 -16.11 3.86 -17.67
CA GLU H 320 -15.73 4.69 -18.80
C GLU H 320 -16.94 5.31 -19.48
N GLY H 321 -18.13 4.78 -19.21
CA GLY H 321 -19.36 5.22 -19.84
C GLY H 321 -20.44 4.20 -19.57
N VAL H 322 -21.66 4.67 -19.34
CA VAL H 322 -22.73 3.80 -18.85
C VAL H 322 -23.23 2.91 -19.97
N ARG H 323 -23.18 1.59 -19.76
CA ARG H 323 -23.51 0.61 -20.78
C ARG H 323 -24.27 -0.54 -20.14
N PHE H 324 -25.60 -0.51 -20.22
CA PHE H 324 -26.45 -1.62 -19.82
C PHE H 324 -27.13 -2.19 -21.05
N VAL H 325 -27.03 -3.51 -21.23
CA VAL H 325 -27.49 -4.17 -22.45
C VAL H 325 -28.44 -5.31 -22.09
N ILE H 326 -29.62 -5.27 -22.68
CA ILE H 326 -30.53 -6.42 -22.73
C ILE H 326 -30.38 -7.03 -24.11
N GLU H 327 -30.32 -8.36 -24.18
CA GLU H 327 -30.13 -9.02 -25.45
C GLU H 327 -31.17 -10.13 -25.61
N VAL H 328 -31.78 -10.17 -26.79
CA VAL H 328 -33.01 -10.90 -27.06
C VAL H 328 -32.79 -11.80 -28.27
N LYS H 329 -33.33 -13.02 -28.20
CA LYS H 329 -33.27 -13.98 -29.30
C LYS H 329 -33.98 -13.47 -30.56
N ARG H 330 -33.81 -14.21 -31.64
CA ARG H 330 -34.49 -13.86 -32.87
C ARG H 330 -35.96 -14.26 -32.82
N ASP H 331 -36.72 -13.72 -33.77
CA ASP H 331 -38.16 -13.95 -33.94
C ASP H 331 -38.94 -13.52 -32.71
N ALA H 332 -38.76 -12.24 -32.34
CA ALA H 332 -39.32 -11.74 -31.09
C ALA H 332 -39.97 -10.36 -31.17
N SER H 333 -39.82 -9.59 -32.25
CA SER H 333 -40.37 -8.23 -32.44
C SER H 333 -39.89 -7.29 -31.34
N ALA H 334 -38.58 -7.01 -31.40
CA ALA H 334 -37.89 -6.30 -30.32
C ALA H 334 -38.41 -4.88 -30.12
N ASN H 335 -38.90 -4.24 -31.17
CA ASN H 335 -39.43 -2.89 -31.01
C ASN H 335 -40.78 -2.92 -30.29
N VAL H 336 -41.56 -3.99 -30.48
CA VAL H 336 -42.77 -4.18 -29.69
C VAL H 336 -42.39 -4.44 -28.23
N ILE H 337 -41.25 -5.07 -28.00
CA ILE H 337 -40.76 -5.27 -26.65
C ILE H 337 -40.32 -3.93 -26.04
N LEU H 338 -39.76 -3.03 -26.84
CA LEU H 338 -39.45 -1.69 -26.38
C LEU H 338 -40.71 -0.93 -26.03
N ASN H 339 -41.77 -1.13 -26.83
CA ASN H 339 -43.07 -0.57 -26.53
C ASN H 339 -43.59 -1.12 -25.20
N ASN H 340 -43.38 -2.40 -24.95
CA ASN H 340 -43.79 -2.99 -23.68
C ASN H 340 -42.95 -2.49 -22.52
N LEU H 341 -41.70 -2.14 -22.77
CA LEU H 341 -40.87 -1.49 -21.76
C LEU H 341 -41.46 -0.14 -21.37
N PHE H 342 -41.67 0.72 -22.35
CA PHE H 342 -42.16 2.05 -22.03
C PHE H 342 -43.67 2.10 -21.81
N LYS H 343 -44.36 0.95 -21.80
CA LYS H 343 -45.70 0.89 -21.22
C LYS H 343 -45.64 0.50 -19.75
N MET H 344 -45.05 -0.64 -19.44
CA MET H 344 -45.21 -1.25 -18.13
C MET H 344 -44.03 -1.03 -17.20
N THR H 345 -42.81 -0.97 -17.73
CA THR H 345 -41.66 -0.84 -16.85
C THR H 345 -41.50 0.60 -16.39
N GLN H 346 -40.62 0.78 -15.42
CA GLN H 346 -40.33 2.10 -14.88
C GLN H 346 -39.32 2.86 -15.72
N MET H 347 -38.90 2.29 -16.85
CA MET H 347 -38.07 3.02 -17.80
C MET H 347 -38.83 4.21 -18.37
N GLN H 348 -40.11 4.04 -18.63
CA GLN H 348 -40.98 5.16 -18.91
C GLN H 348 -41.13 6.01 -17.65
N THR H 349 -41.06 7.33 -17.81
CA THR H 349 -41.18 8.23 -16.67
C THR H 349 -42.33 9.21 -16.89
N ASN H 350 -43.25 9.24 -15.93
CA ASN H 350 -44.31 10.25 -15.89
C ASN H 350 -43.85 11.29 -14.88
N PHE H 351 -43.11 12.26 -15.35
CA PHE H 351 -42.47 13.24 -14.49
C PHE H 351 -43.40 14.43 -14.31
N GLY H 352 -43.83 14.68 -13.08
CA GLY H 352 -44.80 15.71 -12.80
C GLY H 352 -44.16 16.97 -12.25
N PHE H 353 -44.80 18.11 -12.47
CA PHE H 353 -44.30 19.37 -11.95
C PHE H 353 -45.23 19.91 -10.88
N ASN H 354 -44.65 20.67 -9.96
CA ASN H 354 -45.42 21.44 -8.99
C ASN H 354 -44.51 22.58 -8.53
N MET H 355 -44.79 23.79 -8.98
CA MET H 355 -44.00 24.96 -8.58
C MET H 355 -44.96 25.95 -7.92
N LEU H 356 -45.19 25.74 -6.63
CA LEU H 356 -46.13 26.55 -5.86
C LEU H 356 -45.30 27.46 -4.96
N ALA H 357 -45.19 28.72 -5.36
CA ALA H 357 -44.13 29.61 -4.86
C ALA H 357 -44.43 30.10 -3.45
N ILE H 358 -43.41 30.73 -2.85
CA ILE H 358 -43.53 31.50 -1.62
C ILE H 358 -42.78 32.80 -1.80
N GLN H 359 -43.50 33.92 -1.71
CA GLN H 359 -42.88 35.23 -1.81
C GLN H 359 -43.16 35.99 -0.52
N ASN H 360 -42.11 36.16 0.28
CA ASN H 360 -42.15 36.76 1.61
C ASN H 360 -43.16 36.02 2.51
N GLY H 361 -42.84 34.76 2.75
CA GLY H 361 -43.61 33.95 3.68
C GLY H 361 -44.90 33.35 3.16
N ILE H 362 -45.75 34.17 2.56
CA ILE H 362 -47.06 33.69 2.10
C ILE H 362 -46.89 32.82 0.86
N PRO H 363 -47.64 31.73 0.74
CA PRO H 363 -47.50 30.86 -0.44
C PRO H 363 -48.16 31.48 -1.65
N LYS H 364 -47.51 31.32 -2.80
CA LYS H 364 -48.01 31.87 -4.06
C LYS H 364 -47.78 30.83 -5.15
N ILE H 365 -47.90 31.28 -6.41
CA ILE H 365 -47.57 30.47 -7.57
C ILE H 365 -47.26 31.43 -8.71
N LEU H 366 -46.23 31.12 -9.49
CA LEU H 366 -45.68 32.07 -10.44
C LEU H 366 -45.65 31.49 -11.84
N SER H 367 -45.70 32.37 -12.82
CA SER H 367 -45.35 32.03 -14.19
C SER H 367 -43.85 32.20 -14.34
N LEU H 368 -43.32 31.86 -15.52
CA LEU H 368 -41.89 31.98 -15.74
C LEU H 368 -41.47 33.44 -15.88
N ARG H 369 -42.40 34.30 -16.30
CA ARG H 369 -42.13 35.73 -16.36
C ARG H 369 -41.90 36.31 -14.98
N GLN H 370 -42.83 36.03 -14.05
CA GLN H 370 -42.91 36.70 -12.77
C GLN H 370 -41.70 36.40 -11.90
N ILE H 371 -41.17 35.18 -12.02
CA ILE H 371 -39.91 34.79 -11.41
C ILE H 371 -38.80 35.76 -11.81
N LEU H 372 -38.66 35.96 -13.10
CA LEU H 372 -37.60 36.81 -13.60
C LEU H 372 -37.88 38.27 -13.30
N ASP H 373 -39.16 38.63 -13.15
CA ASP H 373 -39.53 40.00 -12.78
C ASP H 373 -39.05 40.33 -11.38
N ALA H 374 -39.36 39.44 -10.43
CA ALA H 374 -38.87 39.60 -9.06
C ALA H 374 -37.35 39.56 -9.02
N TYR H 375 -36.75 38.75 -9.89
CA TYR H 375 -35.29 38.77 -10.04
C TYR H 375 -34.78 40.13 -10.50
N ILE H 376 -35.46 40.75 -11.46
CA ILE H 376 -35.07 42.05 -12.00
C ILE H 376 -35.11 43.11 -10.90
N GLU H 377 -36.21 43.17 -10.17
CA GLU H 377 -36.34 44.22 -9.16
C GLU H 377 -35.43 43.96 -7.97
N HIS H 378 -35.11 42.69 -7.72
CA HIS H 378 -34.06 42.40 -6.74
C HIS H 378 -32.71 42.91 -7.20
N GLN H 379 -32.36 42.73 -8.48
CA GLN H 379 -31.10 43.25 -8.99
C GLN H 379 -31.06 44.76 -8.95
N LYS H 380 -32.22 45.38 -9.18
CA LYS H 380 -32.37 46.83 -9.02
C LYS H 380 -31.94 47.27 -7.63
N GLU H 381 -32.56 46.66 -6.60
CA GLU H 381 -32.23 47.03 -5.24
C GLU H 381 -30.79 46.68 -4.87
N VAL H 382 -30.27 45.57 -5.41
CA VAL H 382 -28.89 45.14 -5.17
C VAL H 382 -27.91 46.19 -5.65
N VAL H 383 -28.03 46.59 -6.92
CA VAL H 383 -27.04 47.48 -7.49
C VAL H 383 -27.22 48.89 -6.94
N VAL H 384 -28.45 49.29 -6.62
CA VAL H 384 -28.68 50.60 -6.02
C VAL H 384 -28.05 50.69 -4.64
N ARG H 385 -28.25 49.66 -3.81
CA ARG H 385 -27.69 49.72 -2.46
C ARG H 385 -26.17 49.57 -2.48
N ARG H 386 -25.63 48.77 -3.40
CA ARG H 386 -24.17 48.68 -3.56
C ARG H 386 -23.61 50.02 -3.99
N THR H 387 -24.30 50.68 -4.91
CA THR H 387 -23.87 51.97 -5.39
C THR H 387 -23.95 53.03 -4.30
N ARG H 388 -24.94 52.93 -3.42
CA ARG H 388 -25.04 53.90 -2.33
C ARG H 388 -23.98 53.67 -1.27
N PHE H 389 -23.59 52.41 -1.04
CA PHE H 389 -22.49 52.14 -0.13
C PHE H 389 -21.18 52.69 -0.68
N ASP H 390 -20.94 52.47 -1.98
CA ASP H 390 -19.77 53.06 -2.63
C ASP H 390 -19.84 54.58 -2.65
N LYS H 391 -21.04 55.12 -2.76
CA LYS H 391 -21.27 56.56 -2.69
C LYS H 391 -20.84 57.11 -1.36
N GLU H 392 -21.21 56.43 -0.27
CA GLU H 392 -20.85 56.94 1.04
C GLU H 392 -19.36 56.75 1.34
N LYS H 393 -18.75 55.68 0.79
CA LYS H 393 -17.29 55.57 0.77
C LYS H 393 -16.64 56.81 0.17
N ALA H 394 -17.06 57.13 -1.05
CA ALA H 394 -16.46 58.23 -1.78
C ALA H 394 -16.76 59.57 -1.14
N GLU H 395 -17.93 59.71 -0.53
CA GLU H 395 -18.28 60.97 0.13
C GLU H 395 -17.46 61.18 1.39
N ALA H 396 -17.24 60.12 2.17
CA ALA H 396 -16.42 60.23 3.37
C ALA H 396 -14.97 60.55 3.02
N ARG H 397 -14.41 59.82 2.04
CA ARG H 397 -13.05 60.10 1.61
C ARG H 397 -12.94 61.46 0.93
N ALA H 398 -14.05 61.91 0.33
CA ALA H 398 -14.10 63.24 -0.26
C ALA H 398 -14.04 64.31 0.81
N HIS H 399 -14.76 64.13 1.92
CA HIS H 399 -14.68 65.09 3.01
C HIS H 399 -13.28 65.10 3.62
N ILE H 400 -12.65 63.92 3.68
CA ILE H 400 -11.26 63.81 4.11
C ILE H 400 -10.35 64.68 3.25
N LEU H 401 -10.45 64.51 1.94
CA LEU H 401 -9.55 65.23 1.06
C LEU H 401 -9.95 66.70 0.88
N GLU H 402 -11.22 67.02 1.11
CA GLU H 402 -11.64 68.42 1.26
C GLU H 402 -10.91 69.08 2.42
N GLY H 403 -10.89 68.40 3.57
CA GLY H 403 -10.15 68.91 4.71
C GLY H 403 -8.66 69.04 4.43
N LEU H 404 -8.11 68.08 3.68
CA LEU H 404 -6.70 68.13 3.31
C LEU H 404 -6.39 69.35 2.42
N LEU H 405 -7.22 69.59 1.42
CA LEU H 405 -6.96 70.69 0.50
C LEU H 405 -7.22 72.05 1.15
N ILE H 406 -8.22 72.14 2.02
CA ILE H 406 -8.47 73.38 2.76
C ILE H 406 -7.34 73.64 3.74
N ALA H 407 -6.74 72.58 4.30
CA ALA H 407 -5.52 72.74 5.08
C ALA H 407 -4.37 73.23 4.20
N LEU H 408 -4.34 72.79 2.95
CA LEU H 408 -3.31 73.27 2.03
C LEU H 408 -3.55 74.70 1.56
N ASP H 409 -4.75 75.24 1.77
CA ASP H 409 -5.07 76.58 1.27
C ASP H 409 -4.27 77.66 2.01
N HIS H 410 -4.43 77.72 3.33
CA HIS H 410 -3.99 78.87 4.13
C HIS H 410 -3.09 78.39 5.25
N ILE H 411 -2.03 77.68 4.87
CA ILE H 411 -1.22 76.84 5.76
C ILE H 411 -0.66 77.64 6.93
N ASP H 412 0.03 78.75 6.63
CA ASP H 412 0.78 79.46 7.66
C ASP H 412 -0.13 80.22 8.62
N GLU H 413 -1.34 80.57 8.17
CA GLU H 413 -2.35 81.09 9.09
C GLU H 413 -2.73 80.06 10.12
N VAL H 414 -2.87 78.80 9.70
CA VAL H 414 -3.21 77.74 10.64
C VAL H 414 -2.01 77.40 11.51
N ILE H 415 -0.79 77.63 11.00
CA ILE H 415 0.41 77.51 11.83
C ILE H 415 0.36 78.53 12.97
N ARG H 416 -0.01 79.78 12.65
CA ARG H 416 -0.22 80.78 13.67
C ARG H 416 -1.36 80.42 14.61
N ILE H 417 -2.39 79.75 14.08
CA ILE H 417 -3.52 79.29 14.90
C ILE H 417 -3.06 78.29 15.95
N ILE H 418 -2.24 77.32 15.55
CA ILE H 418 -1.81 76.33 16.53
C ILE H 418 -0.75 76.91 17.46
N ARG H 419 0.04 77.88 16.98
CA ARG H 419 0.95 78.59 17.87
C ARG H 419 0.21 79.47 18.87
N ALA H 420 -1.01 79.87 18.56
CA ALA H 420 -1.78 80.74 19.46
C ALA H 420 -2.66 79.95 20.44
N SER H 421 -3.52 79.08 19.92
CA SER H 421 -4.62 78.51 20.69
C SER H 421 -4.13 77.45 21.67
N GLU H 422 -5.07 76.93 22.47
CA GLU H 422 -4.75 75.95 23.49
C GLU H 422 -5.41 74.59 23.25
N THR H 423 -6.75 74.54 23.12
CA THR H 423 -7.49 73.30 23.33
C THR H 423 -8.08 72.78 22.02
N ASP H 424 -8.74 71.62 22.13
CA ASP H 424 -9.53 71.08 21.05
C ASP H 424 -10.68 72.01 20.70
N ALA H 425 -11.31 72.59 21.72
CA ALA H 425 -12.47 73.45 21.51
C ALA H 425 -12.08 74.75 20.81
N GLU H 426 -10.97 75.36 21.23
CA GLU H 426 -10.50 76.58 20.61
C GLU H 426 -10.09 76.35 19.16
N ALA H 427 -9.39 75.23 18.92
CA ALA H 427 -8.95 74.90 17.57
C ALA H 427 -10.12 74.64 16.65
N GLN H 428 -11.09 73.85 17.11
CA GLN H 428 -12.27 73.58 16.30
C GLN H 428 -13.11 74.83 16.08
N ALA H 429 -13.19 75.70 17.09
CA ALA H 429 -13.93 76.95 16.94
C ALA H 429 -13.29 77.86 15.90
N GLU H 430 -11.96 77.98 15.94
CA GLU H 430 -11.29 78.86 14.98
C GLU H 430 -11.29 78.27 13.57
N LEU H 431 -11.15 76.94 13.46
CA LEU H 431 -11.19 76.32 12.14
C LEU H 431 -12.60 76.35 11.55
N MET H 432 -13.63 76.24 12.38
CA MET H 432 -14.99 76.35 11.87
C MET H 432 -15.34 77.79 11.53
N SER H 433 -14.76 78.75 12.27
CA SER H 433 -15.00 80.15 11.94
C SER H 433 -14.29 80.54 10.66
N LYS H 434 -13.12 79.97 10.40
CA LYS H 434 -12.36 80.37 9.23
C LYS H 434 -12.65 79.56 7.98
N PHE H 435 -13.10 78.30 8.13
CA PHE H 435 -13.24 77.47 6.94
C PHE H 435 -14.51 76.63 6.89
N LYS H 436 -15.38 76.71 7.91
CA LYS H 436 -16.74 76.14 7.90
C LYS H 436 -16.73 74.62 7.73
N LEU H 437 -15.91 73.95 8.52
CA LEU H 437 -15.74 72.51 8.44
C LEU H 437 -16.18 71.86 9.75
N SER H 438 -16.34 70.54 9.70
CA SER H 438 -16.81 69.82 10.86
C SER H 438 -15.64 69.45 11.78
N GLU H 439 -15.96 68.75 12.86
CA GLU H 439 -14.97 68.46 13.90
C GLU H 439 -13.98 67.40 13.45
N ARG H 440 -14.49 66.31 12.87
CA ARG H 440 -13.63 65.24 12.37
C ARG H 440 -12.75 65.74 11.25
N GLN H 441 -13.28 66.62 10.39
CA GLN H 441 -12.50 67.24 9.34
C GLN H 441 -11.38 68.08 9.91
N SER H 442 -11.66 68.84 10.97
CA SER H 442 -10.65 69.67 11.62
C SER H 442 -9.57 68.81 12.27
N GLN H 443 -9.96 67.69 12.87
CA GLN H 443 -8.95 66.86 13.52
C GLN H 443 -8.12 66.11 12.51
N ALA H 444 -8.72 65.68 11.40
CA ALA H 444 -7.96 65.06 10.33
C ALA H 444 -7.02 66.06 9.67
N ILE H 445 -7.38 67.34 9.68
CA ILE H 445 -6.41 68.39 9.36
C ILE H 445 -5.27 68.36 10.37
N LEU H 446 -5.62 68.34 11.65
CA LEU H 446 -4.62 68.39 12.73
C LEU H 446 -3.73 67.17 12.79
N ASP H 447 -4.06 66.10 12.07
CA ASP H 447 -3.25 64.89 12.05
C ASP H 447 -2.33 64.86 10.84
N MET H 448 -1.80 66.00 10.41
CA MET H 448 -0.93 66.07 9.24
C MET H 448 0.52 66.26 9.68
N ARG H 449 1.39 65.35 9.24
CA ARG H 449 2.80 65.38 9.61
C ARG H 449 3.59 66.00 8.47
N LEU H 450 4.87 66.30 8.73
CA LEU H 450 5.73 66.95 7.74
C LEU H 450 5.95 66.08 6.51
N ARG H 451 5.99 64.76 6.69
CA ARG H 451 6.28 63.84 5.61
C ARG H 451 5.11 63.67 4.63
N ARG H 452 4.03 64.40 4.83
CA ARG H 452 2.98 64.58 3.83
C ARG H 452 2.83 66.05 3.48
N LEU H 453 3.95 66.75 3.32
CA LEU H 453 3.93 68.16 2.93
C LEU H 453 4.73 68.45 1.67
N THR H 454 5.14 67.43 0.93
CA THR H 454 5.73 67.65 -0.38
C THR H 454 4.65 68.06 -1.35
N GLY H 455 5.00 68.97 -2.27
CA GLY H 455 4.04 69.38 -3.29
C GLY H 455 3.66 68.27 -4.24
N LEU H 456 4.55 67.28 -4.40
CA LEU H 456 4.24 66.01 -5.05
C LEU H 456 2.99 65.39 -4.46
N GLU H 457 3.01 65.11 -3.17
CA GLU H 457 1.88 64.44 -2.54
C GLU H 457 0.70 65.36 -2.38
N ARG H 458 0.91 66.68 -2.31
CA ARG H 458 -0.20 67.63 -2.31
C ARG H 458 -0.99 67.53 -3.61
N ASP H 459 -0.30 67.52 -4.74
CA ASP H 459 -1.00 67.37 -6.00
C ASP H 459 -1.45 65.94 -6.24
N LYS H 460 -0.86 64.96 -5.57
CA LYS H 460 -1.40 63.60 -5.64
C LYS H 460 -2.71 63.50 -4.88
N ILE H 461 -2.80 64.21 -3.75
CA ILE H 461 -4.07 64.36 -3.04
C ILE H 461 -5.11 65.04 -3.93
N GLN H 462 -4.70 66.11 -4.61
CA GLN H 462 -5.60 66.80 -5.53
C GLN H 462 -6.04 65.89 -6.68
N SER H 463 -5.11 65.08 -7.19
CA SER H 463 -5.40 64.20 -8.32
C SER H 463 -6.37 63.11 -7.93
N GLU H 464 -6.10 62.40 -6.83
CA GLU H 464 -6.99 61.36 -6.37
C GLU H 464 -8.32 61.93 -5.90
N TYR H 465 -8.31 63.16 -5.40
CA TYR H 465 -9.52 63.90 -5.07
C TYR H 465 -10.40 64.06 -6.29
N ASP H 466 -9.83 64.54 -7.39
CA ASP H 466 -10.61 64.73 -8.61
C ASP H 466 -10.99 63.38 -9.23
N ASP H 467 -10.17 62.35 -9.02
CA ASP H 467 -10.52 60.99 -9.45
C ASP H 467 -11.78 60.52 -8.75
N LEU H 468 -11.86 60.73 -7.45
CA LEU H 468 -13.04 60.34 -6.72
C LEU H 468 -14.22 61.23 -7.06
N LEU H 469 -13.97 62.49 -7.40
CA LEU H 469 -15.04 63.34 -7.93
C LEU H 469 -15.60 62.78 -9.23
N ALA H 470 -14.73 62.30 -10.10
CA ALA H 470 -15.16 61.68 -11.35
C ALA H 470 -15.95 60.41 -11.08
N LEU H 471 -15.55 59.65 -10.06
CA LEU H 471 -16.30 58.44 -9.72
C LEU H 471 -17.67 58.77 -9.14
N ILE H 472 -17.75 59.83 -8.33
CA ILE H 472 -19.02 60.31 -7.79
C ILE H 472 -19.94 60.74 -8.93
N ALA H 473 -19.41 61.49 -9.89
CA ALA H 473 -20.20 61.93 -11.03
C ALA H 473 -20.65 60.75 -11.88
N ASP H 474 -19.78 59.73 -12.01
CA ASP H 474 -20.14 58.53 -12.76
C ASP H 474 -21.27 57.78 -12.08
N LEU H 475 -21.21 57.65 -10.76
CA LEU H 475 -22.27 56.93 -10.06
C LEU H 475 -23.55 57.75 -10.02
N ALA H 476 -23.46 59.07 -10.02
CA ALA H 476 -24.67 59.89 -10.16
C ALA H 476 -25.27 59.75 -11.55
N ASP H 477 -24.42 59.57 -12.56
CA ASP H 477 -24.92 59.33 -13.91
C ASP H 477 -25.59 57.97 -14.02
N ILE H 478 -25.07 56.99 -13.28
CA ILE H 478 -25.73 55.69 -13.23
C ILE H 478 -27.04 55.80 -12.46
N LEU H 479 -27.09 56.68 -11.45
CA LEU H 479 -28.35 57.00 -10.78
C LEU H 479 -29.33 57.73 -11.69
N ALA H 480 -28.84 58.40 -12.75
CA ALA H 480 -29.73 59.11 -13.65
C ALA H 480 -30.57 58.16 -14.49
N LYS H 481 -29.97 57.08 -14.99
CA LYS H 481 -30.66 56.19 -15.92
C LYS H 481 -30.61 54.75 -15.44
N PRO H 482 -31.74 54.03 -15.46
CA PRO H 482 -31.76 52.68 -14.89
C PRO H 482 -31.17 51.61 -15.79
N GLU H 483 -31.06 51.86 -17.09
CA GLU H 483 -30.75 50.80 -18.04
C GLU H 483 -29.29 50.42 -18.07
N ARG H 484 -28.41 51.26 -17.51
CA ARG H 484 -27.01 50.89 -17.34
C ARG H 484 -26.86 49.65 -16.48
N VAL H 485 -27.74 49.53 -15.48
CA VAL H 485 -27.77 48.33 -14.63
C VAL H 485 -28.07 47.11 -15.49
N SER H 486 -29.09 47.21 -16.35
CA SER H 486 -29.45 46.13 -17.27
C SER H 486 -28.27 45.78 -18.18
N GLN H 487 -27.56 46.79 -18.66
CA GLN H 487 -26.44 46.54 -19.57
C GLN H 487 -25.29 45.83 -18.87
N ILE H 488 -24.94 46.27 -17.66
CA ILE H 488 -23.84 45.65 -16.93
C ILE H 488 -24.22 44.23 -16.52
N ILE H 489 -25.50 44.01 -16.19
CA ILE H 489 -25.97 42.67 -15.87
C ILE H 489 -25.85 41.76 -17.08
N LYS H 490 -26.25 42.25 -18.26
CA LYS H 490 -26.11 41.46 -19.49
C LYS H 490 -24.65 41.17 -19.81
N ASP H 491 -23.77 42.14 -19.56
CA ASP H 491 -22.34 41.96 -19.77
C ASP H 491 -21.78 40.83 -18.92
N GLU H 492 -22.12 40.84 -17.64
CA GLU H 492 -21.54 39.82 -16.79
C GLU H 492 -22.26 38.50 -16.89
N LEU H 493 -23.52 38.50 -17.33
CA LEU H 493 -24.16 37.27 -17.79
C LEU H 493 -23.40 36.64 -18.94
N ASP H 494 -22.97 37.47 -19.89
CA ASP H 494 -22.19 36.96 -21.01
C ASP H 494 -20.82 36.48 -20.56
N GLU H 495 -20.24 37.15 -19.55
CA GLU H 495 -18.98 36.69 -18.97
C GLU H 495 -19.14 35.31 -18.32
N VAL H 496 -20.22 35.13 -17.58
CA VAL H 496 -20.48 33.85 -16.93
C VAL H 496 -20.80 32.77 -17.95
N LYS H 497 -21.53 33.12 -19.00
CA LYS H 497 -21.81 32.16 -20.06
C LYS H 497 -20.56 31.84 -20.86
N ARG H 498 -19.58 32.76 -20.91
CA ARG H 498 -18.30 32.45 -21.52
C ARG H 498 -17.51 31.47 -20.67
N LYS H 499 -17.37 31.75 -19.37
CA LYS H 499 -16.61 30.85 -18.51
C LYS H 499 -17.35 29.55 -18.21
N PHE H 500 -18.63 29.49 -18.50
CA PHE H 500 -19.51 28.42 -18.10
C PHE H 500 -20.41 28.03 -19.26
N SER H 501 -19.79 27.73 -20.40
CA SER H 501 -20.51 27.24 -21.57
C SER H 501 -21.35 26.01 -21.24
N ASP H 502 -22.59 26.04 -21.70
CA ASP H 502 -23.62 25.08 -21.29
C ASP H 502 -24.17 24.40 -22.52
N LYS H 503 -23.52 23.31 -22.94
CA LYS H 503 -24.10 22.53 -24.01
C LYS H 503 -25.27 21.72 -23.49
N ARG H 504 -26.10 21.25 -24.40
CA ARG H 504 -27.26 20.48 -24.00
C ARG H 504 -26.91 19.00 -23.88
N ARG H 505 -27.78 18.27 -23.17
CA ARG H 505 -27.62 16.85 -22.97
C ARG H 505 -28.89 16.05 -23.22
N THR H 506 -30.07 16.65 -23.17
CA THR H 506 -31.33 15.95 -23.33
C THR H 506 -31.78 16.03 -24.78
N GLU H 507 -33.02 15.61 -25.04
CA GLU H 507 -33.56 15.65 -26.39
C GLU H 507 -35.07 15.79 -26.34
N LEU H 508 -35.58 16.76 -27.09
CA LEU H 508 -37.01 17.06 -27.16
C LEU H 508 -37.58 16.60 -28.48
N MET H 509 -38.73 15.93 -28.42
CA MET H 509 -39.55 15.61 -29.59
C MET H 509 -41.01 15.94 -29.26
N VAL H 510 -41.88 15.69 -30.23
CA VAL H 510 -43.30 15.97 -30.06
C VAL H 510 -44.09 14.68 -29.92
#